data_7OMS
#
_entry.id   7OMS
#
_cell.length_a   69.335
_cell.length_b   103.959
_cell.length_c   170.127
_cell.angle_alpha   92.272
_cell.angle_beta   97.708
_cell.angle_gamma   106.397
#
_symmetry.space_group_name_H-M   'P 1'
#
loop_
_entity.id
_entity.type
_entity.pdbx_description
1 polymer 'Glyco_hydro_42M domain-containing protein'
2 non-polymer 1,2-ETHANEDIOL
3 non-polymer (1~{R},2~{R},3~{S},4~{R},5~{R},6~{R})-5-(hydroxymethyl)-7-azabicyclo[4.1.0]heptane-2,3,4-triol
4 non-polymer 'CHLORIDE ION'
5 water water
#
_entity_poly.entity_id   1
_entity_poly.type   'polypeptide(L)'
_entity_poly.pdbx_seq_one_letter_code
;MGSSHHHHHHSSGLEVLFQGPAERISKQSTPFVGAQIFIEPGQTQEQIEQWFKLLAESNMTTCRIRMFGKYMKTPSGTYD
FTLFDRAFKLADKYHIKVYATLFPDTEFTDVGGFKFPHSREHQKEVEDYIKNVVSHFSQYKNLAAWVLINEPGTPNLPFN
EPFTKERFSDWKKEHNFSEYNEKGYPVLNFEKENFIIDYHNWYLNWLANQVRLYDKQHDLHVNPHNVFKLSGLYDFPTWR
TFLNSLGGSAHASWHFGYFPRKAYTVAMSANAELIRSGAGELPWLMTELQGGNNLYSGANPLCPTAEEIIQWLWINFATE
AKGGIFWSFNARSTAAEAGEWAMINFKNKSSDRLIAAATIGKFITENVKMMSNIKTLNSGISILYNHESMWVEAAQTRGK
LNGNGRSIGAVMCSPLSYFEALSETGLQANFKEIKEFDFSLNDYTDQVIILSHQIALDNKVIKQLESFVEKGGTLIADGL
TGYYDYQAHSTVVSGFALENLFGSYPIEYKIKENLFSLDFEKDNYKLPAHLWKGTIETSKATPIMDKEGECIACINQYGK
GKVFWIPSPIALGARESKDFSELSKLTVSLLPNKILNDNPHFDKHYKDVMMKSFKSNGTMYSLIINKSASVQTVDIVGGK
GKAFILFANKNAHSTANKLTISPEETVIIKWKNN
;
_entity_poly.pdbx_strand_id   AAA,DDD,CCC,BBB,FFF,EEE
#
loop_
_chem_comp.id
_chem_comp.type
_chem_comp.name
_chem_comp.formula
CL non-polymer 'CHLORIDE ION' 'Cl -1'
EDO non-polymer 1,2-ETHANEDIOL 'C2 H6 O2'
VKH non-polymer (1~{R},2~{R},3~{S},4~{R},5~{R},6~{R})-5-(hydroxymethyl)-7-azabicyclo[4.1.0]heptane-2,3,4-triol 'C7 H16 N O4 1'
#
# COMPACT_ATOMS: atom_id res chain seq x y z
N LEU A 17 13.98 -6.71 -83.46
CA LEU A 17 14.62 -7.81 -84.23
C LEU A 17 15.50 -7.21 -85.34
N PHE A 18 16.16 -6.09 -85.03
CA PHE A 18 16.98 -5.27 -85.96
C PHE A 18 18.38 -5.03 -85.41
N GLN A 19 18.49 -4.52 -84.18
CA GLN A 19 19.77 -4.30 -83.46
C GLN A 19 20.25 -5.65 -82.87
N GLY A 20 20.63 -6.62 -83.73
CA GLY A 20 21.56 -7.71 -83.39
C GLY A 20 21.15 -9.09 -83.92
N PRO A 21 22.11 -9.89 -84.49
CA PRO A 21 22.04 -11.35 -84.45
C PRO A 21 22.26 -11.96 -83.05
N ALA A 22 22.91 -11.23 -82.15
CA ALA A 22 23.01 -11.50 -80.70
C ALA A 22 21.65 -11.91 -80.14
N GLU A 23 21.56 -12.99 -79.34
CA GLU A 23 20.31 -13.36 -78.63
C GLU A 23 20.04 -12.31 -77.54
N ARG A 24 18.84 -11.72 -77.50
CA ARG A 24 18.50 -10.69 -76.50
C ARG A 24 17.57 -11.32 -75.46
N ILE A 25 17.89 -11.13 -74.18
CA ILE A 25 17.16 -11.79 -73.06
C ILE A 25 15.77 -11.18 -73.01
N SER A 26 14.76 -11.98 -72.65
CA SER A 26 13.37 -11.49 -72.49
C SER A 26 12.72 -12.21 -71.31
N LYS A 27 11.54 -11.76 -70.90
CA LYS A 27 10.72 -12.42 -69.86
C LYS A 27 10.30 -13.83 -70.32
N GLN A 28 10.53 -14.17 -71.60
CA GLN A 28 10.15 -15.49 -72.17
C GLN A 28 11.39 -16.39 -72.35
N SER A 29 12.60 -15.88 -72.08
CA SER A 29 13.85 -16.68 -72.26
C SER A 29 13.80 -17.93 -71.37
N THR A 30 14.43 -19.00 -71.84
CA THR A 30 14.66 -20.24 -71.07
C THR A 30 15.69 -19.89 -69.99
N PRO A 31 15.39 -20.12 -68.70
CA PRO A 31 16.36 -19.84 -67.65
C PRO A 31 17.53 -20.82 -67.79
N PHE A 32 18.72 -20.38 -67.38
CA PHE A 32 19.95 -21.21 -67.37
C PHE A 32 20.57 -21.27 -65.97
N VAL A 33 21.32 -22.34 -65.73
CA VAL A 33 22.32 -22.46 -64.65
C VAL A 33 23.69 -22.20 -65.30
N GLY A 34 24.54 -21.43 -64.62
CA GLY A 34 25.86 -21.03 -65.13
C GLY A 34 26.84 -20.82 -63.98
N ALA A 35 28.07 -20.45 -64.30
CA ALA A 35 29.14 -20.29 -63.29
C ALA A 35 30.20 -19.35 -63.85
N GLN A 36 30.82 -18.59 -62.95
CA GLN A 36 32.04 -17.79 -63.26
C GLN A 36 33.12 -18.76 -63.72
N ILE A 37 33.76 -18.44 -64.84
CA ILE A 37 35.02 -19.10 -65.27
C ILE A 37 36.10 -18.06 -64.97
N PHE A 38 36.97 -18.36 -64.01
CA PHE A 38 37.99 -17.40 -63.54
C PHE A 38 39.22 -17.60 -64.41
N ILE A 39 39.56 -16.56 -65.18
CA ILE A 39 40.70 -16.56 -66.14
C ILE A 39 41.75 -15.60 -65.60
N GLU A 40 42.96 -16.11 -65.41
CA GLU A 40 44.16 -15.31 -65.05
C GLU A 40 45.36 -15.93 -65.75
N PRO A 41 46.47 -15.19 -65.93
CA PRO A 41 47.68 -15.77 -66.49
C PRO A 41 48.17 -16.95 -65.64
N GLY A 42 48.83 -17.91 -66.30
CA GLY A 42 49.42 -19.12 -65.68
C GLY A 42 48.59 -20.34 -65.93
N GLN A 43 47.31 -20.19 -66.25
CA GLN A 43 46.42 -21.34 -66.55
C GLN A 43 46.84 -21.95 -67.90
N THR A 44 46.69 -23.25 -68.09
CA THR A 44 46.98 -23.97 -69.35
C THR A 44 45.68 -24.16 -70.15
N GLN A 45 45.82 -24.22 -71.48
CA GLN A 45 44.76 -24.63 -72.44
C GLN A 45 44.01 -25.86 -71.91
N GLU A 46 44.75 -26.86 -71.43
CA GLU A 46 44.20 -28.18 -71.05
C GLU A 46 43.27 -27.99 -69.84
N GLN A 47 43.66 -27.20 -68.83
CA GLN A 47 42.79 -27.02 -67.64
C GLN A 47 41.57 -26.18 -68.06
N ILE A 48 41.73 -25.13 -68.87
CA ILE A 48 40.57 -24.26 -69.24
C ILE A 48 39.55 -25.12 -69.99
N GLU A 49 40.01 -25.93 -70.95
CA GLU A 49 39.11 -26.79 -71.76
C GLU A 49 38.38 -27.78 -70.84
N GLN A 50 39.11 -28.36 -69.89
CA GLN A 50 38.55 -29.33 -68.90
C GLN A 50 37.43 -28.62 -68.10
N TRP A 51 37.55 -27.33 -67.79
CA TRP A 51 36.49 -26.59 -67.06
C TRP A 51 35.23 -26.49 -67.94
N PHE A 52 35.38 -26.01 -69.17
CA PHE A 52 34.23 -25.79 -70.11
C PHE A 52 33.55 -27.14 -70.44
N LYS A 53 34.35 -28.19 -70.61
CA LYS A 53 33.84 -29.56 -70.87
C LYS A 53 32.92 -29.96 -69.72
N LEU A 54 33.42 -29.89 -68.48
CA LEU A 54 32.64 -30.30 -67.27
C LEU A 54 31.45 -29.34 -67.08
N LEU A 55 31.64 -28.05 -67.38
CA LEU A 55 30.56 -27.05 -67.27
C LEU A 55 29.41 -27.48 -68.21
N ALA A 56 29.72 -27.81 -69.45
CA ALA A 56 28.75 -28.28 -70.47
C ALA A 56 28.07 -29.56 -69.99
N GLU A 57 28.83 -30.53 -69.47
CA GLU A 57 28.27 -31.83 -69.02
C GLU A 57 27.46 -31.67 -67.73
N SER A 58 27.55 -30.53 -67.04
CA SER A 58 26.80 -30.24 -65.79
C SER A 58 25.51 -29.47 -66.13
N ASN A 59 25.12 -29.44 -67.42
CA ASN A 59 23.84 -28.88 -67.90
C ASN A 59 23.85 -27.37 -67.67
N MET A 60 25.03 -26.77 -67.67
CA MET A 60 25.22 -25.31 -67.61
C MET A 60 25.49 -24.81 -69.04
N THR A 61 24.85 -23.71 -69.40
CA THR A 61 24.82 -23.14 -70.77
C THR A 61 25.62 -21.85 -70.79
N THR A 62 25.91 -21.29 -69.62
CA THR A 62 26.43 -19.90 -69.53
C THR A 62 27.60 -19.84 -68.54
N CYS A 63 28.55 -18.96 -68.80
CA CYS A 63 29.63 -18.61 -67.87
C CYS A 63 29.70 -17.10 -67.80
N ARG A 64 30.45 -16.59 -66.84
CA ARG A 64 30.75 -15.16 -66.72
C ARG A 64 32.25 -15.04 -66.57
N ILE A 65 32.85 -14.05 -67.23
CA ILE A 65 34.31 -13.90 -67.26
C ILE A 65 34.63 -12.44 -66.93
N ARG A 66 35.49 -12.25 -65.94
CA ARG A 66 36.03 -10.92 -65.59
C ARG A 66 37.09 -10.57 -66.63
N MET A 67 36.85 -9.53 -67.42
CA MET A 67 37.71 -9.09 -68.55
C MET A 67 38.81 -8.18 -68.01
N PHE A 68 39.67 -8.72 -67.14
CA PHE A 68 40.73 -7.97 -66.42
C PHE A 68 41.58 -7.16 -67.40
N GLY A 69 41.44 -5.84 -67.36
CA GLY A 69 42.36 -4.89 -68.02
C GLY A 69 43.80 -5.22 -67.73
N LYS A 70 44.11 -5.61 -66.49
CA LYS A 70 45.49 -5.94 -66.05
C LYS A 70 46.07 -7.06 -66.93
N TYR A 71 45.26 -8.04 -67.34
CA TYR A 71 45.76 -9.26 -68.04
C TYR A 71 45.60 -9.10 -69.56
N MET A 72 45.40 -7.87 -70.03
CA MET A 72 45.38 -7.51 -71.47
C MET A 72 46.41 -6.40 -71.74
N LYS A 73 46.84 -5.62 -70.75
CA LYS A 73 47.80 -4.51 -70.93
C LYS A 73 49.19 -5.11 -71.22
N THR A 74 49.84 -4.64 -72.29
CA THR A 74 51.24 -4.97 -72.66
C THR A 74 52.14 -3.86 -72.15
N PRO A 75 53.47 -4.08 -72.04
CA PRO A 75 54.41 -2.98 -71.78
C PRO A 75 54.19 -1.75 -72.68
N GLY A 77 51.50 -0.39 -74.01
CA GLY A 77 50.16 0.25 -73.92
C GLY A 77 49.15 -0.36 -74.89
N THR A 78 49.59 -1.24 -75.81
CA THR A 78 48.70 -2.03 -76.70
C THR A 78 47.87 -2.98 -75.82
N TYR A 79 46.70 -3.37 -76.31
CA TYR A 79 45.88 -4.48 -75.75
C TYR A 79 46.26 -5.78 -76.47
N ASP A 80 46.61 -6.80 -75.67
CA ASP A 80 46.77 -8.21 -76.09
C ASP A 80 45.59 -8.99 -75.49
N PHE A 81 44.72 -9.55 -76.33
CA PHE A 81 43.43 -10.17 -75.96
C PHE A 81 43.57 -11.68 -75.82
N THR A 82 44.79 -12.20 -76.04
CA THR A 82 45.10 -13.66 -76.18
C THR A 82 44.45 -14.47 -75.06
N LEU A 83 44.63 -14.02 -73.81
CA LEU A 83 44.23 -14.81 -72.62
C LEU A 83 42.72 -15.03 -72.67
N PHE A 84 41.96 -14.01 -73.07
CA PHE A 84 40.49 -14.04 -73.09
C PHE A 84 39.99 -14.65 -74.41
N ASP A 85 40.67 -14.41 -75.54
CA ASP A 85 40.39 -15.12 -76.83
C ASP A 85 40.35 -16.62 -76.55
N ARG A 86 41.41 -17.14 -75.91
CA ARG A 86 41.54 -18.58 -75.60
C ARG A 86 40.29 -19.06 -74.85
N ALA A 87 39.80 -18.29 -73.87
CA ALA A 87 38.64 -18.67 -73.03
C ALA A 87 37.35 -18.58 -73.84
N PHE A 88 37.16 -17.49 -74.58
CA PHE A 88 35.96 -17.26 -75.43
C PHE A 88 35.83 -18.39 -76.46
N LYS A 89 36.95 -18.75 -77.12
CA LYS A 89 36.99 -19.81 -78.17
C LYS A 89 36.65 -21.17 -77.54
N LEU A 90 37.19 -21.48 -76.36
CA LEU A 90 36.84 -22.74 -75.66
C LEU A 90 35.38 -22.70 -75.21
N ALA A 91 34.87 -21.54 -74.81
CA ALA A 91 33.44 -21.43 -74.42
C ALA A 91 32.62 -21.78 -75.67
N ASP A 92 32.96 -21.16 -76.79
CA ASP A 92 32.28 -21.32 -78.09
C ASP A 92 32.29 -22.81 -78.47
N LYS A 93 33.46 -23.44 -78.42
CA LYS A 93 33.62 -24.88 -78.77
C LYS A 93 32.61 -25.74 -78.01
N TYR A 94 32.30 -25.41 -76.75
CA TYR A 94 31.38 -26.21 -75.91
C TYR A 94 29.98 -25.57 -75.86
N HIS A 95 29.70 -24.62 -76.76
CA HIS A 95 28.37 -23.96 -76.92
C HIS A 95 27.97 -23.27 -75.60
N ILE A 96 28.94 -22.63 -74.96
CA ILE A 96 28.74 -21.86 -73.69
C ILE A 96 28.69 -20.39 -74.03
N LYS A 97 27.60 -19.69 -73.68
CA LYS A 97 27.53 -18.22 -73.88
C LYS A 97 28.20 -17.53 -72.69
N VAL A 98 28.61 -16.28 -72.87
CA VAL A 98 29.54 -15.57 -71.96
C VAL A 98 28.88 -14.24 -71.55
N TYR A 99 28.71 -14.06 -70.24
CA TYR A 99 28.56 -12.73 -69.60
C TYR A 99 29.97 -12.17 -69.43
N ALA A 100 30.30 -11.07 -70.11
CA ALA A 100 31.64 -10.46 -70.03
C ALA A 100 31.58 -9.24 -69.12
N THR A 101 32.33 -9.26 -68.02
CA THR A 101 32.35 -8.14 -67.04
C THR A 101 33.46 -7.15 -67.42
N LEU A 102 33.08 -5.91 -67.67
CA LEU A 102 34.02 -4.79 -67.84
C LEU A 102 34.74 -4.57 -66.50
N PHE A 103 36.05 -4.76 -66.48
CA PHE A 103 36.88 -4.71 -65.26
C PHE A 103 38.21 -4.06 -65.63
N PRO A 104 38.29 -2.71 -65.65
CA PRO A 104 39.53 -2.04 -66.04
C PRO A 104 40.71 -2.40 -65.13
N ASP A 105 41.91 -2.03 -65.58
CA ASP A 105 43.18 -2.27 -64.87
C ASP A 105 43.01 -1.74 -63.44
N THR A 106 43.45 -2.51 -62.45
CA THR A 106 43.38 -2.18 -61.01
C THR A 106 44.36 -3.08 -60.27
N GLU A 107 44.72 -2.69 -59.06
CA GLU A 107 45.62 -3.46 -58.18
C GLU A 107 45.13 -4.91 -58.12
N PHE A 108 46.06 -5.85 -58.17
CA PHE A 108 45.80 -7.31 -58.00
C PHE A 108 44.99 -7.54 -56.71
N THR A 109 45.25 -6.76 -55.64
CA THR A 109 44.64 -6.94 -54.29
C THR A 109 43.18 -6.47 -54.25
N ASP A 110 42.70 -5.76 -55.29
CA ASP A 110 41.30 -5.24 -55.39
C ASP A 110 40.38 -6.35 -55.89
N VAL A 111 39.75 -7.07 -54.97
CA VAL A 111 38.95 -8.29 -55.25
C VAL A 111 37.68 -7.94 -56.05
N GLY A 112 36.96 -6.89 -55.65
CA GLY A 112 35.60 -6.56 -56.14
C GLY A 112 35.62 -5.56 -57.28
N GLY A 113 36.70 -4.78 -57.40
CA GLY A 113 36.90 -3.75 -58.42
C GLY A 113 36.53 -2.37 -57.89
N PHE A 114 37.16 -1.33 -58.43
CA PHE A 114 36.78 0.09 -58.15
C PHE A 114 35.36 0.37 -58.69
N LYS A 115 34.68 1.27 -58.01
CA LYS A 115 33.23 1.55 -58.19
C LYS A 115 33.03 2.83 -59.01
N PHE A 116 34.04 3.70 -59.07
CA PHE A 116 34.02 5.02 -59.75
C PHE A 116 35.44 5.38 -60.20
N PRO A 117 35.59 6.23 -61.23
CA PRO A 117 36.92 6.72 -61.61
C PRO A 117 37.56 7.49 -60.46
N HIS A 118 38.89 7.36 -60.29
CA HIS A 118 39.70 8.06 -59.27
C HIS A 118 39.88 9.53 -59.69
N SER A 119 39.92 9.80 -61.00
CA SER A 119 40.28 11.12 -61.61
C SER A 119 39.79 11.20 -63.06
N ARG A 120 39.79 12.41 -63.64
CA ARG A 120 39.44 12.63 -65.07
C ARG A 120 40.38 11.79 -65.96
N GLU A 121 41.65 11.68 -65.57
CA GLU A 121 42.68 10.91 -66.32
C GLU A 121 42.34 9.43 -66.26
N HIS A 122 41.91 8.94 -65.09
CA HIS A 122 41.47 7.53 -64.91
C HIS A 122 40.21 7.30 -65.77
N GLN A 123 39.30 8.26 -65.81
CA GLN A 123 38.07 8.11 -66.65
C GLN A 123 38.47 7.87 -68.12
N LYS A 124 39.51 8.58 -68.61
CA LYS A 124 39.98 8.44 -70.01
C LYS A 124 40.59 7.05 -70.20
N GLU A 125 41.30 6.51 -69.19
CA GLU A 125 41.84 5.13 -69.27
C GLU A 125 40.68 4.13 -69.38
N VAL A 126 39.60 4.36 -68.64
CA VAL A 126 38.42 3.44 -68.65
C VAL A 126 37.78 3.51 -70.04
N GLU A 127 37.66 4.71 -70.61
CA GLU A 127 37.13 4.94 -72.00
C GLU A 127 37.93 4.10 -72.99
N ASP A 128 39.25 4.18 -72.89
CA ASP A 128 40.19 3.44 -73.78
C ASP A 128 40.02 1.93 -73.55
N TYR A 129 39.86 1.51 -72.30
CA TYR A 129 39.67 0.08 -71.95
C TYR A 129 38.40 -0.42 -72.62
N ILE A 130 37.31 0.35 -72.50
CA ILE A 130 35.98 -0.09 -73.03
C ILE A 130 36.05 -0.15 -74.56
N LYS A 131 36.59 0.89 -75.20
CA LYS A 131 36.79 0.93 -76.67
C LYS A 131 37.42 -0.40 -77.11
N ASN A 132 38.60 -0.69 -76.56
CA ASN A 132 39.42 -1.84 -76.98
C ASN A 132 38.67 -3.14 -76.73
N VAL A 133 38.09 -3.33 -75.53
CA VAL A 133 37.56 -4.65 -75.10
C VAL A 133 36.22 -4.92 -75.80
N VAL A 134 35.36 -3.90 -75.88
CA VAL A 134 34.02 -4.07 -76.48
C VAL A 134 34.18 -4.24 -78.00
N SER A 135 35.03 -3.43 -78.64
CA SER A 135 35.28 -3.52 -80.12
C SER A 135 35.72 -4.94 -80.45
N HIS A 136 36.64 -5.52 -79.67
CA HIS A 136 37.17 -6.88 -79.93
C HIS A 136 36.11 -7.94 -79.63
N PHE A 137 35.61 -8.02 -78.39
CA PHE A 137 34.89 -9.23 -77.90
C PHE A 137 33.43 -9.22 -78.35
N SER A 138 32.90 -8.06 -78.75
CA SER A 138 31.55 -7.94 -79.41
C SER A 138 31.47 -8.87 -80.63
N GLN A 139 32.61 -9.17 -81.25
CA GLN A 139 32.70 -9.97 -82.50
C GLN A 139 32.46 -11.45 -82.24
N TYR A 140 32.48 -11.94 -81.00
CA TYR A 140 32.27 -13.38 -80.69
C TYR A 140 30.76 -13.68 -80.69
N LYS A 141 30.36 -14.75 -81.37
CA LYS A 141 28.93 -15.10 -81.51
C LYS A 141 28.39 -15.66 -80.19
N ASN A 142 29.25 -16.07 -79.25
CA ASN A 142 28.80 -16.68 -77.97
C ASN A 142 28.80 -15.62 -76.84
N LEU A 143 29.03 -14.33 -77.15
CA LEU A 143 28.85 -13.22 -76.16
C LEU A 143 27.35 -13.00 -75.91
N ALA A 144 26.90 -13.23 -74.68
CA ALA A 144 25.48 -13.11 -74.25
C ALA A 144 25.21 -11.71 -73.67
N ALA A 145 26.17 -11.07 -73.00
CA ALA A 145 25.91 -9.83 -72.25
C ALA A 145 27.21 -9.16 -71.81
N TRP A 146 27.19 -7.83 -71.76
CA TRP A 146 28.20 -6.98 -71.09
C TRP A 146 27.71 -6.67 -69.67
N VAL A 147 28.47 -7.07 -68.66
CA VAL A 147 28.24 -6.60 -67.25
C VAL A 147 29.03 -5.32 -67.12
N LEU A 148 28.33 -4.18 -66.98
CA LEU A 148 28.91 -2.83 -67.11
C LEU A 148 29.97 -2.61 -66.03
N ILE A 149 29.69 -3.12 -64.84
CA ILE A 149 30.60 -3.01 -63.66
C ILE A 149 30.28 -4.16 -62.73
N ASN A 150 31.29 -4.77 -62.12
CA ASN A 150 31.04 -5.80 -61.09
C ASN A 150 30.56 -5.10 -59.80
N GLU A 151 29.37 -5.43 -59.34
CA GLU A 151 28.87 -5.05 -57.99
C GLU A 151 28.98 -3.55 -57.80
N PRO A 152 28.15 -2.77 -58.54
CA PRO A 152 28.09 -1.34 -58.31
C PRO A 152 27.63 -1.06 -56.87
N GLY A 153 28.17 -0.01 -56.27
CA GLY A 153 27.81 0.39 -54.90
C GLY A 153 28.91 0.06 -53.93
N THR A 154 29.24 0.99 -53.04
CA THR A 154 30.16 0.70 -51.91
C THR A 154 29.62 1.40 -50.67
N PRO A 155 29.71 0.77 -49.47
CA PRO A 155 29.47 1.48 -48.22
C PRO A 155 30.38 2.73 -48.11
N ASN A 156 31.68 2.57 -48.37
CA ASN A 156 32.74 3.60 -48.17
C ASN A 156 33.04 4.34 -49.47
N LEU A 157 32.30 5.39 -49.81
CA LEU A 157 32.42 6.11 -51.10
C LEU A 157 33.64 7.00 -51.08
N PRO A 158 34.43 7.05 -52.17
CA PRO A 158 35.68 7.81 -52.17
C PRO A 158 35.49 9.32 -52.31
N PHE A 159 34.95 9.98 -51.28
CA PHE A 159 34.73 11.46 -51.24
C PHE A 159 36.08 12.20 -51.22
N ASN A 160 37.14 11.51 -50.79
CA ASN A 160 38.51 12.10 -50.69
C ASN A 160 39.16 12.17 -52.08
N GLU A 161 38.79 11.29 -53.03
CA GLU A 161 39.34 11.26 -54.42
C GLU A 161 38.82 12.46 -55.21
N PRO A 162 39.66 13.06 -56.10
CA PRO A 162 39.27 14.31 -56.78
C PRO A 162 38.07 14.19 -57.74
N PHE A 163 37.89 13.05 -58.42
CA PHE A 163 36.76 12.85 -59.37
C PHE A 163 35.43 12.93 -58.60
N THR A 164 35.27 12.14 -57.55
CA THR A 164 34.04 12.14 -56.69
C THR A 164 33.86 13.50 -56.01
N LYS A 165 34.93 14.06 -55.42
CA LYS A 165 34.88 15.38 -54.73
C LYS A 165 34.32 16.46 -55.66
N GLU A 166 34.81 16.52 -56.90
CA GLU A 166 34.37 17.52 -57.92
C GLU A 166 32.91 17.26 -58.31
N ARG A 167 32.55 16.00 -58.56
CA ARG A 167 31.17 15.59 -58.92
C ARG A 167 30.21 16.07 -57.82
N PHE A 168 30.57 15.85 -56.56
CA PHE A 168 29.74 16.22 -55.38
C PHE A 168 29.57 17.74 -55.32
N SER A 169 30.69 18.47 -55.44
CA SER A 169 30.73 19.96 -55.52
C SER A 169 29.79 20.45 -56.64
N ASP A 170 29.95 19.95 -57.88
CA ASP A 170 29.10 20.31 -59.04
C ASP A 170 27.63 20.04 -58.73
N TRP A 171 27.33 18.82 -58.30
CA TRP A 171 25.95 18.37 -57.97
C TRP A 171 25.34 19.35 -56.94
N LYS A 172 26.10 19.75 -55.91
CA LYS A 172 25.62 20.67 -54.85
C LYS A 172 25.24 22.03 -55.45
N LYS A 173 26.07 22.56 -56.34
CA LYS A 173 25.86 23.87 -57.02
C LYS A 173 24.65 23.79 -57.98
N GLU A 174 24.31 22.62 -58.49
CA GLU A 174 23.16 22.43 -59.42
C GLU A 174 21.85 22.18 -58.65
N HIS A 175 21.88 22.11 -57.32
CA HIS A 175 20.68 21.85 -56.49
C HIS A 175 20.48 23.03 -55.53
N ASN A 176 19.23 23.50 -55.41
CA ASN A 176 18.85 24.61 -54.50
C ASN A 176 18.19 23.96 -53.28
N PHE A 177 18.88 23.97 -52.14
CA PHE A 177 18.38 23.42 -50.87
C PHE A 177 18.26 24.58 -49.88
N SER A 178 17.15 24.64 -49.17
CA SER A 178 16.93 25.61 -48.05
C SER A 178 17.21 24.89 -46.73
N GLU A 179 17.66 25.63 -45.72
CA GLU A 179 17.89 25.14 -44.34
C GLU A 179 16.56 25.02 -43.57
N TYR A 180 15.44 25.54 -44.11
CA TYR A 180 14.11 25.51 -43.45
C TYR A 180 13.07 24.96 -44.44
N ASN A 181 12.03 24.30 -43.94
CA ASN A 181 10.89 23.80 -44.77
C ASN A 181 9.89 24.94 -44.95
N GLU A 182 8.76 24.68 -45.62
CA GLU A 182 7.76 25.72 -45.97
C GLU A 182 7.16 26.30 -44.68
N LYS A 183 6.90 25.47 -43.66
CA LYS A 183 6.34 25.94 -42.36
C LYS A 183 7.37 26.72 -41.52
N GLY A 184 8.66 26.70 -41.89
CA GLY A 184 9.75 27.45 -41.22
C GLY A 184 10.66 26.59 -40.34
N TYR A 185 10.40 25.29 -40.22
CA TYR A 185 11.17 24.38 -39.32
C TYR A 185 12.53 24.07 -39.92
N PRO A 186 13.60 23.88 -39.11
CA PRO A 186 14.89 23.42 -39.60
C PRO A 186 14.74 22.05 -40.28
N VAL A 187 15.57 21.78 -41.28
CA VAL A 187 15.54 20.53 -42.09
C VAL A 187 16.95 20.00 -42.29
N LEU A 188 17.10 18.68 -42.42
CA LEU A 188 18.27 18.05 -43.08
C LEU A 188 17.88 17.80 -44.54
N ASN A 189 18.82 17.87 -45.47
CA ASN A 189 18.51 17.74 -46.92
C ASN A 189 19.13 16.47 -47.52
N PHE A 190 20.01 15.77 -46.79
CA PHE A 190 20.59 14.48 -47.23
C PHE A 190 21.24 14.66 -48.60
N GLU A 191 22.00 15.74 -48.75
CA GLU A 191 22.74 16.08 -49.99
C GLU A 191 23.61 14.89 -50.40
N LYS A 192 24.41 14.37 -49.45
CA LYS A 192 25.33 13.23 -49.67
C LYS A 192 24.54 12.06 -50.27
N GLU A 193 23.45 11.66 -49.62
CA GLU A 193 22.70 10.42 -49.97
C GLU A 193 22.07 10.59 -51.36
N ASN A 194 21.53 11.77 -51.65
CA ASN A 194 20.84 12.06 -52.94
C ASN A 194 21.89 12.15 -54.05
N PHE A 195 23.03 12.79 -53.79
CA PHE A 195 24.18 12.78 -54.72
C PHE A 195 24.58 11.33 -55.04
N ILE A 196 24.69 10.48 -54.02
CA ILE A 196 25.21 9.09 -54.20
C ILE A 196 24.27 8.33 -55.15
N ILE A 197 22.96 8.48 -54.97
CA ILE A 197 21.96 7.86 -55.91
C ILE A 197 22.28 8.35 -57.33
N ASP A 198 22.36 9.66 -57.51
CA ASP A 198 22.52 10.29 -58.84
C ASP A 198 23.88 9.90 -59.42
N TYR A 199 24.88 9.76 -58.58
CA TYR A 199 26.27 9.42 -58.99
C TYR A 199 26.32 8.01 -59.54
N HIS A 200 25.68 7.04 -58.86
CA HIS A 200 25.54 5.64 -59.34
C HIS A 200 24.76 5.67 -60.67
N ASN A 201 23.62 6.35 -60.70
CA ASN A 201 22.82 6.52 -61.94
C ASN A 201 23.75 7.02 -63.06
N TRP A 202 24.52 8.06 -62.80
CA TRP A 202 25.37 8.74 -63.81
C TRP A 202 26.45 7.78 -64.32
N TYR A 203 27.21 7.15 -63.43
CA TYR A 203 28.40 6.34 -63.84
C TYR A 203 27.92 5.11 -64.60
N LEU A 204 26.88 4.42 -64.13
CA LEU A 204 26.36 3.21 -64.82
C LEU A 204 25.81 3.61 -66.19
N ASN A 205 25.09 4.74 -66.28
CA ASN A 205 24.52 5.26 -67.55
C ASN A 205 25.70 5.55 -68.50
N TRP A 206 26.76 6.17 -67.98
CA TRP A 206 27.97 6.52 -68.77
C TRP A 206 28.63 5.24 -69.29
N LEU A 207 28.79 4.22 -68.43
CA LEU A 207 29.35 2.91 -68.85
C LEU A 207 28.48 2.32 -69.96
N ALA A 208 27.15 2.35 -69.82
CA ALA A 208 26.22 1.86 -70.85
C ALA A 208 26.45 2.63 -72.17
N ASN A 209 26.56 3.95 -72.11
CA ASN A 209 26.80 4.82 -73.30
C ASN A 209 28.13 4.45 -73.93
N GLN A 210 29.18 4.22 -73.12
CA GLN A 210 30.52 3.86 -73.65
C GLN A 210 30.42 2.54 -74.40
N VAL A 211 29.79 1.52 -73.82
CA VAL A 211 29.63 0.19 -74.49
C VAL A 211 28.85 0.41 -75.79
N ARG A 212 27.81 1.25 -75.77
CA ARG A 212 26.88 1.44 -76.91
C ARG A 212 27.59 2.18 -78.06
N LEU A 213 28.72 2.87 -77.81
CA LEU A 213 29.55 3.48 -78.89
C LEU A 213 30.08 2.38 -79.83
N TYR A 214 30.27 1.15 -79.34
CA TYR A 214 31.01 0.09 -80.06
C TYR A 214 30.15 -1.16 -80.24
N ASP A 215 29.07 -1.33 -79.48
CA ASP A 215 28.22 -2.53 -79.57
C ASP A 215 26.80 -2.16 -79.16
N LYS A 216 25.85 -2.27 -80.10
CA LYS A 216 24.41 -1.99 -79.85
C LYS A 216 23.63 -3.30 -79.89
N GLN A 217 24.33 -4.44 -79.97
CA GLN A 217 23.71 -5.77 -80.25
C GLN A 217 23.48 -6.54 -78.95
N HIS A 218 24.36 -6.41 -77.96
CA HIS A 218 24.34 -7.30 -76.77
C HIS A 218 23.69 -6.62 -75.56
N ASP A 219 23.05 -7.46 -74.75
CA ASP A 219 22.41 -7.11 -73.46
C ASP A 219 23.44 -6.43 -72.55
N LEU A 220 23.01 -5.32 -71.94
CA LEU A 220 23.72 -4.64 -70.82
C LEU A 220 23.09 -5.14 -69.51
N HIS A 221 23.97 -5.50 -68.57
CA HIS A 221 23.65 -6.16 -67.29
C HIS A 221 24.50 -5.52 -66.20
N VAL A 222 23.99 -5.52 -64.96
CA VAL A 222 24.76 -5.06 -63.77
C VAL A 222 24.25 -5.85 -62.56
N ASN A 223 25.11 -6.13 -61.58
CA ASN A 223 24.77 -6.99 -60.41
C ASN A 223 24.86 -6.17 -59.12
N PRO A 224 23.80 -5.43 -58.72
CA PRO A 224 23.76 -4.81 -57.38
C PRO A 224 23.97 -5.91 -56.34
N HIS A 225 24.57 -5.55 -55.21
CA HIS A 225 25.01 -6.54 -54.18
C HIS A 225 24.66 -6.06 -52.78
N ASN A 226 24.67 -7.00 -51.83
CA ASN A 226 24.49 -6.68 -50.39
C ASN A 226 23.27 -5.78 -50.25
N VAL A 227 22.17 -6.18 -50.89
CA VAL A 227 21.00 -5.29 -51.15
C VAL A 227 20.33 -4.92 -49.82
N PHE A 228 20.44 -5.73 -48.78
CA PHE A 228 19.77 -5.42 -47.48
C PHE A 228 20.54 -4.30 -46.79
N LYS A 229 21.76 -3.96 -47.24
CA LYS A 229 22.53 -2.82 -46.70
C LYS A 229 22.67 -1.70 -47.73
N LEU A 230 22.79 -2.01 -49.02
CA LEU A 230 23.20 -1.02 -50.06
C LEU A 230 22.01 -0.54 -50.90
N SER A 231 20.78 -0.98 -50.61
CA SER A 231 19.56 -0.60 -51.40
C SER A 231 19.39 0.92 -51.40
N GLY A 232 19.93 1.63 -50.42
CA GLY A 232 19.87 3.10 -50.32
C GLY A 232 20.78 3.79 -51.32
N LEU A 233 21.60 3.04 -52.05
CA LEU A 233 22.53 3.52 -53.12
C LEU A 233 21.87 3.34 -54.50
N TYR A 234 20.80 2.54 -54.59
CA TYR A 234 20.30 1.96 -55.85
C TYR A 234 18.95 2.57 -56.25
N ASP A 235 18.92 3.25 -57.39
CA ASP A 235 17.69 3.76 -58.05
C ASP A 235 17.37 2.84 -59.25
N PHE A 236 16.72 1.72 -59.00
CA PHE A 236 16.51 0.66 -60.01
C PHE A 236 15.62 1.18 -61.14
N PRO A 237 14.52 1.93 -60.86
CA PRO A 237 13.74 2.56 -61.93
C PRO A 237 14.60 3.32 -62.93
N THR A 238 15.53 4.16 -62.50
CA THR A 238 16.45 4.87 -63.45
C THR A 238 17.31 3.86 -64.20
N TRP A 239 17.78 2.80 -63.56
CA TRP A 239 18.74 1.84 -64.19
C TRP A 239 18.07 1.12 -65.37
N ARG A 240 16.77 0.83 -65.24
CA ARG A 240 15.94 0.21 -66.32
C ARG A 240 16.15 0.94 -67.65
N THR A 241 16.32 2.26 -67.60
CA THR A 241 16.54 3.20 -68.74
C THR A 241 17.73 2.78 -69.63
N PHE A 242 18.75 2.10 -69.11
CA PHE A 242 19.98 1.81 -69.88
C PHE A 242 20.36 0.33 -69.77
N LEU A 243 19.60 -0.49 -69.04
CA LEU A 243 19.90 -1.95 -68.91
C LEU A 243 18.92 -2.72 -69.79
N ASN A 244 19.30 -3.95 -70.15
CA ASN A 244 18.41 -4.94 -70.79
C ASN A 244 18.00 -5.99 -69.76
N SER A 245 18.82 -6.22 -68.73
CA SER A 245 18.45 -7.11 -67.60
C SER A 245 19.05 -6.56 -66.30
N LEU A 246 18.38 -6.80 -65.17
CA LEU A 246 18.96 -6.49 -63.85
C LEU A 246 19.52 -7.78 -63.27
N GLY A 247 20.74 -7.71 -62.72
CA GLY A 247 21.41 -8.83 -62.05
C GLY A 247 21.37 -8.66 -60.54
N GLY A 248 22.24 -9.40 -59.85
CA GLY A 248 22.35 -9.44 -58.39
C GLY A 248 23.46 -10.37 -57.97
N SER A 249 24.22 -9.96 -56.96
CA SER A 249 25.03 -10.85 -56.09
C SER A 249 24.21 -11.13 -54.83
N ALA A 250 24.00 -12.40 -54.52
CA ALA A 250 23.33 -12.89 -53.30
C ALA A 250 24.17 -14.03 -52.74
N HIS A 251 25.23 -13.68 -52.01
CA HIS A 251 26.22 -14.58 -51.37
C HIS A 251 25.83 -14.82 -49.91
N ALA A 252 25.63 -16.09 -49.56
CA ALA A 252 25.34 -16.56 -48.21
C ALA A 252 26.42 -16.08 -47.24
N SER A 253 27.68 -15.93 -47.68
CA SER A 253 28.81 -15.56 -46.78
C SER A 253 28.96 -14.04 -46.65
N TRP A 254 28.32 -13.22 -47.49
CA TRP A 254 28.50 -11.74 -47.47
C TRP A 254 27.22 -10.99 -47.12
N HIS A 255 26.05 -11.48 -47.57
CA HIS A 255 24.87 -10.60 -47.77
C HIS A 255 23.71 -10.93 -46.81
N PHE A 256 23.80 -12.05 -46.10
CA PHE A 256 22.66 -12.62 -45.36
C PHE A 256 22.94 -12.53 -43.85
N GLY A 257 23.81 -11.60 -43.43
CA GLY A 257 24.20 -11.41 -42.02
C GLY A 257 23.00 -11.16 -41.12
N TYR A 258 21.90 -10.63 -41.65
CA TYR A 258 20.66 -10.37 -40.88
C TYR A 258 19.91 -11.66 -40.58
N PHE A 259 20.36 -12.81 -41.07
CA PHE A 259 19.62 -14.10 -40.94
C PHE A 259 20.52 -15.19 -40.42
N PRO A 260 20.00 -16.16 -39.66
CA PRO A 260 20.72 -17.41 -39.40
C PRO A 260 20.73 -18.23 -40.70
N ARG A 261 21.62 -19.22 -40.79
CA ARG A 261 21.79 -20.06 -42.01
C ARG A 261 20.48 -20.80 -42.33
N LYS A 262 19.74 -21.25 -41.31
CA LYS A 262 18.50 -22.04 -41.53
C LYS A 262 17.45 -21.15 -42.23
N ALA A 263 17.66 -19.83 -42.30
CA ALA A 263 16.72 -18.88 -42.95
C ALA A 263 17.33 -18.22 -44.18
N TYR A 264 18.39 -18.81 -44.74
CA TYR A 264 19.00 -18.30 -46.01
C TYR A 264 18.02 -18.50 -47.16
N THR A 265 17.04 -19.40 -46.98
CA THR A 265 15.88 -19.57 -47.90
C THR A 265 15.11 -18.24 -47.99
N VAL A 266 14.69 -17.73 -46.84
CA VAL A 266 13.96 -16.43 -46.71
C VAL A 266 14.83 -15.30 -47.25
N ALA A 267 16.12 -15.32 -46.92
CA ALA A 267 17.09 -14.29 -47.35
C ALA A 267 17.15 -14.30 -48.87
N MET A 268 17.30 -15.48 -49.47
CA MET A 268 17.39 -15.58 -50.96
C MET A 268 16.06 -15.14 -51.58
N SER A 269 14.94 -15.53 -50.99
CA SER A 269 13.59 -15.19 -51.51
C SER A 269 13.39 -13.66 -51.49
N ALA A 270 13.77 -13.00 -50.39
CA ALA A 270 13.67 -11.54 -50.23
C ALA A 270 14.63 -10.86 -51.20
N ASN A 271 15.84 -11.38 -51.35
CA ASN A 271 16.85 -10.82 -52.27
C ASN A 271 16.31 -10.91 -53.70
N ALA A 272 15.72 -12.06 -54.06
CA ALA A 272 15.09 -12.29 -55.38
C ALA A 272 13.94 -11.29 -55.58
N GLU A 273 13.08 -11.10 -54.57
CA GLU A 273 11.90 -10.21 -54.68
C GLU A 273 12.38 -8.76 -54.86
N LEU A 274 13.45 -8.39 -54.14
CA LEU A 274 13.98 -7.01 -54.16
C LEU A 274 14.50 -6.72 -55.57
N ILE A 275 15.26 -7.64 -56.16
CA ILE A 275 15.81 -7.48 -57.54
C ILE A 275 14.66 -7.51 -58.54
N ARG A 276 13.74 -8.47 -58.39
CA ARG A 276 12.53 -8.58 -59.26
C ARG A 276 11.83 -7.22 -59.31
N SER A 277 11.54 -6.63 -58.15
CA SER A 277 10.88 -5.31 -58.05
C SER A 277 11.71 -4.24 -58.77
N GLY A 278 13.03 -4.20 -58.55
CA GLY A 278 13.90 -3.21 -59.22
C GLY A 278 13.87 -3.38 -60.74
N ALA A 279 13.80 -4.63 -61.21
CA ALA A 279 13.82 -4.97 -62.65
C ALA A 279 12.58 -4.35 -63.33
N GLY A 280 11.43 -4.36 -62.67
CA GLY A 280 10.14 -3.93 -63.26
C GLY A 280 9.82 -4.76 -64.49
N GLU A 281 9.79 -4.13 -65.67
CA GLU A 281 9.45 -4.79 -66.97
C GLU A 281 10.67 -5.58 -67.49
N LEU A 282 11.89 -5.25 -67.06
CA LEU A 282 13.12 -5.95 -67.47
C LEU A 282 13.14 -7.35 -66.88
N PRO A 283 13.71 -8.33 -67.61
CA PRO A 283 14.02 -9.61 -67.00
C PRO A 283 15.16 -9.40 -66.00
N TRP A 284 15.26 -10.32 -65.03
CA TRP A 284 16.36 -10.29 -64.04
C TRP A 284 16.92 -11.71 -63.90
N LEU A 285 18.15 -11.82 -63.41
CA LEU A 285 18.80 -13.11 -63.11
C LEU A 285 19.80 -12.88 -61.98
N MET A 286 20.15 -13.93 -61.24
CA MET A 286 21.15 -13.83 -60.16
C MET A 286 22.54 -14.06 -60.79
N THR A 287 23.25 -12.98 -61.02
CA THR A 287 24.58 -12.93 -61.67
C THR A 287 25.63 -13.67 -60.82
N GLU A 288 25.42 -13.73 -59.49
CA GLU A 288 26.48 -14.15 -58.57
C GLU A 288 25.86 -14.80 -57.33
N LEU A 289 25.97 -16.13 -57.23
CA LEU A 289 25.52 -16.98 -56.10
C LEU A 289 26.78 -17.68 -55.55
N GLN A 290 26.77 -18.10 -54.29
CA GLN A 290 27.98 -18.73 -53.70
C GLN A 290 28.05 -20.19 -54.17
N GLY A 291 29.12 -20.54 -54.88
CA GLY A 291 29.30 -21.88 -55.48
C GLY A 291 30.16 -22.80 -54.65
N GLY A 292 30.83 -22.28 -53.61
CA GLY A 292 31.80 -23.09 -52.86
C GLY A 292 32.26 -22.44 -51.56
N ASN A 293 33.42 -22.88 -51.12
CA ASN A 293 33.88 -22.84 -49.71
C ASN A 293 34.54 -21.49 -49.41
N ASN A 294 34.26 -20.95 -48.23
CA ASN A 294 35.07 -19.88 -47.61
C ASN A 294 36.18 -20.53 -46.77
N LEU A 295 37.43 -20.25 -47.12
CA LEU A 295 38.59 -20.59 -46.26
C LEU A 295 38.85 -19.38 -45.36
N TYR A 296 39.43 -18.32 -45.91
CA TYR A 296 39.75 -17.04 -45.20
C TYR A 296 38.76 -15.93 -45.60
N SER A 297 38.00 -16.05 -46.70
CA SER A 297 37.09 -14.99 -47.19
C SER A 297 35.73 -15.06 -46.48
N GLY A 298 34.92 -14.02 -46.67
CA GLY A 298 33.50 -14.00 -46.27
C GLY A 298 33.34 -13.50 -44.84
N ALA A 299 32.18 -12.91 -44.53
CA ALA A 299 31.83 -12.41 -43.18
C ALA A 299 31.18 -13.55 -42.40
N ASN A 300 30.31 -14.34 -43.03
CA ASN A 300 29.60 -15.49 -42.42
C ASN A 300 29.99 -16.73 -43.19
N PRO A 301 31.21 -17.27 -42.98
CA PRO A 301 31.75 -18.26 -43.91
C PRO A 301 30.98 -19.58 -43.84
N LEU A 302 30.86 -20.24 -44.98
CA LEU A 302 30.27 -21.60 -45.10
C LEU A 302 30.79 -22.24 -46.39
N CYS A 303 30.48 -23.52 -46.53
CA CYS A 303 30.44 -24.22 -47.82
C CYS A 303 28.99 -24.61 -48.06
N PRO A 304 28.32 -24.06 -49.08
CA PRO A 304 26.92 -24.43 -49.35
C PRO A 304 26.79 -25.96 -49.43
N THR A 305 25.74 -26.51 -48.85
CA THR A 305 25.36 -27.92 -49.06
C THR A 305 24.78 -28.08 -50.46
N ALA A 306 24.81 -29.30 -51.00
CA ALA A 306 24.06 -29.69 -52.22
C ALA A 306 22.62 -29.19 -52.08
N GLU A 307 22.02 -29.39 -50.90
CA GLU A 307 20.60 -29.05 -50.63
C GLU A 307 20.39 -27.54 -50.79
N GLU A 308 21.36 -26.75 -50.34
CA GLU A 308 21.30 -25.27 -50.36
C GLU A 308 21.37 -24.78 -51.81
N ILE A 309 22.22 -25.40 -52.62
CA ILE A 309 22.37 -25.06 -54.07
C ILE A 309 21.01 -25.24 -54.75
N ILE A 310 20.32 -26.34 -54.48
CA ILE A 310 19.01 -26.68 -55.08
C ILE A 310 17.98 -25.66 -54.57
N GLN A 311 17.98 -25.39 -53.26
CA GLN A 311 17.09 -24.40 -52.62
C GLN A 311 17.23 -23.04 -53.31
N TRP A 312 18.46 -22.57 -53.52
CA TRP A 312 18.69 -21.20 -54.03
C TRP A 312 18.25 -21.09 -55.50
N LEU A 313 18.58 -22.09 -56.31
CA LEU A 313 18.20 -22.08 -57.75
C LEU A 313 16.66 -22.04 -57.88
N TRP A 314 15.98 -22.88 -57.14
CA TRP A 314 14.49 -22.97 -57.21
C TRP A 314 13.86 -21.66 -56.70
N ILE A 315 14.40 -21.06 -55.64
CA ILE A 315 13.81 -19.82 -55.06
C ILE A 315 13.91 -18.73 -56.14
N ASN A 316 15.06 -18.64 -56.79
CA ASN A 316 15.30 -17.58 -57.79
C ASN A 316 14.37 -17.82 -59.00
N PHE A 317 14.32 -19.04 -59.53
CA PHE A 317 13.48 -19.35 -60.73
C PHE A 317 12.01 -19.10 -60.39
N ALA A 318 11.58 -19.51 -59.18
CA ALA A 318 10.21 -19.29 -58.67
C ALA A 318 9.90 -17.79 -58.59
N THR A 319 10.94 -16.95 -58.53
CA THR A 319 10.85 -15.48 -58.39
C THR A 319 11.25 -14.84 -59.73
N GLU A 320 11.12 -15.58 -60.84
CA GLU A 320 11.19 -15.10 -62.25
C GLU A 320 12.64 -14.90 -62.72
N ALA A 321 13.63 -15.39 -61.98
CA ALA A 321 15.03 -15.26 -62.42
C ALA A 321 15.17 -15.98 -63.77
N LYS A 322 15.92 -15.38 -64.70
CA LYS A 322 16.21 -15.99 -66.02
C LYS A 322 17.58 -16.68 -65.97
N GLY A 323 18.20 -16.74 -64.81
CA GLY A 323 19.51 -17.39 -64.65
C GLY A 323 19.95 -17.41 -63.20
N GLY A 324 20.77 -18.38 -62.86
CA GLY A 324 21.61 -18.42 -61.65
C GLY A 324 23.05 -18.72 -62.05
N ILE A 325 23.94 -17.74 -61.88
CA ILE A 325 25.39 -17.89 -62.13
C ILE A 325 26.11 -17.96 -60.77
N PHE A 326 26.79 -19.08 -60.53
CA PHE A 326 27.61 -19.34 -59.33
C PHE A 326 29.00 -18.69 -59.46
N TRP A 327 29.39 -17.89 -58.48
CA TRP A 327 30.83 -17.60 -58.18
C TRP A 327 31.34 -18.71 -57.26
N SER A 328 32.18 -19.63 -57.75
CA SER A 328 32.76 -19.67 -59.08
C SER A 328 32.86 -21.14 -59.53
N PHE A 329 33.04 -21.39 -60.83
CA PHE A 329 33.27 -22.77 -61.33
C PHE A 329 34.61 -23.26 -60.80
N ASN A 330 35.67 -22.53 -61.14
CA ASN A 330 37.07 -22.80 -60.74
C ASN A 330 37.52 -21.66 -59.83
N ALA A 331 38.60 -21.86 -59.08
CA ALA A 331 39.09 -20.90 -58.05
C ALA A 331 40.19 -20.00 -58.61
N ARG A 332 40.34 -18.82 -58.04
CA ARG A 332 41.58 -18.02 -58.08
C ARG A 332 42.71 -18.86 -57.50
N SER A 333 43.96 -18.60 -57.88
CA SER A 333 45.13 -19.42 -57.50
C SER A 333 46.01 -18.70 -56.46
N THR A 334 45.95 -17.37 -56.36
CA THR A 334 46.90 -16.58 -55.56
C THR A 334 46.19 -15.62 -54.61
N ALA A 335 46.64 -15.59 -53.35
CA ALA A 335 46.25 -14.61 -52.32
C ALA A 335 44.74 -14.69 -52.07
N ALA A 336 44.03 -13.56 -52.13
CA ALA A 336 42.61 -13.43 -51.76
C ALA A 336 41.77 -14.48 -52.52
N GLU A 337 41.12 -15.38 -51.78
CA GLU A 337 40.13 -16.38 -52.26
C GLU A 337 40.83 -17.45 -53.11
N ALA A 338 42.13 -17.61 -52.95
CA ALA A 338 42.91 -18.72 -53.57
C ALA A 338 42.30 -20.06 -53.15
N GLY A 339 41.76 -20.80 -54.13
CA GLY A 339 41.17 -22.13 -53.90
C GLY A 339 39.89 -22.07 -53.10
N GLU A 340 39.21 -20.92 -53.11
CA GLU A 340 37.91 -20.69 -52.44
C GLU A 340 36.81 -20.52 -53.51
N TRP A 341 35.55 -20.72 -53.11
CA TRP A 341 34.32 -20.37 -53.85
C TRP A 341 33.99 -21.39 -54.97
N ALA A 342 34.87 -22.35 -55.27
CA ALA A 342 34.81 -23.13 -56.53
C ALA A 342 33.78 -24.27 -56.40
N MET A 343 33.04 -24.54 -57.49
CA MET A 343 32.05 -25.65 -57.54
C MET A 343 32.79 -26.95 -57.85
N ILE A 344 33.93 -26.87 -58.53
CA ILE A 344 34.81 -28.05 -58.79
C ILE A 344 35.79 -28.17 -57.62
N ASN A 345 36.21 -29.41 -57.34
CA ASN A 345 37.24 -29.74 -56.32
C ASN A 345 38.63 -29.50 -56.93
N PHE A 346 39.70 -29.75 -56.18
CA PHE A 346 41.09 -29.41 -56.59
C PHE A 346 41.58 -30.37 -57.69
N LYS A 347 40.85 -31.44 -57.99
CA LYS A 347 41.11 -32.34 -59.13
C LYS A 347 40.21 -31.96 -60.33
N ASN A 348 39.56 -30.79 -60.27
CA ASN A 348 38.77 -30.22 -61.39
C ASN A 348 37.59 -31.15 -61.73
N LYS A 349 37.08 -31.91 -60.75
CA LYS A 349 35.87 -32.75 -60.86
C LYS A 349 34.76 -32.16 -59.98
N SER A 350 33.55 -32.71 -60.12
CA SER A 350 32.30 -32.18 -59.52
C SER A 350 32.30 -32.37 -58.00
N SER A 351 32.10 -31.29 -57.25
CA SER A 351 31.65 -31.36 -55.83
C SER A 351 30.18 -31.76 -55.85
N ASP A 352 29.61 -32.05 -54.68
CA ASP A 352 28.16 -32.35 -54.55
C ASP A 352 27.37 -31.11 -54.96
N ARG A 353 28.00 -29.92 -54.97
CA ARG A 353 27.34 -28.64 -55.31
C ARG A 353 27.13 -28.56 -56.82
N LEU A 354 28.15 -28.95 -57.61
CA LEU A 354 28.02 -28.97 -59.09
C LEU A 354 27.01 -30.06 -59.52
N ILE A 355 27.08 -31.25 -58.91
CA ILE A 355 26.15 -32.37 -59.19
C ILE A 355 24.71 -31.89 -58.94
N ALA A 356 24.47 -31.21 -57.82
CA ALA A 356 23.15 -30.63 -57.45
C ALA A 356 22.71 -29.58 -58.49
N ALA A 357 23.57 -28.62 -58.82
CA ALA A 357 23.28 -27.59 -59.84
C ALA A 357 22.94 -28.26 -61.18
N ALA A 358 23.61 -29.35 -61.52
CA ALA A 358 23.44 -30.09 -62.80
C ALA A 358 22.04 -30.69 -62.88
N THR A 359 21.45 -31.11 -61.76
CA THR A 359 20.08 -31.69 -61.75
C THR A 359 19.08 -30.59 -62.09
N ILE A 360 19.40 -29.32 -61.82
CA ILE A 360 18.46 -28.19 -62.08
C ILE A 360 18.58 -27.80 -63.56
N GLY A 361 19.81 -27.79 -64.08
CA GLY A 361 20.06 -27.63 -65.52
C GLY A 361 19.31 -28.69 -66.33
N LYS A 362 19.41 -29.96 -65.91
CA LYS A 362 18.75 -31.11 -66.55
C LYS A 362 17.24 -30.91 -66.51
N PHE A 363 16.68 -30.64 -65.32
CA PHE A 363 15.23 -30.36 -65.11
C PHE A 363 14.74 -29.31 -66.11
N ILE A 364 15.51 -28.23 -66.30
CA ILE A 364 15.12 -27.13 -67.22
C ILE A 364 15.03 -27.68 -68.65
N THR A 365 16.03 -28.44 -69.10
CA THR A 365 16.07 -28.94 -70.50
C THR A 365 14.88 -29.90 -70.73
N GLU A 366 14.39 -30.57 -69.67
CA GLU A 366 13.27 -31.55 -69.71
C GLU A 366 11.91 -30.87 -69.49
N ASN A 367 11.87 -29.57 -69.17
CA ASN A 367 10.62 -28.83 -68.85
C ASN A 367 10.72 -27.41 -69.40
N VAL A 368 11.21 -27.26 -70.64
CA VAL A 368 11.59 -25.95 -71.23
C VAL A 368 10.41 -24.97 -71.16
N LYS A 369 9.20 -25.40 -71.57
CA LYS A 369 8.06 -24.46 -71.77
C LYS A 369 7.62 -23.94 -70.40
N MET A 370 7.50 -24.83 -69.41
CA MET A 370 7.19 -24.46 -67.99
C MET A 370 8.22 -23.43 -67.50
N MET A 371 9.50 -23.73 -67.66
CA MET A 371 10.57 -22.98 -66.96
C MET A 371 10.79 -21.63 -67.65
N SER A 372 10.41 -21.51 -68.93
CA SER A 372 10.67 -20.30 -69.76
C SER A 372 9.61 -19.22 -69.51
N ASN A 373 8.53 -19.55 -68.83
CA ASN A 373 7.32 -18.66 -68.78
C ASN A 373 6.89 -18.43 -67.33
N ILE A 374 7.79 -18.62 -66.37
CA ILE A 374 7.43 -18.49 -64.92
C ILE A 374 7.03 -17.04 -64.67
N LYS A 375 5.89 -16.88 -64.02
CA LYS A 375 5.40 -15.61 -63.46
C LYS A 375 5.06 -15.91 -62.01
N THR A 376 5.69 -15.20 -61.09
CA THR A 376 5.44 -15.36 -59.63
C THR A 376 3.95 -15.09 -59.42
N LEU A 377 3.28 -15.92 -58.62
CA LEU A 377 1.89 -15.64 -58.20
C LEU A 377 1.93 -14.56 -57.12
N ASN A 378 1.74 -13.30 -57.52
CA ASN A 378 1.65 -12.14 -56.59
C ASN A 378 0.42 -12.32 -55.73
N SER A 379 0.59 -12.52 -54.43
CA SER A 379 -0.50 -12.62 -53.44
C SER A 379 -1.33 -11.33 -53.41
N GLY A 380 -0.74 -10.20 -53.82
CA GLY A 380 -1.30 -8.87 -53.54
C GLY A 380 -0.67 -8.20 -52.32
N ILE A 381 0.16 -8.92 -51.56
CA ILE A 381 0.93 -8.35 -50.40
C ILE A 381 2.23 -7.77 -50.92
N SER A 382 2.46 -6.47 -50.70
CA SER A 382 3.73 -5.77 -51.00
C SER A 382 4.31 -5.21 -49.69
N ILE A 383 5.50 -5.69 -49.32
CA ILE A 383 6.34 -5.09 -48.23
C ILE A 383 7.20 -3.99 -48.86
N LEU A 384 7.01 -2.75 -48.45
CA LEU A 384 7.71 -1.60 -49.04
C LEU A 384 8.80 -1.11 -48.07
N TYR A 385 9.96 -0.79 -48.63
CA TYR A 385 11.08 -0.07 -47.97
C TYR A 385 11.31 1.20 -48.79
N ASN A 386 11.95 2.21 -48.22
CA ASN A 386 12.37 3.39 -49.03
C ASN A 386 13.78 3.82 -48.63
N HIS A 387 14.50 4.37 -49.60
CA HIS A 387 15.83 4.97 -49.42
C HIS A 387 15.82 5.83 -48.15
N GLU A 388 14.79 6.66 -47.99
CA GLU A 388 14.82 7.80 -47.06
C GLU A 388 14.74 7.29 -45.62
N SER A 389 14.00 6.22 -45.35
CA SER A 389 13.96 5.61 -44.00
C SER A 389 15.38 5.13 -43.63
N MET A 390 16.08 4.54 -44.59
CA MET A 390 17.47 4.09 -44.39
C MET A 390 18.39 5.29 -44.08
N TRP A 391 18.22 6.39 -44.83
CA TRP A 391 19.07 7.61 -44.70
C TRP A 391 18.81 8.30 -43.36
N VAL A 392 17.55 8.41 -42.97
CA VAL A 392 17.19 9.03 -41.67
C VAL A 392 17.70 8.12 -40.54
N GLU A 393 17.53 6.81 -40.66
CA GLU A 393 18.07 5.87 -39.66
C GLU A 393 19.58 6.10 -39.45
N ALA A 394 20.35 6.20 -40.54
CA ALA A 394 21.82 6.41 -40.51
C ALA A 394 22.15 7.69 -39.75
N ALA A 395 21.42 8.78 -39.99
CA ALA A 395 21.64 10.09 -39.32
C ALA A 395 21.25 9.98 -37.83
N GLN A 396 20.13 9.34 -37.50
CA GLN A 396 19.58 9.31 -36.11
C GLN A 396 20.40 8.34 -35.24
N THR A 397 20.88 7.23 -35.80
CA THR A 397 21.57 6.17 -35.03
C THR A 397 23.07 6.48 -35.01
N ARG A 398 23.50 7.54 -35.74
CA ARG A 398 24.90 8.02 -35.83
C ARG A 398 25.82 6.87 -36.22
N GLY A 399 25.32 5.92 -37.03
CA GLY A 399 26.08 4.78 -37.58
C GLY A 399 26.36 3.66 -36.58
N LYS A 400 25.67 3.61 -35.41
CA LYS A 400 25.76 2.48 -34.44
C LYS A 400 25.42 1.14 -35.14
N LEU A 401 26.13 0.07 -34.78
CA LEU A 401 26.05 -1.29 -35.39
C LEU A 401 25.82 -2.34 -34.29
N ASN A 402 24.89 -2.08 -33.38
CA ASN A 402 24.54 -2.94 -32.21
C ASN A 402 23.40 -3.92 -32.57
N GLY A 403 23.08 -4.10 -33.86
CA GLY A 403 22.02 -4.99 -34.38
C GLY A 403 20.69 -4.87 -33.61
N ASN A 404 20.07 -3.67 -33.56
CA ASN A 404 18.76 -3.42 -32.89
C ASN A 404 18.11 -2.13 -33.44
N GLY A 405 16.98 -1.70 -32.89
CA GLY A 405 16.22 -0.54 -33.37
C GLY A 405 17.07 0.73 -33.40
N ARG A 406 18.02 0.85 -32.47
CA ARG A 406 18.92 2.03 -32.34
C ARG A 406 20.22 1.81 -33.13
N SER A 407 20.18 0.97 -34.17
CA SER A 407 21.35 0.68 -35.02
C SER A 407 20.94 0.71 -36.50
N ILE A 408 21.92 0.90 -37.38
CA ILE A 408 21.77 0.73 -38.83
C ILE A 408 21.26 -0.68 -39.09
N GLY A 409 20.17 -0.80 -39.87
CA GLY A 409 19.65 -2.08 -40.35
C GLY A 409 18.26 -2.41 -39.84
N ALA A 410 17.75 -1.68 -38.83
CA ALA A 410 16.40 -1.93 -38.28
C ALA A 410 15.32 -1.68 -39.36
N VAL A 411 15.49 -0.64 -40.19
CA VAL A 411 14.51 -0.28 -41.24
C VAL A 411 14.45 -1.38 -42.32
N MET A 412 15.45 -2.27 -42.40
CA MET A 412 15.44 -3.40 -43.36
C MET A 412 15.10 -4.68 -42.62
N CYS A 413 15.60 -4.89 -41.41
CA CYS A 413 15.30 -6.13 -40.66
C CYS A 413 13.80 -6.21 -40.36
N SER A 414 13.15 -5.05 -40.17
CA SER A 414 11.71 -5.00 -39.82
C SER A 414 10.87 -5.56 -40.98
N PRO A 415 10.94 -4.99 -42.20
CA PRO A 415 10.20 -5.57 -43.32
C PRO A 415 10.62 -7.02 -43.61
N LEU A 416 11.91 -7.33 -43.47
CA LEU A 416 12.43 -8.72 -43.68
C LEU A 416 11.75 -9.66 -42.68
N SER A 417 11.37 -9.18 -41.49
CA SER A 417 10.70 -10.03 -40.47
C SER A 417 9.27 -10.34 -40.87
N TYR A 418 8.52 -9.35 -41.35
CA TYR A 418 7.17 -9.57 -41.93
C TYR A 418 7.30 -10.59 -43.07
N PHE A 419 8.29 -10.39 -43.93
CA PHE A 419 8.55 -11.25 -45.10
C PHE A 419 8.75 -12.69 -44.63
N GLU A 420 9.53 -12.87 -43.57
CA GLU A 420 9.81 -14.21 -43.02
C GLU A 420 8.50 -14.81 -42.47
N ALA A 421 7.69 -14.01 -41.78
CA ALA A 421 6.43 -14.47 -41.15
C ALA A 421 5.48 -14.97 -42.25
N LEU A 422 5.40 -14.22 -43.34
CA LEU A 422 4.59 -14.58 -44.53
C LEU A 422 5.14 -15.84 -45.21
N SER A 423 6.46 -15.97 -45.36
CA SER A 423 7.10 -17.18 -45.92
C SER A 423 6.73 -18.41 -45.08
N GLU A 424 6.71 -18.27 -43.76
CA GLU A 424 6.41 -19.39 -42.83
C GLU A 424 4.90 -19.66 -42.82
N THR A 425 4.11 -18.80 -43.49
CA THR A 425 2.67 -19.00 -43.73
C THR A 425 2.43 -19.55 -45.15
N GLY A 426 3.48 -19.70 -45.95
CA GLY A 426 3.40 -20.14 -47.35
C GLY A 426 2.85 -19.09 -48.29
N LEU A 427 2.87 -17.81 -47.89
CA LEU A 427 2.39 -16.67 -48.71
C LEU A 427 3.57 -15.94 -49.38
N GLN A 428 3.51 -15.78 -50.69
CA GLN A 428 4.35 -14.82 -51.43
C GLN A 428 4.07 -13.41 -50.90
N ALA A 429 5.10 -12.58 -50.88
CA ALA A 429 5.01 -11.14 -50.64
C ALA A 429 6.07 -10.51 -51.53
N ASN A 430 5.72 -9.39 -52.16
CA ASN A 430 6.70 -8.54 -52.86
C ASN A 430 7.57 -7.86 -51.79
N PHE A 431 8.77 -7.50 -52.19
CA PHE A 431 9.71 -6.66 -51.41
C PHE A 431 10.18 -5.58 -52.37
N LYS A 432 9.71 -4.35 -52.17
CA LYS A 432 9.83 -3.28 -53.20
C LYS A 432 10.24 -1.96 -52.56
N GLU A 433 11.05 -1.19 -53.27
CA GLU A 433 11.25 0.24 -52.94
C GLU A 433 9.93 0.93 -53.25
N ILE A 434 9.55 1.93 -52.45
CA ILE A 434 8.22 2.59 -52.55
C ILE A 434 8.00 3.16 -53.96
N LYS A 435 9.04 3.68 -54.63
CA LYS A 435 8.92 4.25 -56.00
C LYS A 435 8.67 3.15 -57.04
N GLU A 436 8.84 1.88 -56.68
CA GLU A 436 8.64 0.74 -57.59
C GLU A 436 7.20 0.23 -57.47
N PHE A 437 6.45 0.71 -56.48
CA PHE A 437 5.03 0.33 -56.29
C PHE A 437 4.17 1.22 -57.21
N ASP A 438 3.21 0.63 -57.90
CA ASP A 438 2.31 1.32 -58.85
C ASP A 438 1.13 1.91 -58.06
N PHE A 439 1.15 3.21 -57.81
CA PHE A 439 0.12 3.94 -57.04
C PHE A 439 -0.94 4.57 -57.95
N SER A 440 -0.96 4.24 -59.25
CA SER A 440 -1.77 4.94 -60.28
C SER A 440 -3.10 4.20 -60.58
N LEU A 441 -3.36 3.04 -59.98
CA LEU A 441 -4.54 2.19 -60.29
C LEU A 441 -5.79 2.79 -59.63
N ASN A 442 -6.97 2.30 -60.04
CA ASN A 442 -8.30 2.84 -59.61
C ASN A 442 -8.88 1.93 -58.53
N ASP A 443 -8.38 0.70 -58.44
CA ASP A 443 -8.87 -0.35 -57.51
C ASP A 443 -7.65 -1.00 -56.85
N TYR A 444 -7.67 -1.09 -55.51
CA TYR A 444 -6.64 -1.82 -54.72
C TYR A 444 -7.35 -2.77 -53.77
N THR A 445 -8.60 -3.12 -54.06
CA THR A 445 -9.33 -4.25 -53.40
C THR A 445 -8.38 -5.44 -53.41
N ASP A 446 -8.25 -6.13 -52.28
CA ASP A 446 -7.45 -7.39 -52.22
C ASP A 446 -5.93 -7.12 -52.47
N GLN A 447 -5.46 -5.87 -52.37
CA GLN A 447 -4.03 -5.51 -52.30
C GLN A 447 -3.67 -5.08 -50.86
N VAL A 448 -2.50 -5.48 -50.40
CA VAL A 448 -2.01 -5.18 -49.02
C VAL A 448 -0.62 -4.55 -49.12
N ILE A 449 -0.43 -3.42 -48.45
CA ILE A 449 0.91 -2.81 -48.24
C ILE A 449 1.26 -2.95 -46.76
N ILE A 450 2.47 -3.46 -46.50
CA ILE A 450 3.09 -3.50 -45.16
C ILE A 450 4.22 -2.46 -45.16
N LEU A 451 4.09 -1.44 -44.30
CA LEU A 451 5.14 -0.43 -44.02
C LEU A 451 5.61 -0.68 -42.59
N SER A 452 6.66 -1.49 -42.45
CA SER A 452 7.19 -1.94 -41.14
C SER A 452 8.43 -1.11 -40.81
N HIS A 453 8.30 -0.20 -39.84
CA HIS A 453 9.42 0.64 -39.35
C HIS A 453 10.06 1.40 -40.51
N GLN A 454 9.24 1.89 -41.45
CA GLN A 454 9.71 2.83 -42.51
C GLN A 454 9.58 4.23 -41.92
N ILE A 455 10.60 4.61 -41.17
CA ILE A 455 10.54 5.77 -40.22
C ILE A 455 10.40 7.09 -40.99
N ALA A 456 10.72 7.16 -42.29
CA ALA A 456 10.63 8.40 -43.09
C ALA A 456 9.61 8.24 -44.23
N LEU A 457 8.57 9.09 -44.21
CA LEU A 457 7.53 9.21 -45.27
C LEU A 457 7.28 10.70 -45.54
N ASP A 458 7.23 11.12 -46.80
CA ASP A 458 6.91 12.54 -47.15
C ASP A 458 5.42 12.68 -47.47
N ASN A 459 4.99 13.93 -47.70
CA ASN A 459 3.57 14.30 -48.02
C ASN A 459 3.14 13.56 -49.30
N LYS A 460 3.96 13.59 -50.34
CA LYS A 460 3.68 12.95 -51.65
C LYS A 460 3.30 11.49 -51.41
N VAL A 461 4.11 10.73 -50.67
CA VAL A 461 3.90 9.27 -50.50
C VAL A 461 2.66 9.06 -49.62
N ILE A 462 2.45 9.89 -48.60
CA ILE A 462 1.25 9.77 -47.73
C ILE A 462 -0.02 9.93 -48.60
N LYS A 463 -0.02 10.88 -49.54
CA LYS A 463 -1.16 11.09 -50.49
C LYS A 463 -1.37 9.82 -51.34
N GLN A 464 -0.30 9.23 -51.86
CA GLN A 464 -0.38 7.94 -52.59
C GLN A 464 -0.96 6.88 -51.65
N LEU A 465 -0.56 6.84 -50.39
CA LEU A 465 -1.05 5.81 -49.43
C LEU A 465 -2.56 6.04 -49.16
N GLU A 466 -2.97 7.30 -49.09
CA GLU A 466 -4.38 7.70 -48.87
C GLU A 466 -5.25 7.22 -50.06
N SER A 467 -4.81 7.53 -51.27
CA SER A 467 -5.45 7.06 -52.52
C SER A 467 -5.55 5.53 -52.48
N PHE A 468 -4.44 4.84 -52.18
CA PHE A 468 -4.36 3.35 -52.15
C PHE A 468 -5.42 2.78 -51.22
N VAL A 469 -5.50 3.30 -49.99
CA VAL A 469 -6.45 2.76 -48.97
C VAL A 469 -7.88 3.12 -49.37
N GLU A 470 -8.12 4.36 -49.81
CA GLU A 470 -9.46 4.85 -50.21
C GLU A 470 -10.05 3.87 -51.24
N LYS A 471 -9.25 3.47 -52.22
CA LYS A 471 -9.64 2.57 -53.34
C LYS A 471 -9.54 1.09 -52.95
N GLY A 472 -9.58 0.76 -51.67
CA GLY A 472 -9.77 -0.63 -51.21
C GLY A 472 -8.51 -1.27 -50.61
N GLY A 473 -7.38 -0.58 -50.68
CA GLY A 473 -6.09 -1.07 -50.14
C GLY A 473 -6.15 -1.34 -48.65
N THR A 474 -5.46 -2.39 -48.17
CA THR A 474 -5.16 -2.62 -46.74
C THR A 474 -3.73 -2.14 -46.45
N LEU A 475 -3.56 -1.22 -45.51
CA LEU A 475 -2.24 -0.71 -45.06
C LEU A 475 -1.97 -1.26 -43.65
N ILE A 476 -0.88 -2.00 -43.48
CA ILE A 476 -0.37 -2.43 -42.15
C ILE A 476 0.92 -1.67 -41.84
N ALA A 477 0.95 -0.94 -40.74
CA ALA A 477 2.07 -0.07 -40.32
C ALA A 477 2.41 -0.40 -38.87
N ASP A 478 3.65 -0.85 -38.62
CA ASP A 478 4.17 -1.08 -37.25
C ASP A 478 5.47 -0.29 -37.06
N GLY A 479 6.02 -0.32 -35.85
CA GLY A 479 7.22 0.45 -35.49
C GLY A 479 7.02 1.93 -35.71
N LEU A 480 8.09 2.66 -36.02
CA LEU A 480 8.12 4.12 -36.07
C LEU A 480 7.82 4.57 -37.51
N THR A 481 7.11 3.77 -38.29
CA THR A 481 6.66 4.18 -39.66
C THR A 481 6.05 5.60 -39.60
N GLY A 482 6.52 6.50 -40.45
CA GLY A 482 5.95 7.86 -40.56
C GLY A 482 6.39 8.81 -39.45
N TYR A 483 7.33 8.44 -38.57
CA TYR A 483 7.79 9.32 -37.46
C TYR A 483 8.44 10.59 -38.02
N TYR A 484 9.21 10.46 -39.10
CA TYR A 484 9.95 11.56 -39.77
C TYR A 484 9.47 11.69 -41.20
N ASP A 485 9.76 12.84 -41.81
CA ASP A 485 9.61 13.09 -43.26
C ASP A 485 11.00 12.92 -43.91
N TYR A 486 11.13 13.26 -45.18
CA TYR A 486 12.34 13.03 -46.00
C TYR A 486 13.41 14.04 -45.61
N GLN A 487 13.12 14.95 -44.70
CA GLN A 487 14.11 15.95 -44.20
C GLN A 487 14.41 15.71 -42.70
N ALA A 488 14.01 14.55 -42.17
CA ALA A 488 14.24 14.12 -40.77
C ALA A 488 13.49 15.06 -39.82
N HIS A 489 12.49 15.78 -40.34
CA HIS A 489 11.58 16.60 -39.52
C HIS A 489 10.44 15.70 -39.05
N SER A 490 10.15 15.68 -37.76
CA SER A 490 9.11 14.77 -37.21
C SER A 490 7.76 15.49 -37.20
N THR A 491 6.82 15.07 -38.07
CA THR A 491 5.46 15.65 -38.13
C THR A 491 4.73 15.16 -36.89
N VAL A 492 5.23 14.11 -36.23
CA VAL A 492 4.67 13.64 -34.93
C VAL A 492 4.75 14.79 -33.93
N VAL A 493 5.79 15.64 -34.05
CA VAL A 493 6.02 16.81 -33.15
C VAL A 493 5.26 18.04 -33.69
N SER A 494 5.35 18.34 -34.98
CA SER A 494 4.83 19.61 -35.58
C SER A 494 3.37 19.48 -36.04
N GLY A 495 2.81 18.27 -36.24
CA GLY A 495 1.48 18.08 -36.84
C GLY A 495 1.42 16.87 -37.75
N PHE A 496 0.91 15.74 -37.25
CA PHE A 496 1.16 14.38 -37.78
C PHE A 496 0.56 14.25 -39.19
N ALA A 497 1.39 14.00 -40.19
CA ALA A 497 0.99 13.95 -41.62
C ALA A 497 0.08 12.74 -41.88
N LEU A 498 0.13 11.73 -41.02
CA LEU A 498 -0.62 10.46 -41.21
C LEU A 498 -1.87 10.44 -40.29
N GLU A 499 -2.21 11.55 -39.64
CA GLU A 499 -3.42 11.60 -38.77
C GLU A 499 -4.67 11.24 -39.59
N ASN A 500 -4.84 11.86 -40.74
CA ASN A 500 -6.02 11.66 -41.62
C ASN A 500 -6.12 10.16 -41.94
N LEU A 501 -5.06 9.56 -42.48
CA LEU A 501 -5.10 8.13 -42.92
C LEU A 501 -5.28 7.18 -41.74
N PHE A 502 -4.64 7.47 -40.60
CA PHE A 502 -4.59 6.55 -39.43
C PHE A 502 -5.82 6.74 -38.56
N GLY A 503 -6.50 7.89 -38.69
CA GLY A 503 -7.64 8.23 -37.85
C GLY A 503 -7.25 8.24 -36.39
N SER A 504 -6.03 8.70 -36.12
CA SER A 504 -5.43 8.63 -34.78
C SER A 504 -4.15 9.46 -34.77
N TYR A 505 -3.56 9.59 -33.58
CA TYR A 505 -2.43 10.50 -33.29
C TYR A 505 -1.52 9.80 -32.30
N PRO A 506 -0.18 9.83 -32.47
CA PRO A 506 0.72 9.27 -31.47
C PRO A 506 0.63 10.10 -30.18
N ILE A 507 0.75 9.44 -29.04
CA ILE A 507 0.79 10.10 -27.70
C ILE A 507 2.24 10.06 -27.20
N GLU A 508 2.80 8.86 -26.98
CA GLU A 508 4.19 8.68 -26.47
C GLU A 508 4.83 7.44 -27.10
N TYR A 509 6.16 7.45 -27.20
CA TYR A 509 7.02 6.25 -27.24
C TYR A 509 7.73 6.19 -25.89
N LYS A 510 7.82 4.98 -25.32
CA LYS A 510 8.60 4.74 -24.08
C LYS A 510 9.52 3.57 -24.36
N ILE A 511 10.83 3.78 -24.25
CA ILE A 511 11.83 2.71 -24.47
C ILE A 511 11.63 1.66 -23.36
N LYS A 512 11.74 0.39 -23.71
CA LYS A 512 11.64 -0.79 -22.81
C LYS A 512 12.86 -1.69 -23.04
N GLU A 513 12.83 -2.95 -22.63
CA GLU A 513 13.91 -3.92 -22.94
C GLU A 513 13.92 -4.24 -24.44
N ASN A 514 14.95 -4.93 -24.93
CA ASN A 514 15.07 -5.36 -26.34
C ASN A 514 13.85 -6.23 -26.72
N LEU A 515 13.32 -6.97 -25.75
CA LEU A 515 12.12 -7.83 -25.94
C LEU A 515 11.16 -7.56 -24.79
N PHE A 516 9.97 -7.06 -25.11
CA PHE A 516 8.85 -6.95 -24.14
C PHE A 516 7.61 -7.52 -24.82
N SER A 517 6.55 -7.64 -24.02
CA SER A 517 5.22 -8.15 -24.44
C SER A 517 4.23 -6.98 -24.49
N LEU A 518 3.52 -6.82 -25.60
CA LEU A 518 2.26 -6.03 -25.64
C LEU A 518 1.11 -6.96 -25.23
N ASP A 519 0.52 -6.70 -24.06
CA ASP A 519 -0.55 -7.52 -23.43
C ASP A 519 -1.91 -6.85 -23.72
N PHE A 520 -2.64 -7.34 -24.72
CA PHE A 520 -3.91 -6.78 -25.21
C PHE A 520 -4.98 -7.02 -24.13
N GLU A 521 -5.90 -6.07 -23.96
CA GLU A 521 -6.92 -6.05 -22.87
C GLU A 521 -7.85 -7.24 -23.06
N LYS A 522 -8.26 -7.50 -24.30
CA LYS A 522 -9.19 -8.58 -24.69
C LYS A 522 -8.37 -9.85 -24.91
N ASP A 523 -8.90 -11.00 -24.49
CA ASP A 523 -8.60 -12.34 -25.09
C ASP A 523 -7.26 -12.87 -24.56
N ASN A 524 -6.61 -12.14 -23.65
CA ASN A 524 -5.30 -12.49 -23.04
C ASN A 524 -4.17 -12.66 -24.08
N TYR A 525 -4.20 -11.86 -25.15
CA TYR A 525 -3.37 -11.96 -26.39
C TYR A 525 -2.08 -11.16 -26.20
N LYS A 526 -0.94 -11.78 -26.51
CA LYS A 526 0.44 -11.24 -26.29
C LYS A 526 1.27 -11.13 -27.60
N LEU A 527 1.75 -9.93 -27.99
CA LEU A 527 2.71 -9.74 -29.14
C LEU A 527 4.10 -9.44 -28.61
N PRO A 528 5.14 -10.18 -29.05
CA PRO A 528 6.52 -9.75 -28.85
C PRO A 528 6.73 -8.39 -29.55
N ALA A 529 7.38 -7.47 -28.84
CA ALA A 529 7.71 -6.12 -29.35
C ALA A 529 9.14 -5.78 -28.96
N HIS A 530 9.80 -4.96 -29.78
CA HIS A 530 11.22 -4.60 -29.63
C HIS A 530 11.35 -3.14 -29.24
N LEU A 531 11.97 -2.90 -28.08
CA LEU A 531 12.65 -1.65 -27.71
C LEU A 531 11.67 -0.55 -27.28
N TRP A 532 10.73 -0.16 -28.12
CA TRP A 532 9.84 1.02 -27.88
C TRP A 532 8.37 0.59 -27.83
N LYS A 533 7.64 1.04 -26.79
CA LYS A 533 6.17 0.93 -26.71
C LYS A 533 5.53 2.24 -27.19
N GLY A 534 4.78 2.19 -28.29
CA GLY A 534 4.00 3.34 -28.79
C GLY A 534 2.58 3.33 -28.24
N THR A 535 2.10 4.49 -27.80
CA THR A 535 0.69 4.71 -27.41
C THR A 535 0.13 5.83 -28.29
N ILE A 536 -1.16 5.74 -28.54
CA ILE A 536 -1.90 6.58 -29.52
C ILE A 536 -3.21 7.04 -28.89
N GLU A 537 -3.81 8.05 -29.51
CA GLU A 537 -5.20 8.50 -29.28
C GLU A 537 -5.96 8.36 -30.61
N THR A 538 -7.07 7.62 -30.61
CA THR A 538 -7.95 7.46 -31.80
C THR A 538 -8.92 8.63 -31.86
N SER A 539 -9.21 9.12 -33.08
CA SER A 539 -10.39 9.95 -33.40
C SER A 539 -11.34 9.09 -34.22
N LYS A 540 -11.12 8.96 -35.53
CA LYS A 540 -11.96 8.15 -36.46
C LYS A 540 -11.71 6.64 -36.27
N ALA A 541 -10.52 6.20 -35.86
CA ALA A 541 -10.15 4.77 -35.79
C ALA A 541 -10.77 4.10 -34.55
N THR A 542 -10.89 2.78 -34.60
CA THR A 542 -11.29 1.91 -33.46
C THR A 542 -10.04 1.64 -32.62
N PRO A 543 -10.02 2.04 -31.33
CA PRO A 543 -8.85 1.81 -30.49
C PRO A 543 -8.75 0.34 -30.06
N ILE A 544 -7.52 -0.17 -29.97
CA ILE A 544 -7.19 -1.48 -29.33
C ILE A 544 -6.36 -1.16 -28.09
N MET A 545 -6.81 -1.59 -26.90
CA MET A 545 -6.23 -1.21 -25.59
C MET A 545 -5.39 -2.39 -25.07
N ASP A 546 -4.44 -2.12 -24.16
CA ASP A 546 -3.63 -3.14 -23.47
C ASP A 546 -4.11 -3.25 -22.02
N LYS A 547 -3.57 -4.22 -21.26
CA LYS A 547 -4.02 -4.55 -19.88
C LYS A 547 -3.76 -3.34 -18.97
N GLU A 548 -2.89 -2.40 -19.33
CA GLU A 548 -2.62 -1.19 -18.50
C GLU A 548 -3.56 -0.04 -18.90
N GLY A 549 -4.53 -0.28 -19.78
CA GLY A 549 -5.54 0.73 -20.19
C GLY A 549 -4.95 1.79 -21.09
N GLU A 550 -3.87 1.48 -21.82
CA GLU A 550 -3.28 2.39 -22.83
C GLU A 550 -3.64 1.88 -24.23
N CYS A 551 -3.89 2.79 -25.14
CA CYS A 551 -4.19 2.47 -26.55
C CYS A 551 -2.90 2.19 -27.33
N ILE A 552 -2.71 0.96 -27.79
CA ILE A 552 -1.45 0.48 -28.42
C ILE A 552 -1.64 0.20 -29.92
N ALA A 553 -2.87 0.25 -30.41
CA ALA A 553 -3.14 -0.02 -31.86
C ALA A 553 -4.51 0.51 -32.26
N CYS A 554 -4.80 0.52 -33.55
CA CYS A 554 -6.12 0.92 -34.06
C CYS A 554 -6.35 0.35 -35.45
N ILE A 555 -7.63 0.21 -35.81
CA ILE A 555 -8.09 -0.07 -37.20
C ILE A 555 -8.90 1.14 -37.66
N ASN A 556 -8.45 1.77 -38.75
CA ASN A 556 -9.16 2.91 -39.36
C ASN A 556 -9.79 2.41 -40.66
N GLN A 557 -11.10 2.56 -40.79
CA GLN A 557 -11.83 2.29 -42.06
C GLN A 557 -11.75 3.59 -42.83
N TYR A 558 -11.13 3.56 -44.00
CA TYR A 558 -10.83 4.76 -44.80
C TYR A 558 -11.27 4.45 -46.22
N GLY A 559 -12.33 5.10 -46.71
CA GLY A 559 -13.01 4.75 -47.98
C GLY A 559 -13.32 3.26 -48.00
N LYS A 560 -12.90 2.55 -49.05
CA LYS A 560 -13.16 1.09 -49.20
C LYS A 560 -12.07 0.25 -48.49
N GLY A 561 -10.98 0.88 -48.05
CA GLY A 561 -9.83 0.16 -47.47
C GLY A 561 -9.76 0.27 -45.96
N LYS A 562 -8.78 -0.39 -45.35
CA LYS A 562 -8.54 -0.34 -43.89
C LYS A 562 -7.06 -0.08 -43.61
N VAL A 563 -6.78 0.50 -42.45
CA VAL A 563 -5.42 0.71 -41.91
C VAL A 563 -5.38 0.00 -40.58
N PHE A 564 -4.41 -0.92 -40.40
CA PHE A 564 -3.97 -1.40 -39.07
C PHE A 564 -2.69 -0.67 -38.68
N TRP A 565 -2.71 0.07 -37.57
CA TRP A 565 -1.53 0.82 -37.06
C TRP A 565 -1.21 0.33 -35.65
N ILE A 566 0.02 -0.14 -35.45
CA ILE A 566 0.55 -0.52 -34.12
C ILE A 566 1.97 0.04 -34.02
N PRO A 567 2.17 1.25 -33.45
CA PRO A 567 3.47 1.91 -33.49
C PRO A 567 4.55 1.35 -32.54
N SER A 568 4.37 0.16 -31.98
CA SER A 568 5.45 -0.67 -31.38
C SER A 568 6.06 -1.55 -32.47
N PRO A 569 7.39 -1.81 -32.47
CA PRO A 569 7.98 -2.68 -33.48
C PRO A 569 7.69 -4.16 -33.19
N ILE A 570 6.59 -4.68 -33.76
CA ILE A 570 6.17 -6.09 -33.52
C ILE A 570 6.91 -7.01 -34.51
N ALA A 571 7.27 -6.54 -35.70
CA ALA A 571 8.10 -7.33 -36.63
C ALA A 571 9.49 -7.54 -35.99
N LEU A 572 10.12 -6.47 -35.50
CA LEU A 572 11.42 -6.58 -34.80
C LEU A 572 11.23 -7.40 -33.51
N GLY A 573 10.08 -7.31 -32.85
CA GLY A 573 9.73 -8.16 -31.69
C GLY A 573 9.75 -9.66 -32.06
N ALA A 574 9.12 -10.03 -33.17
CA ALA A 574 9.15 -11.41 -33.72
C ALA A 574 10.62 -11.81 -34.00
N ARG A 575 11.40 -10.94 -34.61
CA ARG A 575 12.84 -11.20 -34.90
C ARG A 575 13.60 -11.44 -33.60
N GLU A 576 13.44 -10.55 -32.62
CA GLU A 576 14.16 -10.65 -31.32
C GLU A 576 13.77 -11.95 -30.60
N SER A 577 12.50 -12.36 -30.66
CA SER A 577 12.02 -13.57 -29.95
C SER A 577 12.30 -14.82 -30.79
N LYS A 578 12.78 -14.65 -32.02
CA LYS A 578 13.06 -15.77 -32.98
C LYS A 578 11.79 -16.59 -33.19
N ASP A 579 10.64 -15.93 -33.20
CA ASP A 579 9.31 -16.58 -33.32
C ASP A 579 8.40 -15.67 -34.12
N PHE A 580 8.03 -16.08 -35.33
CA PHE A 580 7.21 -15.27 -36.27
C PHE A 580 5.75 -15.77 -36.27
N SER A 581 5.39 -16.69 -35.37
CA SER A 581 4.07 -17.36 -35.36
C SER A 581 2.97 -16.34 -35.04
N GLU A 582 3.17 -15.47 -34.03
CA GLU A 582 2.12 -14.46 -33.69
C GLU A 582 2.00 -13.44 -34.81
N LEU A 583 3.11 -13.03 -35.41
CA LEU A 583 3.12 -12.02 -36.50
C LEU A 583 2.40 -12.61 -37.73
N SER A 584 2.60 -13.90 -37.99
CA SER A 584 1.90 -14.68 -39.04
C SER A 584 0.38 -14.62 -38.79
N LYS A 585 -0.08 -15.06 -37.61
CA LYS A 585 -1.53 -15.15 -37.27
C LYS A 585 -2.17 -13.75 -37.38
N LEU A 586 -1.52 -12.72 -36.84
CA LEU A 586 -2.04 -11.33 -36.85
C LEU A 586 -2.19 -10.85 -38.29
N THR A 587 -1.16 -11.02 -39.10
CA THR A 587 -1.13 -10.57 -40.51
C THR A 587 -2.23 -11.31 -41.30
N VAL A 588 -2.33 -12.63 -41.14
CA VAL A 588 -3.35 -13.46 -41.85
C VAL A 588 -4.74 -12.90 -41.56
N SER A 589 -5.04 -12.58 -40.30
CA SER A 589 -6.36 -12.08 -39.84
C SER A 589 -6.67 -10.70 -40.43
N LEU A 590 -5.69 -9.99 -40.97
CA LEU A 590 -5.87 -8.63 -41.56
C LEU A 590 -5.93 -8.71 -43.08
N LEU A 591 -5.60 -9.85 -43.69
CA LEU A 591 -5.60 -9.99 -45.16
C LEU A 591 -7.03 -10.04 -45.68
N PRO A 592 -7.33 -9.46 -46.86
CA PRO A 592 -8.58 -9.73 -47.56
C PRO A 592 -8.77 -11.23 -47.83
N ASN A 593 -10.00 -11.73 -47.65
CA ASN A 593 -10.36 -13.15 -47.89
C ASN A 593 -9.90 -13.59 -49.28
N LYS A 594 -10.00 -12.73 -50.29
CA LYS A 594 -9.64 -13.09 -51.70
C LYS A 594 -8.21 -13.65 -51.75
N ILE A 595 -7.28 -13.08 -50.98
CA ILE A 595 -5.85 -13.49 -50.98
C ILE A 595 -5.77 -14.93 -50.44
N LEU A 596 -6.45 -15.21 -49.34
CA LEU A 596 -6.45 -16.55 -48.69
C LEU A 596 -7.18 -17.58 -49.56
N ASN A 597 -8.21 -17.18 -50.31
CA ASN A 597 -9.03 -18.11 -51.14
C ASN A 597 -8.29 -18.43 -52.45
N ASP A 598 -7.62 -17.45 -53.07
CA ASP A 598 -7.02 -17.58 -54.44
C ASP A 598 -5.56 -18.05 -54.39
N ASN A 599 -4.88 -17.98 -53.24
CA ASN A 599 -3.42 -18.26 -53.15
C ASN A 599 -3.18 -19.51 -52.32
N PRO A 600 -2.44 -20.50 -52.86
CA PRO A 600 -1.95 -21.60 -52.03
C PRO A 600 -1.10 -21.00 -50.90
N HIS A 601 -1.34 -21.49 -49.69
CA HIS A 601 -0.64 -21.12 -48.44
C HIS A 601 -0.81 -22.27 -47.46
N PHE A 602 -0.20 -22.18 -46.28
CA PHE A 602 -0.27 -23.22 -45.23
C PHE A 602 -1.54 -22.97 -44.42
N ASP A 603 -2.15 -24.05 -43.91
CA ASP A 603 -3.40 -23.97 -43.11
C ASP A 603 -3.06 -23.28 -41.78
N LYS A 604 -1.79 -23.31 -41.39
CA LYS A 604 -1.27 -22.64 -40.18
C LYS A 604 0.19 -22.23 -40.42
N HIS A 605 0.77 -21.52 -39.46
CA HIS A 605 2.20 -21.13 -39.42
C HIS A 605 3.05 -22.40 -39.22
N TYR A 606 4.10 -22.57 -40.03
CA TYR A 606 5.13 -23.64 -39.89
C TYR A 606 6.49 -22.99 -39.73
N LYS A 607 7.09 -23.13 -38.55
CA LYS A 607 8.45 -22.62 -38.25
C LYS A 607 9.41 -23.29 -39.22
N ASP A 608 10.24 -22.49 -39.91
CA ASP A 608 11.40 -22.92 -40.74
C ASP A 608 10.93 -23.75 -41.94
N VAL A 609 9.76 -23.43 -42.47
CA VAL A 609 9.26 -23.95 -43.77
C VAL A 609 8.87 -22.73 -44.62
N MET A 610 9.16 -22.78 -45.91
CA MET A 610 8.74 -21.70 -46.81
C MET A 610 7.95 -22.33 -47.96
N MET A 611 7.00 -21.56 -48.48
CA MET A 611 6.37 -21.84 -49.78
C MET A 611 6.13 -20.52 -50.50
N LYS A 612 6.36 -20.54 -51.81
CA LYS A 612 6.03 -19.47 -52.75
C LYS A 612 5.42 -20.15 -53.97
N SER A 613 4.44 -19.51 -54.62
CA SER A 613 3.74 -20.11 -55.79
C SER A 613 4.03 -19.27 -57.03
N PHE A 614 4.01 -19.91 -58.19
CA PHE A 614 4.20 -19.27 -59.51
C PHE A 614 3.28 -19.97 -60.53
N LYS A 615 3.11 -19.28 -61.66
CA LYS A 615 2.26 -19.73 -62.79
C LYS A 615 3.18 -19.78 -64.01
N SER A 616 2.92 -20.71 -64.92
CA SER A 616 3.57 -20.77 -66.26
C SER A 616 2.53 -21.28 -67.26
N ASN A 617 2.18 -20.43 -68.23
CA ASN A 617 1.11 -20.67 -69.23
C ASN A 617 -0.11 -21.36 -68.58
N GLY A 618 -0.81 -20.66 -67.67
CA GLY A 618 -2.09 -21.13 -67.10
C GLY A 618 -1.92 -22.07 -65.90
N THR A 619 -0.87 -22.90 -65.88
CA THR A 619 -0.64 -23.89 -64.79
C THR A 619 0.01 -23.22 -63.58
N MET A 620 -0.50 -23.53 -62.39
CA MET A 620 0.01 -23.01 -61.11
C MET A 620 0.94 -24.07 -60.50
N TYR A 621 2.04 -23.60 -59.90
CA TYR A 621 3.02 -24.45 -59.17
C TYR A 621 3.27 -23.82 -57.78
N SER A 622 3.81 -24.63 -56.88
CA SER A 622 4.27 -24.20 -55.55
C SER A 622 5.66 -24.75 -55.27
N LEU A 623 6.51 -23.91 -54.68
CA LEU A 623 7.86 -24.26 -54.19
C LEU A 623 7.74 -24.39 -52.67
N ILE A 624 8.13 -25.53 -52.13
CA ILE A 624 8.11 -25.80 -50.66
C ILE A 624 9.53 -26.21 -50.28
N ILE A 625 10.06 -25.59 -49.22
CA ILE A 625 11.38 -25.94 -48.65
C ILE A 625 11.20 -26.09 -47.15
N ASN A 626 11.72 -27.19 -46.62
CA ASN A 626 11.75 -27.50 -45.18
C ASN A 626 13.16 -27.23 -44.67
N LYS A 627 13.31 -26.28 -43.76
CA LYS A 627 14.59 -25.87 -43.12
C LYS A 627 14.57 -26.25 -41.64
N SER A 628 13.52 -26.95 -41.16
CA SER A 628 13.44 -27.43 -39.75
C SER A 628 14.31 -28.68 -39.60
N ALA A 629 14.48 -29.13 -38.36
CA ALA A 629 15.27 -30.33 -37.99
C ALA A 629 14.48 -31.62 -38.27
N SER A 630 13.20 -31.55 -38.60
CA SER A 630 12.34 -32.76 -38.62
C SER A 630 11.42 -32.75 -39.85
N VAL A 631 10.96 -33.95 -40.23
CA VAL A 631 10.00 -34.15 -41.34
C VAL A 631 8.73 -33.35 -40.99
N GLN A 632 8.20 -32.59 -41.94
CA GLN A 632 6.97 -31.80 -41.72
C GLN A 632 5.90 -32.32 -42.66
N THR A 633 4.66 -32.35 -42.18
CA THR A 633 3.45 -32.55 -43.01
C THR A 633 2.76 -31.18 -43.09
N VAL A 634 2.82 -30.52 -44.25
CA VAL A 634 2.23 -29.17 -44.43
C VAL A 634 0.91 -29.36 -45.17
N ASP A 635 -0.17 -28.84 -44.59
CA ASP A 635 -1.52 -28.80 -45.20
C ASP A 635 -1.59 -27.52 -46.06
N ILE A 636 -1.56 -27.67 -47.38
CA ILE A 636 -1.69 -26.55 -48.34
C ILE A 636 -3.18 -26.33 -48.63
N VAL A 637 -3.64 -25.09 -48.54
CA VAL A 637 -5.05 -24.67 -48.78
C VAL A 637 -5.01 -23.38 -49.60
N GLY A 638 -6.14 -23.05 -50.24
CA GLY A 638 -6.28 -21.89 -51.15
C GLY A 638 -5.89 -22.29 -52.56
N GLY A 639 -6.31 -21.48 -53.54
CA GLY A 639 -6.32 -21.80 -54.97
C GLY A 639 -7.14 -23.05 -55.27
N LYS A 640 -6.87 -23.68 -56.41
CA LYS A 640 -7.56 -24.90 -56.89
C LYS A 640 -6.51 -25.88 -57.41
N GLY A 641 -6.79 -27.18 -57.32
CA GLY A 641 -6.01 -28.23 -58.00
C GLY A 641 -5.61 -29.33 -57.04
N LYS A 642 -5.19 -30.48 -57.56
CA LYS A 642 -4.60 -31.58 -56.76
C LYS A 642 -3.07 -31.49 -56.89
N ALA A 643 -2.36 -31.71 -55.78
CA ALA A 643 -0.87 -31.73 -55.72
C ALA A 643 -0.36 -32.92 -56.54
N PHE A 644 0.47 -32.64 -57.55
CA PHE A 644 1.39 -33.63 -58.18
C PHE A 644 2.83 -33.16 -57.94
N ILE A 645 3.65 -34.02 -57.34
CA ILE A 645 5.09 -33.70 -57.05
C ILE A 645 5.90 -33.84 -58.33
N LEU A 646 6.34 -32.71 -58.89
CA LEU A 646 7.11 -32.58 -60.15
C LEU A 646 8.62 -32.66 -59.85
N PHE A 647 9.04 -32.15 -58.67
CA PHE A 647 10.46 -32.12 -58.22
C PHE A 647 10.51 -32.34 -56.71
N ALA A 648 11.39 -33.24 -56.28
CA ALA A 648 11.64 -33.56 -54.87
C ALA A 648 12.99 -34.29 -54.79
N ASN A 649 13.94 -33.75 -54.02
CA ASN A 649 15.30 -34.33 -53.96
C ASN A 649 15.40 -35.31 -52.78
N LYS A 650 14.35 -35.52 -51.98
CA LYS A 650 14.39 -36.50 -50.86
C LYS A 650 13.05 -37.28 -50.76
N ASN A 651 12.44 -37.64 -51.89
CA ASN A 651 11.25 -38.55 -51.92
C ASN A 651 10.09 -38.01 -51.06
N ALA A 652 9.85 -36.69 -51.08
CA ALA A 652 8.60 -36.10 -50.58
C ALA A 652 7.41 -36.91 -51.14
N HIS A 653 6.31 -36.98 -50.41
CA HIS A 653 5.02 -37.57 -50.89
C HIS A 653 3.87 -36.69 -50.39
N SER A 654 2.75 -36.69 -51.10
CA SER A 654 1.54 -35.91 -50.74
C SER A 654 0.31 -36.83 -50.76
N THR A 655 -0.58 -36.64 -49.79
CA THR A 655 -1.91 -37.29 -49.70
C THR A 655 -2.92 -36.14 -49.76
N ALA A 656 -3.76 -36.10 -50.79
CA ALA A 656 -4.56 -34.91 -51.13
C ALA A 656 -3.56 -33.74 -51.20
N ASN A 657 -3.77 -32.69 -50.41
CA ASN A 657 -2.93 -31.47 -50.43
C ASN A 657 -2.14 -31.37 -49.12
N LYS A 658 -1.83 -32.51 -48.50
CA LYS A 658 -0.93 -32.61 -47.31
C LYS A 658 0.43 -33.10 -47.81
N LEU A 659 1.46 -32.25 -47.80
CA LEU A 659 2.83 -32.59 -48.30
C LEU A 659 3.72 -33.01 -47.13
N THR A 660 4.29 -34.22 -47.20
CA THR A 660 5.34 -34.70 -46.28
C THR A 660 6.70 -34.41 -46.94
N ILE A 661 7.50 -33.58 -46.28
CA ILE A 661 8.76 -32.99 -46.84
C ILE A 661 9.85 -33.12 -45.78
N SER A 662 11.01 -33.65 -46.18
CA SER A 662 12.15 -33.95 -45.26
C SER A 662 13.00 -32.71 -45.02
N PRO A 663 13.80 -32.69 -43.93
CA PRO A 663 14.71 -31.57 -43.66
C PRO A 663 15.60 -31.29 -44.87
N GLU A 664 15.64 -30.03 -45.34
CA GLU A 664 16.55 -29.51 -46.40
C GLU A 664 16.04 -29.91 -47.78
N GLU A 665 14.90 -30.58 -47.86
CA GLU A 665 14.29 -30.97 -49.16
C GLU A 665 13.64 -29.75 -49.81
N THR A 666 13.81 -29.62 -51.11
CA THR A 666 13.08 -28.70 -52.01
C THR A 666 12.04 -29.50 -52.82
N VAL A 667 10.79 -29.03 -52.84
CA VAL A 667 9.66 -29.69 -53.57
C VAL A 667 9.03 -28.66 -54.51
N ILE A 668 8.84 -29.03 -55.77
CA ILE A 668 7.92 -28.34 -56.71
C ILE A 668 6.67 -29.20 -56.86
N ILE A 669 5.52 -28.63 -56.47
CA ILE A 669 4.16 -29.16 -56.74
C ILE A 669 3.62 -28.48 -58.00
N LYS A 670 3.14 -29.29 -58.94
CA LYS A 670 2.28 -28.88 -60.07
C LYS A 670 0.83 -29.08 -59.62
N TRP A 671 0.00 -28.05 -59.74
CA TRP A 671 -1.45 -28.14 -59.39
C TRP A 671 -2.24 -28.60 -60.63
N LYS A 672 -2.79 -29.81 -60.58
CA LYS A 672 -3.71 -30.38 -61.60
C LYS A 672 -5.13 -29.95 -61.29
N GLY B 20 -14.75 -2.65 -26.28
CA GLY B 20 -16.11 -3.15 -25.93
C GLY B 20 -16.94 -2.16 -25.10
N PRO B 21 -18.27 -2.06 -25.34
CA PRO B 21 -19.17 -1.30 -24.46
C PRO B 21 -19.59 -2.00 -23.14
N ALA B 22 -19.47 -1.31 -22.01
CA ALA B 22 -19.97 -1.73 -20.67
C ALA B 22 -21.42 -2.23 -20.75
N GLU B 23 -21.71 -3.39 -20.16
CA GLU B 23 -23.09 -3.95 -20.10
C GLU B 23 -23.96 -3.04 -19.21
N ARG B 24 -25.12 -2.64 -19.71
CA ARG B 24 -26.10 -1.76 -19.02
C ARG B 24 -27.20 -2.66 -18.47
N ILE B 25 -27.55 -2.51 -17.19
CA ILE B 25 -28.61 -3.36 -16.54
C ILE B 25 -29.94 -2.98 -17.17
N SER B 26 -30.83 -3.95 -17.35
CA SER B 26 -32.19 -3.73 -17.90
C SER B 26 -33.17 -4.64 -17.16
N LYS B 27 -34.47 -4.41 -17.39
CA LYS B 27 -35.57 -5.26 -16.88
C LYS B 27 -35.44 -6.68 -17.43
N GLN B 28 -34.57 -6.91 -18.43
CA GLN B 28 -34.36 -8.23 -19.08
C GLN B 28 -33.05 -8.89 -18.61
N SER B 29 -32.24 -8.20 -17.81
CA SER B 29 -30.94 -8.75 -17.34
C SER B 29 -31.17 -10.04 -16.56
N THR B 30 -30.20 -10.95 -16.64
CA THR B 30 -30.14 -12.20 -15.85
C THR B 30 -29.84 -11.78 -14.41
N PRO B 31 -30.67 -12.16 -13.43
CA PRO B 31 -30.39 -11.82 -12.04
C PRO B 31 -29.12 -12.55 -11.58
N PHE B 32 -28.38 -11.94 -10.65
CA PHE B 32 -27.16 -12.51 -10.04
C PHE B 32 -27.26 -12.56 -8.53
N VAL B 33 -26.53 -13.52 -7.95
CA VAL B 33 -26.14 -13.53 -6.52
C VAL B 33 -24.72 -12.97 -6.45
N GLY B 34 -24.45 -12.12 -5.45
CA GLY B 34 -23.15 -11.49 -5.23
C GLY B 34 -22.91 -11.20 -3.78
N ALA B 35 -21.77 -10.59 -3.47
CA ALA B 35 -21.35 -10.34 -2.07
C ALA B 35 -20.36 -9.19 -2.06
N GLN B 36 -20.38 -8.41 -0.99
CA GLN B 36 -19.35 -7.40 -0.69
C GLN B 36 -18.02 -8.14 -0.57
N ILE B 37 -16.99 -7.64 -1.25
CA ILE B 37 -15.58 -8.03 -0.98
C ILE B 37 -15.00 -6.85 -0.22
N PHE B 38 -14.67 -7.08 1.06
CA PHE B 38 -14.17 -6.00 1.94
C PHE B 38 -12.65 -5.90 1.76
N ILE B 39 -12.20 -4.77 1.22
CA ILE B 39 -10.77 -4.49 0.92
C ILE B 39 -10.29 -3.41 1.88
N GLU B 40 -9.25 -3.72 2.64
CA GLU B 40 -8.56 -2.74 3.54
C GLU B 40 -7.08 -3.09 3.54
N PRO B 41 -6.18 -2.16 3.94
CA PRO B 41 -4.77 -2.47 4.06
C PRO B 41 -4.56 -3.63 5.04
N GLY B 42 -3.47 -4.39 4.82
CA GLY B 42 -3.03 -5.52 5.65
C GLY B 42 -3.33 -6.84 4.99
N GLN B 43 -4.33 -6.90 4.12
CA GLN B 43 -4.73 -8.16 3.43
C GLN B 43 -3.62 -8.57 2.46
N THR B 44 -3.40 -9.88 2.25
CA THR B 44 -2.43 -10.42 1.27
C THR B 44 -3.13 -10.76 -0.06
N GLN B 45 -2.39 -10.68 -1.16
CA GLN B 45 -2.78 -11.16 -2.53
C GLN B 45 -3.42 -12.55 -2.41
N GLU B 46 -2.83 -13.44 -1.62
CA GLU B 46 -3.23 -14.87 -1.52
C GLU B 46 -4.64 -14.94 -0.90
N GLN B 47 -4.92 -14.18 0.17
CA GLN B 47 -6.26 -14.16 0.82
C GLN B 47 -7.27 -13.57 -0.17
N ILE B 48 -6.95 -12.44 -0.82
CA ILE B 48 -7.93 -11.77 -1.71
C ILE B 48 -8.31 -12.72 -2.85
N GLU B 49 -7.32 -13.37 -3.45
CA GLU B 49 -7.53 -14.29 -4.59
C GLU B 49 -8.40 -15.47 -4.13
N GLN B 50 -8.12 -16.00 -2.94
CA GLN B 50 -8.90 -17.11 -2.33
C GLN B 50 -10.38 -16.68 -2.19
N TRP B 51 -10.66 -15.40 -1.90
CA TRP B 51 -12.07 -14.92 -1.75
C TRP B 51 -12.74 -14.97 -3.13
N PHE B 52 -12.12 -14.36 -4.15
CA PHE B 52 -12.69 -14.29 -5.53
C PHE B 52 -12.86 -15.69 -6.12
N LYS B 53 -11.90 -16.58 -5.87
CA LYS B 53 -11.96 -17.99 -6.34
C LYS B 53 -13.22 -18.63 -5.76
N LEU B 54 -13.39 -18.57 -4.43
CA LEU B 54 -14.56 -19.20 -3.75
C LEU B 54 -15.86 -18.48 -4.16
N LEU B 55 -15.79 -17.17 -4.37
CA LEU B 55 -16.97 -16.38 -4.81
C LEU B 55 -17.43 -16.92 -6.17
N ALA B 56 -16.49 -17.09 -7.12
CA ALA B 56 -16.76 -17.66 -8.47
C ALA B 56 -17.33 -19.08 -8.34
N GLU B 57 -16.73 -19.93 -7.49
CA GLU B 57 -17.18 -21.33 -7.32
C GLU B 57 -18.53 -21.42 -6.61
N SER B 58 -19.00 -20.34 -5.99
CA SER B 58 -20.29 -20.29 -5.27
C SER B 58 -21.38 -19.72 -6.20
N ASN B 59 -21.12 -19.66 -7.50
CA ASN B 59 -22.10 -19.29 -8.56
C ASN B 59 -22.49 -17.82 -8.37
N MET B 60 -21.58 -17.03 -7.81
CA MET B 60 -21.73 -15.57 -7.69
C MET B 60 -20.91 -14.93 -8.81
N THR B 61 -21.51 -13.92 -9.43
CA THR B 61 -21.12 -13.25 -10.68
C THR B 61 -20.56 -11.87 -10.32
N THR B 62 -20.94 -11.34 -9.16
CA THR B 62 -20.80 -9.90 -8.84
C THR B 62 -20.27 -9.73 -7.43
N CYS B 63 -19.49 -8.69 -7.23
CA CYS B 63 -19.05 -8.24 -5.89
C CYS B 63 -19.33 -6.76 -5.81
N ARG B 64 -19.26 -6.22 -4.61
CA ARG B 64 -19.32 -4.76 -4.39
C ARG B 64 -18.12 -4.41 -3.53
N ILE B 65 -17.48 -3.31 -3.87
CA ILE B 65 -16.23 -2.89 -3.21
C ILE B 65 -16.42 -1.43 -2.80
N ARG B 66 -16.19 -1.18 -1.51
CA ARG B 66 -16.12 0.18 -0.96
C ARG B 66 -14.78 0.79 -1.36
N MET B 67 -14.81 1.82 -2.21
CA MET B 67 -13.59 2.47 -2.78
C MET B 67 -13.07 3.51 -1.78
N PHE B 68 -12.67 3.06 -0.59
CA PHE B 68 -12.23 3.92 0.54
C PHE B 68 -11.20 4.95 0.09
N GLY B 69 -11.59 6.21 0.02
CA GLY B 69 -10.69 7.35 -0.13
C GLY B 69 -9.54 7.28 0.86
N LYS B 70 -9.82 6.85 2.09
CA LYS B 70 -8.79 6.74 3.16
C LYS B 70 -7.65 5.83 2.69
N TYR B 71 -7.92 4.76 1.95
CA TYR B 71 -6.91 3.73 1.61
C TYR B 71 -6.31 4.00 0.23
N MET B 72 -6.54 5.18 -0.34
CA MET B 72 -5.96 5.60 -1.64
C MET B 72 -5.27 6.97 -1.52
N LYS B 73 -5.82 7.86 -0.72
CA LYS B 73 -5.30 9.27 -0.61
C LYS B 73 -3.99 9.21 0.19
N THR B 74 -2.94 9.85 -0.33
CA THR B 74 -1.60 9.98 0.30
C THR B 74 -1.55 11.29 1.08
N PRO B 75 -0.62 11.45 2.03
CA PRO B 75 -0.50 12.70 2.80
C PRO B 75 -0.47 13.98 1.95
N SER B 76 0.09 13.95 0.73
CA SER B 76 0.08 15.12 -0.19
C SER B 76 -1.27 15.27 -0.92
N GLY B 77 -2.16 14.30 -0.83
CA GLY B 77 -3.49 14.37 -1.50
C GLY B 77 -3.50 13.71 -2.88
N THR B 78 -2.36 13.22 -3.37
CA THR B 78 -2.29 12.36 -4.59
C THR B 78 -2.99 11.03 -4.30
N TYR B 79 -3.58 10.39 -5.31
CA TYR B 79 -4.28 9.08 -5.18
C TYR B 79 -3.30 8.00 -5.64
N ASP B 80 -3.05 7.00 -4.80
CA ASP B 80 -2.43 5.70 -5.17
C ASP B 80 -3.54 4.64 -5.15
N PHE B 81 -3.81 4.01 -6.29
CA PHE B 81 -4.98 3.13 -6.54
C PHE B 81 -4.66 1.66 -6.31
N THR B 82 -3.40 1.38 -5.95
CA THR B 82 -2.81 0.02 -5.87
C THR B 82 -3.74 -0.97 -5.15
N LEU B 83 -4.25 -0.59 -3.98
CA LEU B 83 -5.00 -1.54 -3.11
C LEU B 83 -6.23 -2.03 -3.88
N PHE B 84 -6.88 -1.13 -4.61
CA PHE B 84 -8.15 -1.43 -5.34
C PHE B 84 -7.85 -2.03 -6.72
N ASP B 85 -6.77 -1.56 -7.39
CA ASP B 85 -6.27 -2.21 -8.64
C ASP B 85 -6.14 -3.72 -8.37
N ARG B 86 -5.44 -4.09 -7.30
CA ARG B 86 -5.19 -5.49 -6.91
C ARG B 86 -6.51 -6.26 -6.85
N ALA B 87 -7.55 -5.67 -6.25
CA ALA B 87 -8.87 -6.33 -6.06
C ALA B 87 -9.60 -6.41 -7.40
N PHE B 88 -9.63 -5.31 -8.17
CA PHE B 88 -10.31 -5.23 -9.48
C PHE B 88 -9.71 -6.28 -10.42
N LYS B 89 -8.38 -6.38 -10.47
CA LYS B 89 -7.64 -7.32 -11.35
C LYS B 89 -7.95 -8.77 -10.95
N LEU B 90 -7.98 -9.07 -9.64
CA LEU B 90 -8.37 -10.44 -9.17
C LEU B 90 -9.85 -10.67 -9.49
N ALA B 91 -10.72 -9.66 -9.40
CA ALA B 91 -12.14 -9.83 -9.75
C ALA B 91 -12.21 -10.21 -11.23
N ASP B 92 -11.49 -9.45 -12.06
CA ASP B 92 -11.45 -9.63 -13.53
C ASP B 92 -10.96 -11.07 -13.85
N LYS B 93 -9.86 -11.49 -13.23
CA LYS B 93 -9.27 -12.83 -13.44
C LYS B 93 -10.35 -13.92 -13.24
N TYR B 94 -11.27 -13.74 -12.28
CA TYR B 94 -12.31 -14.75 -11.97
C TYR B 94 -13.66 -14.37 -12.60
N HIS B 95 -13.66 -13.41 -13.55
CA HIS B 95 -14.85 -13.01 -14.34
C HIS B 95 -15.94 -12.49 -13.38
N ILE B 96 -15.54 -11.73 -12.36
CA ILE B 96 -16.45 -11.12 -11.35
C ILE B 96 -16.62 -9.65 -11.70
N LYS B 97 -17.86 -9.20 -11.93
CA LYS B 97 -18.11 -7.75 -12.17
C LYS B 97 -18.22 -7.04 -10.81
N VAL B 98 -18.02 -5.74 -10.80
CA VAL B 98 -17.80 -4.94 -9.56
C VAL B 98 -18.81 -3.80 -9.53
N TYR B 99 -19.61 -3.77 -8.46
CA TYR B 99 -20.30 -2.53 -7.99
C TYR B 99 -19.28 -1.73 -7.16
N ALA B 100 -18.90 -0.56 -7.63
CA ALA B 100 -17.89 0.29 -6.97
C ALA B 100 -18.60 1.42 -6.22
N THR B 101 -18.46 1.43 -4.89
CA THR B 101 -19.12 2.44 -4.03
C THR B 101 -18.18 3.62 -3.84
N LEU B 102 -18.63 4.80 -4.27
CA LEU B 102 -17.95 6.07 -4.00
C LEU B 102 -18.01 6.31 -2.50
N PHE B 103 -16.86 6.32 -1.85
CA PHE B 103 -16.74 6.40 -0.37
C PHE B 103 -15.54 7.28 -0.06
N PRO B 104 -15.68 8.61 -0.07
CA PRO B 104 -14.58 9.51 0.21
C PRO B 104 -13.95 9.27 1.60
N ASP B 105 -12.78 9.87 1.79
CA ASP B 105 -12.01 9.81 3.05
C ASP B 105 -12.94 10.19 4.18
N THR B 106 -12.90 9.41 5.26
CA THR B 106 -13.74 9.61 6.47
C THR B 106 -13.09 8.89 7.65
N GLU B 107 -13.52 9.22 8.86
CA GLU B 107 -13.07 8.58 10.13
C GLU B 107 -13.15 7.06 9.93
N PHE B 108 -12.16 6.32 10.40
CA PHE B 108 -12.15 4.83 10.41
C PHE B 108 -13.42 4.33 11.15
N THR B 109 -13.86 5.03 12.21
CA THR B 109 -15.01 4.62 13.08
C THR B 109 -16.37 4.85 12.38
N ASP B 110 -16.40 5.55 11.24
CA ASP B 110 -17.62 5.81 10.43
C ASP B 110 -17.91 4.58 9.55
N VAL B 111 -18.75 3.67 10.05
CA VAL B 111 -19.06 2.36 9.41
C VAL B 111 -19.85 2.58 8.11
N GLY B 112 -20.86 3.45 8.13
CA GLY B 112 -21.83 3.58 7.04
C GLY B 112 -21.47 4.67 6.03
N GLY B 113 -20.63 5.62 6.45
CA GLY B 113 -20.21 6.79 5.65
C GLY B 113 -21.06 8.01 5.93
N PHE B 114 -20.48 9.19 5.76
CA PHE B 114 -21.19 10.50 5.79
C PHE B 114 -22.19 10.56 4.63
N LYS B 115 -23.28 11.29 4.88
CA LYS B 115 -24.48 11.31 4.00
C LYS B 115 -24.52 12.58 3.14
N PHE B 116 -23.79 13.61 3.58
CA PHE B 116 -23.72 14.96 2.96
C PHE B 116 -22.38 15.58 3.29
N PRO B 117 -21.87 16.49 2.44
CA PRO B 117 -20.63 17.21 2.74
C PRO B 117 -20.75 17.98 4.07
N HIS B 118 -19.69 18.04 4.86
CA HIS B 118 -19.59 18.79 6.15
C HIS B 118 -19.53 20.30 5.85
N SER B 119 -18.93 20.69 4.72
CA SER B 119 -18.56 22.09 4.35
C SER B 119 -18.32 22.21 2.84
N ARG B 120 -18.28 23.43 2.32
CA ARG B 120 -17.93 23.74 0.91
C ARG B 120 -16.56 23.13 0.59
N GLU B 121 -15.62 23.20 1.54
CA GLU B 121 -14.24 22.67 1.38
C GLU B 121 -14.30 21.15 1.28
N HIS B 122 -15.14 20.51 2.11
CA HIS B 122 -15.34 19.04 2.04
C HIS B 122 -15.98 18.68 0.70
N GLN B 123 -16.92 19.47 0.19
CA GLN B 123 -17.55 19.22 -1.12
C GLN B 123 -16.45 19.18 -2.20
N LYS B 124 -15.47 20.08 -2.12
CA LYS B 124 -14.36 20.14 -3.13
C LYS B 124 -13.50 18.89 -2.97
N GLU B 125 -13.27 18.39 -1.76
CA GLU B 125 -12.50 17.12 -1.55
C GLU B 125 -13.27 15.97 -2.20
N VAL B 126 -14.59 15.95 -2.10
CA VAL B 126 -15.43 14.87 -2.68
C VAL B 126 -15.32 14.95 -4.22
N GLU B 127 -15.38 16.17 -4.78
CA GLU B 127 -15.19 16.44 -6.25
C GLU B 127 -13.87 15.85 -6.71
N ASP B 128 -12.80 16.13 -5.97
CA ASP B 128 -11.43 15.65 -6.28
C ASP B 128 -11.40 14.12 -6.15
N TYR B 129 -12.06 13.56 -5.13
CA TYR B 129 -12.11 12.09 -4.92
C TYR B 129 -12.78 11.46 -6.14
N ILE B 130 -13.91 12.01 -6.58
CA ILE B 130 -14.72 11.43 -7.68
C ILE B 130 -13.91 11.51 -8.98
N LYS B 131 -13.32 12.67 -9.28
CA LYS B 131 -12.46 12.87 -10.46
C LYS B 131 -11.45 11.72 -10.52
N ASN B 132 -10.66 11.58 -9.46
CA ASN B 132 -9.54 10.63 -9.42
C ASN B 132 -10.07 9.20 -9.56
N VAL B 133 -11.07 8.81 -8.77
CA VAL B 133 -11.49 7.38 -8.64
C VAL B 133 -12.27 6.96 -9.89
N VAL B 134 -13.16 7.81 -10.39
CA VAL B 134 -13.99 7.46 -11.57
C VAL B 134 -13.10 7.45 -12.81
N SER B 135 -12.22 8.44 -12.99
CA SER B 135 -11.30 8.52 -14.15
C SER B 135 -10.49 7.22 -14.21
N HIS B 136 -9.96 6.76 -13.08
CA HIS B 136 -9.12 5.54 -13.05
C HIS B 136 -9.97 4.28 -13.28
N PHE B 137 -10.97 4.01 -12.42
CA PHE B 137 -11.59 2.66 -12.32
C PHE B 137 -12.66 2.47 -13.41
N SER B 138 -13.14 3.55 -14.03
CA SER B 138 -14.01 3.49 -15.25
C SER B 138 -13.33 2.66 -16.35
N GLN B 139 -12.00 2.62 -16.35
CA GLN B 139 -11.19 1.96 -17.41
C GLN B 139 -11.24 0.44 -17.26
N TYR B 140 -11.71 -0.13 -16.14
CA TYR B 140 -11.76 -1.61 -15.95
C TYR B 140 -13.00 -2.17 -16.66
N LYS B 141 -12.81 -3.23 -17.43
CA LYS B 141 -13.88 -3.84 -18.25
C LYS B 141 -14.85 -4.60 -17.33
N ASN B 142 -14.47 -4.92 -16.10
CA ASN B 142 -15.35 -5.70 -15.17
C ASN B 142 -16.11 -4.75 -14.20
N LEU B 143 -16.04 -3.43 -14.41
CA LEU B 143 -16.86 -2.44 -13.64
C LEU B 143 -18.30 -2.51 -14.14
N ALA B 144 -19.23 -2.93 -13.26
CA ALA B 144 -20.67 -3.07 -13.57
C ALA B 144 -21.43 -1.78 -13.22
N ALA B 145 -21.06 -1.07 -12.16
CA ALA B 145 -21.88 0.06 -11.66
C ALA B 145 -21.09 0.92 -10.67
N TRP B 146 -21.38 2.22 -10.67
CA TRP B 146 -21.01 3.18 -9.60
C TRP B 146 -22.17 3.28 -8.60
N VAL B 147 -21.93 2.92 -7.34
CA VAL B 147 -22.87 3.24 -6.23
C VAL B 147 -22.48 4.64 -5.76
N LEU B 148 -23.36 5.63 -6.00
CA LEU B 148 -23.08 7.07 -5.84
C LEU B 148 -22.70 7.37 -4.39
N ILE B 149 -23.39 6.71 -3.46
CA ILE B 149 -23.19 6.88 -2.00
C ILE B 149 -23.71 5.61 -1.33
N ASN B 150 -23.01 5.15 -0.29
CA ASN B 150 -23.53 4.01 0.51
C ASN B 150 -24.67 4.52 1.39
N GLU B 151 -25.86 3.95 1.23
CA GLU B 151 -27.00 4.13 2.18
C GLU B 151 -27.28 5.61 2.36
N PRO B 152 -27.79 6.28 1.31
CA PRO B 152 -28.23 7.67 1.46
C PRO B 152 -29.35 7.73 2.50
N GLY B 153 -29.37 8.82 3.27
CA GLY B 153 -30.42 9.04 4.28
C GLY B 153 -29.90 8.78 5.68
N THR B 154 -30.20 9.66 6.61
CA THR B 154 -29.90 9.44 8.04
C THR B 154 -31.09 9.90 8.88
N PRO B 155 -31.42 9.16 9.96
CA PRO B 155 -32.39 9.68 10.93
C PRO B 155 -31.94 11.05 11.46
N ASN B 156 -30.66 11.17 11.87
CA ASN B 156 -30.06 12.37 12.53
C ASN B 156 -29.34 13.26 11.52
N LEU B 157 -30.04 14.16 10.84
CA LEU B 157 -29.45 15.00 9.76
C LEU B 157 -28.57 16.07 10.35
N PRO B 158 -27.37 16.32 9.78
CA PRO B 158 -26.41 17.25 10.38
C PRO B 158 -26.77 18.73 10.15
N PHE B 159 -27.83 19.22 10.79
CA PHE B 159 -28.27 20.65 10.76
C PHE B 159 -27.25 21.54 11.46
N ASN B 160 -26.43 20.96 12.34
CA ASN B 160 -25.33 21.64 13.08
C ASN B 160 -24.17 22.01 12.14
N GLU B 161 -23.90 21.20 11.10
CA GLU B 161 -22.78 21.39 10.13
C GLU B 161 -23.07 22.57 9.22
N PRO B 162 -22.05 23.38 8.85
CA PRO B 162 -22.27 24.59 8.04
C PRO B 162 -22.83 24.36 6.64
N PHE B 163 -22.48 23.26 5.97
CA PHE B 163 -22.96 22.99 4.60
C PHE B 163 -24.47 22.78 4.62
N THR B 164 -24.98 21.88 5.47
CA THR B 164 -26.45 21.64 5.63
C THR B 164 -27.17 22.90 6.12
N LYS B 165 -26.62 23.56 7.15
CA LYS B 165 -27.21 24.79 7.75
C LYS B 165 -27.44 25.85 6.66
N GLU B 166 -26.44 26.09 5.81
CA GLU B 166 -26.51 27.10 4.72
C GLU B 166 -27.53 26.67 3.66
N ARG B 167 -27.50 25.40 3.25
CA ARG B 167 -28.43 24.84 2.25
C ARG B 167 -29.86 25.04 2.74
N PHE B 168 -30.13 24.76 4.02
CA PHE B 168 -31.48 24.89 4.63
C PHE B 168 -31.91 26.35 4.61
N SER B 169 -31.03 27.25 5.06
CA SER B 169 -31.23 28.73 5.01
C SER B 169 -31.59 29.17 3.59
N ASP B 170 -30.78 28.82 2.59
CA ASP B 170 -31.00 29.16 1.16
C ASP B 170 -32.37 28.63 0.70
N TRP B 171 -32.60 27.35 0.91
CA TRP B 171 -33.87 26.65 0.54
C TRP B 171 -35.07 27.42 1.14
N LYS B 172 -34.98 27.84 2.41
CA LYS B 172 -36.08 28.56 3.12
C LYS B 172 -36.34 29.91 2.44
N LYS B 173 -35.29 30.65 2.08
CA LYS B 173 -35.38 31.98 1.41
C LYS B 173 -35.96 31.81 -0.02
N GLU B 174 -35.81 30.66 -0.64
CA GLU B 174 -36.31 30.40 -2.02
C GLU B 174 -37.76 29.89 -1.99
N HIS B 175 -38.34 29.67 -0.81
CA HIS B 175 -39.74 29.17 -0.66
C HIS B 175 -40.57 30.22 0.09
N ASN B 176 -41.80 30.48 -0.37
CA ASN B 176 -42.75 31.41 0.27
C ASN B 176 -43.77 30.54 1.00
N PHE B 177 -43.72 30.53 2.33
CA PHE B 177 -44.67 29.77 3.19
C PHE B 177 -45.52 30.77 3.98
N SER B 178 -46.82 30.53 4.02
CA SER B 178 -47.76 31.33 4.84
C SER B 178 -48.03 30.59 6.16
N GLU B 179 -48.26 31.34 7.24
CA GLU B 179 -48.61 30.78 8.57
C GLU B 179 -50.09 30.39 8.61
N TYR B 180 -50.90 30.75 7.61
CA TYR B 180 -52.35 30.44 7.58
C TYR B 180 -52.71 29.79 6.23
N ASN B 181 -53.72 28.92 6.20
CA ASN B 181 -54.23 28.30 4.94
C ASN B 181 -55.23 29.27 4.29
N GLU B 182 -55.85 28.88 3.19
CA GLU B 182 -56.76 29.77 2.40
C GLU B 182 -57.96 30.16 3.26
N LYS B 183 -58.52 29.23 4.06
CA LYS B 183 -59.70 29.49 4.92
C LYS B 183 -59.33 30.36 6.13
N GLY B 184 -58.03 30.57 6.41
CA GLY B 184 -57.54 31.43 7.50
C GLY B 184 -57.00 30.67 8.72
N TYR B 185 -57.05 29.34 8.71
CA TYR B 185 -56.62 28.50 9.88
C TYR B 185 -55.11 28.48 9.97
N PRO B 186 -54.51 28.43 11.20
CA PRO B 186 -53.09 28.22 11.38
C PRO B 186 -52.64 26.90 10.74
N VAL B 187 -51.40 26.86 10.24
CA VAL B 187 -50.83 25.68 9.52
C VAL B 187 -49.40 25.41 10.01
N LEU B 188 -48.96 24.16 9.93
CA LEU B 188 -47.53 23.79 9.91
C LEU B 188 -47.13 23.61 8.44
N ASN B 189 -45.89 23.93 8.07
CA ASN B 189 -45.45 23.84 6.66
C ASN B 189 -44.37 22.78 6.46
N PHE B 190 -43.82 22.18 7.51
CA PHE B 190 -42.87 21.04 7.43
C PHE B 190 -41.72 21.43 6.49
N GLU B 191 -41.18 22.62 6.72
CA GLU B 191 -40.05 23.18 5.95
C GLU B 191 -38.87 22.19 6.02
N LYS B 192 -38.53 21.74 7.23
CA LYS B 192 -37.40 20.79 7.46
C LYS B 192 -37.60 19.55 6.58
N GLU B 193 -38.78 18.94 6.63
CA GLU B 193 -39.05 17.63 5.98
C GLU B 193 -38.98 17.80 4.45
N ASN B 194 -39.52 18.90 3.93
CA ASN B 194 -39.57 19.18 2.48
C ASN B 194 -38.16 19.53 1.99
N PHE B 195 -37.40 20.32 2.76
CA PHE B 195 -35.97 20.58 2.48
C PHE B 195 -35.21 19.25 2.41
N ILE B 196 -35.43 18.34 3.35
CA ILE B 196 -34.65 17.06 3.46
C ILE B 196 -34.88 16.24 2.20
N ILE B 197 -36.13 16.16 1.71
CA ILE B 197 -36.42 15.48 0.41
C ILE B 197 -35.57 16.12 -0.68
N ASP B 198 -35.66 17.45 -0.82
CA ASP B 198 -34.99 18.22 -1.90
C ASP B 198 -33.48 18.08 -1.75
N TYR B 199 -32.98 18.05 -0.52
CA TYR B 199 -31.53 17.97 -0.21
C TYR B 199 -30.97 16.61 -0.66
N HIS B 200 -31.67 15.51 -0.36
CA HIS B 200 -31.30 14.15 -0.82
C HIS B 200 -31.34 14.14 -2.35
N ASN B 201 -32.42 14.64 -2.95
CA ASN B 201 -32.54 14.75 -4.42
C ASN B 201 -31.30 15.48 -4.96
N TRP B 202 -30.97 16.62 -4.38
CA TRP B 202 -29.90 17.52 -4.88
C TRP B 202 -28.55 16.79 -4.79
N TYR B 203 -28.20 16.24 -3.63
CA TYR B 203 -26.82 15.70 -3.41
C TYR B 203 -26.63 14.47 -4.29
N LEU B 204 -27.62 13.57 -4.36
CA LEU B 204 -27.51 12.35 -5.20
C LEU B 204 -27.41 12.76 -6.68
N ASN B 205 -28.20 13.73 -7.12
CA ASN B 205 -28.19 14.25 -8.52
C ASN B 205 -26.78 14.83 -8.79
N TRP B 206 -26.24 15.57 -7.84
CA TRP B 206 -24.88 16.19 -7.96
C TRP B 206 -23.82 15.09 -8.06
N LEU B 207 -23.90 14.04 -7.22
CA LEU B 207 -22.98 12.88 -7.29
C LEU B 207 -23.08 12.24 -8.68
N ALA B 208 -24.29 12.03 -9.20
CA ALA B 208 -24.53 11.46 -10.55
C ALA B 208 -23.83 12.35 -11.60
N ASN B 209 -24.02 13.66 -11.51
CA ASN B 209 -23.41 14.65 -12.47
C ASN B 209 -21.88 14.57 -12.35
N GLN B 210 -21.35 14.49 -11.14
CA GLN B 210 -19.87 14.42 -10.92
C GLN B 210 -19.33 13.17 -11.61
N VAL B 211 -19.95 12.00 -11.39
CA VAL B 211 -19.51 10.74 -12.04
C VAL B 211 -19.59 10.93 -13.56
N ARG B 212 -20.65 11.56 -14.05
CA ARG B 212 -20.94 11.68 -15.51
C ARG B 212 -19.91 12.64 -16.17
N LEU B 213 -19.19 13.47 -15.41
CA LEU B 213 -18.10 14.32 -15.95
C LEU B 213 -16.98 13.42 -16.49
N TYR B 214 -16.81 12.20 -15.97
CA TYR B 214 -15.63 11.35 -16.22
C TYR B 214 -16.03 9.99 -16.79
N ASP B 215 -17.28 9.57 -16.64
CA ASP B 215 -17.73 8.23 -17.09
C ASP B 215 -19.21 8.32 -17.45
N LYS B 216 -19.52 8.12 -18.73
CA LYS B 216 -20.90 8.15 -19.26
C LYS B 216 -21.31 6.72 -19.65
N GLN B 217 -20.49 5.72 -19.33
CA GLN B 217 -20.66 4.34 -19.84
C GLN B 217 -21.38 3.47 -18.79
N HIS B 218 -21.14 3.67 -17.49
CA HIS B 218 -21.55 2.68 -16.46
C HIS B 218 -22.83 3.10 -15.72
N ASP B 219 -23.59 2.09 -15.31
CA ASP B 219 -24.81 2.21 -14.48
C ASP B 219 -24.51 3.00 -13.19
N LEU B 220 -25.38 3.97 -12.89
CA LEU B 220 -25.44 4.67 -11.58
C LEU B 220 -26.50 3.98 -10.72
N HIS B 221 -26.13 3.70 -9.48
CA HIS B 221 -26.89 2.90 -8.49
C HIS B 221 -26.79 3.59 -7.13
N VAL B 222 -27.79 3.39 -6.28
CA VAL B 222 -27.78 3.87 -4.88
C VAL B 222 -28.63 2.91 -4.05
N ASN B 223 -28.30 2.71 -2.76
CA ASN B 223 -29.01 1.72 -1.90
C ASN B 223 -29.70 2.45 -0.74
N PRO B 224 -30.94 2.96 -0.91
CA PRO B 224 -31.72 3.44 0.22
C PRO B 224 -31.86 2.32 1.25
N HIS B 225 -31.93 2.68 2.53
CA HIS B 225 -31.85 1.71 3.65
C HIS B 225 -32.91 2.01 4.72
N ASN B 226 -33.15 1.04 5.58
CA ASN B 226 -34.03 1.21 6.76
C ASN B 226 -35.33 1.85 6.29
N VAL B 227 -35.92 1.30 5.22
CA VAL B 227 -36.97 1.99 4.43
C VAL B 227 -38.25 2.14 5.27
N PHE B 228 -38.49 1.29 6.25
CA PHE B 228 -39.73 1.39 7.07
C PHE B 228 -39.59 2.58 8.03
N LYS B 229 -38.39 3.14 8.21
CA LYS B 229 -38.20 4.37 9.03
C LYS B 229 -37.81 5.56 8.14
N LEU B 230 -37.04 5.36 7.06
CA LEU B 230 -36.39 6.48 6.32
C LEU B 230 -37.11 6.79 5.00
N SER B 231 -38.21 6.12 4.68
CA SER B 231 -38.97 6.35 3.41
C SER B 231 -39.42 7.82 3.31
N GLY B 232 -39.53 8.52 4.45
CA GLY B 232 -39.93 9.94 4.49
C GLY B 232 -38.82 10.87 4.00
N LEU B 233 -37.61 10.33 3.78
CA LEU B 233 -36.42 11.05 3.25
C LEU B 233 -36.30 10.89 1.72
N TYR B 234 -37.03 9.93 1.14
CA TYR B 234 -36.76 9.34 -0.20
C TYR B 234 -37.86 9.74 -1.21
N ASP B 235 -37.46 10.50 -2.23
CA ASP B 235 -38.30 10.85 -3.41
C ASP B 235 -37.82 10.00 -4.59
N PHE B 236 -38.31 8.74 -4.67
CA PHE B 236 -37.80 7.75 -5.64
C PHE B 236 -38.12 8.20 -7.06
N PRO B 237 -39.34 8.71 -7.36
CA PRO B 237 -39.62 9.28 -8.67
C PRO B 237 -38.53 10.25 -9.16
N THR B 238 -38.10 11.21 -8.34
CA THR B 238 -37.01 12.13 -8.76
C THR B 238 -35.72 11.35 -9.00
N TRP B 239 -35.42 10.33 -8.18
CA TRP B 239 -34.13 9.60 -8.26
C TRP B 239 -34.00 8.87 -9.60
N ARG B 240 -35.12 8.35 -10.11
CA ARG B 240 -35.21 7.68 -11.44
C ARG B 240 -34.54 8.54 -12.52
N THR B 241 -34.67 9.86 -12.41
CA THR B 241 -34.12 10.91 -13.33
C THR B 241 -32.61 10.79 -13.53
N PHE B 242 -31.84 10.28 -12.57
CA PHE B 242 -30.36 10.27 -12.66
C PHE B 242 -29.80 8.88 -12.36
N LEU B 243 -30.62 7.88 -12.06
CA LEU B 243 -30.14 6.49 -11.79
C LEU B 243 -30.40 5.62 -13.02
N ASN B 244 -29.67 4.52 -13.14
CA ASN B 244 -29.95 3.43 -14.10
C ASN B 244 -30.57 2.25 -13.35
N SER B 245 -30.31 2.10 -12.05
CA SER B 245 -30.98 1.07 -11.21
C SER B 245 -31.18 1.62 -9.79
N LEU B 246 -32.24 1.16 -9.13
CA LEU B 246 -32.48 1.45 -7.69
C LEU B 246 -32.01 0.24 -6.90
N GLY B 247 -31.25 0.49 -5.83
CA GLY B 247 -30.78 -0.54 -4.90
C GLY B 247 -31.57 -0.49 -3.61
N GLY B 248 -31.00 -1.12 -2.59
CA GLY B 248 -31.60 -1.25 -1.26
C GLY B 248 -30.67 -2.02 -0.34
N SER B 249 -30.56 -1.56 0.91
CA SER B 249 -30.10 -2.36 2.06
C SER B 249 -31.35 -2.88 2.78
N ALA B 250 -31.42 -4.18 3.00
CA ALA B 250 -32.48 -4.86 3.76
C ALA B 250 -31.82 -5.88 4.67
N HIS B 251 -31.34 -5.42 5.82
CA HIS B 251 -30.61 -6.19 6.85
C HIS B 251 -31.58 -6.63 7.95
N ALA B 252 -31.67 -7.93 8.18
CA ALA B 252 -32.49 -8.55 9.24
C ALA B 252 -32.12 -7.93 10.59
N SER B 253 -30.86 -7.57 10.82
CA SER B 253 -30.38 -7.08 12.15
C SER B 253 -30.58 -5.57 12.31
N TRP B 254 -30.88 -4.81 11.25
CA TRP B 254 -30.99 -3.33 11.33
C TRP B 254 -32.39 -2.83 11.00
N HIS B 255 -33.09 -3.45 10.06
CA HIS B 255 -34.19 -2.79 9.32
C HIS B 255 -35.56 -3.39 9.64
N PHE B 256 -35.61 -4.52 10.33
CA PHE B 256 -36.83 -5.34 10.46
C PHE B 256 -37.31 -5.32 11.92
N GLY B 257 -36.94 -4.29 12.69
CA GLY B 257 -37.32 -4.17 14.11
C GLY B 257 -38.84 -4.18 14.32
N TYR B 258 -39.63 -3.81 13.31
CA TYR B 258 -41.10 -3.83 13.38
C TYR B 258 -41.65 -5.26 13.30
N PHE B 259 -40.80 -6.26 13.10
CA PHE B 259 -41.26 -7.66 12.88
C PHE B 259 -40.52 -8.62 13.79
N PRO B 260 -41.15 -9.73 14.23
CA PRO B 260 -40.42 -10.85 14.81
C PRO B 260 -39.67 -11.56 13.67
N ARG B 261 -38.68 -12.38 14.02
CA ARG B 261 -37.83 -13.10 13.05
C ARG B 261 -38.68 -14.01 12.14
N LYS B 262 -39.72 -14.65 12.67
CA LYS B 262 -40.55 -15.59 11.89
C LYS B 262 -41.28 -14.82 10.78
N ALA B 263 -41.30 -13.48 10.82
CA ALA B 263 -41.98 -12.65 9.79
C ALA B 263 -40.97 -11.82 8.99
N TYR B 264 -39.70 -12.19 9.00
CA TYR B 264 -38.67 -11.51 8.17
C TYR B 264 -38.95 -11.79 6.70
N THR B 265 -39.72 -12.84 6.40
CA THR B 265 -40.27 -13.13 5.04
C THR B 265 -41.12 -11.95 4.58
N VAL B 266 -42.12 -11.59 5.39
CA VAL B 266 -43.04 -10.46 5.13
C VAL B 266 -42.23 -9.16 5.05
N ALA B 267 -41.28 -8.98 5.97
CA ALA B 267 -40.42 -7.78 6.04
C ALA B 267 -39.64 -7.67 4.73
N MET B 268 -39.02 -8.75 4.30
CA MET B 268 -38.21 -8.71 3.04
C MET B 268 -39.15 -8.46 1.85
N SER B 269 -40.33 -9.07 1.84
CA SER B 269 -41.30 -8.93 0.72
C SER B 269 -41.75 -7.48 0.63
N ALA B 270 -42.08 -6.85 1.77
CA ALA B 270 -42.52 -5.44 1.83
C ALA B 270 -41.36 -4.54 1.43
N ASN B 271 -40.14 -4.84 1.89
CA ASN B 271 -38.94 -4.03 1.55
C ASN B 271 -38.72 -4.10 0.04
N ALA B 272 -38.84 -5.30 -0.54
CA ALA B 272 -38.73 -5.53 -2.00
C ALA B 272 -39.81 -4.73 -2.74
N GLU B 273 -41.05 -4.78 -2.26
CA GLU B 273 -42.19 -4.09 -2.94
C GLU B 273 -41.97 -2.59 -2.88
N LEU B 274 -41.45 -2.08 -1.76
CA LEU B 274 -41.27 -0.63 -1.54
C LEU B 274 -40.21 -0.14 -2.53
N ILE B 275 -39.09 -0.86 -2.67
CA ILE B 275 -38.00 -0.50 -3.62
C ILE B 275 -38.51 -0.66 -5.04
N ARG B 276 -39.19 -1.78 -5.34
CA ARG B 276 -39.79 -2.02 -6.69
C ARG B 276 -40.63 -0.81 -7.08
N SER B 277 -41.55 -0.37 -6.21
CA SER B 277 -42.43 0.80 -6.46
C SER B 277 -41.57 2.04 -6.73
N GLY B 278 -40.55 2.30 -5.91
CA GLY B 278 -39.66 3.46 -6.12
C GLY B 278 -38.94 3.40 -7.44
N ALA B 279 -38.53 2.21 -7.86
CA ALA B 279 -37.79 1.97 -9.12
C ALA B 279 -38.64 2.41 -10.32
N GLY B 280 -39.95 2.17 -10.28
CA GLY B 280 -40.85 2.41 -11.42
C GLY B 280 -40.37 1.65 -12.67
N GLU B 281 -39.95 2.37 -13.72
CA GLU B 281 -39.48 1.77 -14.99
C GLU B 281 -38.04 1.25 -14.88
N LEU B 282 -37.28 1.73 -13.90
CA LEU B 282 -35.87 1.28 -13.67
C LEU B 282 -35.86 -0.14 -13.13
N PRO B 283 -34.85 -0.94 -13.48
CA PRO B 283 -34.61 -2.19 -12.76
C PRO B 283 -34.14 -1.86 -11.34
N TRP B 284 -34.34 -2.81 -10.44
CA TRP B 284 -33.88 -2.68 -9.05
C TRP B 284 -33.21 -3.99 -8.64
N LEU B 285 -32.35 -3.94 -7.62
CA LEU B 285 -31.69 -5.12 -7.03
C LEU B 285 -31.41 -4.80 -5.56
N MET B 286 -31.24 -5.83 -4.73
CA MET B 286 -30.92 -5.63 -3.30
C MET B 286 -29.40 -5.57 -3.17
N THR B 287 -28.89 -4.35 -3.05
CA THR B 287 -27.44 -4.04 -2.97
C THR B 287 -26.80 -4.63 -1.72
N GLU B 288 -27.60 -4.85 -0.67
CA GLU B 288 -27.04 -5.16 0.66
C GLU B 288 -28.05 -5.99 1.46
N LEU B 289 -27.75 -7.29 1.63
CA LEU B 289 -28.49 -8.29 2.43
C LEU B 289 -27.55 -8.81 3.51
N GLN B 290 -28.07 -9.32 4.61
CA GLN B 290 -27.22 -9.77 5.73
C GLN B 290 -26.66 -11.16 5.37
N GLY B 291 -25.33 -11.27 5.28
CA GLY B 291 -24.65 -12.51 4.87
C GLY B 291 -24.12 -13.33 6.02
N GLY B 292 -24.15 -12.79 7.25
CA GLY B 292 -23.51 -13.47 8.38
C GLY B 292 -23.84 -12.87 9.73
N ASN B 293 -22.99 -13.20 10.68
CA ASN B 293 -23.27 -13.17 12.13
C ASN B 293 -23.08 -11.76 12.71
N ASN B 294 -23.97 -11.35 13.59
CA ASN B 294 -23.76 -10.20 14.50
C ASN B 294 -23.09 -10.72 15.76
N LEU B 295 -21.91 -10.19 16.06
CA LEU B 295 -21.23 -10.44 17.35
C LEU B 295 -21.65 -9.30 18.28
N TYR B 296 -21.11 -8.10 18.06
CA TYR B 296 -21.45 -6.87 18.82
C TYR B 296 -22.36 -5.94 18.01
N SER B 297 -22.45 -6.08 16.68
CA SER B 297 -23.17 -5.11 15.80
C SER B 297 -24.67 -5.46 15.73
N GLY B 298 -25.46 -4.58 15.13
CA GLY B 298 -26.88 -4.79 14.82
C GLY B 298 -27.78 -4.41 15.98
N ALA B 299 -29.03 -4.05 15.68
CA ALA B 299 -30.07 -3.72 16.68
C ALA B 299 -30.79 -5.02 17.09
N ASN B 300 -31.09 -5.90 16.14
CA ASN B 300 -31.78 -7.20 16.36
C ASN B 300 -30.84 -8.30 15.88
N PRO B 301 -29.79 -8.62 16.66
CA PRO B 301 -28.70 -9.43 16.12
C PRO B 301 -29.15 -10.86 15.83
N LEU B 302 -28.60 -11.43 14.77
CA LEU B 302 -28.80 -12.85 14.38
C LEU B 302 -27.61 -13.33 13.55
N CYS B 303 -27.58 -14.62 13.31
CA CYS B 303 -26.86 -15.24 12.18
C CYS B 303 -27.92 -15.84 11.26
N PRO B 304 -28.10 -15.32 10.04
CA PRO B 304 -29.10 -15.88 9.12
C PRO B 304 -28.88 -17.40 9.01
N THR B 305 -29.96 -18.15 8.99
CA THR B 305 -29.91 -19.61 8.67
C THR B 305 -29.72 -19.75 7.16
N ALA B 306 -29.21 -20.89 6.73
CA ALA B 306 -29.22 -21.31 5.30
C ALA B 306 -30.61 -21.08 4.73
N GLU B 307 -31.65 -21.47 5.49
CA GLU B 307 -33.06 -21.41 5.04
C GLU B 307 -33.44 -19.95 4.76
N GLU B 308 -32.98 -19.04 5.62
CA GLU B 308 -33.32 -17.59 5.54
C GLU B 308 -32.66 -16.98 4.31
N ILE B 309 -31.41 -17.38 4.01
CA ILE B 309 -30.67 -16.91 2.81
C ILE B 309 -31.50 -17.25 1.56
N ILE B 310 -32.00 -18.48 1.48
CA ILE B 310 -32.79 -18.98 0.32
C ILE B 310 -34.11 -18.19 0.28
N GLN B 311 -34.77 -18.04 1.42
CA GLN B 311 -36.05 -17.27 1.55
C GLN B 311 -35.86 -15.86 0.99
N TRP B 312 -34.79 -15.17 1.38
CA TRP B 312 -34.61 -13.74 1.02
C TRP B 312 -34.31 -13.60 -0.47
N LEU B 313 -33.44 -14.45 -1.02
CA LEU B 313 -33.08 -14.39 -2.45
C LEU B 313 -34.36 -14.62 -3.29
N TRP B 314 -35.16 -15.62 -2.97
CA TRP B 314 -36.38 -15.96 -3.75
C TRP B 314 -37.42 -14.84 -3.63
N ILE B 315 -37.57 -14.25 -2.45
CA ILE B 315 -38.57 -13.16 -2.25
C ILE B 315 -38.19 -12.01 -3.16
N ASN B 316 -36.91 -11.67 -3.20
CA ASN B 316 -36.43 -10.50 -3.97
C ASN B 316 -36.62 -10.79 -5.47
N PHE B 317 -36.18 -11.96 -5.94
CA PHE B 317 -36.25 -12.32 -7.38
C PHE B 317 -37.72 -12.37 -7.79
N ALA B 318 -38.59 -12.93 -6.94
CA ALA B 318 -40.05 -13.00 -7.14
C ALA B 318 -40.63 -11.59 -7.26
N THR B 319 -39.93 -10.59 -6.71
CA THR B 319 -40.35 -9.17 -6.65
C THR B 319 -39.51 -8.35 -7.63
N GLU B 320 -38.95 -9.02 -8.66
CA GLU B 320 -38.32 -8.41 -9.87
C GLU B 320 -36.87 -7.95 -9.61
N ALA B 321 -36.27 -8.31 -8.47
CA ALA B 321 -34.88 -7.91 -8.18
C ALA B 321 -33.98 -8.48 -9.29
N LYS B 322 -33.02 -7.70 -9.76
CA LYS B 322 -32.01 -8.16 -10.77
C LYS B 322 -30.74 -8.62 -10.06
N GLY B 323 -30.75 -8.66 -8.72
CA GLY B 323 -29.56 -9.06 -7.96
C GLY B 323 -29.84 -9.11 -6.48
N GLY B 324 -29.09 -9.95 -5.77
CA GLY B 324 -28.95 -9.95 -4.31
C GLY B 324 -27.47 -9.95 -3.95
N ILE B 325 -26.98 -8.85 -3.38
CA ILE B 325 -25.57 -8.73 -2.90
C ILE B 325 -25.58 -8.77 -1.37
N PHE B 326 -24.91 -9.77 -0.81
CA PHE B 326 -24.72 -9.98 0.64
C PHE B 326 -23.59 -9.09 1.18
N TRP B 327 -23.87 -8.33 2.22
CA TRP B 327 -22.84 -7.83 3.17
C TRP B 327 -22.63 -8.90 4.23
N SER B 328 -21.49 -9.61 4.22
CA SER B 328 -20.35 -9.45 3.34
C SER B 328 -19.79 -10.85 3.02
N PHE B 329 -18.96 -10.96 1.98
CA PHE B 329 -18.27 -12.23 1.66
C PHE B 329 -17.27 -12.52 2.78
N ASN B 330 -16.34 -11.60 2.98
CA ASN B 330 -15.28 -11.66 4.02
C ASN B 330 -15.54 -10.53 5.03
N ALA B 331 -14.95 -10.63 6.21
CA ALA B 331 -15.17 -9.70 7.33
C ALA B 331 -14.10 -8.62 7.37
N ARG B 332 -14.47 -7.45 7.88
CA ARG B 332 -13.54 -6.43 8.45
C ARG B 332 -12.68 -7.12 9.51
N SER B 333 -11.48 -6.61 9.77
CA SER B 333 -10.50 -7.23 10.68
C SER B 333 -10.41 -6.46 12.01
N THR B 334 -10.77 -5.18 12.04
CA THR B 334 -10.46 -4.31 13.22
C THR B 334 -11.71 -3.57 13.73
N ALA B 335 -11.93 -3.61 15.04
CA ALA B 335 -12.95 -2.79 15.76
C ALA B 335 -14.35 -3.13 15.23
N ALA B 336 -15.12 -2.12 14.79
CA ALA B 336 -16.53 -2.23 14.39
C ALA B 336 -16.70 -3.35 13.35
N GLU B 337 -17.47 -4.39 13.71
CA GLU B 337 -17.89 -5.51 12.81
C GLU B 337 -16.69 -6.40 12.45
N ALA B 338 -15.62 -6.37 13.26
CA ALA B 338 -14.44 -7.24 13.07
C ALA B 338 -14.89 -8.70 13.14
N GLY B 339 -14.77 -9.44 12.03
CA GLY B 339 -15.12 -10.87 11.96
C GLY B 339 -16.62 -11.10 12.04
N GLU B 340 -17.40 -10.08 11.69
CA GLU B 340 -18.88 -10.13 11.66
C GLU B 340 -19.36 -10.07 10.20
N TRP B 341 -20.59 -10.53 9.95
CA TRP B 341 -21.36 -10.33 8.69
C TRP B 341 -20.93 -11.28 7.57
N ALA B 342 -19.85 -12.06 7.73
CA ALA B 342 -19.15 -12.72 6.61
C ALA B 342 -19.88 -14.02 6.23
N MET B 343 -19.96 -14.31 4.93
CA MET B 343 -20.56 -15.57 4.42
C MET B 343 -19.55 -16.71 4.52
N ILE B 344 -18.25 -16.39 4.48
CA ILE B 344 -17.14 -17.36 4.69
C ILE B 344 -16.83 -17.42 6.18
N ASN B 345 -16.35 -18.58 6.64
CA ASN B 345 -15.92 -18.83 8.04
C ASN B 345 -14.49 -18.29 8.19
N PHE B 346 -13.89 -18.40 9.37
CA PHE B 346 -12.56 -17.81 9.66
C PHE B 346 -11.42 -18.57 8.96
N LYS B 347 -11.70 -19.74 8.36
CA LYS B 347 -10.75 -20.49 7.49
C LYS B 347 -11.01 -20.15 6.02
N ASN B 348 -11.85 -19.14 5.74
CA ASN B 348 -12.10 -18.62 4.37
C ASN B 348 -12.77 -19.71 3.52
N LYS B 349 -13.52 -20.61 4.14
CA LYS B 349 -14.35 -21.64 3.45
C LYS B 349 -15.84 -21.33 3.68
N SER B 350 -16.70 -22.04 2.97
CA SER B 350 -18.17 -21.79 2.89
C SER B 350 -18.85 -22.10 4.23
N SER B 351 -19.57 -21.13 4.79
CA SER B 351 -20.63 -21.38 5.81
C SER B 351 -21.80 -22.03 5.09
N ASP B 352 -22.79 -22.51 5.83
CA ASP B 352 -24.05 -23.06 5.26
C ASP B 352 -24.77 -21.92 4.50
N ARG B 353 -24.45 -20.66 4.78
CA ARG B 353 -25.11 -19.48 4.16
C ARG B 353 -24.58 -19.31 2.74
N LEU B 354 -23.28 -19.48 2.52
CA LEU B 354 -22.67 -19.37 1.17
C LEU B 354 -23.12 -20.59 0.33
N ILE B 355 -23.12 -21.79 0.91
CA ILE B 355 -23.59 -23.04 0.23
C ILE B 355 -25.03 -22.82 -0.25
N ALA B 356 -25.90 -22.28 0.61
CA ALA B 356 -27.31 -21.96 0.29
C ALA B 356 -27.38 -20.92 -0.85
N ALA B 357 -26.66 -19.81 -0.73
CA ALA B 357 -26.63 -18.76 -1.79
C ALA B 357 -26.17 -19.38 -3.11
N ALA B 358 -25.21 -20.31 -3.07
CA ALA B 358 -24.62 -20.96 -4.27
C ALA B 358 -25.69 -21.78 -5.01
N THR B 359 -26.64 -22.39 -4.30
CA THR B 359 -27.72 -23.18 -4.93
C THR B 359 -28.64 -22.26 -5.72
N ILE B 360 -28.72 -20.98 -5.35
CA ILE B 360 -29.63 -20.03 -6.04
C ILE B 360 -28.91 -19.50 -7.28
N GLY B 361 -27.62 -19.24 -7.17
CA GLY B 361 -26.75 -18.90 -8.32
C GLY B 361 -26.81 -20.01 -9.36
N LYS B 362 -26.68 -21.28 -8.92
CA LYS B 362 -26.72 -22.47 -9.80
C LYS B 362 -28.10 -22.54 -10.48
N PHE B 363 -29.19 -22.46 -9.71
CA PHE B 363 -30.58 -22.46 -10.22
C PHE B 363 -30.74 -21.41 -11.34
N ILE B 364 -30.18 -20.22 -11.14
CA ILE B 364 -30.30 -19.13 -12.15
C ILE B 364 -29.61 -19.57 -13.45
N THR B 365 -28.39 -20.10 -13.37
CA THR B 365 -27.61 -20.49 -14.59
C THR B 365 -28.35 -21.61 -15.32
N GLU B 366 -29.14 -22.44 -14.61
CA GLU B 366 -29.91 -23.58 -15.18
C GLU B 366 -31.31 -23.17 -15.62
N ASN B 367 -31.72 -21.92 -15.38
CA ASN B 367 -33.10 -21.43 -15.70
C ASN B 367 -33.01 -19.97 -16.16
N VAL B 368 -32.04 -19.64 -17.02
CA VAL B 368 -31.69 -18.25 -17.40
C VAL B 368 -32.92 -17.52 -17.93
N LYS B 369 -33.68 -18.11 -18.86
CA LYS B 369 -34.75 -17.38 -19.59
C LYS B 369 -35.87 -17.06 -18.60
N MET B 370 -36.27 -18.03 -17.77
CA MET B 370 -37.27 -17.83 -16.69
C MET B 370 -36.83 -16.69 -15.77
N MET B 371 -35.58 -16.76 -15.28
CA MET B 371 -35.12 -15.89 -14.16
C MET B 371 -34.87 -14.48 -14.69
N SER B 372 -34.61 -14.32 -15.98
CA SER B 372 -34.22 -13.03 -16.61
C SER B 372 -35.44 -12.16 -16.90
N ASN B 373 -36.65 -12.72 -16.82
CA ASN B 373 -37.87 -12.06 -17.35
C ASN B 373 -38.97 -12.03 -16.30
N ILE B 374 -38.62 -12.14 -15.03
CA ILE B 374 -39.64 -12.17 -13.94
C ILE B 374 -40.41 -10.86 -13.94
N LYS B 375 -41.73 -10.97 -13.93
CA LYS B 375 -42.67 -9.85 -13.69
C LYS B 375 -43.60 -10.31 -12.56
N THR B 376 -43.61 -9.57 -11.46
CA THR B 376 -44.47 -9.87 -10.30
C THR B 376 -45.92 -9.88 -10.79
N LEU B 377 -46.70 -10.87 -10.39
CA LEU B 377 -48.16 -10.90 -10.68
C LEU B 377 -48.84 -9.91 -9.74
N ASN B 378 -49.09 -8.69 -10.21
CA ASN B 378 -49.82 -7.65 -9.46
C ASN B 378 -51.26 -8.13 -9.27
N SER B 379 -51.66 -8.40 -8.03
CA SER B 379 -53.05 -8.74 -7.65
C SER B 379 -54.03 -7.62 -8.05
N GLY B 380 -53.54 -6.39 -8.17
CA GLY B 380 -54.37 -5.17 -8.25
C GLY B 380 -54.53 -4.49 -6.89
N ILE B 381 -54.01 -5.10 -5.81
CA ILE B 381 -54.04 -4.50 -4.45
C ILE B 381 -52.77 -3.66 -4.28
N SER B 382 -52.95 -2.37 -4.01
CA SER B 382 -51.84 -1.44 -3.66
C SER B 382 -52.05 -0.89 -2.25
N ILE B 383 -51.11 -1.19 -1.35
CA ILE B 383 -51.03 -0.56 0.01
C ILE B 383 -50.19 0.72 -0.14
N LEU B 384 -50.80 1.88 0.11
CA LEU B 384 -50.14 3.19 -0.10
C LEU B 384 -49.74 3.77 1.27
N TYR B 385 -48.53 4.32 1.32
CA TYR B 385 -48.01 5.17 2.43
C TYR B 385 -47.69 6.53 1.80
N ASN B 386 -47.60 7.59 2.59
CA ASN B 386 -47.08 8.87 2.06
C ASN B 386 -46.11 9.50 3.07
N HIS B 387 -45.15 10.26 2.54
CA HIS B 387 -44.19 11.05 3.33
C HIS B 387 -44.96 11.80 4.42
N GLU B 388 -46.07 12.43 4.07
CA GLU B 388 -46.72 13.48 4.89
C GLU B 388 -47.37 12.83 6.12
N SER B 389 -47.92 11.64 6.02
CA SER B 389 -48.45 10.92 7.21
C SER B 389 -47.32 10.69 8.20
N MET B 390 -46.15 10.32 7.71
CA MET B 390 -44.94 10.10 8.54
C MET B 390 -44.54 11.43 9.22
N TRP B 391 -44.56 12.52 8.47
CA TRP B 391 -44.13 13.86 8.95
C TRP B 391 -45.10 14.37 10.02
N VAL B 392 -46.39 14.23 9.77
CA VAL B 392 -47.42 14.67 10.74
C VAL B 392 -47.34 13.78 11.99
N GLU B 393 -47.17 12.47 11.81
CA GLU B 393 -47.00 11.55 12.96
C GLU B 393 -45.84 12.03 13.86
N ALA B 394 -44.69 12.37 13.28
CA ALA B 394 -43.47 12.80 14.00
C ALA B 394 -43.80 14.07 14.80
N ALA B 395 -44.53 15.03 14.23
CA ALA B 395 -44.92 16.29 14.91
C ALA B 395 -45.92 15.99 16.03
N GLN B 396 -46.92 15.14 15.80
CA GLN B 396 -48.02 14.89 16.78
C GLN B 396 -47.54 13.99 17.93
N THR B 397 -46.63 13.06 17.68
CA THR B 397 -46.15 12.09 18.70
C THR B 397 -44.97 12.70 19.45
N ARG B 398 -44.48 13.87 18.98
CA ARG B 398 -43.30 14.59 19.54
C ARG B 398 -42.10 13.64 19.65
N GLY B 399 -41.99 12.67 18.73
CA GLY B 399 -40.86 11.73 18.63
C GLY B 399 -40.89 10.60 19.65
N LYS B 400 -42.00 10.36 20.36
CA LYS B 400 -42.18 9.20 21.28
C LYS B 400 -41.90 7.88 20.55
N LEU B 401 -41.26 6.93 21.26
CA LEU B 401 -40.78 5.62 20.73
C LEU B 401 -41.31 4.50 21.62
N ASN B 402 -42.60 4.54 21.99
CA ASN B 402 -43.27 3.56 22.90
C ASN B 402 -43.95 2.45 22.08
N GLY B 403 -43.58 2.29 20.81
CA GLY B 403 -44.09 1.23 19.89
C GLY B 403 -45.61 1.08 19.93
N ASN B 404 -46.37 2.13 19.60
CA ASN B 404 -47.87 2.10 19.52
C ASN B 404 -48.39 3.28 18.67
N GLY B 405 -49.71 3.46 18.59
CA GLY B 405 -50.35 4.50 17.74
C GLY B 405 -49.87 5.88 18.11
N ARG B 406 -49.48 6.12 19.37
CA ARG B 406 -49.01 7.43 19.88
C ARG B 406 -47.48 7.49 19.82
N SER B 407 -46.87 6.72 18.92
CA SER B 407 -45.39 6.68 18.76
C SER B 407 -45.06 6.75 17.27
N ILE B 408 -43.86 7.19 16.95
CA ILE B 408 -43.29 7.11 15.59
C ILE B 408 -43.34 5.65 15.15
N GLY B 409 -43.86 5.39 13.97
CA GLY B 409 -43.80 4.07 13.30
C GLY B 409 -45.18 3.49 13.03
N ALA B 410 -46.25 4.03 13.66
CA ALA B 410 -47.62 3.51 13.50
C ALA B 410 -48.09 3.66 12.05
N VAL B 411 -47.76 4.77 11.39
CA VAL B 411 -48.17 5.04 9.99
C VAL B 411 -47.49 4.05 9.03
N MET B 412 -46.41 3.39 9.44
CA MET B 412 -45.77 2.35 8.60
C MET B 412 -46.17 0.96 9.10
N CYS B 413 -46.24 0.75 10.41
CA CYS B 413 -46.63 -0.58 10.96
C CYS B 413 -48.05 -0.95 10.52
N SER B 414 -48.91 0.06 10.33
CA SER B 414 -50.33 -0.15 9.96
C SER B 414 -50.41 -0.77 8.57
N PRO B 415 -49.90 -0.11 7.51
CA PRO B 415 -49.89 -0.73 6.19
C PRO B 415 -49.10 -2.05 6.16
N LEU B 416 -48.00 -2.16 6.91
CA LEU B 416 -47.20 -3.41 6.98
C LEU B 416 -48.07 -4.52 7.57
N SER B 417 -49.04 -4.21 8.44
CA SER B 417 -49.93 -5.24 9.04
C SER B 417 -50.94 -5.75 7.99
N TYR B 418 -51.54 -4.86 7.20
CA TYR B 418 -52.40 -5.25 6.05
C TYR B 418 -51.57 -6.15 5.13
N PHE B 419 -50.34 -5.72 4.84
CA PHE B 419 -49.41 -6.43 3.94
C PHE B 419 -49.20 -7.85 4.47
N GLU B 420 -48.97 -7.97 5.76
CA GLU B 420 -48.76 -9.29 6.41
C GLU B 420 -50.02 -10.15 6.28
N ALA B 421 -51.20 -9.55 6.48
CA ALA B 421 -52.50 -10.27 6.45
C ALA B 421 -52.70 -10.83 5.04
N LEU B 422 -52.40 -10.01 4.02
CA LEU B 422 -52.49 -10.41 2.60
C LEU B 422 -51.46 -11.49 2.28
N SER B 423 -50.22 -11.38 2.78
CA SER B 423 -49.18 -12.43 2.60
C SER B 423 -49.67 -13.76 3.19
N GLU B 424 -50.33 -13.73 4.34
CA GLU B 424 -50.82 -14.95 5.04
C GLU B 424 -52.08 -15.47 4.34
N THR B 425 -52.60 -14.71 3.36
CA THR B 425 -53.70 -15.14 2.46
C THR B 425 -53.13 -15.60 1.11
N GLY B 426 -51.81 -15.52 0.91
CA GLY B 426 -51.14 -15.87 -0.35
C GLY B 426 -51.37 -14.85 -1.46
N LEU B 427 -51.77 -13.62 -1.12
CA LEU B 427 -52.02 -12.53 -2.10
C LEU B 427 -50.84 -11.57 -2.15
N GLN B 428 -50.32 -11.31 -3.36
CA GLN B 428 -49.40 -10.18 -3.62
C GLN B 428 -50.14 -8.89 -3.28
N ALA B 429 -49.41 -7.91 -2.77
CA ALA B 429 -49.86 -6.52 -2.64
C ALA B 429 -48.66 -5.63 -2.95
N ASN B 430 -48.89 -4.56 -3.70
CA ASN B 430 -47.86 -3.50 -3.86
C ASN B 430 -47.75 -2.76 -2.52
N PHE B 431 -46.58 -2.17 -2.31
CA PHE B 431 -46.30 -1.25 -1.19
C PHE B 431 -45.67 -0.02 -1.82
N LYS B 432 -46.40 1.09 -1.90
CA LYS B 432 -46.02 2.23 -2.74
C LYS B 432 -46.21 3.54 -1.98
N GLU B 433 -45.35 4.51 -2.23
CA GLU B 433 -45.60 5.91 -1.87
C GLU B 433 -46.74 6.39 -2.78
N ILE B 434 -47.62 7.22 -2.26
CA ILE B 434 -48.85 7.63 -3.00
C ILE B 434 -48.48 8.28 -4.35
N LYS B 435 -47.38 9.04 -4.44
CA LYS B 435 -46.96 9.69 -5.71
C LYS B 435 -46.46 8.65 -6.73
N GLU B 436 -46.23 7.40 -6.32
CA GLU B 436 -45.74 6.32 -7.21
C GLU B 436 -46.94 5.57 -7.79
N PHE B 437 -48.16 5.82 -7.28
CA PHE B 437 -49.39 5.18 -7.79
C PHE B 437 -49.87 5.98 -9.02
N ASP B 438 -50.25 5.27 -10.08
CA ASP B 438 -50.74 5.89 -11.36
C ASP B 438 -52.23 6.20 -11.21
N PHE B 439 -52.58 7.47 -11.01
CA PHE B 439 -53.98 7.95 -10.82
C PHE B 439 -54.58 8.46 -12.13
N SER B 440 -53.92 8.24 -13.27
CA SER B 440 -54.27 8.89 -14.57
C SER B 440 -55.11 7.96 -15.46
N LEU B 441 -55.41 6.73 -15.06
CA LEU B 441 -56.17 5.74 -15.88
C LEU B 441 -57.67 6.11 -15.90
N ASN B 442 -58.42 5.48 -16.82
CA ASN B 442 -59.86 5.72 -17.08
C ASN B 442 -60.70 4.65 -16.39
N ASP B 443 -60.08 3.54 -16.02
CA ASP B 443 -60.76 2.35 -15.44
C ASP B 443 -59.90 1.83 -14.28
N TYR B 444 -60.49 1.59 -13.11
CA TYR B 444 -59.84 0.97 -11.93
C TYR B 444 -60.71 -0.16 -11.40
N THR B 445 -61.59 -0.68 -12.27
CA THR B 445 -62.35 -1.93 -12.03
C THR B 445 -61.35 -2.96 -11.53
N ASP B 446 -61.67 -3.67 -10.45
CA ASP B 446 -60.84 -4.81 -9.98
C ASP B 446 -59.46 -4.34 -9.48
N GLN B 447 -59.29 -3.05 -9.17
CA GLN B 447 -58.08 -2.50 -8.49
C GLN B 447 -58.46 -2.08 -7.07
N VAL B 448 -57.56 -2.30 -6.11
CA VAL B 448 -57.82 -2.02 -4.68
C VAL B 448 -56.71 -1.14 -4.12
N ILE B 449 -57.09 -0.07 -3.43
CA ILE B 449 -56.15 0.75 -2.62
C ILE B 449 -56.50 0.55 -1.15
N ILE B 450 -55.48 0.23 -0.35
CA ILE B 450 -55.55 0.21 1.13
C ILE B 450 -54.78 1.42 1.66
N LEU B 451 -55.49 2.33 2.34
CA LEU B 451 -54.93 3.48 3.09
C LEU B 451 -55.14 3.20 4.57
N SER B 452 -54.15 2.56 5.20
CA SER B 452 -54.20 2.12 6.61
C SER B 452 -53.45 3.14 7.48
N HIS B 453 -54.18 3.93 8.27
CA HIS B 453 -53.61 4.90 9.23
C HIS B 453 -52.66 5.85 8.48
N GLN B 454 -53.03 6.26 7.27
CA GLN B 454 -52.32 7.34 6.54
C GLN B 454 -52.97 8.64 6.99
N ILE B 455 -52.50 9.15 8.12
CA ILE B 455 -53.20 10.20 8.92
C ILE B 455 -53.24 11.53 8.16
N ALA B 456 -52.37 11.74 7.15
CA ALA B 456 -52.31 13.01 6.39
C ALA B 456 -52.63 12.77 4.91
N LEU B 457 -53.69 13.43 4.41
CA LEU B 457 -54.13 13.47 2.99
C LEU B 457 -54.49 14.91 2.64
N ASP B 458 -54.01 15.45 1.52
CA ASP B 458 -54.40 16.81 1.06
C ASP B 458 -55.55 16.71 0.05
N ASN B 459 -56.05 17.87 -0.39
CA ASN B 459 -57.19 18.00 -1.32
C ASN B 459 -56.83 17.30 -2.65
N LYS B 460 -55.63 17.57 -3.19
CA LYS B 460 -55.14 16.98 -4.47
C LYS B 460 -55.31 15.45 -4.42
N VAL B 461 -54.81 14.80 -3.37
CA VAL B 461 -54.79 13.31 -3.29
C VAL B 461 -56.23 12.82 -3.09
N ILE B 462 -57.04 13.53 -2.31
CA ILE B 462 -58.47 13.13 -2.11
C ILE B 462 -59.18 13.13 -3.48
N LYS B 463 -58.92 14.14 -4.33
CA LYS B 463 -59.48 14.22 -5.70
C LYS B 463 -59.02 13.01 -6.53
N GLN B 464 -57.75 12.66 -6.47
CA GLN B 464 -57.22 11.44 -7.13
C GLN B 464 -57.96 10.21 -6.57
N LEU B 465 -58.21 10.14 -5.27
CA LEU B 465 -58.88 8.97 -4.64
C LEU B 465 -60.33 8.92 -5.12
N GLU B 466 -60.98 10.10 -5.28
CA GLU B 466 -62.38 10.22 -5.78
C GLU B 466 -62.45 9.69 -7.22
N SER B 467 -61.56 10.16 -8.08
CA SER B 467 -61.41 9.68 -9.47
C SER B 467 -61.24 8.16 -9.46
N PHE B 468 -60.31 7.65 -8.65
CA PHE B 468 -59.98 6.21 -8.59
C PHE B 468 -61.24 5.40 -8.25
N VAL B 469 -61.98 5.79 -7.22
CA VAL B 469 -63.17 5.04 -6.76
C VAL B 469 -64.29 5.18 -7.81
N GLU B 470 -64.51 6.40 -8.32
CA GLU B 470 -65.56 6.71 -9.33
C GLU B 470 -65.43 5.73 -10.49
N LYS B 471 -64.19 5.51 -10.96
CA LYS B 471 -63.86 4.67 -12.14
C LYS B 471 -63.72 3.21 -11.74
N GLY B 472 -64.29 2.76 -10.61
CA GLY B 472 -64.41 1.33 -10.29
C GLY B 472 -63.48 0.86 -9.19
N GLY B 473 -62.57 1.73 -8.71
CA GLY B 473 -61.63 1.41 -7.62
C GLY B 473 -62.33 1.02 -6.32
N THR B 474 -61.77 0.06 -5.57
CA THR B 474 -62.15 -0.23 -4.17
C THR B 474 -61.13 0.44 -3.24
N LEU B 475 -61.61 1.31 -2.33
CA LEU B 475 -60.78 1.98 -1.32
C LEU B 475 -61.08 1.35 0.05
N ILE B 476 -60.05 0.81 0.72
CA ILE B 476 -60.15 0.38 2.14
C ILE B 476 -59.32 1.34 3.01
N ALA B 477 -59.96 1.99 3.98
CA ALA B 477 -59.36 2.98 4.88
C ALA B 477 -59.66 2.57 6.33
N ASP B 478 -58.62 2.33 7.14
CA ASP B 478 -58.78 2.14 8.60
C ASP B 478 -57.90 3.15 9.36
N GLY B 479 -57.99 3.13 10.69
CA GLY B 479 -57.25 4.04 11.58
C GLY B 479 -57.62 5.48 11.26
N LEU B 480 -56.69 6.40 11.51
CA LEU B 480 -56.91 7.85 11.45
C LEU B 480 -56.56 8.34 10.04
N THR B 481 -56.68 7.48 9.02
CA THR B 481 -56.54 7.91 7.62
C THR B 481 -57.36 9.19 7.38
N GLY B 482 -56.75 10.22 6.84
CA GLY B 482 -57.45 11.45 6.44
C GLY B 482 -57.77 12.39 7.60
N TYR B 483 -57.30 12.11 8.83
CA TYR B 483 -57.56 12.98 10.00
C TYR B 483 -57.00 14.38 9.80
N TYR B 484 -55.80 14.48 9.21
CA TYR B 484 -55.08 15.75 8.97
C TYR B 484 -54.84 15.90 7.47
N ASP B 485 -54.52 17.12 7.06
CA ASP B 485 -54.00 17.46 5.73
C ASP B 485 -52.47 17.57 5.83
N TYR B 486 -51.81 18.01 4.77
CA TYR B 486 -50.34 18.06 4.64
C TYR B 486 -49.78 19.20 5.48
N GLN B 487 -50.64 19.99 6.11
CA GLN B 487 -50.21 21.10 7.00
C GLN B 487 -50.61 20.80 8.46
N ALA B 488 -50.98 19.54 8.76
CA ALA B 488 -51.37 19.06 10.11
C ALA B 488 -52.65 19.77 10.57
N HIS B 489 -53.40 20.37 9.63
CA HIS B 489 -54.74 20.94 9.89
C HIS B 489 -55.77 19.83 9.77
N SER B 490 -56.63 19.65 10.78
CA SER B 490 -57.61 18.55 10.77
C SER B 490 -58.93 19.02 10.14
N THR B 491 -59.26 18.51 8.94
CA THR B 491 -60.52 18.84 8.25
C THR B 491 -61.64 18.12 9.01
N VAL B 492 -61.30 17.12 9.83
CA VAL B 492 -62.28 16.46 10.72
C VAL B 492 -62.88 17.52 11.66
N VAL B 493 -62.10 18.54 12.01
CA VAL B 493 -62.53 19.66 12.89
C VAL B 493 -63.18 20.77 12.04
N SER B 494 -62.55 21.22 10.94
CA SER B 494 -62.97 22.42 10.18
C SER B 494 -63.99 22.09 9.07
N GLY B 495 -64.16 20.83 8.65
CA GLY B 495 -65.02 20.43 7.52
C GLY B 495 -64.41 19.32 6.67
N PHE B 496 -64.86 18.08 6.89
CA PHE B 496 -64.15 16.82 6.55
C PHE B 496 -63.99 16.71 5.03
N ALA B 497 -62.75 16.69 4.55
CA ALA B 497 -62.42 16.70 3.11
C ALA B 497 -62.83 15.38 2.45
N LEU B 498 -62.99 14.32 3.24
CA LEU B 498 -63.32 12.96 2.72
C LEU B 498 -64.81 12.65 2.93
N GLU B 499 -65.63 13.63 3.32
CA GLU B 499 -67.08 13.38 3.53
C GLU B 499 -67.72 12.87 2.23
N ASN B 500 -67.43 13.54 1.13
CA ASN B 500 -67.98 13.22 -0.21
C ASN B 500 -67.64 11.76 -0.53
N LEU B 501 -66.37 11.38 -0.50
CA LEU B 501 -65.91 10.03 -0.89
C LEU B 501 -66.44 8.97 0.08
N PHE B 502 -66.48 9.27 1.38
CA PHE B 502 -66.81 8.27 2.44
C PHE B 502 -68.34 8.19 2.64
N GLY B 503 -69.07 9.21 2.18
CA GLY B 503 -70.53 9.29 2.37
C GLY B 503 -70.89 9.23 3.83
N SER B 504 -70.06 9.85 4.66
CA SER B 504 -70.13 9.77 6.13
C SER B 504 -69.20 10.83 6.73
N TYR B 505 -69.26 10.96 8.05
CA TYR B 505 -68.61 12.04 8.83
C TYR B 505 -68.15 11.43 10.14
N PRO B 506 -66.93 11.72 10.62
CA PRO B 506 -66.51 11.25 11.95
C PRO B 506 -67.35 11.94 13.01
N ILE B 507 -67.66 11.23 14.09
CA ILE B 507 -68.35 11.78 15.29
C ILE B 507 -67.31 11.96 16.40
N GLU B 508 -66.70 10.87 16.88
CA GLU B 508 -65.70 10.90 17.99
C GLU B 508 -64.62 9.84 17.76
N TYR B 509 -63.44 10.09 18.31
CA TYR B 509 -62.44 9.07 18.70
C TYR B 509 -62.45 9.04 20.23
N LYS B 510 -62.45 7.84 20.79
CA LYS B 510 -62.31 7.65 22.25
C LYS B 510 -61.16 6.66 22.44
N ILE B 511 -60.14 7.08 23.17
CA ILE B 511 -58.97 6.23 23.47
C ILE B 511 -59.46 5.08 24.36
N LYS B 512 -58.96 3.87 24.11
CA LYS B 512 -59.25 2.62 24.86
C LYS B 512 -57.92 1.98 25.27
N GLU B 513 -57.88 0.70 25.62
CA GLU B 513 -56.61 -0.02 25.90
C GLU B 513 -55.82 -0.18 24.58
N ASN B 514 -54.59 -0.66 24.65
CA ASN B 514 -53.73 -0.96 23.48
C ASN B 514 -54.42 -2.00 22.60
N LEU B 515 -55.20 -2.89 23.20
CA LEU B 515 -55.94 -3.94 22.47
C LEU B 515 -57.38 -3.97 23.01
N PHE B 516 -58.36 -3.69 22.15
CA PHE B 516 -59.79 -3.89 22.46
C PHE B 516 -60.44 -4.59 21.26
N SER B 517 -61.71 -4.94 21.41
CA SER B 517 -62.52 -5.67 20.42
C SER B 517 -63.61 -4.72 19.88
N LEU B 518 -63.73 -4.58 18.56
CA LEU B 518 -64.93 -4.02 17.89
C LEU B 518 -65.87 -5.20 17.61
N ASP B 519 -66.99 -5.27 18.33
CA ASP B 519 -67.98 -6.38 18.26
C ASP B 519 -69.16 -5.92 17.39
N PHE B 520 -69.23 -6.42 16.15
CA PHE B 520 -70.29 -6.06 15.17
C PHE B 520 -71.66 -6.54 15.68
N TYR B 525 -68.28 -10.59 13.19
CA TYR B 525 -66.89 -10.13 13.42
C TYR B 525 -66.74 -9.61 14.86
N LYS B 526 -65.67 -10.07 15.51
CA LYS B 526 -65.01 -9.40 16.66
C LYS B 526 -63.60 -9.06 16.16
N LEU B 527 -63.41 -7.83 15.69
CA LEU B 527 -62.11 -7.31 15.14
C LEU B 527 -61.25 -6.79 16.29
N PRO B 528 -59.99 -7.26 16.40
CA PRO B 528 -59.01 -6.60 17.23
C PRO B 528 -58.79 -5.17 16.72
N ALA B 529 -58.74 -4.22 17.64
CA ALA B 529 -58.51 -2.79 17.36
C ALA B 529 -57.51 -2.26 18.38
N HIS B 530 -56.73 -1.26 17.96
CA HIS B 530 -55.63 -0.67 18.75
C HIS B 530 -56.00 0.76 19.13
N LEU B 531 -56.05 1.02 20.44
CA LEU B 531 -55.87 2.35 21.05
C LEU B 531 -57.13 3.22 20.96
N TRP B 532 -57.64 3.49 19.75
CA TRP B 532 -58.75 4.45 19.54
C TRP B 532 -59.97 3.75 18.91
N LYS B 533 -61.16 3.99 19.48
CA LYS B 533 -62.46 3.64 18.84
C LYS B 533 -63.01 4.88 18.12
N GLY B 534 -63.15 4.80 16.80
CA GLY B 534 -63.78 5.83 15.95
C GLY B 534 -65.25 5.51 15.74
N THR B 535 -66.09 6.54 15.87
CA THR B 535 -67.54 6.47 15.55
C THR B 535 -67.83 7.52 14.50
N ILE B 536 -68.81 7.20 13.65
CA ILE B 536 -69.14 7.97 12.42
C ILE B 536 -70.66 8.12 12.35
N GLU B 537 -71.08 9.05 11.50
CA GLU B 537 -72.48 9.23 11.06
C GLU B 537 -72.49 9.08 9.54
N THR B 538 -73.29 8.16 9.02
CA THR B 538 -73.48 7.93 7.57
C THR B 538 -74.52 8.89 7.03
N SER B 539 -74.30 9.41 5.82
CA SER B 539 -75.34 10.06 4.98
C SER B 539 -75.62 9.12 3.81
N LYS B 540 -74.79 9.14 2.76
CA LYS B 540 -74.98 8.26 1.56
C LYS B 540 -74.52 6.82 1.86
N ALA B 541 -73.58 6.60 2.78
CA ALA B 541 -73.00 5.25 3.04
C ALA B 541 -73.97 4.38 3.85
N THR B 542 -73.81 3.06 3.75
CA THR B 542 -74.49 2.04 4.58
C THR B 542 -73.75 1.92 5.91
N PRO B 543 -74.39 2.21 7.06
CA PRO B 543 -73.73 2.11 8.35
C PRO B 543 -73.53 0.65 8.79
N ILE B 544 -72.41 0.37 9.45
CA ILE B 544 -72.16 -0.92 10.17
C ILE B 544 -72.09 -0.57 11.65
N MET B 545 -72.96 -1.19 12.46
CA MET B 545 -73.16 -0.87 13.89
C MET B 545 -72.48 -1.96 14.71
N ASP B 546 -72.11 -1.62 15.95
CA ASP B 546 -71.51 -2.59 16.91
C ASP B 546 -72.57 -2.93 17.97
N LYS B 547 -72.28 -3.88 18.85
CA LYS B 547 -73.23 -4.40 19.86
C LYS B 547 -73.64 -3.28 20.82
N GLU B 548 -72.89 -2.18 20.92
CA GLU B 548 -73.24 -1.03 21.81
C GLU B 548 -74.10 -0.01 21.06
N GLY B 549 -74.51 -0.31 19.82
CA GLY B 549 -75.39 0.58 19.02
C GLY B 549 -74.67 1.81 18.50
N GLU B 550 -73.33 1.74 18.34
CA GLU B 550 -72.54 2.85 17.75
C GLU B 550 -72.13 2.45 16.33
N CYS B 551 -72.11 3.42 15.43
CA CYS B 551 -71.69 3.22 14.03
C CYS B 551 -70.16 3.28 13.95
N ILE B 552 -69.51 2.15 13.63
CA ILE B 552 -68.03 1.99 13.70
C ILE B 552 -67.43 1.83 12.30
N ALA B 553 -68.27 1.71 11.27
CA ALA B 553 -67.78 1.52 9.89
C ALA B 553 -68.90 1.82 8.88
N CYS B 554 -68.56 1.88 7.59
CA CYS B 554 -69.55 2.06 6.52
C CYS B 554 -68.98 1.57 5.18
N ILE B 555 -69.90 1.25 4.26
CA ILE B 555 -69.59 1.01 2.82
C ILE B 555 -70.31 2.08 2.02
N ASN B 556 -69.55 2.88 1.27
CA ASN B 556 -70.12 3.92 0.39
C ASN B 556 -69.96 3.44 -1.05
N GLN B 557 -71.05 3.40 -1.81
CA GLN B 557 -71.00 3.17 -3.27
C GLN B 557 -70.76 4.54 -3.88
N TYR B 558 -69.65 4.70 -4.59
CA TYR B 558 -69.25 6.01 -5.17
C TYR B 558 -68.90 5.75 -6.64
N GLY B 559 -69.70 6.28 -7.57
CA GLY B 559 -69.66 5.93 -9.01
C GLY B 559 -69.67 4.41 -9.15
N LYS B 560 -68.71 3.84 -9.87
CA LYS B 560 -68.62 2.38 -10.13
C LYS B 560 -67.86 1.67 -8.99
N GLY B 561 -67.19 2.40 -8.10
CA GLY B 561 -66.34 1.82 -7.04
C GLY B 561 -67.02 1.81 -5.69
N LYS B 562 -66.33 1.24 -4.67
CA LYS B 562 -66.83 1.22 -3.28
C LYS B 562 -65.71 1.69 -2.32
N VAL B 563 -66.14 2.23 -1.18
CA VAL B 563 -65.24 2.61 -0.05
C VAL B 563 -65.70 1.82 1.16
N PHE B 564 -64.78 1.06 1.77
CA PHE B 564 -64.94 0.55 3.16
C PHE B 564 -64.13 1.45 4.09
N TRP B 565 -64.79 2.09 5.05
CA TRP B 565 -64.16 3.00 6.04
C TRP B 565 -64.44 2.47 7.44
N ILE B 566 -63.37 2.21 8.21
CA ILE B 566 -63.46 1.83 9.64
C ILE B 566 -62.40 2.62 10.40
N PRO B 567 -62.74 3.79 10.98
CA PRO B 567 -61.72 4.69 11.54
C PRO B 567 -61.11 4.26 12.89
N SER B 568 -61.32 3.01 13.33
CA SER B 568 -60.51 2.36 14.39
C SER B 568 -59.31 1.68 13.74
N PRO B 569 -58.11 1.67 14.37
CA PRO B 569 -56.96 0.98 13.78
C PRO B 569 -57.09 -0.55 13.92
N ILE B 570 -57.65 -1.20 12.91
CA ILE B 570 -57.87 -2.68 12.95
C ILE B 570 -56.60 -3.38 12.44
N ALA B 571 -55.83 -2.77 11.55
CA ALA B 571 -54.51 -3.33 11.13
C ALA B 571 -53.58 -3.32 12.35
N LEU B 572 -53.49 -2.18 13.06
CA LEU B 572 -52.65 -2.12 14.29
C LEU B 572 -53.25 -3.04 15.35
N GLY B 573 -54.57 -3.22 15.38
CA GLY B 573 -55.26 -4.21 16.25
C GLY B 573 -54.76 -5.63 15.96
N ALA B 574 -54.72 -6.02 14.69
CA ALA B 574 -54.18 -7.33 14.24
C ALA B 574 -52.70 -7.45 14.70
N ARG B 575 -51.90 -6.42 14.50
CA ARG B 575 -50.48 -6.40 14.94
C ARG B 575 -50.39 -6.59 16.46
N GLU B 576 -51.16 -5.83 17.22
CA GLU B 576 -51.10 -5.88 18.70
C GLU B 576 -51.54 -7.28 19.19
N SER B 577 -52.54 -7.89 18.56
CA SER B 577 -53.06 -9.22 18.98
C SER B 577 -52.19 -10.34 18.40
N LYS B 578 -51.23 -10.01 17.52
CA LYS B 578 -50.36 -10.99 16.82
C LYS B 578 -51.23 -12.00 16.06
N ASP B 579 -52.34 -11.53 15.50
CA ASP B 579 -53.33 -12.37 14.79
C ASP B 579 -53.89 -11.57 13.62
N PHE B 580 -53.57 -11.96 12.39
CA PHE B 580 -53.97 -11.25 11.15
C PHE B 580 -55.13 -11.99 10.48
N SER B 581 -55.69 -13.03 11.12
CA SER B 581 -56.72 -13.92 10.50
C SER B 581 -58.00 -13.13 10.26
N GLU B 582 -58.45 -12.32 11.21
CA GLU B 582 -59.69 -11.53 11.08
C GLU B 582 -59.49 -10.47 9.97
N LEU B 583 -58.32 -9.83 9.95
CA LEU B 583 -58.00 -8.77 8.98
C LEU B 583 -57.97 -9.37 7.57
N SER B 584 -57.42 -10.59 7.44
CA SER B 584 -57.40 -11.40 6.20
C SER B 584 -58.83 -11.62 5.72
N LYS B 585 -59.69 -12.22 6.55
CA LYS B 585 -61.09 -12.59 6.17
C LYS B 585 -61.85 -11.33 5.75
N LEU B 586 -61.73 -10.24 6.52
CA LEU B 586 -62.45 -8.97 6.22
C LEU B 586 -62.00 -8.42 4.87
N THR B 587 -60.69 -8.35 4.66
CA THR B 587 -60.08 -7.80 3.41
C THR B 587 -60.50 -8.66 2.22
N VAL B 588 -60.42 -9.99 2.33
CA VAL B 588 -60.81 -10.95 1.24
C VAL B 588 -62.26 -10.65 0.82
N SER B 589 -63.16 -10.47 1.77
CA SER B 589 -64.61 -10.25 1.53
C SER B 589 -64.85 -8.91 0.84
N LEU B 590 -63.87 -8.00 0.83
CA LEU B 590 -64.01 -6.67 0.20
C LEU B 590 -63.34 -6.64 -1.19
N LEU B 591 -62.55 -7.65 -1.53
CA LEU B 591 -61.82 -7.68 -2.82
C LEU B 591 -62.80 -7.97 -3.95
N PRO B 592 -62.62 -7.35 -5.13
CA PRO B 592 -63.34 -7.76 -6.33
C PRO B 592 -63.09 -9.23 -6.66
N ASN B 593 -64.13 -9.92 -7.13
CA ASN B 593 -64.12 -11.36 -7.52
C ASN B 593 -62.96 -11.61 -8.50
N LYS B 594 -62.72 -10.69 -9.44
CA LYS B 594 -61.70 -10.89 -10.50
C LYS B 594 -60.33 -11.19 -9.88
N ILE B 595 -59.99 -10.52 -8.77
CA ILE B 595 -58.68 -10.67 -8.09
C ILE B 595 -58.60 -12.12 -7.55
N LEU B 596 -59.64 -12.60 -6.90
CA LEU B 596 -59.69 -13.96 -6.30
C LEU B 596 -59.73 -15.04 -7.39
N ASN B 597 -60.34 -14.77 -8.55
CA ASN B 597 -60.45 -15.76 -9.66
C ASN B 597 -59.14 -15.85 -10.45
N ASP B 598 -58.46 -14.72 -10.69
CA ASP B 598 -57.28 -14.63 -11.59
C ASP B 598 -55.95 -14.86 -10.85
N ASN B 599 -55.93 -14.76 -9.53
CA ASN B 599 -54.65 -14.77 -8.74
C ASN B 599 -54.59 -16.01 -7.87
N PRO B 600 -53.51 -16.82 -7.96
CA PRO B 600 -53.27 -17.87 -6.99
C PRO B 600 -53.18 -17.22 -5.61
N HIS B 601 -53.86 -17.84 -4.65
CA HIS B 601 -53.93 -17.43 -3.23
C HIS B 601 -54.33 -18.66 -2.42
N PHE B 602 -54.38 -18.55 -1.10
CA PHE B 602 -54.73 -19.66 -0.18
C PHE B 602 -56.26 -19.71 -0.08
N ASP B 603 -56.82 -20.92 0.10
CA ASP B 603 -58.28 -21.14 0.21
C ASP B 603 -58.74 -20.50 1.53
N LYS B 604 -57.82 -20.33 2.48
CA LYS B 604 -58.07 -19.66 3.78
C LYS B 604 -56.78 -18.99 4.27
N HIS B 605 -56.87 -18.26 5.38
CA HIS B 605 -55.72 -17.64 6.08
C HIS B 605 -54.85 -18.74 6.70
N TYR B 606 -53.53 -18.67 6.47
CA TYR B 606 -52.52 -19.55 7.11
C TYR B 606 -51.53 -18.68 7.89
N LYS B 607 -51.54 -18.81 9.21
CA LYS B 607 -50.60 -18.09 10.11
C LYS B 607 -49.18 -18.51 9.72
N ASP B 608 -48.29 -17.53 9.49
CA ASP B 608 -46.82 -17.70 9.33
C ASP B 608 -46.51 -18.48 8.04
N VAL B 609 -47.34 -18.31 7.01
CA VAL B 609 -47.06 -18.83 5.65
C VAL B 609 -47.21 -17.65 4.70
N MET B 610 -46.33 -17.54 3.70
CA MET B 610 -46.49 -16.51 2.67
C MET B 610 -46.52 -17.18 1.30
N MET B 611 -47.24 -16.57 0.37
CA MET B 611 -47.12 -16.86 -1.08
C MET B 611 -47.24 -15.55 -1.83
N LYS B 612 -46.42 -15.42 -2.87
CA LYS B 612 -46.48 -14.34 -3.88
C LYS B 612 -46.29 -15.02 -5.24
N SER B 613 -46.90 -14.52 -6.30
CA SER B 613 -46.83 -15.13 -7.64
C SER B 613 -46.17 -14.16 -8.61
N PHE B 614 -45.53 -14.71 -9.65
CA PHE B 614 -44.88 -13.95 -10.73
C PHE B 614 -45.08 -14.70 -12.06
N LYS B 615 -44.84 -13.98 -13.14
CA LYS B 615 -44.90 -14.47 -14.53
C LYS B 615 -43.51 -14.28 -15.14
N SER B 616 -43.12 -15.17 -16.05
CA SER B 616 -41.92 -15.01 -16.91
C SER B 616 -42.24 -15.61 -18.29
N ASN B 617 -42.26 -14.76 -19.32
CA ASN B 617 -42.66 -15.10 -20.70
C ASN B 617 -43.86 -16.06 -20.72
N GLY B 618 -45.03 -15.60 -20.27
CA GLY B 618 -46.31 -16.35 -20.41
C GLY B 618 -46.55 -17.33 -19.26
N THR B 619 -45.49 -17.93 -18.70
CA THR B 619 -45.63 -18.93 -17.61
C THR B 619 -45.79 -18.25 -16.25
N MET B 620 -46.75 -18.70 -15.45
CA MET B 620 -47.02 -18.20 -14.08
C MET B 620 -46.30 -19.13 -13.08
N TYR B 621 -45.72 -18.53 -12.04
CA TYR B 621 -45.08 -19.24 -10.91
C TYR B 621 -45.61 -18.70 -9.58
N SER B 622 -45.42 -19.47 -8.52
CA SER B 622 -45.73 -19.06 -7.14
C SER B 622 -44.56 -19.38 -6.22
N LEU B 623 -44.29 -18.46 -5.29
CA LEU B 623 -43.30 -18.61 -4.22
C LEU B 623 -44.08 -18.87 -2.93
N ILE B 624 -43.78 -19.96 -2.24
CA ILE B 624 -44.44 -20.33 -0.96
C ILE B 624 -43.33 -20.53 0.07
N ILE B 625 -43.47 -19.90 1.22
CA ILE B 625 -42.55 -20.07 2.37
C ILE B 625 -43.38 -20.36 3.61
N ASN B 626 -42.98 -21.39 4.34
CA ASN B 626 -43.59 -21.81 5.61
C ASN B 626 -42.65 -21.35 6.74
N LYS B 627 -43.13 -20.45 7.61
CA LYS B 627 -42.38 -19.90 8.77
C LYS B 627 -43.03 -20.38 10.06
N SER B 628 -44.02 -21.28 10.01
CA SER B 628 -44.66 -21.87 11.21
C SER B 628 -43.75 -22.97 11.75
N ALA B 629 -44.08 -23.48 12.95
CA ALA B 629 -43.31 -24.54 13.64
C ALA B 629 -43.63 -25.93 13.06
N SER B 630 -44.61 -26.05 12.17
CA SER B 630 -45.12 -27.39 11.76
C SER B 630 -45.35 -27.44 10.25
N VAL B 631 -45.34 -28.67 9.71
CA VAL B 631 -45.63 -28.95 8.28
C VAL B 631 -47.03 -28.41 7.98
N GLN B 632 -47.20 -27.69 6.89
CA GLN B 632 -48.51 -27.13 6.48
C GLN B 632 -48.88 -27.76 5.15
N THR B 633 -50.17 -28.03 4.97
CA THR B 633 -50.78 -28.36 3.67
C THR B 633 -51.59 -27.12 3.24
N VAL B 634 -51.11 -26.38 2.26
CA VAL B 634 -51.79 -25.13 1.79
C VAL B 634 -52.54 -25.47 0.50
N ASP B 635 -53.85 -25.19 0.50
CA ASP B 635 -54.73 -25.35 -0.68
C ASP B 635 -54.64 -24.05 -1.49
N ILE B 636 -53.96 -24.09 -2.62
CA ILE B 636 -53.82 -22.94 -3.55
C ILE B 636 -55.00 -22.98 -4.52
N VAL B 637 -55.68 -21.84 -4.68
CA VAL B 637 -56.88 -21.66 -5.56
C VAL B 637 -56.72 -20.34 -6.29
N GLY B 638 -57.46 -20.16 -7.39
CA GLY B 638 -57.35 -19.00 -8.28
C GLY B 638 -56.27 -19.20 -9.34
N GLY B 639 -56.33 -18.40 -10.40
CA GLY B 639 -55.59 -18.63 -11.66
C GLY B 639 -55.93 -19.98 -12.29
N LYS B 640 -55.06 -20.47 -13.17
CA LYS B 640 -55.24 -21.74 -13.93
C LYS B 640 -53.92 -22.50 -13.92
N GLY B 641 -53.97 -23.84 -13.91
CA GLY B 641 -52.80 -24.71 -14.15
C GLY B 641 -52.63 -25.72 -13.04
N LYS B 642 -51.79 -26.73 -13.26
CA LYS B 642 -51.42 -27.76 -12.27
C LYS B 642 -50.07 -27.38 -11.67
N ALA B 643 -49.93 -27.55 -10.35
CA ALA B 643 -48.68 -27.32 -9.59
C ALA B 643 -47.62 -28.33 -10.04
N PHE B 644 -46.49 -27.85 -10.56
CA PHE B 644 -45.22 -28.60 -10.67
C PHE B 644 -44.18 -27.91 -9.78
N ILE B 645 -43.57 -28.65 -8.86
CA ILE B 645 -42.52 -28.12 -7.94
C ILE B 645 -41.19 -28.00 -8.71
N LEU B 646 -40.78 -26.76 -9.00
CA LEU B 646 -39.55 -26.39 -9.73
C LEU B 646 -38.38 -26.22 -8.74
N PHE B 647 -38.67 -25.75 -7.52
CA PHE B 647 -37.67 -25.53 -6.44
C PHE B 647 -38.30 -25.86 -5.09
N ALA B 648 -37.57 -26.62 -4.28
CA ALA B 648 -37.97 -27.02 -2.90
C ALA B 648 -36.72 -27.50 -2.18
N ASN B 649 -36.35 -26.88 -1.06
CA ASN B 649 -35.09 -27.21 -0.36
C ASN B 649 -35.38 -28.22 0.75
N LYS B 650 -36.62 -28.67 0.97
CA LYS B 650 -36.93 -29.72 1.99
C LYS B 650 -37.96 -30.73 1.47
N ASN B 651 -37.90 -31.11 0.18
CA ASN B 651 -38.74 -32.20 -0.40
C ASN B 651 -40.24 -31.94 -0.22
N ALA B 652 -40.69 -30.69 -0.37
CA ALA B 652 -42.13 -30.35 -0.53
C ALA B 652 -42.72 -31.31 -1.58
N HIS B 653 -44.01 -31.63 -1.46
CA HIS B 653 -44.78 -32.39 -2.47
C HIS B 653 -46.17 -31.75 -2.58
N SER B 654 -46.82 -31.89 -3.72
CA SER B 654 -48.19 -31.37 -3.98
C SER B 654 -49.05 -32.51 -4.54
N THR B 655 -50.32 -32.56 -4.15
CA THR B 655 -51.39 -33.33 -4.86
C THR B 655 -52.41 -32.31 -5.34
N ALA B 656 -52.55 -32.13 -6.64
CA ALA B 656 -53.63 -31.35 -7.28
C ALA B 656 -53.90 -30.02 -6.58
N ASN B 657 -52.86 -29.19 -6.37
CA ASN B 657 -52.90 -27.78 -5.91
C ASN B 657 -52.93 -27.67 -4.37
N LYS B 658 -52.76 -28.78 -3.64
CA LYS B 658 -52.55 -28.83 -2.18
C LYS B 658 -51.06 -29.07 -1.93
N LEU B 659 -50.32 -28.06 -1.46
CA LEU B 659 -48.84 -28.11 -1.28
C LEU B 659 -48.53 -28.44 0.18
N THR B 660 -47.77 -29.53 0.40
CA THR B 660 -47.20 -29.89 1.72
C THR B 660 -45.78 -29.33 1.77
N ILE B 661 -45.55 -28.42 2.72
CA ILE B 661 -44.33 -27.57 2.81
C ILE B 661 -43.86 -27.61 4.26
N SER B 662 -42.58 -27.90 4.47
CA SER B 662 -41.97 -28.08 5.81
C SER B 662 -41.60 -26.72 6.42
N PRO B 663 -41.42 -26.65 7.76
CA PRO B 663 -40.96 -25.42 8.42
C PRO B 663 -39.68 -24.90 7.76
N GLU B 664 -39.66 -23.63 7.37
CA GLU B 664 -38.48 -22.87 6.86
C GLU B 664 -38.19 -23.23 5.40
N GLU B 665 -39.03 -24.07 4.80
CA GLU B 665 -38.86 -24.46 3.37
C GLU B 665 -39.33 -23.32 2.48
N THR B 666 -38.59 -23.07 1.39
CA THR B 666 -38.99 -22.21 0.26
C THR B 666 -39.35 -23.10 -0.95
N VAL B 667 -40.49 -22.85 -1.57
CA VAL B 667 -41.00 -23.64 -2.74
C VAL B 667 -41.30 -22.67 -3.88
N ILE B 668 -40.79 -22.98 -5.09
CA ILE B 668 -41.29 -22.38 -6.35
C ILE B 668 -42.13 -23.43 -7.08
N ILE B 669 -43.41 -23.11 -7.28
CA ILE B 669 -44.36 -23.84 -8.16
C ILE B 669 -44.35 -23.18 -9.55
N LYS B 670 -44.18 -23.99 -10.58
CA LYS B 670 -44.47 -23.65 -12.00
C LYS B 670 -45.90 -24.14 -12.27
N TRP B 671 -46.76 -23.27 -12.79
CA TRP B 671 -48.16 -23.63 -13.16
C TRP B 671 -48.18 -24.11 -14.61
N LYS B 672 -48.42 -25.40 -14.82
CA LYS B 672 -48.39 -26.05 -16.16
C LYS B 672 -49.77 -25.94 -16.78
N ASN B 673 -49.86 -25.33 -17.98
CA ASN B 673 -51.10 -25.10 -18.79
C ASN B 673 -51.90 -23.94 -18.16
N GLU C 23 85.14 -12.99 -18.31
CA GLU C 23 84.72 -14.28 -18.88
C GLU C 23 84.01 -14.00 -20.22
N ARG C 24 84.27 -14.80 -21.24
CA ARG C 24 83.47 -14.96 -22.48
C ARG C 24 82.52 -16.14 -22.28
N ILE C 25 81.24 -15.97 -22.57
CA ILE C 25 80.21 -17.01 -22.32
C ILE C 25 80.46 -18.16 -23.27
N SER C 26 80.22 -19.39 -22.84
CA SER C 26 80.29 -20.60 -23.70
C SER C 26 79.18 -21.57 -23.31
N LYS C 27 78.99 -22.61 -24.10
CA LYS C 27 78.06 -23.73 -23.84
C LYS C 27 78.48 -24.46 -22.55
N GLN C 28 79.67 -24.18 -22.01
CA GLN C 28 80.22 -24.83 -20.79
C GLN C 28 80.14 -23.87 -19.58
N SER C 29 79.71 -22.63 -19.77
CA SER C 29 79.64 -21.63 -18.66
C SER C 29 78.69 -22.16 -17.57
N THR C 30 78.97 -21.79 -16.33
CA THR C 30 78.07 -22.03 -15.18
C THR C 30 76.87 -21.10 -15.35
N PRO C 31 75.63 -21.64 -15.36
CA PRO C 31 74.45 -20.78 -15.47
C PRO C 31 74.33 -19.91 -14.21
N PHE C 32 73.76 -18.72 -14.36
CA PHE C 32 73.48 -17.77 -13.27
C PHE C 32 72.00 -17.39 -13.21
N VAL C 33 71.56 -17.02 -12.01
CA VAL C 33 70.33 -16.24 -11.76
C VAL C 33 70.75 -14.78 -11.59
N GLY C 34 69.98 -13.85 -12.16
CA GLY C 34 70.27 -12.41 -12.09
C GLY C 34 69.00 -11.59 -12.18
N ALA C 35 69.13 -10.27 -12.17
CA ALA C 35 67.99 -9.35 -12.15
C ALA C 35 68.43 -8.00 -12.69
N GLN C 36 67.52 -7.32 -13.37
CA GLN C 36 67.68 -5.90 -13.74
C GLN C 36 67.89 -5.09 -12.47
N ILE C 37 68.91 -4.23 -12.48
CA ILE C 37 69.05 -3.16 -11.46
C ILE C 37 68.68 -1.88 -12.19
N PHE C 38 67.55 -1.28 -11.80
CA PHE C 38 66.99 -0.11 -12.50
C PHE C 38 67.61 1.13 -11.86
N ILE C 39 68.39 1.86 -12.66
CA ILE C 39 69.15 3.07 -12.24
C ILE C 39 68.51 4.27 -12.92
N GLU C 40 68.09 5.25 -12.12
CA GLU C 40 67.59 6.55 -12.59
C GLU C 40 68.00 7.60 -11.57
N PRO C 41 68.02 8.90 -11.94
CA PRO C 41 68.34 9.95 -10.97
C PRO C 41 67.33 9.91 -9.82
N GLY C 42 67.78 10.37 -8.64
CA GLY C 42 66.98 10.51 -7.42
C GLY C 42 67.28 9.41 -6.42
N GLN C 43 67.77 8.26 -6.89
CA GLN C 43 68.16 7.12 -6.01
C GLN C 43 69.39 7.53 -5.18
N THR C 44 69.49 7.02 -3.96
CA THR C 44 70.63 7.29 -3.04
C THR C 44 71.65 6.14 -3.11
N GLN C 45 72.93 6.46 -2.85
CA GLN C 45 74.03 5.47 -2.63
C GLN C 45 73.55 4.31 -1.74
N GLU C 46 72.87 4.64 -0.64
CA GLU C 46 72.46 3.69 0.41
C GLU C 46 71.46 2.69 -0.20
N GLN C 47 70.47 3.15 -0.97
CA GLN C 47 69.45 2.26 -1.60
C GLN C 47 70.16 1.37 -2.62
N ILE C 48 71.01 1.94 -3.48
CA ILE C 48 71.64 1.16 -4.58
C ILE C 48 72.49 0.04 -3.96
N GLU C 49 73.29 0.37 -2.93
CA GLU C 49 74.17 -0.60 -2.24
C GLU C 49 73.31 -1.70 -1.62
N GLN C 50 72.21 -1.33 -0.97
CA GLN C 50 71.26 -2.28 -0.33
C GLN C 50 70.72 -3.25 -1.40
N TRP C 51 70.50 -2.80 -2.64
CA TRP C 51 70.00 -3.71 -3.72
C TRP C 51 71.09 -4.73 -4.06
N PHE C 52 72.33 -4.28 -4.33
CA PHE C 52 73.44 -5.18 -4.73
C PHE C 52 73.77 -6.15 -3.60
N LYS C 53 73.72 -5.68 -2.35
CA LYS C 53 73.98 -6.53 -1.16
C LYS C 53 72.96 -7.66 -1.16
N LEU C 54 71.68 -7.34 -1.25
CA LEU C 54 70.59 -8.36 -1.22
C LEU C 54 70.67 -9.24 -2.47
N LEU C 55 71.05 -8.66 -3.61
CA LEU C 55 71.20 -9.41 -4.89
C LEU C 55 72.26 -10.48 -4.68
N ALA C 56 73.42 -10.11 -4.13
CA ALA C 56 74.54 -11.04 -3.79
C ALA C 56 74.06 -12.11 -2.80
N GLU C 57 73.34 -11.73 -1.75
CA GLU C 57 72.84 -12.67 -0.71
C GLU C 57 71.74 -13.59 -1.26
N SER C 58 71.17 -13.27 -2.42
CA SER C 58 70.10 -14.07 -3.07
C SER C 58 70.71 -15.03 -4.09
N ASN C 59 72.03 -15.21 -4.05
CA ASN C 59 72.78 -16.20 -4.88
C ASN C 59 72.68 -15.79 -6.35
N MET C 60 72.53 -14.49 -6.60
CA MET C 60 72.53 -13.90 -7.94
C MET C 60 73.91 -13.30 -8.21
N THR C 61 74.45 -13.56 -9.39
CA THR C 61 75.85 -13.24 -9.78
C THR C 61 75.86 -12.11 -10.79
N THR C 62 74.71 -11.83 -11.39
CA THR C 62 74.61 -10.94 -12.57
C THR C 62 73.45 -9.98 -12.41
N CYS C 63 73.63 -8.77 -12.93
CA CYS C 63 72.56 -7.76 -13.08
C CYS C 63 72.59 -7.29 -14.53
N ARG C 64 71.54 -6.60 -14.92
CA ARG C 64 71.51 -5.88 -16.22
C ARG C 64 71.14 -4.44 -15.92
N ILE C 65 71.79 -3.52 -16.59
CA ILE C 65 71.60 -2.06 -16.35
C ILE C 65 71.33 -1.40 -17.69
N ARG C 66 70.22 -0.67 -17.76
CA ARG C 66 69.86 0.17 -18.90
C ARG C 66 70.73 1.42 -18.83
N MET C 67 71.64 1.60 -19.80
CA MET C 67 72.64 2.70 -19.83
C MET C 67 71.98 3.94 -20.45
N PHE C 68 70.95 4.47 -19.82
CA PHE C 68 70.12 5.60 -20.31
C PHE C 68 71.01 6.77 -20.74
N GLY C 69 71.10 7.01 -22.04
CA GLY C 69 71.68 8.24 -22.62
C GLY C 69 71.10 9.48 -21.95
N LYS C 70 69.80 9.47 -21.65
CA LYS C 70 69.11 10.61 -21.02
C LYS C 70 69.78 10.98 -19.68
N TYR C 71 70.26 9.99 -18.92
CA TYR C 71 70.76 10.21 -17.53
C TYR C 71 72.28 10.32 -17.55
N MET C 72 72.87 10.55 -18.73
CA MET C 72 74.31 10.85 -18.91
C MET C 72 74.51 12.17 -19.67
N LYS C 73 73.50 12.67 -20.38
CA LYS C 73 73.59 13.94 -21.14
C LYS C 73 73.61 15.10 -20.14
N THR C 74 74.58 16.01 -20.28
CA THR C 74 74.70 17.28 -19.53
C THR C 74 74.11 18.39 -20.39
N PRO C 75 73.79 19.58 -19.83
CA PRO C 75 73.40 20.73 -20.64
C PRO C 75 74.31 21.00 -21.86
N SER C 76 75.63 20.85 -21.71
CA SER C 76 76.63 21.27 -22.72
C SER C 76 76.83 20.21 -23.80
N GLY C 77 76.25 19.02 -23.68
CA GLY C 77 76.43 17.93 -24.65
C GLY C 77 77.56 16.96 -24.28
N THR C 78 78.32 17.25 -23.22
CA THR C 78 79.29 16.30 -22.61
C THR C 78 78.51 15.10 -22.05
N TYR C 79 79.17 13.94 -21.95
CA TYR C 79 78.70 12.77 -21.18
C TYR C 79 79.24 12.87 -19.75
N ASP C 80 78.33 12.78 -18.78
CA ASP C 80 78.61 12.59 -17.34
C ASP C 80 78.16 11.17 -16.97
N PHE C 81 79.10 10.29 -16.60
CA PHE C 81 78.88 8.84 -16.42
C PHE C 81 78.59 8.53 -14.95
N THR C 82 78.59 9.55 -14.09
CA THR C 82 78.54 9.44 -12.60
C THR C 82 77.47 8.46 -12.15
N LEU C 83 76.26 8.59 -12.67
CA LEU C 83 75.09 7.81 -12.17
C LEU C 83 75.35 6.32 -12.38
N PHE C 84 75.95 5.95 -13.51
CA PHE C 84 76.23 4.55 -13.88
C PHE C 84 77.55 4.07 -13.27
N ASP C 85 78.57 4.95 -13.18
CA ASP C 85 79.83 4.65 -12.42
C ASP C 85 79.43 4.16 -11.02
N ARG C 86 78.59 4.92 -10.33
CA ARG C 86 78.15 4.60 -8.95
C ARG C 86 77.59 3.18 -8.90
N ALA C 87 76.77 2.79 -9.88
CA ALA C 87 76.12 1.47 -9.94
C ALA C 87 77.16 0.38 -10.27
N PHE C 88 77.98 0.62 -11.29
CA PHE C 88 79.04 -0.33 -11.73
C PHE C 88 80.00 -0.63 -10.56
N LYS C 89 80.42 0.41 -9.84
CA LYS C 89 81.37 0.30 -8.70
C LYS C 89 80.70 -0.50 -7.56
N LEU C 90 79.43 -0.25 -7.27
CA LEU C 90 78.69 -1.04 -6.24
C LEU C 90 78.52 -2.47 -6.75
N ALA C 91 78.29 -2.69 -8.03
CA ALA C 91 78.17 -4.05 -8.57
C ALA C 91 79.50 -4.77 -8.33
N ASP C 92 80.59 -4.11 -8.68
CA ASP C 92 81.98 -4.62 -8.55
C ASP C 92 82.23 -4.99 -7.09
N LYS C 93 81.95 -4.08 -6.16
CA LYS C 93 82.16 -4.29 -4.71
C LYS C 93 81.50 -5.60 -4.27
N TYR C 94 80.34 -5.97 -4.83
CA TYR C 94 79.59 -7.20 -4.43
C TYR C 94 79.82 -8.34 -5.42
N HIS C 95 80.84 -8.21 -6.29
CA HIS C 95 81.28 -9.26 -7.26
C HIS C 95 80.11 -9.60 -8.20
N ILE C 96 79.35 -8.58 -8.62
CA ILE C 96 78.18 -8.74 -9.54
C ILE C 96 78.63 -8.31 -10.93
N LYS C 97 78.50 -9.19 -11.91
CA LYS C 97 78.83 -8.83 -13.30
C LYS C 97 77.60 -8.16 -13.93
N VAL C 98 77.82 -7.37 -14.97
CA VAL C 98 76.82 -6.42 -15.52
C VAL C 98 76.63 -6.71 -17.00
N TYR C 99 75.40 -7.02 -17.39
CA TYR C 99 74.90 -6.87 -18.78
C TYR C 99 74.54 -5.38 -18.93
N ALA C 100 75.26 -4.67 -19.81
CA ALA C 100 75.03 -3.23 -20.04
C ALA C 100 74.23 -3.05 -21.34
N THR C 101 73.03 -2.50 -21.25
CA THR C 101 72.13 -2.30 -22.41
C THR C 101 72.38 -0.91 -23.01
N LEU C 102 72.78 -0.89 -24.28
CA LEU C 102 72.89 0.37 -25.05
C LEU C 102 71.47 0.91 -25.22
N PHE C 103 71.22 2.10 -24.69
CA PHE C 103 69.89 2.73 -24.63
C PHE C 103 70.06 4.22 -24.84
N PRO C 104 70.18 4.69 -26.10
CA PRO C 104 70.42 6.11 -26.35
C PRO C 104 69.30 7.01 -25.80
N ASP C 105 69.58 8.31 -25.76
CA ASP C 105 68.64 9.35 -25.28
C ASP C 105 67.31 9.15 -25.99
N THR C 106 66.21 9.20 -25.23
CA THR C 106 64.83 9.02 -25.75
C THR C 106 63.85 9.60 -24.72
N GLU C 107 62.63 9.86 -25.16
CA GLU C 107 61.50 10.34 -24.31
C GLU C 107 61.44 9.49 -23.04
N PHE C 108 61.25 10.13 -21.89
CA PHE C 108 61.00 9.44 -20.59
C PHE C 108 59.86 8.40 -20.74
N THR C 109 58.83 8.70 -21.54
CA THR C 109 57.60 7.86 -21.70
C THR C 109 57.87 6.61 -22.57
N ASP C 110 59.03 6.52 -23.23
CA ASP C 110 59.42 5.37 -24.10
C ASP C 110 59.98 4.24 -23.24
N VAL C 111 59.13 3.31 -22.83
CA VAL C 111 59.44 2.23 -21.84
C VAL C 111 60.43 1.23 -22.45
N GLY C 112 60.22 0.80 -23.69
CA GLY C 112 60.98 -0.31 -24.31
C GLY C 112 62.18 0.16 -25.13
N GLY C 113 62.17 1.43 -25.55
CA GLY C 113 63.23 2.08 -26.35
C GLY C 113 62.90 2.06 -27.84
N PHE C 114 63.42 3.05 -28.58
CA PHE C 114 63.31 3.07 -30.07
C PHE C 114 64.12 1.90 -30.65
N LYS C 115 63.64 1.41 -31.79
CA LYS C 115 64.11 0.17 -32.44
C LYS C 115 65.03 0.50 -33.61
N PHE C 116 64.94 1.72 -34.15
CA PHE C 116 65.74 2.18 -35.32
C PHE C 116 65.98 3.68 -35.23
N PRO C 117 67.04 4.21 -35.86
CA PRO C 117 67.25 5.65 -35.89
C PRO C 117 66.08 6.36 -36.60
N HIS C 118 65.72 7.55 -36.13
CA HIS C 118 64.65 8.43 -36.70
C HIS C 118 65.16 9.06 -38.02
N SER C 119 66.47 9.33 -38.12
CA SER C 119 67.10 10.14 -39.19
C SER C 119 68.62 9.88 -39.25
N ARG C 120 69.27 10.29 -40.33
CA ARG C 120 70.75 10.24 -40.48
C ARG C 120 71.41 10.98 -39.31
N GLU C 121 70.84 12.10 -38.90
CA GLU C 121 71.37 12.94 -37.78
C GLU C 121 71.22 12.16 -36.47
N HIS C 122 70.09 11.47 -36.27
CA HIS C 122 69.88 10.62 -35.08
C HIS C 122 70.88 9.45 -35.10
N GLN C 123 71.15 8.87 -36.28
CA GLN C 123 72.15 7.77 -36.40
C GLN C 123 73.50 8.26 -35.89
N LYS C 124 73.89 9.50 -36.19
CA LYS C 124 75.17 10.09 -35.75
C LYS C 124 75.15 10.27 -34.23
N GLU C 125 74.02 10.65 -33.65
CA GLU C 125 73.90 10.79 -32.17
C GLU C 125 74.09 9.41 -31.54
N VAL C 126 73.56 8.35 -32.15
CA VAL C 126 73.67 6.98 -31.60
C VAL C 126 75.15 6.55 -31.68
N GLU C 127 75.83 6.84 -32.80
CA GLU C 127 77.29 6.60 -32.99
C GLU C 127 78.07 7.25 -31.84
N ASP C 128 77.78 8.51 -31.56
CA ASP C 128 78.44 9.30 -30.49
C ASP C 128 78.11 8.68 -29.13
N TYR C 129 76.87 8.24 -28.92
CA TYR C 129 76.43 7.61 -27.66
C TYR C 129 77.26 6.33 -27.44
N ILE C 130 77.39 5.50 -28.47
CA ILE C 130 78.10 4.19 -28.38
C ILE C 130 79.59 4.45 -28.13
N LYS C 131 80.20 5.37 -28.88
CA LYS C 131 81.63 5.76 -28.69
C LYS C 131 81.84 6.06 -27.20
N ASN C 132 81.08 7.01 -26.66
CA ASN C 132 81.25 7.51 -25.29
C ASN C 132 81.02 6.39 -24.28
N VAL C 133 79.92 5.63 -24.42
CA VAL C 133 79.48 4.67 -23.35
C VAL C 133 80.35 3.42 -23.39
N VAL C 134 80.65 2.91 -24.58
CA VAL C 134 81.46 1.67 -24.71
C VAL C 134 82.91 1.99 -24.31
N SER C 135 83.48 3.10 -24.78
CA SER C 135 84.87 3.52 -24.44
C SER C 135 85.00 3.58 -22.92
N HIS C 136 84.03 4.17 -22.22
CA HIS C 136 84.11 4.33 -20.74
C HIS C 136 83.89 2.98 -20.05
N PHE C 137 82.76 2.31 -20.26
CA PHE C 137 82.30 1.21 -19.37
C PHE C 137 82.98 -0.11 -19.73
N SER C 138 83.57 -0.22 -20.93
CA SER C 138 84.43 -1.37 -21.34
C SER C 138 85.58 -1.56 -20.32
N GLN C 139 85.98 -0.47 -19.66
CA GLN C 139 87.13 -0.43 -18.73
C GLN C 139 86.80 -1.12 -17.41
N TYR C 140 85.53 -1.39 -17.07
CA TYR C 140 85.16 -2.05 -15.78
C TYR C 140 85.37 -3.55 -15.91
N LYS C 141 86.02 -4.16 -14.92
CA LYS C 141 86.37 -5.60 -14.98
C LYS C 141 85.11 -6.45 -14.76
N ASN C 142 84.01 -5.88 -14.22
CA ASN C 142 82.77 -6.64 -13.93
C ASN C 142 81.76 -6.49 -15.07
N LEU C 143 82.13 -5.89 -16.22
CA LEU C 143 81.27 -5.88 -17.43
C LEU C 143 81.27 -7.27 -18.07
N ALA C 144 80.11 -7.92 -18.12
CA ALA C 144 79.92 -9.28 -18.68
C ALA C 144 79.52 -9.21 -20.16
N ALA C 145 78.75 -8.21 -20.57
CA ALA C 145 78.13 -8.20 -21.92
C ALA C 145 77.58 -6.82 -22.27
N TRP C 146 77.64 -6.47 -23.55
CA TRP C 146 76.88 -5.37 -24.17
C TRP C 146 75.58 -5.95 -24.75
N VAL C 147 74.43 -5.47 -24.30
CA VAL C 147 73.12 -5.75 -24.97
C VAL C 147 72.96 -4.63 -26.00
N LEU C 148 73.03 -4.99 -27.29
CA LEU C 148 73.19 -4.02 -28.41
C LEU C 148 71.97 -3.09 -28.47
N ILE C 149 70.80 -3.65 -28.18
CA ILE C 149 69.50 -2.93 -28.18
C ILE C 149 68.54 -3.72 -27.29
N ASN C 150 67.73 -3.04 -26.50
CA ASN C 150 66.68 -3.72 -25.71
C ASN C 150 65.55 -4.12 -26.65
N GLU C 151 65.25 -5.41 -26.73
CA GLU C 151 64.03 -5.95 -27.38
C GLU C 151 63.97 -5.45 -28.81
N PRO C 152 64.89 -5.90 -29.68
CA PRO C 152 64.78 -5.62 -31.10
C PRO C 152 63.47 -6.18 -31.64
N GLY C 153 62.88 -5.48 -32.59
CA GLY C 153 61.62 -5.89 -33.23
C GLY C 153 60.47 -5.03 -32.75
N THR C 154 59.75 -4.49 -33.73
CA THR C 154 58.41 -3.89 -33.56
C THR C 154 57.55 -4.32 -34.74
N PRO C 155 56.27 -4.69 -34.50
CA PRO C 155 55.37 -4.99 -35.62
C PRO C 155 55.28 -3.79 -36.59
N ASN C 156 55.07 -2.57 -36.04
CA ASN C 156 54.78 -1.31 -36.76
C ASN C 156 56.06 -0.51 -36.97
N LEU C 157 56.73 -0.72 -38.12
CA LEU C 157 57.96 0.03 -38.50
C LEU C 157 57.62 1.48 -38.82
N PRO C 158 58.43 2.45 -38.35
CA PRO C 158 58.23 3.86 -38.67
C PRO C 158 58.58 4.20 -40.13
N PHE C 159 57.73 3.78 -41.08
CA PHE C 159 57.89 4.07 -42.54
C PHE C 159 57.68 5.56 -42.81
N ASN C 160 57.04 6.30 -41.89
CA ASN C 160 56.83 7.76 -41.95
C ASN C 160 58.14 8.53 -41.73
N GLU C 161 59.04 8.00 -40.89
CA GLU C 161 60.34 8.63 -40.51
C GLU C 161 61.32 8.55 -41.68
N PRO C 162 62.15 9.58 -41.92
CA PRO C 162 63.02 9.62 -43.11
C PRO C 162 64.09 8.53 -43.19
N PHE C 163 64.65 8.09 -42.06
CA PHE C 163 65.70 7.04 -42.06
C PHE C 163 65.13 5.73 -42.63
N THR C 164 64.02 5.23 -42.06
CA THR C 164 63.35 3.99 -42.50
C THR C 164 62.82 4.15 -43.93
N LYS C 165 62.17 5.28 -44.25
CA LYS C 165 61.62 5.58 -45.61
C LYS C 165 62.71 5.43 -46.66
N GLU C 166 63.89 6.02 -46.42
CA GLU C 166 65.03 5.99 -47.37
C GLU C 166 65.58 4.56 -47.47
N ARG C 167 65.74 3.88 -46.34
CA ARG C 167 66.23 2.47 -46.31
C ARG C 167 65.32 1.60 -47.15
N PHE C 168 64.01 1.75 -47.00
CA PHE C 168 63.01 0.92 -47.73
C PHE C 168 63.09 1.23 -49.24
N SER C 169 63.13 2.52 -49.60
CA SER C 169 63.35 3.01 -50.99
C SER C 169 64.61 2.38 -51.60
N ASP C 170 65.75 2.50 -50.93
CA ASP C 170 67.05 1.91 -51.38
C ASP C 170 66.90 0.40 -51.57
N TRP C 171 66.41 -0.29 -50.53
CA TRP C 171 66.19 -1.76 -50.53
C TRP C 171 65.34 -2.15 -51.76
N LYS C 172 64.28 -1.42 -52.04
CA LYS C 172 63.32 -1.71 -53.16
C LYS C 172 64.06 -1.58 -54.50
N LYS C 173 64.88 -0.55 -54.67
CA LYS C 173 65.67 -0.29 -55.93
C LYS C 173 66.74 -1.38 -56.10
N GLU C 174 67.21 -2.02 -55.03
CA GLU C 174 68.25 -3.07 -55.09
C GLU C 174 67.62 -4.45 -55.30
N HIS C 175 66.29 -4.56 -55.35
CA HIS C 175 65.58 -5.87 -55.54
C HIS C 175 64.74 -5.79 -56.82
N ASN C 176 64.80 -6.82 -57.65
CA ASN C 176 63.96 -6.96 -58.87
C ASN C 176 62.84 -7.94 -58.53
N PHE C 177 61.61 -7.45 -58.43
CA PHE C 177 60.43 -8.31 -58.16
C PHE C 177 59.52 -8.32 -59.39
N SER C 178 59.13 -9.51 -59.82
CA SER C 178 58.16 -9.71 -60.91
C SER C 178 56.77 -9.91 -60.32
N GLU C 179 55.74 -9.44 -61.04
CA GLU C 179 54.32 -9.59 -60.63
C GLU C 179 53.82 -11.00 -60.97
N TYR C 180 54.59 -11.83 -61.70
CA TYR C 180 54.18 -13.21 -62.10
C TYR C 180 55.29 -14.20 -61.73
N ASN C 181 54.93 -15.45 -61.45
CA ASN C 181 55.89 -16.55 -61.16
C ASN C 181 56.34 -17.15 -62.51
N GLU C 182 57.15 -18.22 -62.47
CA GLU C 182 57.74 -18.85 -63.67
C GLU C 182 56.62 -19.40 -64.56
N LYS C 183 55.57 -20.01 -63.97
CA LYS C 183 54.45 -20.61 -64.73
C LYS C 183 53.53 -19.52 -65.30
N GLY C 184 53.67 -18.27 -64.88
CA GLY C 184 52.88 -17.11 -65.38
C GLY C 184 51.78 -16.63 -64.42
N TYR C 185 51.60 -17.27 -63.26
CA TYR C 185 50.53 -16.92 -62.28
C TYR C 185 50.88 -15.63 -61.56
N PRO C 186 49.88 -14.79 -61.21
CA PRO C 186 50.14 -13.61 -60.37
C PRO C 186 50.68 -14.03 -59.01
N VAL C 187 51.49 -13.17 -58.39
CA VAL C 187 52.22 -13.46 -57.12
C VAL C 187 52.14 -12.25 -56.20
N LEU C 188 52.19 -12.47 -54.88
CA LEU C 188 52.60 -11.45 -53.89
C LEU C 188 54.09 -11.68 -53.63
N ASN C 189 54.84 -10.62 -53.34
CA ASN C 189 56.31 -10.71 -53.13
C ASN C 189 56.70 -10.33 -51.71
N PHE C 190 55.80 -9.81 -50.88
CA PHE C 190 56.05 -9.57 -49.43
C PHE C 190 57.32 -8.71 -49.28
N GLU C 191 57.38 -7.65 -50.07
CA GLU C 191 58.54 -6.71 -50.08
C GLU C 191 58.71 -6.16 -48.65
N LYS C 192 57.63 -5.71 -48.03
CA LYS C 192 57.65 -5.13 -46.66
C LYS C 192 58.29 -6.14 -45.70
N GLU C 193 57.83 -7.38 -45.71
CA GLU C 193 58.23 -8.43 -44.72
C GLU C 193 59.71 -8.75 -44.91
N ASN C 194 60.15 -8.86 -46.16
CA ASN C 194 61.57 -9.19 -46.53
C ASN C 194 62.47 -8.00 -46.17
N PHE C 195 62.05 -6.78 -46.46
CA PHE C 195 62.78 -5.55 -46.04
C PHE C 195 62.93 -5.57 -44.51
N ILE C 196 61.86 -5.87 -43.76
CA ILE C 196 61.86 -5.79 -42.27
C ILE C 196 62.90 -6.77 -41.72
N ILE C 197 62.97 -7.99 -42.25
CA ILE C 197 64.03 -8.98 -41.84
C ILE C 197 65.39 -8.32 -42.07
N ASP C 198 65.64 -7.83 -43.30
CA ASP C 198 66.97 -7.29 -43.70
C ASP C 198 67.30 -6.07 -42.85
N TYR C 199 66.28 -5.27 -42.52
CA TYR C 199 66.45 -3.99 -41.78
C TYR C 199 66.91 -4.30 -40.35
N HIS C 200 66.25 -5.27 -39.69
CA HIS C 200 66.64 -5.75 -38.34
C HIS C 200 68.06 -6.31 -38.41
N ASN C 201 68.32 -7.19 -39.37
CA ASN C 201 69.67 -7.77 -39.59
C ASN C 201 70.68 -6.60 -39.66
N TRP C 202 70.39 -5.59 -40.49
CA TRP C 202 71.32 -4.50 -40.79
C TRP C 202 71.60 -3.70 -39.51
N TYR C 203 70.56 -3.25 -38.80
CA TYR C 203 70.74 -2.31 -37.68
C TYR C 203 71.46 -3.01 -36.53
N LEU C 204 71.10 -4.24 -36.20
CA LEU C 204 71.77 -5.01 -35.12
C LEU C 204 73.25 -5.24 -35.50
N ASN C 205 73.52 -5.60 -36.75
CA ASN C 205 74.89 -5.82 -37.26
C ASN C 205 75.67 -4.51 -37.11
N TRP C 206 75.05 -3.39 -37.47
CA TRP C 206 75.67 -2.05 -37.40
C TRP C 206 75.99 -1.71 -35.94
N LEU C 207 75.04 -1.95 -35.01
CA LEU C 207 75.27 -1.75 -33.56
C LEU C 207 76.47 -2.60 -33.10
N ALA C 208 76.54 -3.86 -33.52
CA ALA C 208 77.66 -4.77 -33.17
C ALA C 208 78.98 -4.16 -33.69
N ASN C 209 79.01 -3.70 -34.94
CA ASN C 209 80.22 -3.09 -35.57
C ASN C 209 80.60 -1.82 -34.80
N GLN C 210 79.62 -1.01 -34.40
CA GLN C 210 79.89 0.23 -33.63
C GLN C 210 80.55 -0.11 -32.30
N VAL C 211 80.00 -1.08 -31.56
CA VAL C 211 80.57 -1.51 -30.26
C VAL C 211 81.99 -2.02 -30.51
N ARG C 212 82.20 -2.78 -31.59
CA ARG C 212 83.49 -3.45 -31.90
C ARG C 212 84.56 -2.41 -32.28
N LEU C 213 84.19 -1.17 -32.66
CA LEU C 213 85.15 -0.08 -32.90
C LEU C 213 85.90 0.26 -31.60
N TYR C 214 85.29 0.01 -30.43
CA TYR C 214 85.81 0.50 -29.12
C TYR C 214 86.07 -0.65 -28.15
N ASP C 215 85.46 -1.81 -28.36
CA ASP C 215 85.58 -2.95 -27.41
C ASP C 215 85.44 -4.25 -28.21
N LYS C 216 86.49 -5.06 -28.26
CA LYS C 216 86.50 -6.39 -28.92
C LYS C 216 86.56 -7.48 -27.86
N GLN C 217 86.45 -7.11 -26.58
CA GLN C 217 86.72 -8.01 -25.44
C GLN C 217 85.42 -8.65 -24.91
N HIS C 218 84.30 -7.93 -24.94
CA HIS C 218 83.07 -8.36 -24.22
C HIS C 218 82.05 -8.99 -25.19
N ASP C 219 81.29 -9.94 -24.64
CA ASP C 219 80.15 -10.61 -25.30
C ASP C 219 79.14 -9.56 -25.79
N LEU C 220 78.68 -9.74 -27.04
CA LEU C 220 77.53 -9.02 -27.63
C LEU C 220 76.30 -9.92 -27.49
N HIS C 221 75.21 -9.30 -27.03
CA HIS C 221 73.94 -9.96 -26.64
C HIS C 221 72.78 -9.12 -27.16
N VAL C 222 71.65 -9.76 -27.44
CA VAL C 222 70.38 -9.07 -27.80
C VAL C 222 69.22 -9.96 -27.32
N ASN C 223 68.09 -9.35 -26.92
CA ASN C 223 66.91 -10.08 -26.36
C ASN C 223 65.71 -9.92 -27.29
N PRO C 224 65.54 -10.77 -28.32
CA PRO C 224 64.30 -10.81 -29.07
C PRO C 224 63.13 -11.09 -28.09
N HIS C 225 61.95 -10.56 -28.39
CA HIS C 225 60.79 -10.55 -27.46
C HIS C 225 59.50 -10.95 -28.20
N ASN C 226 58.49 -11.33 -27.43
CA ASN C 226 57.14 -11.57 -27.95
C ASN C 226 57.25 -12.51 -29.14
N VAL C 227 58.00 -13.59 -28.98
CA VAL C 227 58.52 -14.42 -30.09
C VAL C 227 57.35 -15.13 -30.78
N PHE C 228 56.23 -15.38 -30.10
CA PHE C 228 55.11 -16.10 -30.74
C PHE C 228 54.39 -15.18 -31.72
N LYS C 229 54.64 -13.87 -31.66
CA LYS C 229 54.08 -12.88 -32.60
C LYS C 229 55.19 -12.29 -33.49
N LEU C 230 56.42 -12.09 -32.99
CA LEU C 230 57.46 -11.29 -33.70
C LEU C 230 58.51 -12.16 -34.39
N SER C 231 58.39 -13.49 -34.34
CA SER C 231 59.38 -14.42 -34.93
C SER C 231 59.53 -14.15 -36.43
N GLY C 232 58.52 -13.55 -37.07
CA GLY C 232 58.54 -13.21 -38.51
C GLY C 232 59.44 -12.02 -38.81
N LEU C 233 59.95 -11.33 -37.78
CA LEU C 233 60.88 -10.18 -37.85
C LEU C 233 62.35 -10.65 -37.71
N TYR C 234 62.56 -11.88 -37.24
CA TYR C 234 63.83 -12.37 -36.67
C TYR C 234 64.49 -13.40 -37.59
N ASP C 235 65.69 -13.05 -38.09
CA ASP C 235 66.57 -13.99 -38.85
C ASP C 235 67.71 -14.38 -37.92
N PHE C 236 67.49 -15.38 -37.06
CA PHE C 236 68.44 -15.74 -35.97
C PHE C 236 69.72 -16.29 -36.58
N PRO C 237 69.69 -17.14 -37.65
CA PRO C 237 70.91 -17.54 -38.33
C PRO C 237 71.82 -16.35 -38.69
N THR C 238 71.31 -15.27 -39.27
CA THR C 238 72.14 -14.09 -39.59
C THR C 238 72.69 -13.49 -38.28
N TRP C 239 71.89 -13.45 -37.21
CA TRP C 239 72.28 -12.74 -35.96
C TRP C 239 73.48 -13.42 -35.32
N ARG C 240 73.55 -14.75 -35.42
CA ARG C 240 74.68 -15.58 -34.92
C ARG C 240 76.02 -14.99 -35.41
N THR C 241 76.06 -14.45 -36.63
CA THR C 241 77.31 -13.92 -37.25
C THR C 241 77.89 -12.74 -36.48
N PHE C 242 77.14 -12.01 -35.66
CA PHE C 242 77.67 -10.83 -34.93
C PHE C 242 77.40 -10.89 -33.43
N LEU C 243 76.75 -11.94 -32.93
CA LEU C 243 76.47 -12.08 -31.47
C LEU C 243 77.44 -13.12 -30.89
N ASN C 244 77.65 -13.07 -29.58
CA ASN C 244 78.34 -14.12 -28.80
C ASN C 244 77.30 -14.94 -28.04
N SER C 245 76.13 -14.36 -27.73
CA SER C 245 75.00 -15.11 -27.08
C SER C 245 73.67 -14.57 -27.59
N LEU C 246 72.66 -15.45 -27.69
CA LEU C 246 71.28 -14.98 -27.98
C LEU C 246 70.52 -14.90 -26.66
N GLY C 247 69.79 -13.79 -26.48
CA GLY C 247 68.93 -13.56 -25.31
C GLY C 247 67.47 -13.76 -25.66
N GLY C 248 66.61 -13.23 -24.80
CA GLY C 248 65.14 -13.36 -24.91
C GLY C 248 64.47 -12.63 -23.78
N SER C 249 63.38 -11.90 -24.09
CA SER C 249 62.32 -11.50 -23.14
C SER C 249 61.19 -12.55 -23.25
N ALA C 250 60.83 -13.15 -22.13
CA ALA C 250 59.71 -14.10 -22.01
C ALA C 250 58.93 -13.72 -20.75
N HIS C 251 58.06 -12.72 -20.88
CA HIS C 251 57.21 -12.14 -19.80
C HIS C 251 55.81 -12.76 -19.84
N ALA C 252 55.42 -13.38 -18.74
CA ALA C 252 54.08 -13.97 -18.53
C ALA C 252 52.98 -12.95 -18.84
N SER C 253 53.19 -11.67 -18.56
CA SER C 253 52.15 -10.62 -18.73
C SER C 253 52.13 -10.03 -20.15
N TRP C 254 53.16 -10.27 -20.99
CA TRP C 254 53.22 -9.66 -22.35
C TRP C 254 53.15 -10.71 -23.46
N HIS C 255 53.72 -11.90 -23.26
CA HIS C 255 54.18 -12.75 -24.38
C HIS C 255 53.39 -14.05 -24.47
N PHE C 256 52.58 -14.36 -23.46
CA PHE C 256 51.99 -15.71 -23.31
C PHE C 256 50.47 -15.66 -23.51
N GLY C 257 49.97 -14.63 -24.19
CA GLY C 257 48.55 -14.39 -24.48
C GLY C 257 47.89 -15.58 -25.15
N TYR C 258 48.63 -16.41 -25.87
CA TYR C 258 48.07 -17.60 -26.57
C TYR C 258 47.80 -18.73 -25.57
N PHE C 259 48.15 -18.56 -24.29
CA PHE C 259 48.05 -19.65 -23.29
C PHE C 259 47.29 -19.18 -22.06
N PRO C 260 46.57 -20.10 -21.37
CA PRO C 260 46.11 -19.83 -20.01
C PRO C 260 47.32 -19.88 -19.07
N ARG C 261 47.20 -19.30 -17.88
CA ARG C 261 48.30 -19.22 -16.88
C ARG C 261 48.79 -20.63 -16.50
N LYS C 262 47.89 -21.59 -16.39
CA LYS C 262 48.23 -22.97 -15.99
C LYS C 262 49.14 -23.60 -17.04
N ALA C 263 49.28 -23.01 -18.24
CA ALA C 263 50.14 -23.54 -19.33
C ALA C 263 51.31 -22.60 -19.62
N TYR C 264 51.63 -21.69 -18.71
CA TYR C 264 52.82 -20.82 -18.86
C TYR C 264 54.10 -21.65 -18.77
N THR C 265 54.02 -22.86 -18.22
CA THR C 265 55.10 -23.88 -18.28
C THR C 265 55.42 -24.22 -19.75
N VAL C 266 54.40 -24.61 -20.50
CA VAL C 266 54.51 -24.94 -21.96
C VAL C 266 54.98 -23.69 -22.72
N ALA C 267 54.44 -22.53 -22.36
CA ALA C 267 54.77 -21.24 -23.01
C ALA C 267 56.26 -20.98 -22.81
N MET C 268 56.73 -21.10 -21.57
CA MET C 268 58.16 -20.83 -21.28
C MET C 268 59.03 -21.87 -21.99
N SER C 269 58.60 -23.13 -22.01
CA SER C 269 59.36 -24.23 -22.64
C SER C 269 59.49 -23.98 -24.14
N ALA C 270 58.40 -23.58 -24.79
CA ALA C 270 58.38 -23.28 -26.24
C ALA C 270 59.24 -22.04 -26.51
N ASN C 271 59.14 -21.03 -25.65
CA ASN C 271 59.91 -19.78 -25.81
C ASN C 271 61.41 -20.12 -25.67
N ALA C 272 61.77 -20.96 -24.71
CA ALA C 272 63.16 -21.45 -24.51
C ALA C 272 63.62 -22.22 -25.74
N GLU C 273 62.80 -23.12 -26.26
CA GLU C 273 63.17 -23.95 -27.42
C GLU C 273 63.38 -23.05 -28.65
N LEU C 274 62.52 -22.04 -28.81
CA LEU C 274 62.55 -21.14 -29.99
C LEU C 274 63.87 -20.36 -29.96
N ILE C 275 64.25 -19.81 -28.80
CA ILE C 275 65.53 -19.06 -28.64
C ILE C 275 66.70 -20.02 -28.81
N ARG C 276 66.63 -21.19 -28.16
CA ARG C 276 67.68 -22.23 -28.27
C ARG C 276 67.95 -22.51 -29.75
N SER C 277 66.89 -22.78 -30.53
CA SER C 277 67.01 -23.06 -31.98
C SER C 277 67.66 -21.87 -32.70
N GLY C 278 67.25 -20.64 -32.41
CA GLY C 278 67.83 -19.43 -33.02
C GLY C 278 69.31 -19.30 -32.71
N ALA C 279 69.69 -19.64 -31.47
CA ALA C 279 71.08 -19.55 -30.97
C ALA C 279 71.99 -20.42 -31.84
N GLY C 280 71.53 -21.61 -32.25
CA GLY C 280 72.36 -22.61 -32.95
C GLY C 280 73.54 -22.99 -32.07
N GLU C 281 74.76 -22.68 -32.51
CA GLU C 281 76.02 -23.05 -31.80
C GLU C 281 76.30 -22.06 -30.68
N LEU C 282 75.70 -20.88 -30.69
CA LEU C 282 75.87 -19.85 -29.63
C LEU C 282 75.18 -20.31 -28.36
N PRO C 283 75.73 -19.97 -27.19
CA PRO C 283 74.98 -20.12 -25.96
C PRO C 283 73.82 -19.10 -25.95
N TRP C 284 72.79 -19.40 -25.18
CA TRP C 284 71.63 -18.49 -25.02
C TRP C 284 71.30 -18.39 -23.53
N LEU C 285 70.61 -17.32 -23.16
CA LEU C 285 70.11 -17.12 -21.78
C LEU C 285 68.83 -16.26 -21.89
N MET C 286 67.97 -16.31 -20.88
CA MET C 286 66.74 -15.48 -20.85
C MET C 286 67.09 -14.17 -20.17
N THR C 287 67.30 -13.15 -20.99
CA THR C 287 67.71 -11.77 -20.59
C THR C 287 66.65 -11.11 -19.71
N GLU C 288 65.39 -11.51 -19.88
CA GLU C 288 64.27 -10.75 -19.28
C GLU C 288 63.10 -11.71 -19.00
N LEU C 289 62.89 -12.00 -17.72
CA LEU C 289 61.78 -12.81 -17.17
C LEU C 289 60.96 -11.92 -16.23
N GLN C 290 59.69 -12.25 -15.98
CA GLN C 290 58.85 -11.36 -15.12
C GLN C 290 59.19 -11.64 -13.66
N GLY C 291 59.68 -10.62 -12.95
CA GLY C 291 60.14 -10.75 -11.55
C GLY C 291 59.10 -10.32 -10.52
N GLY C 292 58.03 -9.68 -10.95
CA GLY C 292 57.07 -9.09 -10.01
C GLY C 292 55.77 -8.63 -10.66
N ASN C 293 55.10 -7.75 -9.94
CA ASN C 293 53.64 -7.52 -10.04
C ASN C 293 53.32 -6.54 -11.17
N ASN C 294 52.25 -6.82 -11.92
CA ASN C 294 51.57 -5.81 -12.77
C ASN C 294 50.53 -5.07 -11.93
N LEU C 295 50.68 -3.76 -11.81
CA LEU C 295 49.62 -2.87 -11.26
C LEU C 295 48.77 -2.43 -12.47
N TYR C 296 49.27 -1.50 -13.28
CA TYR C 296 48.61 -0.95 -14.48
C TYR C 296 49.25 -1.51 -15.76
N SER C 297 50.45 -2.11 -15.71
CA SER C 297 51.17 -2.56 -16.93
C SER C 297 50.70 -3.97 -17.33
N GLY C 298 51.13 -4.40 -18.51
CA GLY C 298 50.96 -5.79 -19.00
C GLY C 298 49.66 -5.97 -19.74
N ALA C 299 49.59 -6.93 -20.66
CA ALA C 299 48.36 -7.33 -21.38
C ALA C 299 47.61 -8.39 -20.55
N ASN C 300 48.32 -9.36 -19.96
CA ASN C 300 47.73 -10.47 -19.14
C ASN C 300 48.32 -10.36 -17.74
N PRO C 301 47.87 -9.40 -16.92
CA PRO C 301 48.64 -9.02 -15.73
C PRO C 301 48.61 -10.14 -14.69
N LEU C 302 49.72 -10.28 -13.96
CA LEU C 302 49.87 -11.23 -12.82
C LEU C 302 50.97 -10.72 -11.88
N CYS C 303 51.05 -11.36 -10.74
CA CYS C 303 52.25 -11.43 -9.88
C CYS C 303 52.72 -12.87 -9.88
N PRO C 304 53.88 -13.20 -10.49
CA PRO C 304 54.35 -14.58 -10.49
C PRO C 304 54.34 -15.13 -9.05
N THR C 305 53.90 -16.37 -8.88
CA THR C 305 54.04 -17.09 -7.58
C THR C 305 55.51 -17.51 -7.43
N ALA C 306 55.95 -17.73 -6.19
CA ALA C 306 57.23 -18.41 -5.89
C ALA C 306 57.37 -19.66 -6.76
N GLU C 307 56.29 -20.43 -6.89
CA GLU C 307 56.27 -21.72 -7.63
C GLU C 307 56.60 -21.46 -9.10
N GLU C 308 56.06 -20.38 -9.65
CA GLU C 308 56.20 -20.02 -11.09
C GLU C 308 57.64 -19.60 -11.36
N ILE C 309 58.25 -18.85 -10.43
CA ILE C 309 59.68 -18.41 -10.52
C ILE C 309 60.57 -19.65 -10.67
N ILE C 310 60.33 -20.66 -9.82
CA ILE C 310 61.13 -21.90 -9.80
C ILE C 310 60.87 -22.65 -11.11
N GLN C 311 59.61 -22.77 -11.52
CA GLN C 311 59.19 -23.43 -12.79
C GLN C 311 59.97 -22.81 -13.95
N TRP C 312 60.01 -21.48 -14.04
CA TRP C 312 60.59 -20.81 -15.24
C TRP C 312 62.10 -20.99 -15.27
N LEU C 313 62.78 -20.83 -14.13
CA LEU C 313 64.26 -20.99 -14.07
C LEU C 313 64.62 -22.42 -14.50
N TRP C 314 63.95 -23.42 -13.98
CA TRP C 314 64.27 -24.84 -14.29
C TRP C 314 63.96 -25.15 -15.76
N ILE C 315 62.89 -24.61 -16.32
CA ILE C 315 62.52 -24.90 -17.74
C ILE C 315 63.63 -24.34 -18.61
N ASN C 316 64.10 -23.15 -18.30
CA ASN C 316 65.13 -22.47 -19.13
C ASN C 316 66.44 -23.26 -19.01
N PHE C 317 66.87 -23.59 -17.80
CA PHE C 317 68.17 -24.30 -17.57
C PHE C 317 68.08 -25.67 -18.23
N ALA C 318 66.94 -26.34 -18.12
CA ALA C 318 66.67 -27.66 -18.76
C ALA C 318 66.78 -27.54 -20.27
N THR C 319 66.62 -26.32 -20.81
CA THR C 319 66.60 -26.01 -22.25
C THR C 319 67.91 -25.28 -22.60
N GLU C 320 68.96 -25.45 -21.77
CA GLU C 320 70.38 -25.05 -22.05
C GLU C 320 70.62 -23.57 -21.78
N ALA C 321 69.69 -22.87 -21.14
CA ALA C 321 69.90 -21.44 -20.83
C ALA C 321 71.13 -21.32 -19.95
N LYS C 322 71.96 -20.30 -20.20
CA LYS C 322 73.16 -20.02 -19.38
C LYS C 322 72.82 -18.95 -18.35
N GLY C 323 71.57 -18.54 -18.28
CA GLY C 323 71.14 -17.49 -17.34
C GLY C 323 69.65 -17.26 -17.38
N GLY C 324 69.12 -16.77 -16.27
CA GLY C 324 67.79 -16.17 -16.14
C GLY C 324 67.90 -14.85 -15.44
N ILE C 325 67.65 -13.75 -16.15
CA ILE C 325 67.67 -12.37 -15.59
C ILE C 325 66.21 -11.89 -15.50
N PHE C 326 65.77 -11.58 -14.29
CA PHE C 326 64.43 -11.06 -13.97
C PHE C 326 64.39 -9.55 -14.19
N TRP C 327 63.40 -9.09 -14.95
CA TRP C 327 62.90 -7.70 -14.88
C TRP C 327 61.83 -7.66 -13.80
N SER C 328 62.10 -7.05 -12.64
CA SER C 328 63.31 -6.32 -12.28
C SER C 328 63.62 -6.60 -10.80
N PHE C 329 64.84 -6.31 -10.36
CA PHE C 329 65.19 -6.43 -8.92
C PHE C 329 64.41 -5.36 -8.16
N ASN C 330 64.63 -4.10 -8.52
CA ASN C 330 63.97 -2.91 -7.95
C ASN C 330 63.08 -2.28 -9.05
N ALA C 331 62.15 -1.42 -8.67
CA ALA C 331 61.13 -0.83 -9.55
C ALA C 331 61.53 0.56 -10.01
N ARG C 332 61.02 0.97 -11.17
CA ARG C 332 60.92 2.39 -11.59
C ARG C 332 60.09 3.12 -10.53
N SER C 333 60.28 4.43 -10.40
CA SER C 333 59.65 5.24 -9.33
C SER C 333 58.51 6.10 -9.89
N THR C 334 58.50 6.41 -11.18
CA THR C 334 57.60 7.44 -11.76
C THR C 334 56.85 6.93 -12.99
N ALA C 335 55.55 7.16 -13.03
CA ALA C 335 54.68 6.94 -14.22
C ALA C 335 54.72 5.45 -14.61
N ALA C 336 55.03 5.13 -15.87
CA ALA C 336 54.85 3.77 -16.43
C ALA C 336 55.66 2.76 -15.59
N GLU C 337 54.98 1.78 -14.99
CA GLU C 337 55.55 0.63 -14.25
C GLU C 337 56.19 1.10 -12.94
N ALA C 338 55.82 2.28 -12.44
CA ALA C 338 56.20 2.78 -11.10
C ALA C 338 55.82 1.75 -10.03
N GLY C 339 56.83 1.16 -9.36
CA GLY C 339 56.62 0.20 -8.27
C GLY C 339 56.06 -1.11 -8.79
N GLU C 340 56.26 -1.40 -10.07
CA GLU C 340 55.82 -2.67 -10.72
C GLU C 340 57.05 -3.52 -11.06
N TRP C 341 56.86 -4.82 -11.24
CA TRP C 341 57.82 -5.79 -11.82
C TRP C 341 58.92 -6.23 -10.81
N ALA C 342 59.01 -5.62 -9.63
CA ALA C 342 60.19 -5.73 -8.74
C ALA C 342 60.14 -7.04 -7.95
N MET C 343 61.31 -7.69 -7.77
CA MET C 343 61.43 -8.94 -6.97
C MET C 343 61.53 -8.58 -5.49
N ILE C 344 62.03 -7.38 -5.17
CA ILE C 344 62.06 -6.86 -3.77
C ILE C 344 60.74 -6.11 -3.53
N ASN C 345 60.32 -6.09 -2.27
CA ASN C 345 59.12 -5.39 -1.78
C ASN C 345 59.48 -3.92 -1.58
N PHE C 346 58.54 -3.08 -1.17
CA PHE C 346 58.72 -1.61 -1.05
C PHE C 346 59.63 -1.25 0.13
N LYS C 347 60.00 -2.21 1.00
CA LYS C 347 61.01 -2.04 2.07
C LYS C 347 62.36 -2.59 1.61
N ASN C 348 62.49 -2.92 0.32
CA ASN C 348 63.77 -3.36 -0.31
C ASN C 348 64.23 -4.67 0.31
N LYS C 349 63.30 -5.50 0.79
CA LYS C 349 63.57 -6.87 1.28
C LYS C 349 62.93 -7.89 0.31
N SER C 350 63.24 -9.17 0.51
CA SER C 350 62.89 -10.27 -0.40
C SER C 350 61.37 -10.53 -0.40
N SER C 351 60.75 -10.51 -1.57
CA SER C 351 59.43 -11.16 -1.80
C SER C 351 59.65 -12.66 -1.80
N ASP C 352 58.58 -13.44 -1.81
CA ASP C 352 58.67 -14.92 -1.92
C ASP C 352 59.28 -15.27 -3.30
N ARG C 353 59.27 -14.34 -4.26
CA ARG C 353 59.81 -14.56 -5.62
C ARG C 353 61.34 -14.51 -5.59
N LEU C 354 61.92 -13.58 -4.84
CA LEU C 354 63.39 -13.48 -4.68
C LEU C 354 63.90 -14.67 -3.87
N ILE C 355 63.20 -15.04 -2.78
CA ILE C 355 63.55 -16.21 -1.94
C ILE C 355 63.58 -17.46 -2.83
N ALA C 356 62.57 -17.66 -3.67
CA ALA C 356 62.47 -18.79 -4.62
C ALA C 356 63.65 -18.75 -5.62
N ALA C 357 63.91 -17.60 -6.25
CA ALA C 357 65.04 -17.44 -7.20
C ALA C 357 66.37 -17.79 -6.49
N ALA C 358 66.51 -17.41 -5.22
CA ALA C 358 67.73 -17.61 -4.41
C ALA C 358 67.99 -19.12 -4.20
N THR C 359 66.95 -19.94 -4.10
CA THR C 359 67.11 -21.41 -3.92
C THR C 359 67.71 -22.01 -5.19
N ILE C 360 67.49 -21.38 -6.34
CA ILE C 360 68.00 -21.93 -7.63
C ILE C 360 69.46 -21.51 -7.80
N GLY C 361 69.78 -20.27 -7.42
CA GLY C 361 71.16 -19.77 -7.33
C GLY C 361 71.99 -20.66 -6.41
N LYS C 362 71.45 -21.00 -5.23
CA LYS C 362 72.12 -21.86 -4.22
C LYS C 362 72.33 -23.26 -4.83
N PHE C 363 71.28 -23.86 -5.39
CA PHE C 363 71.35 -25.17 -6.07
C PHE C 363 72.48 -25.20 -7.11
N ILE C 364 72.62 -24.13 -7.88
CA ILE C 364 73.67 -24.04 -8.94
C ILE C 364 75.05 -24.09 -8.26
N THR C 365 75.27 -23.31 -7.20
CA THR C 365 76.60 -23.25 -6.53
C THR C 365 76.93 -24.62 -5.93
N GLU C 366 75.93 -25.43 -5.56
CA GLU C 366 76.10 -26.77 -4.93
C GLU C 366 76.13 -27.89 -5.99
N ASN C 367 75.93 -27.57 -7.27
CA ASN C 367 75.90 -28.58 -8.36
C ASN C 367 76.52 -27.97 -9.62
N VAL C 368 77.67 -27.31 -9.46
CA VAL C 368 78.31 -26.52 -10.55
C VAL C 368 78.51 -27.39 -11.80
N LYS C 369 79.08 -28.59 -11.66
CA LYS C 369 79.51 -29.41 -12.81
C LYS C 369 78.28 -29.87 -13.60
N MET C 370 77.25 -30.36 -12.89
CA MET C 370 75.94 -30.74 -13.49
C MET C 370 75.36 -29.54 -14.26
N MET C 371 75.28 -28.38 -13.60
CA MET C 371 74.50 -27.23 -14.13
C MET C 371 75.26 -26.57 -15.29
N SER C 372 76.58 -26.74 -15.36
CA SER C 372 77.47 -26.04 -16.34
C SER C 372 77.47 -26.78 -17.68
N ASN C 373 76.94 -27.99 -17.73
CA ASN C 373 77.14 -28.91 -18.88
C ASN C 373 75.79 -29.43 -19.38
N ILE C 374 74.69 -28.75 -19.07
CA ILE C 374 73.34 -29.23 -19.48
C ILE C 374 73.26 -29.24 -21.00
N LYS C 375 72.81 -30.36 -21.54
CA LYS C 375 72.45 -30.55 -22.96
C LYS C 375 71.05 -31.15 -22.93
N THR C 376 70.10 -30.47 -23.56
CA THR C 376 68.70 -30.92 -23.66
C THR C 376 68.72 -32.29 -24.34
N LEU C 377 67.96 -33.25 -23.83
CA LEU C 377 67.83 -34.57 -24.47
C LEU C 377 66.84 -34.38 -25.63
N ASN C 378 67.37 -34.17 -26.84
CA ASN C 378 66.57 -34.06 -28.07
C ASN C 378 65.89 -35.40 -28.31
N SER C 379 64.56 -35.44 -28.22
CA SER C 379 63.73 -36.63 -28.55
C SER C 379 63.95 -37.04 -30.01
N GLY C 380 64.36 -36.12 -30.87
CA GLY C 380 64.31 -36.29 -32.34
C GLY C 380 63.10 -35.62 -32.94
N ILE C 381 62.18 -35.09 -32.14
CA ILE C 381 60.93 -34.42 -32.63
C ILE C 381 61.26 -32.95 -32.79
N SER C 382 61.11 -32.42 -34.00
CA SER C 382 61.22 -30.97 -34.29
C SER C 382 59.89 -30.44 -34.81
N ILE C 383 59.32 -29.47 -34.09
CA ILE C 383 58.14 -28.69 -34.56
C ILE C 383 58.67 -27.47 -35.31
N LEU C 384 58.38 -27.38 -36.61
CA LEU C 384 58.93 -26.27 -37.44
C LEU C 384 57.84 -25.24 -37.73
N TYR C 385 58.19 -23.96 -37.60
CA TYR C 385 57.42 -22.80 -38.08
C TYR C 385 58.27 -22.10 -39.15
N ASN C 386 57.67 -21.26 -40.01
CA ASN C 386 58.47 -20.41 -40.91
C ASN C 386 57.88 -18.99 -40.96
N HIS C 387 58.75 -18.03 -41.22
CA HIS C 387 58.40 -16.61 -41.45
C HIS C 387 57.22 -16.57 -42.43
N GLU C 388 57.30 -17.33 -43.52
CA GLU C 388 56.45 -17.12 -44.71
C GLU C 388 55.02 -17.57 -44.39
N SER C 389 54.80 -18.59 -43.60
CA SER C 389 53.43 -19.00 -43.16
C SER C 389 52.80 -17.84 -42.38
N MET C 390 53.58 -17.18 -41.54
CA MET C 390 53.11 -16.01 -40.76
C MET C 390 52.75 -14.86 -41.73
N TRP C 391 53.59 -14.61 -42.74
CA TRP C 391 53.41 -13.49 -43.68
C TRP C 391 52.18 -13.74 -44.56
N VAL C 392 52.02 -14.95 -45.06
CA VAL C 392 50.84 -15.31 -45.89
C VAL C 392 49.57 -15.25 -45.01
N GLU C 393 49.63 -15.74 -43.77
CA GLU C 393 48.49 -15.65 -42.84
C GLU C 393 48.04 -14.18 -42.70
N ALA C 394 48.98 -13.25 -42.47
CA ALA C 394 48.70 -11.81 -42.28
C ALA C 394 47.96 -11.26 -43.52
N ALA C 395 48.39 -11.63 -44.72
CA ALA C 395 47.77 -11.18 -46.00
C ALA C 395 46.37 -11.81 -46.15
N GLN C 396 46.22 -13.10 -45.87
CA GLN C 396 44.95 -13.83 -46.09
C GLN C 396 43.89 -13.47 -45.04
N THR C 397 44.28 -13.20 -43.80
CA THR C 397 43.33 -12.92 -42.69
C THR C 397 43.05 -11.42 -42.65
N ARG C 398 43.78 -10.64 -43.46
CA ARG C 398 43.67 -9.15 -43.55
C ARG C 398 43.82 -8.54 -42.15
N GLY C 399 44.59 -9.19 -41.25
CA GLY C 399 44.88 -8.67 -39.90
C GLY C 399 43.75 -8.89 -38.89
N LYS C 400 42.74 -9.73 -39.18
CA LYS C 400 41.68 -10.15 -38.21
C LYS C 400 42.32 -10.73 -36.93
N LEU C 401 41.74 -10.42 -35.77
CA LEU C 401 42.23 -10.77 -34.39
C LEU C 401 41.11 -11.45 -33.61
N ASN C 402 40.40 -12.40 -34.23
CA ASN C 402 39.23 -13.13 -33.67
C ASN C 402 39.68 -14.43 -32.97
N GLY C 403 40.98 -14.59 -32.68
CA GLY C 403 41.58 -15.78 -32.02
C GLY C 403 41.08 -17.11 -32.59
N ASN C 404 41.28 -17.39 -33.89
CA ASN C 404 40.91 -18.67 -34.56
C ASN C 404 41.69 -18.86 -35.88
N GLY C 405 41.36 -19.89 -36.66
CA GLY C 405 42.08 -20.22 -37.92
C GLY C 405 42.05 -19.07 -38.90
N ARG C 406 41.01 -18.22 -38.86
CA ARG C 406 40.83 -17.06 -39.78
C ARG C 406 41.36 -15.79 -39.14
N SER C 407 42.30 -15.92 -38.22
CA SER C 407 42.90 -14.76 -37.50
C SER C 407 44.42 -14.91 -37.50
N ILE C 408 45.11 -13.78 -37.35
CA ILE C 408 46.57 -13.74 -37.07
C ILE C 408 46.81 -14.59 -35.82
N GLY C 409 47.76 -15.52 -35.91
CA GLY C 409 48.27 -16.29 -34.75
C GLY C 409 48.04 -17.78 -34.89
N ALA C 410 47.17 -18.22 -35.81
CA ALA C 410 46.86 -19.66 -36.01
C ALA C 410 48.12 -20.43 -36.43
N VAL C 411 48.96 -19.85 -37.30
CA VAL C 411 50.18 -20.54 -37.79
C VAL C 411 51.21 -20.71 -36.65
N MET C 412 51.07 -19.97 -35.55
CA MET C 412 51.94 -20.18 -34.36
C MET C 412 51.17 -21.00 -33.29
N CYS C 413 49.89 -20.73 -33.08
CA CYS C 413 49.08 -21.47 -32.04
C CYS C 413 49.04 -22.96 -32.41
N SER C 414 49.05 -23.29 -33.71
CA SER C 414 48.94 -24.69 -34.19
C SER C 414 50.17 -25.49 -33.74
N PRO C 415 51.41 -25.09 -34.12
CA PRO C 415 52.59 -25.81 -33.65
C PRO C 415 52.70 -25.77 -32.13
N LEU C 416 52.35 -24.65 -31.50
CA LEU C 416 52.37 -24.54 -30.01
C LEU C 416 51.42 -25.57 -29.40
N SER C 417 50.35 -25.96 -30.10
CA SER C 417 49.37 -26.96 -29.59
C SER C 417 49.97 -28.36 -29.65
N TYR C 418 50.63 -28.74 -30.76
CA TYR C 418 51.39 -30.01 -30.84
C TYR C 418 52.41 -30.02 -29.70
N PHE C 419 53.12 -28.91 -29.52
CA PHE C 419 54.17 -28.79 -28.50
C PHE C 419 53.55 -29.07 -27.13
N GLU C 420 52.39 -28.51 -26.86
CA GLU C 420 51.68 -28.74 -25.57
C GLU C 420 51.30 -30.23 -25.43
N ALA C 421 50.82 -30.86 -26.50
CA ALA C 421 50.39 -32.27 -26.50
C ALA C 421 51.60 -33.15 -26.16
N LEU C 422 52.75 -32.85 -26.76
CA LEU C 422 54.01 -33.56 -26.52
C LEU C 422 54.50 -33.31 -25.09
N SER C 423 54.42 -32.08 -24.57
CA SER C 423 54.78 -31.75 -23.16
C SER C 423 53.92 -32.59 -22.20
N GLU C 424 52.63 -32.77 -22.51
CA GLU C 424 51.68 -33.50 -21.64
C GLU C 424 51.89 -35.00 -21.82
N THR C 425 52.75 -35.40 -22.76
CA THR C 425 53.23 -36.80 -22.94
C THR C 425 54.61 -36.99 -22.30
N GLY C 426 55.20 -35.93 -21.75
CA GLY C 426 56.55 -35.95 -21.17
C GLY C 426 57.65 -36.02 -22.23
N LEU C 427 57.36 -35.67 -23.49
CA LEU C 427 58.36 -35.70 -24.59
C LEU C 427 58.88 -34.28 -24.87
N GLN C 428 60.19 -34.09 -24.85
CA GLN C 428 60.85 -32.88 -25.44
C GLN C 428 60.48 -32.81 -26.92
N ALA C 429 60.34 -31.60 -27.43
CA ALA C 429 60.25 -31.30 -28.86
C ALA C 429 61.02 -30.00 -29.09
N ASN C 430 61.79 -29.94 -30.16
CA ASN C 430 62.38 -28.67 -30.63
C ASN C 430 61.25 -27.80 -31.19
N PHE C 431 61.44 -26.49 -31.14
CA PHE C 431 60.58 -25.48 -31.78
C PHE C 431 61.50 -24.58 -32.59
N LYS C 432 61.47 -24.70 -33.91
CA LYS C 432 62.55 -24.15 -34.78
C LYS C 432 61.93 -23.46 -35.99
N GLU C 433 62.56 -22.37 -36.42
CA GLU C 433 62.30 -21.80 -37.77
C GLU C 433 62.88 -22.81 -38.77
N ILE C 434 62.23 -23.01 -39.89
CA ILE C 434 62.59 -24.09 -40.85
C ILE C 434 64.06 -23.91 -41.31
N LYS C 435 64.56 -22.68 -41.47
CA LYS C 435 65.98 -22.45 -41.90
C LYS C 435 66.96 -22.81 -40.77
N GLU C 436 66.48 -23.08 -39.55
CA GLU C 436 67.34 -23.46 -38.39
C GLU C 436 67.43 -24.99 -38.31
N PHE C 437 66.64 -25.72 -39.10
CA PHE C 437 66.69 -27.19 -39.14
C PHE C 437 67.79 -27.59 -40.13
N ASP C 438 68.63 -28.56 -39.73
CA ASP C 438 69.75 -29.07 -40.55
C ASP C 438 69.19 -30.16 -41.47
N PHE C 439 69.00 -29.85 -42.73
CA PHE C 439 68.46 -30.75 -43.79
C PHE C 439 69.58 -31.43 -44.57
N SER C 440 70.84 -31.32 -44.13
CA SER C 440 72.03 -31.72 -44.92
C SER C 440 72.55 -33.11 -44.49
N LEU C 441 71.95 -33.78 -43.51
CA LEU C 441 72.39 -35.11 -43.01
C LEU C 441 71.99 -36.20 -44.02
N ASN C 442 72.57 -37.40 -43.86
CA ASN C 442 72.39 -38.57 -44.76
C ASN C 442 71.38 -39.55 -44.19
N ASP C 443 71.08 -39.43 -42.91
CA ASP C 443 70.20 -40.36 -42.15
C ASP C 443 69.30 -39.51 -41.24
N TYR C 444 67.98 -39.74 -41.30
CA TYR C 444 66.98 -39.10 -40.39
C TYR C 444 66.09 -40.19 -39.79
N THR C 445 66.60 -41.43 -39.77
CA THR C 445 66.00 -42.55 -39.01
C THR C 445 65.69 -42.02 -37.62
N ASP C 446 64.49 -42.29 -37.12
CA ASP C 446 64.12 -41.98 -35.72
C ASP C 446 64.11 -40.44 -35.46
N GLN C 447 64.03 -39.62 -36.50
CA GLN C 447 63.81 -38.15 -36.40
C GLN C 447 62.40 -37.83 -36.90
N VAL C 448 61.72 -36.88 -36.27
CA VAL C 448 60.32 -36.51 -36.59
C VAL C 448 60.23 -35.01 -36.81
N ILE C 449 59.61 -34.62 -37.92
CA ILE C 449 59.23 -33.20 -38.18
C ILE C 449 57.71 -33.10 -38.13
N ILE C 450 57.22 -32.14 -37.36
CA ILE C 450 55.79 -31.75 -37.30
C ILE C 450 55.68 -30.37 -37.96
N LEU C 451 54.93 -30.32 -39.08
CA LEU C 451 54.54 -29.07 -39.78
C LEU C 451 53.04 -28.90 -39.58
N SER C 452 52.67 -28.14 -38.56
CA SER C 452 51.26 -27.96 -38.12
C SER C 452 50.77 -26.61 -38.63
N HIS C 453 49.89 -26.62 -39.64
CA HIS C 453 49.26 -25.39 -40.20
C HIS C 453 50.35 -24.41 -40.62
N GLN C 454 51.43 -24.90 -41.21
CA GLN C 454 52.46 -24.04 -41.85
C GLN C 454 52.01 -23.85 -43.28
N ILE C 455 51.14 -22.85 -43.47
CA ILE C 455 50.31 -22.73 -44.69
C ILE C 455 51.17 -22.39 -45.90
N ALA C 456 52.40 -21.87 -45.73
CA ALA C 456 53.30 -21.51 -46.86
C ALA C 456 54.58 -22.37 -46.84
N LEU C 457 54.80 -23.13 -47.91
CA LEU C 457 56.03 -23.91 -48.20
C LEU C 457 56.43 -23.68 -49.67
N ASP C 458 57.70 -23.40 -49.94
CA ASP C 458 58.20 -23.25 -51.35
C ASP C 458 58.80 -24.57 -51.85
N ASN C 459 59.22 -24.57 -53.12
CA ASN C 459 59.78 -25.78 -53.80
C ASN C 459 61.07 -26.22 -53.07
N LYS C 460 61.94 -25.26 -52.74
CA LYS C 460 63.22 -25.52 -52.02
C LYS C 460 62.92 -26.36 -50.76
N VAL C 461 61.98 -25.91 -49.92
CA VAL C 461 61.72 -26.56 -48.60
C VAL C 461 61.05 -27.91 -48.85
N ILE C 462 60.16 -28.01 -49.84
CA ILE C 462 59.51 -29.32 -50.17
C ILE C 462 60.59 -30.35 -50.53
N LYS C 463 61.59 -29.96 -51.33
CA LYS C 463 62.74 -30.82 -51.71
C LYS C 463 63.50 -31.26 -50.45
N GLN C 464 63.78 -30.33 -49.55
CA GLN C 464 64.43 -30.65 -48.24
C GLN C 464 63.53 -31.64 -47.48
N LEU C 465 62.22 -31.46 -47.50
CA LEU C 465 61.30 -32.37 -46.74
C LEU C 465 61.30 -33.76 -47.39
N GLU C 466 61.39 -33.80 -48.73
CA GLU C 466 61.46 -35.07 -49.51
C GLU C 466 62.73 -35.83 -49.14
N SER C 467 63.88 -35.14 -49.17
CA SER C 467 65.19 -35.68 -48.74
C SER C 467 65.05 -36.24 -47.31
N PHE C 468 64.52 -35.42 -46.40
CA PHE C 468 64.39 -35.79 -44.95
C PHE C 468 63.60 -37.09 -44.81
N VAL C 469 62.44 -37.20 -45.47
CA VAL C 469 61.58 -38.40 -45.35
C VAL C 469 62.25 -39.60 -46.03
N GLU C 470 62.81 -39.39 -47.22
CA GLU C 470 63.48 -40.44 -48.03
C GLU C 470 64.53 -41.16 -47.15
N LYS C 471 65.30 -40.37 -46.40
CA LYS C 471 66.42 -40.83 -45.54
C LYS C 471 65.92 -41.25 -44.17
N GLY C 472 64.64 -41.59 -44.00
CA GLY C 472 64.12 -42.23 -42.78
C GLY C 472 63.29 -41.33 -41.89
N GLY C 473 63.20 -40.02 -42.23
CA GLY C 473 62.41 -39.03 -41.47
C GLY C 473 60.92 -39.41 -41.39
N THR C 474 60.27 -39.13 -40.26
CA THR C 474 58.79 -39.14 -40.15
C THR C 474 58.29 -37.68 -40.23
N LEU C 475 57.41 -37.40 -41.19
CA LEU C 475 56.77 -36.06 -41.37
C LEU C 475 55.31 -36.16 -40.89
N ILE C 476 54.92 -35.33 -39.93
CA ILE C 476 53.49 -35.13 -39.55
C ILE C 476 53.05 -33.74 -40.01
N ALA C 477 52.03 -33.67 -40.87
CA ALA C 477 51.45 -32.41 -41.41
C ALA C 477 49.95 -32.39 -41.12
N ASP C 478 49.48 -31.38 -40.39
CA ASP C 478 48.01 -31.14 -40.19
C ASP C 478 47.67 -29.72 -40.64
N GLY C 479 46.36 -29.39 -40.61
CA GLY C 479 45.85 -28.08 -41.04
C GLY C 479 46.20 -27.82 -42.48
N LEU C 480 46.35 -26.55 -42.84
CA LEU C 480 46.52 -26.10 -44.25
C LEU C 480 48.01 -26.05 -44.59
N THR C 481 48.83 -26.89 -43.95
CA THR C 481 50.28 -26.97 -44.29
C THR C 481 50.44 -27.14 -45.80
N GLY C 482 51.26 -26.32 -46.44
CA GLY C 482 51.58 -26.47 -47.86
C GLY C 482 50.50 -25.96 -48.80
N TYR C 483 49.47 -25.28 -48.29
CA TYR C 483 48.33 -24.78 -49.12
C TYR C 483 48.85 -23.73 -50.11
N TYR C 484 49.76 -22.88 -49.67
CA TYR C 484 50.36 -21.77 -50.44
C TYR C 484 51.87 -21.99 -50.53
N ASP C 485 52.49 -21.28 -51.48
CA ASP C 485 53.95 -21.12 -51.60
C ASP C 485 54.33 -19.77 -50.98
N TYR C 486 55.59 -19.36 -51.13
CA TYR C 486 56.16 -18.15 -50.46
C TYR C 486 55.65 -16.90 -51.14
N GLN C 487 54.86 -17.04 -52.21
CA GLN C 487 54.27 -15.87 -52.93
C GLN C 487 52.74 -15.88 -52.79
N ALA C 488 52.22 -16.66 -51.85
CA ALA C 488 50.78 -16.80 -51.54
C ALA C 488 50.04 -17.39 -52.74
N HIS C 489 50.76 -18.04 -53.65
CA HIS C 489 50.15 -18.81 -54.77
C HIS C 489 49.84 -20.22 -54.28
N SER C 490 48.62 -20.70 -54.46
CA SER C 490 48.20 -22.03 -53.96
C SER C 490 48.44 -23.07 -55.05
N THR C 491 49.41 -23.96 -54.81
CA THR C 491 49.72 -25.09 -55.73
C THR C 491 48.59 -26.10 -55.57
N VAL C 492 47.81 -26.03 -54.49
CA VAL C 492 46.59 -26.87 -54.32
C VAL C 492 45.65 -26.62 -55.50
N VAL C 493 45.65 -25.39 -56.02
CA VAL C 493 44.79 -24.99 -57.19
C VAL C 493 45.54 -25.29 -58.50
N SER C 494 46.79 -24.86 -58.64
CA SER C 494 47.55 -24.91 -59.93
C SER C 494 48.29 -26.24 -60.16
N GLY C 495 48.50 -27.09 -59.15
CA GLY C 495 49.24 -28.36 -59.26
C GLY C 495 50.09 -28.62 -58.02
N PHE C 496 49.60 -29.50 -57.13
CA PHE C 496 50.01 -29.57 -55.70
C PHE C 496 51.49 -29.98 -55.59
N ALA C 497 52.31 -29.11 -55.00
CA ALA C 497 53.78 -29.27 -54.91
C ALA C 497 54.14 -30.44 -54.00
N LEU C 498 53.21 -30.84 -53.11
CA LEU C 498 53.45 -31.89 -52.08
C LEU C 498 52.78 -33.19 -52.50
N GLU C 499 52.26 -33.31 -53.72
CA GLU C 499 51.60 -34.55 -54.19
C GLU C 499 52.59 -35.74 -54.10
N ASN C 500 53.79 -35.53 -54.61
CA ASN C 500 54.87 -36.55 -54.61
C ASN C 500 55.10 -37.06 -53.19
N LEU C 501 55.40 -36.15 -52.25
CA LEU C 501 55.76 -36.53 -50.85
C LEU C 501 54.57 -37.15 -50.14
N PHE C 502 53.35 -36.64 -50.37
CA PHE C 502 52.15 -37.05 -49.60
C PHE C 502 51.51 -38.28 -50.23
N GLY C 503 51.82 -38.57 -51.50
CA GLY C 503 51.24 -39.70 -52.24
C GLY C 503 49.72 -39.56 -52.29
N SER C 504 49.26 -38.33 -52.43
CA SER C 504 47.83 -37.96 -52.32
C SER C 504 47.66 -36.52 -52.78
N TYR C 505 46.40 -36.11 -52.88
CA TYR C 505 45.98 -34.81 -53.46
C TYR C 505 44.81 -34.31 -52.62
N PRO C 506 44.75 -33.01 -52.27
CA PRO C 506 43.56 -32.47 -51.61
C PRO C 506 42.38 -32.52 -52.59
N ILE C 507 41.18 -32.77 -52.07
CA ILE C 507 39.91 -32.74 -52.84
C ILE C 507 39.16 -31.44 -52.48
N GLU C 508 38.76 -31.28 -51.21
CA GLU C 508 38.02 -30.08 -50.73
C GLU C 508 38.44 -29.73 -49.30
N TYR C 509 38.31 -28.44 -48.97
CA TYR C 509 38.12 -27.94 -47.59
C TYR C 509 36.65 -27.48 -47.50
N LYS C 510 36.00 -27.84 -46.41
CA LYS C 510 34.63 -27.40 -46.09
C LYS C 510 34.68 -26.84 -44.69
N ILE C 511 34.32 -25.58 -44.55
CA ILE C 511 34.27 -24.90 -43.23
C ILE C 511 33.16 -25.59 -42.41
N LYS C 512 33.41 -25.79 -41.13
CA LYS C 512 32.48 -26.40 -40.14
C LYS C 512 32.40 -25.42 -38.95
N GLU C 513 31.94 -25.86 -37.79
CA GLU C 513 31.93 -25.05 -36.55
C GLU C 513 33.39 -24.84 -36.09
N ASN C 514 33.61 -23.99 -35.06
CA ASN C 514 34.95 -23.78 -34.47
C ASN C 514 35.49 -25.11 -33.94
N LEU C 515 34.60 -26.00 -33.49
CA LEU C 515 34.95 -27.31 -32.95
C LEU C 515 34.06 -28.38 -33.58
N PHE C 516 34.65 -29.36 -34.26
CA PHE C 516 33.97 -30.58 -34.72
C PHE C 516 34.89 -31.78 -34.41
N SER C 517 34.43 -32.98 -34.68
CA SER C 517 35.11 -34.26 -34.40
C SER C 517 35.46 -34.94 -35.72
N LEU C 518 36.71 -35.35 -35.92
CA LEU C 518 37.09 -36.29 -37.00
C LEU C 518 37.08 -37.68 -36.39
N ASP C 519 36.07 -38.51 -36.73
CA ASP C 519 35.90 -39.87 -36.16
C ASP C 519 36.45 -40.86 -37.20
N PHE C 520 37.61 -41.46 -36.92
CA PHE C 520 38.25 -42.48 -37.78
C PHE C 520 37.38 -43.73 -37.84
N GLU C 521 37.28 -44.34 -39.03
CA GLU C 521 36.47 -45.56 -39.30
C GLU C 521 36.95 -46.72 -38.43
N LYS C 522 38.26 -46.88 -38.23
CA LYS C 522 38.84 -47.99 -37.44
C LYS C 522 38.39 -47.87 -35.96
N ASP C 523 37.66 -46.82 -35.59
CA ASP C 523 36.95 -46.65 -34.29
C ASP C 523 37.96 -46.36 -33.17
N ASN C 524 39.23 -46.12 -33.52
CA ASN C 524 40.28 -45.75 -32.54
C ASN C 524 40.01 -44.26 -32.17
N TYR C 525 40.32 -43.37 -33.10
CA TYR C 525 40.62 -41.93 -32.84
C TYR C 525 39.37 -41.11 -33.11
N LYS C 526 39.01 -40.25 -32.16
CA LYS C 526 38.00 -39.19 -32.34
C LYS C 526 38.75 -37.89 -32.01
N LEU C 527 39.29 -37.24 -33.04
CA LEU C 527 40.18 -36.06 -32.91
C LEU C 527 39.33 -34.81 -32.97
N PRO C 528 39.43 -33.92 -31.96
CA PRO C 528 38.91 -32.56 -32.10
C PRO C 528 39.61 -31.88 -33.29
N ALA C 529 38.83 -31.15 -34.09
CA ALA C 529 39.29 -30.41 -35.27
C ALA C 529 38.64 -29.03 -35.27
N HIS C 530 39.37 -28.06 -35.80
CA HIS C 530 38.99 -26.64 -35.81
C HIS C 530 38.67 -26.19 -37.24
N LEU C 531 37.44 -25.74 -37.45
CA LEU C 531 37.06 -24.76 -38.51
C LEU C 531 36.87 -25.45 -39.87
N TRP C 532 37.89 -26.13 -40.40
CA TRP C 532 37.88 -26.69 -41.77
C TRP C 532 38.07 -28.21 -41.73
N LYS C 533 37.23 -28.94 -42.48
CA LYS C 533 37.43 -30.37 -42.78
C LYS C 533 38.06 -30.49 -44.16
N GLY C 534 39.27 -31.04 -44.21
CA GLY C 534 39.99 -31.38 -45.46
C GLY C 534 39.71 -32.83 -45.84
N THR C 535 39.43 -33.06 -47.12
CA THR C 535 39.27 -34.40 -47.72
C THR C 535 40.30 -34.50 -48.85
N ILE C 536 40.79 -35.71 -49.06
CA ILE C 536 41.93 -36.01 -49.97
C ILE C 536 41.59 -37.23 -50.82
N GLU C 537 42.36 -37.41 -51.88
CA GLU C 537 42.40 -38.62 -52.73
C GLU C 537 43.83 -39.18 -52.66
N THR C 538 43.98 -40.44 -52.23
CA THR C 538 45.27 -41.15 -52.18
C THR C 538 45.58 -41.75 -53.55
N SER C 539 46.86 -41.70 -53.95
CA SER C 539 47.41 -42.53 -55.06
C SER C 539 48.33 -43.56 -54.41
N LYS C 540 49.57 -43.19 -54.08
CA LYS C 540 50.56 -44.08 -53.43
C LYS C 540 50.24 -44.29 -51.94
N ALA C 541 49.62 -43.32 -51.25
CA ALA C 541 49.41 -43.38 -49.78
C ALA C 541 48.27 -44.32 -49.41
N THR C 542 48.27 -44.81 -48.17
CA THR C 542 47.17 -45.59 -47.55
C THR C 542 46.12 -44.59 -47.04
N PRO C 543 44.88 -44.66 -47.54
CA PRO C 543 43.84 -43.72 -47.10
C PRO C 543 43.35 -44.10 -45.69
N ILE C 544 43.05 -43.08 -44.88
CA ILE C 544 42.36 -43.22 -43.58
C ILE C 544 40.99 -42.55 -43.76
N MET C 545 39.94 -43.33 -43.54
CA MET C 545 38.54 -42.92 -43.77
C MET C 545 37.95 -42.56 -42.42
N ASP C 546 36.94 -41.69 -42.43
CA ASP C 546 36.17 -41.33 -41.22
C ASP C 546 34.82 -42.07 -41.27
N LYS C 547 34.05 -42.01 -40.19
CA LYS C 547 32.76 -42.72 -40.05
C LYS C 547 31.76 -42.22 -41.11
N GLU C 548 31.97 -41.04 -41.71
CA GLU C 548 31.08 -40.50 -42.78
C GLU C 548 31.53 -40.98 -44.17
N GLY C 549 32.52 -41.86 -44.24
CA GLY C 549 32.98 -42.47 -45.50
C GLY C 549 33.83 -41.53 -46.34
N GLU C 550 34.42 -40.49 -45.74
CA GLU C 550 35.31 -39.53 -46.45
C GLU C 550 36.76 -39.80 -46.07
N CYS C 551 37.66 -39.62 -47.03
CA CYS C 551 39.13 -39.77 -46.79
C CYS C 551 39.67 -38.48 -46.18
N ILE C 552 40.10 -38.53 -44.91
CA ILE C 552 40.47 -37.34 -44.10
C ILE C 552 41.97 -37.33 -43.80
N ALA C 553 42.69 -38.40 -44.12
CA ALA C 553 44.11 -38.54 -43.77
C ALA C 553 44.73 -39.65 -44.62
N CYS C 554 46.06 -39.73 -44.57
CA CYS C 554 46.80 -40.84 -45.21
C CYS C 554 48.17 -41.02 -44.54
N ILE C 555 48.73 -42.21 -44.69
CA ILE C 555 50.16 -42.54 -44.42
C ILE C 555 50.82 -42.89 -45.75
N ASN C 556 51.83 -42.13 -46.14
CA ASN C 556 52.63 -42.42 -47.35
C ASN C 556 53.98 -42.98 -46.91
N GLN C 557 54.36 -44.15 -47.41
CA GLN C 557 55.73 -44.68 -47.25
C GLN C 557 56.55 -44.04 -48.36
N TYR C 558 57.57 -43.29 -48.02
CA TYR C 558 58.40 -42.54 -48.99
C TYR C 558 59.87 -42.83 -48.66
N GLY C 559 60.57 -43.56 -49.53
CA GLY C 559 61.90 -44.13 -49.24
C GLY C 559 61.88 -44.88 -47.91
N LYS C 560 62.76 -44.55 -46.97
CA LYS C 560 62.85 -45.23 -45.65
C LYS C 560 61.91 -44.55 -44.64
N GLY C 561 61.34 -43.38 -44.95
CA GLY C 561 60.52 -42.60 -44.01
C GLY C 561 59.03 -42.73 -44.27
N LYS C 562 58.23 -42.09 -43.42
CA LYS C 562 56.74 -42.09 -43.56
C LYS C 562 56.23 -40.64 -43.43
N VAL C 563 55.08 -40.39 -44.06
CA VAL C 563 54.34 -39.10 -43.95
C VAL C 563 52.95 -39.44 -43.41
N PHE C 564 52.56 -38.82 -42.30
CA PHE C 564 51.15 -38.74 -41.87
C PHE C 564 50.61 -37.36 -42.26
N TRP C 565 49.59 -37.33 -43.12
CA TRP C 565 48.94 -36.07 -43.57
C TRP C 565 47.47 -36.09 -43.17
N ILE C 566 47.04 -35.08 -42.41
CA ILE C 566 45.62 -34.86 -42.04
C ILE C 566 45.29 -33.38 -42.23
N PRO C 567 44.78 -32.96 -43.39
CA PRO C 567 44.62 -31.53 -43.70
C PRO C 567 43.49 -30.80 -42.97
N SER C 568 42.89 -31.40 -41.93
CA SER C 568 42.04 -30.68 -40.93
C SER C 568 42.93 -30.19 -39.79
N PRO C 569 42.68 -29.01 -39.21
CA PRO C 569 43.50 -28.52 -38.10
C PRO C 569 43.17 -29.25 -36.79
N ILE C 570 43.90 -30.36 -36.51
CA ILE C 570 43.67 -31.18 -35.30
C ILE C 570 44.46 -30.57 -34.13
N ALA C 571 45.58 -29.91 -34.37
CA ALA C 571 46.28 -29.20 -33.28
C ALA C 571 45.43 -28.02 -32.80
N LEU C 572 44.90 -27.23 -33.73
CA LEU C 572 43.98 -26.12 -33.35
C LEU C 572 42.69 -26.71 -32.76
N GLY C 573 42.26 -27.87 -33.21
CA GLY C 573 41.13 -28.61 -32.59
C GLY C 573 41.39 -28.92 -31.14
N ALA C 574 42.57 -29.46 -30.83
CA ALA C 574 42.97 -29.76 -29.44
C ALA C 574 42.95 -28.45 -28.63
N ARG C 575 43.50 -27.36 -29.18
CA ARG C 575 43.51 -26.03 -28.52
C ARG C 575 42.06 -25.59 -28.25
N GLU C 576 41.20 -25.66 -29.27
CA GLU C 576 39.81 -25.16 -29.15
C GLU C 576 39.04 -25.99 -28.12
N SER C 577 39.27 -27.30 -28.05
CA SER C 577 38.55 -28.21 -27.12
C SER C 577 39.22 -28.17 -25.73
N LYS C 578 40.37 -27.51 -25.60
CA LYS C 578 41.18 -27.51 -24.36
C LYS C 578 41.51 -28.95 -23.94
N ASP C 579 41.71 -29.84 -24.89
CA ASP C 579 41.98 -31.28 -24.67
C ASP C 579 43.03 -31.76 -25.68
N PHE C 580 44.23 -32.08 -25.21
CA PHE C 580 45.37 -32.49 -26.08
C PHE C 580 45.56 -34.01 -26.03
N SER C 581 44.64 -34.73 -25.37
CA SER C 581 44.82 -36.18 -25.06
C SER C 581 44.78 -36.98 -26.35
N GLU C 582 43.84 -36.71 -27.25
CA GLU C 582 43.73 -37.50 -28.51
C GLU C 582 44.94 -37.15 -29.40
N LEU C 583 45.36 -35.88 -29.44
CA LEU C 583 46.52 -35.44 -30.26
C LEU C 583 47.79 -36.14 -29.75
N SER C 584 47.94 -36.25 -28.43
CA SER C 584 49.01 -37.01 -27.75
C SER C 584 49.02 -38.48 -28.23
N LYS C 585 47.92 -39.19 -28.07
CA LYS C 585 47.80 -40.64 -28.39
C LYS C 585 48.13 -40.85 -29.88
N LEU C 586 47.56 -40.04 -30.76
CA LEU C 586 47.75 -40.17 -32.22
C LEU C 586 49.22 -39.96 -32.56
N THR C 587 49.84 -38.90 -32.04
CA THR C 587 51.26 -38.55 -32.31
C THR C 587 52.16 -39.68 -31.79
N VAL C 588 51.94 -40.17 -30.57
CA VAL C 588 52.72 -41.27 -29.95
C VAL C 588 52.71 -42.48 -30.90
N SER C 589 51.57 -42.86 -31.43
CA SER C 589 51.37 -44.04 -32.31
C SER C 589 52.12 -43.86 -33.64
N LEU C 590 52.54 -42.65 -33.99
CA LEU C 590 53.25 -42.37 -35.26
C LEU C 590 54.77 -42.26 -35.03
N LEU C 591 55.22 -42.12 -33.78
CA LEU C 591 56.64 -41.91 -33.46
C LEU C 591 57.41 -43.21 -33.72
N PRO C 592 58.66 -43.13 -34.22
CA PRO C 592 59.55 -44.29 -34.26
C PRO C 592 59.76 -44.87 -32.86
N ASN C 593 59.81 -46.20 -32.76
CA ASN C 593 59.97 -46.95 -31.49
C ASN C 593 61.18 -46.42 -30.74
N LYS C 594 62.28 -46.10 -31.46
CA LYS C 594 63.54 -45.68 -30.82
C LYS C 594 63.31 -44.49 -29.89
N ILE C 595 62.45 -43.54 -30.29
CA ILE C 595 62.18 -42.31 -29.49
C ILE C 595 61.52 -42.73 -28.17
N LEU C 596 60.53 -43.62 -28.23
CA LEU C 596 59.78 -44.08 -27.05
C LEU C 596 60.67 -44.95 -26.15
N ASN C 597 61.61 -45.72 -26.71
CA ASN C 597 62.49 -46.64 -25.91
C ASN C 597 63.62 -45.83 -25.25
N ASP C 598 64.20 -44.82 -25.93
CA ASP C 598 65.42 -44.09 -25.48
C ASP C 598 65.11 -42.85 -24.63
N ASN C 599 63.86 -42.35 -24.67
CA ASN C 599 63.50 -41.07 -24.02
C ASN C 599 62.56 -41.33 -22.86
N PRO C 600 62.89 -40.82 -21.65
CA PRO C 600 61.90 -40.78 -20.58
C PRO C 600 60.70 -39.96 -21.08
N HIS C 601 59.51 -40.49 -20.84
CA HIS C 601 58.21 -39.89 -21.19
C HIS C 601 57.16 -40.52 -20.27
N PHE C 602 55.92 -40.09 -20.35
CA PHE C 602 54.80 -40.59 -19.51
C PHE C 602 54.23 -41.84 -20.19
N ASP C 603 53.75 -42.80 -19.38
CA ASP C 603 53.17 -44.08 -19.87
C ASP C 603 51.87 -43.75 -20.61
N LYS C 604 51.26 -42.60 -20.29
CA LYS C 604 50.04 -42.07 -20.96
C LYS C 604 50.06 -40.55 -20.91
N HIS C 605 49.06 -39.92 -21.55
CA HIS C 605 48.83 -38.45 -21.53
C HIS C 605 48.41 -38.02 -20.11
N TYR C 606 49.04 -36.97 -19.58
CA TYR C 606 48.67 -36.31 -18.30
C TYR C 606 48.34 -34.84 -18.58
N LYS C 607 47.07 -34.49 -18.40
CA LYS C 607 46.59 -33.10 -18.54
C LYS C 607 47.35 -32.23 -17.52
N ASP C 608 47.95 -31.13 -17.97
CA ASP C 608 48.54 -30.05 -17.14
C ASP C 608 49.74 -30.58 -16.36
N VAL C 609 50.46 -31.53 -16.92
CA VAL C 609 51.79 -31.97 -16.41
C VAL C 609 52.79 -31.87 -17.56
N MET C 610 53.98 -31.39 -17.29
CA MET C 610 55.04 -31.41 -18.32
C MET C 610 56.24 -32.19 -17.79
N MET C 611 56.96 -32.82 -18.69
CA MET C 611 58.33 -33.31 -18.44
C MET C 611 59.18 -33.05 -19.68
N LYS C 612 60.41 -32.64 -19.44
CA LYS C 612 61.48 -32.49 -20.44
C LYS C 612 62.74 -33.07 -19.78
N SER C 613 63.59 -33.74 -20.54
CA SER C 613 64.80 -34.41 -20.03
C SER C 613 66.04 -33.73 -20.60
N PHE C 614 67.13 -33.78 -19.86
CA PHE C 614 68.46 -33.25 -20.26
C PHE C 614 69.55 -34.19 -19.74
N LYS C 615 70.74 -34.03 -20.32
CA LYS C 615 71.97 -34.78 -19.96
C LYS C 615 72.99 -33.74 -19.50
N SER C 616 73.80 -34.10 -18.52
CA SER C 616 75.01 -33.34 -18.12
C SER C 616 76.16 -34.34 -17.91
N ASN C 617 77.13 -34.26 -18.82
CA ASN C 617 78.13 -35.28 -19.18
C ASN C 617 77.33 -36.55 -19.52
N GLY C 618 77.56 -37.66 -18.85
CA GLY C 618 76.87 -38.94 -19.11
C GLY C 618 75.51 -39.04 -18.41
N THR C 619 75.26 -38.25 -17.36
CA THR C 619 74.09 -38.42 -16.47
C THR C 619 72.83 -37.79 -17.08
N MET C 620 71.72 -38.54 -17.09
CA MET C 620 70.41 -38.07 -17.61
C MET C 620 69.58 -37.57 -16.43
N TYR C 621 68.84 -36.48 -16.66
CA TYR C 621 67.89 -35.88 -15.69
C TYR C 621 66.55 -35.66 -16.38
N SER C 622 65.51 -35.53 -15.57
CA SER C 622 64.15 -35.15 -16.02
C SER C 622 63.62 -34.02 -15.15
N LEU C 623 62.96 -33.06 -15.81
CA LEU C 623 62.24 -31.94 -15.16
C LEU C 623 60.76 -32.27 -15.28
N ILE C 624 60.06 -32.31 -14.15
CA ILE C 624 58.60 -32.62 -14.10
C ILE C 624 57.97 -31.45 -13.37
N ILE C 625 56.91 -30.89 -13.98
CA ILE C 625 56.09 -29.84 -13.34
C ILE C 625 54.64 -30.26 -13.43
N ASN C 626 53.95 -30.15 -12.29
CA ASN C 626 52.50 -30.41 -12.18
C ASN C 626 51.79 -29.05 -12.11
N LYS C 627 50.94 -28.76 -13.11
CA LYS C 627 50.14 -27.52 -13.19
C LYS C 627 48.64 -27.84 -13.02
N SER C 628 48.30 -29.09 -12.71
CA SER C 628 46.90 -29.49 -12.41
C SER C 628 46.54 -29.04 -10.98
N ALA C 629 45.26 -29.13 -10.65
CA ALA C 629 44.70 -28.72 -9.32
C ALA C 629 44.95 -29.82 -8.28
N SER C 630 45.46 -30.98 -8.67
CA SER C 630 45.55 -32.14 -7.74
C SER C 630 46.90 -32.84 -7.87
N VAL C 631 47.27 -33.57 -6.82
CA VAL C 631 48.48 -34.42 -6.75
C VAL C 631 48.37 -35.42 -7.90
N GLN C 632 49.44 -35.60 -8.67
CA GLN C 632 49.48 -36.59 -9.77
C GLN C 632 50.54 -37.63 -9.43
N THR C 633 50.29 -38.88 -9.82
CA THR C 633 51.29 -39.96 -9.86
C THR C 633 51.58 -40.22 -11.33
N VAL C 634 52.76 -39.83 -11.80
CA VAL C 634 53.15 -39.96 -13.23
C VAL C 634 54.08 -41.16 -13.32
N ASP C 635 53.73 -42.12 -14.18
CA ASP C 635 54.55 -43.30 -14.51
C ASP C 635 55.49 -42.89 -15.64
N ILE C 636 56.77 -42.72 -15.33
CA ILE C 636 57.85 -42.43 -16.31
C ILE C 636 58.38 -43.74 -16.88
N VAL C 637 58.45 -43.85 -18.20
CA VAL C 637 58.89 -45.04 -18.98
C VAL C 637 59.84 -44.54 -20.08
N GLY C 638 60.68 -45.43 -20.60
CA GLY C 638 61.72 -45.12 -21.58
C GLY C 638 63.01 -44.66 -20.92
N GLY C 639 64.11 -44.69 -21.69
CA GLY C 639 65.49 -44.56 -21.19
C GLY C 639 65.82 -45.68 -20.22
N LYS C 640 66.84 -45.44 -19.39
CA LYS C 640 67.37 -46.42 -18.39
C LYS C 640 67.63 -45.66 -17.09
N GLY C 641 67.46 -46.33 -15.95
CA GLY C 641 67.89 -45.80 -14.65
C GLY C 641 66.77 -45.82 -13.62
N LYS C 642 67.12 -45.65 -12.35
CA LYS C 642 66.17 -45.49 -11.23
C LYS C 642 66.08 -44.00 -10.92
N ALA C 643 64.86 -43.52 -10.65
CA ALA C 643 64.58 -42.13 -10.24
C ALA C 643 65.21 -41.87 -8.87
N PHE C 644 66.09 -40.87 -8.78
CA PHE C 644 66.49 -40.21 -7.52
C PHE C 644 66.06 -38.73 -7.61
N ILE C 645 65.28 -38.26 -6.64
CA ILE C 645 64.80 -36.85 -6.59
C ILE C 645 65.94 -35.95 -6.08
N LEU C 646 66.50 -35.14 -6.98
CA LEU C 646 67.61 -34.19 -6.72
C LEU C 646 67.06 -32.83 -6.28
N PHE C 647 65.89 -32.43 -6.81
CA PHE C 647 65.21 -31.14 -6.50
C PHE C 647 63.70 -31.35 -6.47
N ALA C 648 63.05 -30.82 -5.43
CA ALA C 648 61.59 -30.90 -5.23
C ALA C 648 61.21 -29.87 -4.18
N ASN C 649 60.35 -28.90 -4.53
CA ASN C 649 60.01 -27.79 -3.60
C ASN C 649 58.74 -28.13 -2.81
N LYS C 650 58.11 -29.29 -3.02
CA LYS C 650 56.93 -29.70 -2.18
C LYS C 650 56.98 -31.19 -1.80
N ASN C 651 58.16 -31.71 -1.48
CA ASN C 651 58.36 -33.08 -0.92
C ASN C 651 57.78 -34.16 -1.85
N ALA C 652 57.91 -34.01 -3.18
CA ALA C 652 57.63 -35.09 -4.14
C ALA C 652 58.31 -36.38 -3.62
N HIS C 653 57.77 -37.55 -3.97
CA HIS C 653 58.42 -38.86 -3.73
C HIS C 653 58.21 -39.72 -4.97
N SER C 654 59.10 -40.70 -5.18
CA SER C 654 59.00 -41.69 -6.27
C SER C 654 59.09 -43.11 -5.69
N THR C 655 58.29 -44.02 -6.23
CA THR C 655 58.30 -45.47 -5.97
C THR C 655 58.61 -46.10 -7.32
N ALA C 656 59.73 -46.80 -7.45
CA ALA C 656 60.26 -47.22 -8.77
C ALA C 656 60.33 -45.93 -9.61
N ASN C 657 59.69 -45.93 -10.77
CA ASN C 657 59.72 -44.77 -11.70
C ASN C 657 58.32 -44.12 -11.76
N LYS C 658 57.56 -44.20 -10.66
CA LYS C 658 56.26 -43.52 -10.47
C LYS C 658 56.52 -42.29 -9.59
N LEU C 659 56.38 -41.08 -10.14
CA LEU C 659 56.61 -39.82 -9.39
C LEU C 659 55.27 -39.25 -8.88
N THR C 660 55.17 -39.03 -7.58
CA THR C 660 54.05 -38.32 -6.92
C THR C 660 54.49 -36.88 -6.73
N ILE C 661 53.76 -35.96 -7.38
CA ILE C 661 54.17 -34.54 -7.55
C ILE C 661 52.95 -33.69 -7.25
N SER C 662 53.12 -32.69 -6.40
CA SER C 662 52.02 -31.82 -5.90
C SER C 662 51.74 -30.68 -6.89
N PRO C 663 50.55 -30.06 -6.82
CA PRO C 663 50.22 -28.92 -7.67
C PRO C 663 51.28 -27.82 -7.55
N GLU C 664 51.82 -27.36 -8.69
CA GLU C 664 52.76 -26.22 -8.82
C GLU C 664 54.17 -26.62 -8.40
N GLU C 665 54.40 -27.89 -8.09
CA GLU C 665 55.72 -28.41 -7.69
C GLU C 665 56.57 -28.57 -8.96
N THR C 666 57.85 -28.19 -8.85
CA THR C 666 58.92 -28.53 -9.83
C THR C 666 59.81 -29.64 -9.26
N VAL C 667 60.05 -30.69 -10.02
CA VAL C 667 60.91 -31.84 -9.60
C VAL C 667 62.03 -32.04 -10.64
N ILE C 668 63.28 -32.14 -10.18
CA ILE C 668 64.41 -32.70 -10.97
C ILE C 668 64.69 -34.12 -10.47
N ILE C 669 64.52 -35.10 -11.34
CA ILE C 669 64.98 -36.50 -11.18
C ILE C 669 66.37 -36.64 -11.83
N LYS C 670 67.30 -37.21 -11.08
CA LYS C 670 68.58 -37.78 -11.57
C LYS C 670 68.34 -39.28 -11.82
N TRP C 671 68.65 -39.77 -13.02
CA TRP C 671 68.53 -41.19 -13.39
C TRP C 671 69.84 -41.91 -13.04
N LYS C 672 69.81 -42.77 -12.02
CA LYS C 672 71.00 -43.48 -11.49
C LYS C 672 71.16 -44.78 -12.28
N ASN C 673 72.31 -44.97 -12.92
CA ASN C 673 72.97 -46.25 -13.32
C ASN C 673 74.18 -45.93 -14.22
N ALA D 22 15.31 43.01 -10.50
CA ALA D 22 15.41 41.55 -10.80
C ALA D 22 15.60 40.79 -9.48
N GLU D 23 14.83 39.70 -9.26
CA GLU D 23 15.00 38.82 -8.07
C GLU D 23 16.33 38.09 -8.20
N ARG D 24 17.16 38.12 -7.15
CA ARG D 24 18.49 37.46 -7.07
C ARG D 24 18.30 36.17 -6.26
N ILE D 25 18.81 35.05 -6.77
CA ILE D 25 18.68 33.73 -6.08
C ILE D 25 19.51 33.79 -4.79
N SER D 26 19.03 33.15 -3.72
CA SER D 26 19.77 33.04 -2.45
C SER D 26 19.54 31.64 -1.85
N LYS D 27 20.28 31.33 -0.80
CA LYS D 27 20.12 30.08 -0.01
C LYS D 27 18.75 30.05 0.66
N GLN D 28 18.01 31.17 0.65
CA GLN D 28 16.65 31.28 1.26
C GLN D 28 15.55 31.25 0.20
N SER D 29 15.89 31.25 -1.10
CA SER D 29 14.88 31.26 -2.19
C SER D 29 13.97 30.04 -2.04
N THR D 30 12.72 30.21 -2.45
CA THR D 30 11.74 29.10 -2.58
C THR D 30 12.18 28.27 -3.77
N PRO D 31 12.39 26.95 -3.60
CA PRO D 31 12.79 26.11 -4.73
C PRO D 31 11.65 26.05 -5.74
N PHE D 32 11.98 25.90 -7.02
CA PHE D 32 11.01 25.76 -8.13
C PHE D 32 11.26 24.46 -8.91
N VAL D 33 10.20 23.97 -9.51
CA VAL D 33 10.21 22.99 -10.62
C VAL D 33 10.04 23.79 -11.91
N GLY D 34 10.82 23.43 -12.93
CA GLY D 34 10.84 24.13 -14.23
C GLY D 34 11.13 23.16 -15.35
N ALA D 35 11.18 23.66 -16.57
CA ALA D 35 11.43 22.85 -17.77
C ALA D 35 12.00 23.74 -18.87
N GLN D 36 12.85 23.17 -19.70
CA GLN D 36 13.29 23.78 -20.97
C GLN D 36 12.04 24.00 -21.82
N ILE D 37 11.91 25.21 -22.36
CA ILE D 37 10.97 25.51 -23.45
C ILE D 37 11.83 25.62 -24.70
N PHE D 38 11.67 24.66 -25.62
CA PHE D 38 12.51 24.58 -26.82
C PHE D 38 11.87 25.44 -27.90
N ILE D 39 12.59 26.51 -28.29
CA ILE D 39 12.13 27.50 -29.29
C ILE D 39 12.99 27.33 -30.55
N GLU D 40 12.35 27.09 -31.68
CA GLU D 40 13.00 27.07 -33.02
C GLU D 40 12.00 27.62 -34.04
N PRO D 41 12.44 28.10 -35.22
CA PRO D 41 11.52 28.55 -36.26
C PRO D 41 10.58 27.41 -36.66
N GLY D 42 9.37 27.80 -37.09
CA GLY D 42 8.31 26.91 -37.57
C GLY D 42 7.22 26.72 -36.54
N GLN D 43 7.51 26.97 -35.26
CA GLN D 43 6.50 26.86 -34.18
C GLN D 43 5.47 27.99 -34.36
N THR D 44 4.21 27.75 -33.99
CA THR D 44 3.12 28.75 -34.03
C THR D 44 2.95 29.37 -32.64
N GLN D 45 2.49 30.63 -32.60
CA GLN D 45 2.03 31.37 -31.38
C GLN D 45 1.14 30.45 -30.53
N GLU D 46 0.21 29.74 -31.17
CA GLU D 46 -0.83 28.92 -30.50
C GLU D 46 -0.14 27.77 -29.75
N GLN D 47 0.82 27.08 -30.36
CA GLN D 47 1.50 25.94 -29.68
C GLN D 47 2.38 26.51 -28.55
N ILE D 48 3.09 27.61 -28.77
CA ILE D 48 4.01 28.16 -27.72
C ILE D 48 3.18 28.54 -26.49
N GLU D 49 2.06 29.22 -26.71
CA GLU D 49 1.17 29.67 -25.62
C GLU D 49 0.62 28.46 -24.87
N GLN D 50 0.20 27.43 -25.61
CA GLN D 50 -0.31 26.15 -25.03
C GLN D 50 0.78 25.54 -24.12
N TRP D 51 2.07 25.65 -24.45
CA TRP D 51 3.16 25.08 -23.61
C TRP D 51 3.22 25.86 -22.28
N PHE D 52 3.29 27.20 -22.35
CA PHE D 52 3.43 28.07 -21.16
C PHE D 52 2.20 27.94 -20.26
N LYS D 53 1.02 27.82 -20.86
CA LYS D 53 -0.25 27.65 -20.13
C LYS D 53 -0.14 26.36 -19.31
N LEU D 54 0.18 25.23 -19.97
CA LEU D 54 0.29 23.92 -19.28
C LEU D 54 1.44 23.94 -18.26
N LEU D 55 2.54 24.63 -18.59
CA LEU D 55 3.72 24.74 -17.70
C LEU D 55 3.25 25.42 -16.39
N ALA D 56 2.53 26.54 -16.50
CA ALA D 56 1.96 27.28 -15.35
C ALA D 56 1.00 26.37 -14.57
N GLU D 57 0.11 25.65 -15.25
CA GLU D 57 -0.89 24.76 -14.58
C GLU D 57 -0.22 23.54 -13.96
N SER D 58 1.05 23.25 -14.30
CA SER D 58 1.82 22.10 -13.75
C SER D 58 2.65 22.54 -12.54
N ASN D 59 2.38 23.75 -12.01
CA ASN D 59 3.00 24.28 -10.76
C ASN D 59 4.49 24.50 -11.03
N MET D 60 4.84 24.78 -12.28
CA MET D 60 6.20 25.18 -12.68
C MET D 60 6.21 26.71 -12.84
N THR D 61 7.27 27.30 -12.35
CA THR D 61 7.50 28.74 -12.10
C THR D 61 8.50 29.24 -13.17
N THR D 62 9.31 28.35 -13.72
CA THR D 62 10.56 28.69 -14.44
C THR D 62 10.69 27.86 -15.70
N CYS D 63 11.24 28.46 -16.74
CA CYS D 63 11.64 27.76 -17.98
C CYS D 63 13.07 28.16 -18.27
N ARG D 64 13.69 27.44 -19.18
CA ARG D 64 15.03 27.79 -19.69
C ARG D 64 14.90 27.79 -21.21
N ILE D 65 15.55 28.76 -21.84
CA ILE D 65 15.43 28.93 -23.31
C ILE D 65 16.83 29.08 -23.85
N ARG D 66 17.15 28.25 -24.84
CA ARG D 66 18.40 28.34 -25.62
C ARG D 66 18.25 29.52 -26.59
N MET D 67 19.06 30.56 -26.40
CA MET D 67 18.99 31.83 -27.19
C MET D 67 19.81 31.67 -28.48
N PHE D 68 19.40 30.72 -29.33
CA PHE D 68 20.12 30.33 -30.57
C PHE D 68 20.47 31.57 -31.40
N GLY D 69 21.75 31.92 -31.46
CA GLY D 69 22.30 32.90 -32.41
C GLY D 69 21.82 32.62 -33.83
N LYS D 70 21.74 31.35 -34.22
CA LYS D 70 21.33 30.95 -35.58
C LYS D 70 19.91 31.48 -35.88
N TYR D 71 19.01 31.53 -34.90
CA TYR D 71 17.59 31.87 -35.12
C TYR D 71 17.35 33.36 -34.83
N MET D 72 18.40 34.16 -34.75
CA MET D 72 18.35 35.64 -34.61
C MET D 72 19.16 36.32 -35.72
N LYS D 73 20.09 35.63 -36.38
CA LYS D 73 20.93 36.26 -37.44
C LYS D 73 20.05 36.42 -38.70
N THR D 74 20.03 37.62 -39.29
CA THR D 74 19.36 37.94 -40.57
C THR D 74 20.40 37.90 -41.68
N PRO D 75 20.00 37.76 -42.97
CA PRO D 75 20.97 37.88 -44.07
C PRO D 75 21.91 39.10 -43.98
N SER D 76 21.41 40.26 -43.55
CA SER D 76 22.14 41.55 -43.58
C SER D 76 23.10 41.71 -42.39
N GLY D 77 23.09 40.81 -41.41
CA GLY D 77 23.95 40.89 -40.22
C GLY D 77 23.29 41.58 -39.04
N THR D 78 22.08 42.13 -39.21
CA THR D 78 21.23 42.62 -38.09
C THR D 78 20.85 41.43 -37.21
N TYR D 79 20.58 41.66 -35.93
CA TYR D 79 19.87 40.73 -35.02
C TYR D 79 18.38 41.01 -35.08
N ASP D 80 17.59 39.96 -35.39
CA ASP D 80 16.11 39.94 -35.31
C ASP D 80 15.75 39.04 -34.11
N PHE D 81 15.12 39.63 -33.10
CA PHE D 81 14.88 39.00 -31.79
C PHE D 81 13.47 38.41 -31.72
N THR D 82 12.70 38.56 -32.81
CA THR D 82 11.25 38.24 -32.88
C THR D 82 10.93 36.88 -32.26
N LEU D 83 11.68 35.85 -32.65
CA LEU D 83 11.34 34.46 -32.27
C LEU D 83 11.41 34.32 -30.75
N PHE D 84 12.39 34.98 -30.12
CA PHE D 84 12.62 34.90 -28.65
C PHE D 84 11.76 35.92 -27.90
N ASP D 85 11.53 37.11 -28.50
CA ASP D 85 10.54 38.09 -27.96
C ASP D 85 9.22 37.35 -27.74
N ARG D 86 8.74 36.66 -28.77
CA ARG D 86 7.46 35.93 -28.73
C ARG D 86 7.42 34.99 -27.52
N ALA D 87 8.51 34.27 -27.26
CA ALA D 87 8.57 33.28 -26.16
C ALA D 87 8.64 34.00 -24.81
N PHE D 88 9.51 35.01 -24.71
CA PHE D 88 9.69 35.80 -23.45
C PHE D 88 8.36 36.44 -23.06
N LYS D 89 7.63 37.02 -24.03
CA LYS D 89 6.34 37.73 -23.79
C LYS D 89 5.28 36.71 -23.33
N LEU D 90 5.23 35.52 -23.95
CA LEU D 90 4.30 34.45 -23.51
C LEU D 90 4.71 33.95 -22.13
N ALA D 91 6.01 33.87 -21.84
CA ALA D 91 6.47 33.44 -20.50
C ALA D 91 5.95 34.46 -19.49
N ASP D 92 6.15 35.75 -19.79
CA ASP D 92 5.74 36.88 -18.93
C ASP D 92 4.23 36.79 -18.68
N LYS D 93 3.44 36.63 -19.74
CA LYS D 93 1.97 36.55 -19.66
C LYS D 93 1.54 35.49 -18.63
N TYR D 94 2.27 34.37 -18.53
CA TYR D 94 1.92 33.25 -17.61
C TYR D 94 2.79 33.29 -16.34
N HIS D 95 3.47 34.42 -16.08
CA HIS D 95 4.27 34.68 -14.84
C HIS D 95 5.37 33.59 -14.72
N ILE D 96 5.99 33.25 -15.84
CA ILE D 96 7.10 32.25 -15.91
C ILE D 96 8.40 33.02 -16.03
N LYS D 97 9.34 32.81 -15.11
CA LYS D 97 10.68 33.43 -15.20
C LYS D 97 11.54 32.55 -16.14
N VAL D 98 12.60 33.13 -16.69
CA VAL D 98 13.37 32.54 -17.82
C VAL D 98 14.85 32.51 -17.42
N TYR D 99 15.42 31.31 -17.43
CA TYR D 99 16.89 31.10 -17.56
C TYR D 99 17.21 31.20 -19.06
N ALA D 100 17.99 32.21 -19.44
CA ALA D 100 18.37 32.42 -20.86
C ALA D 100 19.79 31.91 -21.08
N THR D 101 19.95 30.91 -21.94
CA THR D 101 21.27 30.30 -22.24
C THR D 101 21.91 31.04 -23.43
N LEU D 102 23.07 31.62 -23.19
CA LEU D 102 23.90 32.20 -24.27
C LEU D 102 24.37 31.05 -25.15
N PHE D 103 23.97 31.07 -26.41
CA PHE D 103 24.20 29.97 -27.37
C PHE D 103 24.49 30.59 -28.72
N PRO D 104 25.74 31.04 -29.00
CA PRO D 104 26.05 31.69 -30.27
C PRO D 104 25.77 30.78 -31.47
N ASP D 105 25.77 31.40 -32.65
CA ASP D 105 25.51 30.71 -33.95
C ASP D 105 26.44 29.50 -34.01
N THR D 106 25.91 28.35 -34.43
CA THR D 106 26.64 27.08 -34.54
C THR D 106 25.87 26.15 -35.48
N GLU D 107 26.54 25.09 -35.96
CA GLU D 107 25.93 24.07 -36.85
C GLU D 107 24.63 23.60 -36.19
N PHE D 108 23.57 23.42 -36.99
CA PHE D 108 22.29 22.81 -36.58
C PHE D 108 22.56 21.46 -35.88
N THR D 109 23.54 20.68 -36.34
CA THR D 109 23.81 19.28 -35.85
C THR D 109 24.53 19.31 -34.49
N ASP D 110 24.99 20.47 -34.01
CA ASP D 110 25.68 20.64 -32.70
C ASP D 110 24.64 20.76 -31.58
N VAL D 111 24.30 19.63 -30.96
CA VAL D 111 23.20 19.48 -29.97
C VAL D 111 23.57 20.24 -28.67
N GLY D 112 24.80 20.11 -28.18
CA GLY D 112 25.22 20.60 -26.86
C GLY D 112 25.83 22.00 -26.91
N GLY D 113 26.33 22.42 -28.07
CA GLY D 113 27.01 23.70 -28.30
C GLY D 113 28.51 23.57 -28.20
N PHE D 114 29.25 24.43 -28.91
CA PHE D 114 30.73 24.55 -28.78
C PHE D 114 31.08 25.06 -27.38
N LYS D 115 32.25 24.64 -26.91
CA LYS D 115 32.72 24.81 -25.51
C LYS D 115 33.76 25.94 -25.44
N PHE D 116 34.38 26.29 -26.57
CA PHE D 116 35.43 27.34 -26.67
C PHE D 116 35.40 27.99 -28.03
N PRO D 117 35.88 29.24 -28.17
CA PRO D 117 36.02 29.84 -29.50
C PRO D 117 36.97 29.05 -30.39
N HIS D 118 36.65 28.95 -31.69
CA HIS D 118 37.45 28.22 -32.71
C HIS D 118 38.71 29.06 -33.06
N SER D 119 38.61 30.39 -32.96
CA SER D 119 39.59 31.37 -33.46
C SER D 119 39.32 32.75 -32.82
N ARG D 120 40.29 33.66 -32.90
CA ARG D 120 40.16 35.06 -32.41
C ARG D 120 38.98 35.72 -33.10
N GLU D 121 38.76 35.42 -34.38
CA GLU D 121 37.66 35.99 -35.20
C GLU D 121 36.33 35.47 -34.65
N HIS D 122 36.25 34.17 -34.32
CA HIS D 122 35.05 33.56 -33.71
C HIS D 122 34.81 34.21 -32.32
N GLN D 123 35.87 34.46 -31.55
CA GLN D 123 35.72 35.13 -30.23
C GLN D 123 35.03 36.49 -30.41
N LYS D 124 35.37 37.23 -31.47
CA LYS D 124 34.77 38.57 -31.74
C LYS D 124 33.30 38.40 -32.12
N GLU D 125 32.96 37.34 -32.86
CA GLU D 125 31.54 37.04 -33.18
C GLU D 125 30.76 36.77 -31.89
N VAL D 126 31.37 36.05 -30.95
CA VAL D 126 30.71 35.71 -29.65
C VAL D 126 30.50 37.01 -28.86
N GLU D 127 31.49 37.91 -28.85
CA GLU D 127 31.41 39.25 -28.21
C GLU D 127 30.20 40.00 -28.75
N ASP D 128 30.07 40.03 -30.08
CA ASP D 128 28.97 40.72 -30.80
C ASP D 128 27.64 40.03 -30.45
N TYR D 129 27.63 38.70 -30.37
CA TYR D 129 26.40 37.95 -30.03
C TYR D 129 25.95 38.36 -28.62
N ILE D 130 26.89 38.39 -27.67
CA ILE D 130 26.57 38.67 -26.24
C ILE D 130 26.07 40.12 -26.12
N LYS D 131 26.77 41.07 -26.75
CA LYS D 131 26.36 42.50 -26.77
C LYS D 131 24.88 42.58 -27.16
N ASN D 132 24.55 42.03 -28.33
CA ASN D 132 23.20 42.15 -28.94
C ASN D 132 22.17 41.48 -28.03
N VAL D 133 22.43 40.25 -27.59
CA VAL D 133 21.40 39.40 -26.92
C VAL D 133 21.19 39.89 -25.47
N VAL D 134 22.26 40.20 -24.77
CA VAL D 134 22.17 40.63 -23.34
C VAL D 134 21.56 42.04 -23.30
N SER D 135 22.00 42.96 -24.17
CA SER D 135 21.45 44.34 -24.24
C SER D 135 19.93 44.27 -24.42
N HIS D 136 19.45 43.42 -25.33
CA HIS D 136 18.00 43.31 -25.62
C HIS D 136 17.27 42.62 -24.47
N PHE D 137 17.62 41.38 -24.12
CA PHE D 137 16.75 40.50 -23.30
C PHE D 137 16.90 40.82 -21.80
N SER D 138 17.97 41.52 -21.39
CA SER D 138 18.14 42.05 -20.01
C SER D 138 16.94 42.93 -19.63
N GLN D 139 16.28 43.52 -20.64
CA GLN D 139 15.15 44.48 -20.45
C GLN D 139 13.86 43.76 -20.04
N TYR D 140 13.76 42.43 -20.14
CA TYR D 140 12.52 41.70 -19.75
C TYR D 140 12.50 41.50 -18.23
N LYS D 141 11.38 41.80 -17.60
CA LYS D 141 11.24 41.74 -16.13
C LYS D 141 11.17 40.27 -15.67
N ASN D 142 10.90 39.32 -16.57
CA ASN D 142 10.76 37.88 -16.19
C ASN D 142 12.07 37.12 -16.48
N LEU D 143 13.16 37.81 -16.83
CA LEU D 143 14.51 37.20 -16.96
C LEU D 143 15.04 36.91 -15.55
N ALA D 144 15.25 35.63 -15.23
CA ALA D 144 15.75 35.16 -13.91
C ALA D 144 17.27 35.01 -13.92
N ALA D 145 17.88 34.59 -15.04
CA ALA D 145 19.32 34.27 -15.06
C ALA D 145 19.85 34.20 -16.49
N TRP D 146 21.12 34.55 -16.67
CA TRP D 146 21.96 34.21 -17.85
C TRP D 146 22.71 32.90 -17.57
N VAL D 147 22.49 31.88 -18.38
CA VAL D 147 23.37 30.67 -18.39
C VAL D 147 24.49 30.98 -19.37
N LEU D 148 25.72 31.15 -18.86
CA LEU D 148 26.87 31.73 -19.61
C LEU D 148 27.20 30.85 -20.81
N ILE D 149 27.09 29.54 -20.63
CA ILE D 149 27.36 28.51 -21.67
C ILE D 149 26.59 27.25 -21.27
N ASN D 150 26.01 26.55 -22.25
CA ASN D 150 25.37 25.25 -21.97
C ASN D 150 26.47 24.21 -21.78
N GLU D 151 26.50 23.57 -20.60
CA GLU D 151 27.32 22.37 -20.34
C GLU D 151 28.77 22.65 -20.68
N PRO D 152 29.45 23.53 -19.91
CA PRO D 152 30.89 23.72 -20.06
C PRO D 152 31.61 22.40 -19.80
N GLY D 153 32.69 22.18 -20.54
CA GLY D 153 33.53 20.97 -20.43
C GLY D 153 33.29 20.02 -21.56
N THR D 154 34.35 19.47 -22.14
CA THR D 154 34.23 18.38 -23.14
C THR D 154 35.31 17.35 -22.85
N PRO D 155 35.03 16.04 -23.01
CA PRO D 155 36.08 15.03 -23.03
C PRO D 155 37.12 15.36 -24.12
N ASN D 156 36.67 15.69 -25.35
CA ASN D 156 37.54 15.90 -26.55
C ASN D 156 37.84 17.39 -26.75
N LEU D 157 38.87 17.95 -26.11
CA LEU D 157 39.20 19.39 -26.22
C LEU D 157 39.83 19.69 -27.57
N PRO D 158 39.44 20.79 -28.25
CA PRO D 158 39.93 21.10 -29.59
C PRO D 158 41.37 21.66 -29.61
N PHE D 159 42.36 20.81 -29.32
CA PHE D 159 43.81 21.15 -29.37
C PHE D 159 44.26 21.42 -30.81
N ASN D 160 43.51 20.89 -31.78
CA ASN D 160 43.74 21.06 -33.25
C ASN D 160 43.40 22.50 -33.69
N GLU D 161 42.41 23.15 -33.06
CA GLU D 161 41.92 24.52 -33.38
C GLU D 161 42.98 25.55 -32.99
N PRO D 162 43.17 26.64 -33.77
CA PRO D 162 44.23 27.62 -33.50
C PRO D 162 44.07 28.40 -32.18
N PHE D 163 42.85 28.70 -31.75
CA PHE D 163 42.57 29.47 -30.51
C PHE D 163 43.16 28.69 -29.30
N THR D 164 42.74 27.43 -29.13
CA THR D 164 43.17 26.53 -28.05
C THR D 164 44.68 26.24 -28.17
N LYS D 165 45.17 25.91 -29.37
CA LYS D 165 46.60 25.57 -29.63
C LYS D 165 47.50 26.74 -29.13
N GLU D 166 47.14 27.98 -29.47
CA GLU D 166 47.92 29.18 -29.09
C GLU D 166 47.87 29.39 -27.57
N ARG D 167 46.67 29.29 -26.99
CA ARG D 167 46.45 29.44 -25.53
C ARG D 167 47.34 28.43 -24.78
N PHE D 168 47.37 27.19 -25.24
CA PHE D 168 48.15 26.10 -24.62
C PHE D 168 49.65 26.41 -24.70
N SER D 169 50.13 26.80 -25.90
CA SER D 169 51.52 27.23 -26.11
C SER D 169 51.89 28.36 -25.12
N ASP D 170 51.10 29.43 -25.09
CA ASP D 170 51.32 30.59 -24.17
C ASP D 170 51.37 30.11 -22.72
N TRP D 171 50.34 29.38 -22.29
CA TRP D 171 50.20 28.86 -20.92
C TRP D 171 51.47 28.07 -20.56
N LYS D 172 51.98 27.21 -21.45
CA LYS D 172 53.18 26.36 -21.19
C LYS D 172 54.41 27.23 -20.95
N LYS D 173 54.60 28.28 -21.77
CA LYS D 173 55.75 29.20 -21.66
C LYS D 173 55.65 30.07 -20.39
N GLU D 174 54.46 30.27 -19.85
CA GLU D 174 54.24 31.11 -18.63
C GLU D 174 54.35 30.26 -17.36
N HIS D 175 54.57 28.95 -17.50
CA HIS D 175 54.75 28.03 -16.35
C HIS D 175 56.17 27.44 -16.43
N ASN D 176 56.83 27.34 -15.27
CA ASN D 176 58.23 26.81 -15.18
C ASN D 176 58.11 25.38 -14.65
N PHE D 177 58.28 24.39 -15.53
CA PHE D 177 58.15 22.96 -15.21
C PHE D 177 59.52 22.32 -15.39
N SER D 178 59.96 21.57 -14.39
CA SER D 178 61.22 20.79 -14.45
C SER D 178 60.89 19.34 -14.79
N GLU D 179 61.80 18.65 -15.48
CA GLU D 179 61.69 17.20 -15.79
C GLU D 179 62.04 16.34 -14.56
N TYR D 180 62.59 16.93 -13.49
CA TYR D 180 62.97 16.19 -12.25
C TYR D 180 62.38 16.89 -11.03
N ASN D 181 62.07 16.16 -9.96
CA ASN D 181 61.55 16.73 -8.69
C ASN D 181 62.75 17.17 -7.83
N GLU D 182 62.49 17.63 -6.60
CA GLU D 182 63.53 18.17 -5.69
C GLU D 182 64.56 17.07 -5.38
N LYS D 183 64.14 15.82 -5.14
CA LYS D 183 65.03 14.69 -4.79
C LYS D 183 65.81 14.22 -6.03
N GLY D 184 65.46 14.67 -7.25
CA GLY D 184 66.16 14.34 -8.51
C GLY D 184 65.42 13.30 -9.37
N TYR D 185 64.27 12.77 -8.93
CA TYR D 185 63.53 11.71 -9.66
C TYR D 185 62.84 12.30 -10.90
N PRO D 186 62.70 11.53 -12.00
CA PRO D 186 61.89 11.96 -13.15
C PRO D 186 60.44 12.21 -12.72
N VAL D 187 59.76 13.14 -13.37
CA VAL D 187 58.36 13.56 -13.05
C VAL D 187 57.54 13.71 -14.33
N LEU D 188 56.22 13.52 -14.26
CA LEU D 188 55.22 14.05 -15.22
C LEU D 188 54.66 15.34 -14.63
N ASN D 189 54.29 16.32 -15.45
CA ASN D 189 53.83 17.64 -14.97
C ASN D 189 52.37 17.91 -15.36
N PHE D 190 51.75 17.07 -16.21
CA PHE D 190 50.29 17.16 -16.52
C PHE D 190 49.95 18.58 -16.97
N GLU D 191 50.78 19.09 -17.88
CA GLU D 191 50.62 20.43 -18.48
C GLU D 191 49.22 20.54 -19.08
N LYS D 192 48.82 19.55 -19.90
CA LYS D 192 47.53 19.54 -20.61
C LYS D 192 46.40 19.70 -19.56
N GLU D 193 46.42 18.88 -18.51
CA GLU D 193 45.29 18.79 -17.55
C GLU D 193 45.17 20.12 -16.79
N ASN D 194 46.31 20.70 -16.39
CA ASN D 194 46.36 21.95 -15.60
C ASN D 194 45.95 23.12 -16.49
N PHE D 195 46.42 23.15 -17.75
CA PHE D 195 45.96 24.14 -18.75
C PHE D 195 44.45 24.05 -18.90
N ILE D 196 43.89 22.86 -19.03
CA ILE D 196 42.43 22.66 -19.32
C ILE D 196 41.62 23.26 -18.16
N ILE D 197 42.04 23.05 -16.91
CA ILE D 197 41.37 23.71 -15.74
C ILE D 197 41.39 25.23 -15.96
N ASP D 198 42.58 25.79 -16.19
CA ASP D 198 42.79 27.25 -16.30
C ASP D 198 42.00 27.79 -17.50
N TYR D 199 41.94 27.01 -18.57
CA TYR D 199 41.27 27.42 -19.83
C TYR D 199 39.76 27.52 -19.60
N HIS D 200 39.14 26.53 -18.93
CA HIS D 200 37.71 26.56 -18.53
C HIS D 200 37.50 27.77 -17.62
N ASN D 201 38.32 27.93 -16.60
CA ASN D 201 38.27 29.10 -15.69
C ASN D 201 38.23 30.37 -16.52
N TRP D 202 39.17 30.51 -17.46
CA TRP D 202 39.36 31.75 -18.25
C TRP D 202 38.11 32.01 -19.10
N TYR D 203 37.64 31.03 -19.87
CA TYR D 203 36.54 31.27 -20.85
C TYR D 203 35.25 31.60 -20.11
N LEU D 204 34.92 30.86 -19.04
CA LEU D 204 33.68 31.12 -18.27
C LEU D 204 33.76 32.51 -17.62
N ASN D 205 34.92 32.86 -17.06
CA ASN D 205 35.14 34.18 -16.43
C ASN D 205 34.94 35.26 -17.50
N TRP D 206 35.48 35.04 -18.69
CA TRP D 206 35.37 35.99 -19.83
C TRP D 206 33.90 36.15 -20.25
N LEU D 207 33.17 35.04 -20.36
CA LEU D 207 31.71 35.08 -20.65
C LEU D 207 30.99 35.92 -19.58
N ALA D 208 31.30 35.70 -18.30
CA ALA D 208 30.70 36.46 -17.18
C ALA D 208 31.00 37.96 -17.37
N ASN D 209 32.26 38.30 -17.66
CA ASN D 209 32.70 39.72 -17.85
C ASN D 209 31.96 40.32 -19.05
N GLN D 210 31.79 39.55 -20.14
CA GLN D 210 31.08 40.04 -21.35
C GLN D 210 29.63 40.38 -20.98
N VAL D 211 28.94 39.46 -20.29
CA VAL D 211 27.52 39.70 -19.88
C VAL D 211 27.50 40.95 -18.98
N ARG D 212 28.47 41.10 -18.08
CA ARG D 212 28.49 42.20 -17.06
C ARG D 212 28.74 43.56 -17.73
N LEU D 213 29.26 43.60 -18.97
CA LEU D 213 29.38 44.86 -19.75
C LEU D 213 28.00 45.47 -20.02
N TYR D 214 26.94 44.64 -20.09
CA TYR D 214 25.60 45.06 -20.58
C TYR D 214 24.51 44.80 -19.54
N ASP D 215 24.76 43.95 -18.55
CA ASP D 215 23.74 43.61 -17.53
C ASP D 215 24.44 43.26 -16.22
N LYS D 216 24.23 44.06 -15.17
CA LYS D 216 24.81 43.83 -13.82
C LYS D 216 23.69 43.41 -12.86
N GLN D 217 22.48 43.19 -13.38
CA GLN D 217 21.26 43.00 -12.54
C GLN D 217 20.96 41.51 -12.34
N HIS D 218 21.22 40.64 -13.33
CA HIS D 218 20.71 39.25 -13.32
C HIS D 218 21.77 38.26 -12.88
N ASP D 219 21.31 37.18 -12.23
CA ASP D 219 22.12 36.00 -11.83
C ASP D 219 22.85 35.43 -13.05
N LEU D 220 24.14 35.13 -12.86
CA LEU D 220 24.97 34.33 -13.78
C LEU D 220 24.98 32.88 -13.27
N HIS D 221 24.78 31.95 -14.19
CA HIS D 221 24.58 30.50 -13.95
C HIS D 221 25.33 29.71 -15.00
N VAL D 222 25.77 28.50 -14.66
CA VAL D 222 26.41 27.56 -15.62
C VAL D 222 26.09 26.14 -15.14
N ASN D 223 25.95 25.18 -16.06
CA ASN D 223 25.56 23.78 -15.74
C ASN D 223 26.69 22.82 -16.12
N PRO D 224 27.68 22.57 -15.23
CA PRO D 224 28.62 21.46 -15.44
C PRO D 224 27.85 20.15 -15.61
N HIS D 225 28.41 19.23 -16.39
CA HIS D 225 27.69 18.00 -16.82
C HIS D 225 28.60 16.79 -16.73
N ASN D 226 28.00 15.61 -16.72
CA ASN D 226 28.74 14.33 -16.78
C ASN D 226 29.84 14.36 -15.72
N VAL D 227 29.48 14.77 -14.50
CA VAL D 227 30.45 15.19 -13.45
C VAL D 227 31.28 13.98 -13.00
N PHE D 228 30.78 12.75 -13.14
CA PHE D 228 31.56 11.56 -12.70
C PHE D 228 32.70 11.29 -13.69
N LYS D 229 32.67 11.91 -14.88
CA LYS D 229 33.77 11.79 -15.87
C LYS D 229 34.49 13.12 -16.03
N LEU D 230 33.81 14.27 -15.95
CA LEU D 230 34.37 15.58 -16.36
C LEU D 230 34.79 16.43 -15.15
N SER D 231 34.68 15.94 -13.93
CA SER D 231 35.03 16.70 -12.69
C SER D 231 36.49 17.16 -12.75
N GLY D 232 37.33 16.47 -13.52
CA GLY D 232 38.76 16.80 -13.68
C GLY D 232 38.98 18.05 -14.53
N LEU D 233 37.91 18.59 -15.13
CA LEU D 233 37.90 19.82 -15.97
C LEU D 233 37.48 21.03 -15.15
N TYR D 234 36.90 20.81 -13.97
CA TYR D 234 36.08 21.79 -13.23
C TYR D 234 36.80 22.24 -11.94
N ASP D 235 37.11 23.53 -11.86
CA ASP D 235 37.64 24.20 -10.64
C ASP D 235 36.50 25.04 -10.04
N PHE D 236 35.62 24.41 -9.26
CA PHE D 236 34.36 25.06 -8.82
C PHE D 236 34.68 26.22 -7.88
N PRO D 237 35.64 26.11 -6.93
CA PRO D 237 36.05 27.26 -6.12
C PRO D 237 36.36 28.52 -6.98
N THR D 238 37.11 28.41 -8.08
CA THR D 238 37.35 29.58 -8.95
C THR D 238 36.03 30.07 -9.55
N TRP D 239 35.13 29.16 -9.94
CA TRP D 239 33.87 29.54 -10.66
C TRP D 239 32.98 30.40 -9.76
N ARG D 240 32.96 30.09 -8.46
CA ARG D 240 32.21 30.86 -7.43
C ARG D 240 32.50 32.37 -7.55
N THR D 241 33.74 32.74 -7.92
CA THR D 241 34.16 34.16 -8.03
C THR D 241 33.39 34.94 -9.11
N PHE D 242 32.77 34.30 -10.10
CA PHE D 242 32.03 35.04 -11.17
C PHE D 242 30.61 34.53 -11.36
N LEU D 243 30.16 33.53 -10.58
CA LEU D 243 28.76 33.02 -10.68
C LEU D 243 27.93 33.57 -9.54
N ASN D 244 26.61 33.58 -9.68
CA ASN D 244 25.65 33.81 -8.57
C ASN D 244 25.03 32.48 -8.14
N SER D 245 24.99 31.48 -9.04
CA SER D 245 24.52 30.11 -8.69
C SER D 245 25.31 29.08 -9.51
N LEU D 246 25.53 27.90 -8.96
CA LEU D 246 26.08 26.76 -9.71
C LEU D 246 24.92 25.86 -10.13
N GLY D 247 24.93 25.44 -11.39
CA GLY D 247 23.96 24.52 -11.98
C GLY D 247 24.55 23.14 -12.14
N GLY D 248 23.89 22.33 -12.98
CA GLY D 248 24.24 20.94 -13.24
C GLY D 248 23.28 20.34 -14.23
N SER D 249 23.82 19.55 -15.17
CA SER D 249 23.08 18.53 -15.95
C SER D 249 23.32 17.19 -15.27
N ALA D 250 22.23 16.51 -14.90
CA ALA D 250 22.24 15.15 -14.34
C ALA D 250 21.17 14.35 -15.07
N HIS D 251 21.53 13.82 -16.24
CA HIS D 251 20.66 13.02 -17.14
C HIS D 251 20.92 11.54 -16.93
N ALA D 252 19.88 10.81 -16.57
CA ALA D 252 19.91 9.35 -16.34
C ALA D 252 20.44 8.65 -17.59
N SER D 253 20.19 9.16 -18.79
CA SER D 253 20.60 8.51 -20.06
C SER D 253 22.02 8.89 -20.48
N TRP D 254 22.66 9.90 -19.89
CA TRP D 254 24.03 10.33 -20.30
C TRP D 254 25.06 10.13 -19.19
N HIS D 255 24.70 10.33 -17.92
CA HIS D 255 25.67 10.69 -16.85
C HIS D 255 25.82 9.57 -15.81
N PHE D 256 24.96 8.57 -15.83
CA PHE D 256 24.83 7.59 -14.73
C PHE D 256 25.32 6.20 -15.18
N GLY D 257 26.16 6.14 -16.21
CA GLY D 257 26.63 4.89 -16.80
C GLY D 257 27.37 4.01 -15.78
N TYR D 258 27.92 4.59 -14.71
CA TYR D 258 28.61 3.84 -13.65
C TYR D 258 27.61 3.12 -12.76
N PHE D 259 26.30 3.28 -12.96
CA PHE D 259 25.27 2.72 -12.07
C PHE D 259 24.23 1.95 -12.86
N PRO D 260 23.64 0.89 -12.28
CA PRO D 260 22.39 0.33 -12.81
C PRO D 260 21.25 1.31 -12.51
N ARG D 261 20.12 1.17 -13.21
CA ARG D 261 18.95 2.07 -13.12
C ARG D 261 18.42 2.08 -11.67
N LYS D 262 18.42 0.94 -10.99
CA LYS D 262 17.84 0.82 -9.64
C LYS D 262 18.68 1.68 -8.67
N ALA D 263 19.86 2.18 -9.09
CA ALA D 263 20.77 2.99 -8.23
C ALA D 263 20.90 4.40 -8.77
N TYR D 264 19.99 4.83 -9.64
CA TYR D 264 19.99 6.23 -10.16
C TYR D 264 19.64 7.18 -9.01
N THR D 265 19.04 6.67 -7.93
CA THR D 265 18.83 7.40 -6.65
C THR D 265 20.18 7.84 -6.09
N VAL D 266 21.08 6.87 -5.91
CA VAL D 266 22.46 7.09 -5.40
C VAL D 266 23.22 8.00 -6.37
N ALA D 267 23.05 7.79 -7.67
CA ALA D 267 23.71 8.56 -8.73
C ALA D 267 23.26 10.01 -8.60
N MET D 268 21.96 10.23 -8.49
CA MET D 268 21.42 11.61 -8.42
C MET D 268 21.90 12.26 -7.10
N SER D 269 21.93 11.50 -6.02
CA SER D 269 22.33 12.00 -4.68
C SER D 269 23.78 12.42 -4.72
N ALA D 270 24.65 11.60 -5.32
CA ALA D 270 26.10 11.88 -5.44
C ALA D 270 26.29 13.09 -6.37
N ASN D 271 25.54 13.15 -7.47
CA ASN D 271 25.64 14.27 -8.43
C ASN D 271 25.23 15.57 -7.71
N ALA D 272 24.15 15.53 -6.92
CA ALA D 272 23.68 16.66 -6.10
C ALA D 272 24.77 17.07 -5.10
N GLU D 273 25.38 16.11 -4.42
CA GLU D 273 26.39 16.40 -3.38
C GLU D 273 27.63 17.04 -4.04
N LEU D 274 27.98 16.56 -5.24
CA LEU D 274 29.20 17.01 -5.95
C LEU D 274 28.97 18.49 -6.34
N ILE D 275 27.80 18.82 -6.88
CA ILE D 275 27.47 20.22 -7.27
C ILE D 275 27.36 21.07 -6.00
N ARG D 276 26.66 20.58 -4.99
CA ARG D 276 26.54 21.27 -3.67
C ARG D 276 27.94 21.68 -3.18
N SER D 277 28.87 20.74 -3.13
CA SER D 277 30.27 20.97 -2.69
C SER D 277 30.93 22.05 -3.57
N GLY D 278 30.79 21.95 -4.88
CA GLY D 278 31.37 22.96 -5.82
C GLY D 278 30.77 24.34 -5.57
N ALA D 279 29.48 24.41 -5.27
CA ALA D 279 28.74 25.66 -5.05
C ALA D 279 29.34 26.42 -3.86
N GLY D 280 29.75 25.70 -2.81
CA GLY D 280 30.21 26.31 -1.55
C GLY D 280 29.14 27.23 -0.98
N GLU D 281 29.40 28.54 -0.91
CA GLU D 281 28.49 29.56 -0.34
C GLU D 281 27.37 29.91 -1.33
N LEU D 282 27.56 29.66 -2.64
CA LEU D 282 26.55 29.96 -3.68
C LEU D 282 25.39 28.98 -3.55
N PRO D 283 24.16 29.41 -3.84
CA PRO D 283 23.08 28.46 -4.04
C PRO D 283 23.35 27.66 -5.33
N TRP D 284 22.74 26.49 -5.41
CA TRP D 284 22.87 25.62 -6.61
C TRP D 284 21.49 25.10 -6.95
N LEU D 285 21.31 24.72 -8.20
CA LEU D 285 20.06 24.08 -8.68
C LEU D 285 20.41 23.15 -9.83
N MET D 286 19.57 22.18 -10.11
CA MET D 286 19.81 21.24 -11.24
C MET D 286 19.17 21.85 -12.49
N THR D 287 20.01 22.46 -13.32
CA THR D 287 19.62 23.18 -14.55
C THR D 287 19.00 22.24 -15.57
N GLU D 288 19.36 20.96 -15.52
CA GLU D 288 19.02 20.02 -16.61
C GLU D 288 18.87 18.60 -16.05
N LEU D 289 17.63 18.12 -15.96
CA LEU D 289 17.23 16.74 -15.56
C LEU D 289 16.50 16.10 -16.73
N GLN D 290 16.47 14.78 -16.83
CA GLN D 290 15.83 14.11 -17.98
C GLN D 290 14.31 14.13 -17.78
N GLY D 291 13.58 14.77 -18.70
CA GLY D 291 12.12 14.94 -18.60
C GLY D 291 11.33 13.93 -19.42
N GLY D 292 12.00 13.14 -20.26
CA GLY D 292 11.28 12.27 -21.20
C GLY D 292 12.15 11.25 -21.89
N ASN D 293 11.60 10.75 -23.00
CA ASN D 293 11.99 9.46 -23.61
C ASN D 293 13.21 9.62 -24.50
N ASN D 294 14.12 8.63 -24.44
CA ASN D 294 15.15 8.42 -25.47
C ASN D 294 14.58 7.51 -26.56
N LEU D 295 14.51 8.00 -27.78
CA LEU D 295 14.19 7.17 -28.96
C LEU D 295 15.53 6.68 -29.51
N TYR D 296 16.29 7.57 -30.18
CA TYR D 296 17.63 7.29 -30.74
C TYR D 296 18.74 7.90 -29.89
N SER D 297 18.45 8.86 -29.00
CA SER D 297 19.48 9.61 -28.23
C SER D 297 19.89 8.84 -26.98
N GLY D 298 20.95 9.30 -26.31
CA GLY D 298 21.38 8.83 -24.99
C GLY D 298 22.31 7.62 -25.09
N ALA D 299 23.18 7.45 -24.10
CA ALA D 299 24.08 6.28 -23.96
C ALA D 299 23.33 5.14 -23.24
N ASN D 300 22.55 5.45 -22.20
CA ASN D 300 21.78 4.47 -21.38
C ASN D 300 20.31 4.84 -21.47
N PRO D 301 19.65 4.57 -22.62
CA PRO D 301 18.37 5.20 -22.88
C PRO D 301 17.29 4.69 -21.93
N LEU D 302 16.37 5.56 -21.55
CA LEU D 302 15.15 5.22 -20.77
C LEU D 302 14.06 6.27 -21.05
N CYS D 303 12.89 5.99 -20.53
CA CYS D 303 11.84 6.99 -20.26
C CYS D 303 11.65 7.02 -18.75
N PRO D 304 12.02 8.12 -18.06
CA PRO D 304 11.85 8.17 -16.61
C PRO D 304 10.40 7.80 -16.25
N THR D 305 10.24 6.99 -15.21
CA THR D 305 8.90 6.72 -14.62
C THR D 305 8.46 7.95 -13.82
N ALA D 306 7.15 8.10 -13.63
CA ALA D 306 6.60 9.10 -12.68
C ALA D 306 7.36 9.00 -11.34
N GLU D 307 7.62 7.76 -10.88
CA GLU D 307 8.26 7.49 -9.59
C GLU D 307 9.66 8.09 -9.58
N GLU D 308 10.38 7.96 -10.70
CA GLU D 308 11.77 8.44 -10.84
C GLU D 308 11.80 9.96 -10.81
N ILE D 309 10.86 10.62 -11.48
CA ILE D 309 10.73 12.12 -11.48
C ILE D 309 10.61 12.60 -10.04
N ILE D 310 9.75 11.93 -9.23
CA ILE D 310 9.50 12.32 -7.82
C ILE D 310 10.80 12.09 -7.04
N GLN D 311 11.43 10.92 -7.22
CA GLN D 311 12.69 10.54 -6.56
C GLN D 311 13.75 11.63 -6.83
N TRP D 312 13.92 12.06 -8.07
CA TRP D 312 15.04 12.97 -8.44
C TRP D 312 14.78 14.36 -7.86
N LEU D 313 13.55 14.87 -7.96
CA LEU D 313 13.23 16.21 -7.40
C LEU D 313 13.49 16.22 -5.89
N TRP D 314 13.02 15.22 -5.16
CA TRP D 314 13.18 15.16 -3.68
C TRP D 314 14.65 15.01 -3.31
N ILE D 315 15.43 14.21 -4.05
CA ILE D 315 16.87 14.01 -3.72
C ILE D 315 17.57 15.37 -3.87
N ASN D 316 17.26 16.09 -4.92
CA ASN D 316 17.95 17.38 -5.21
C ASN D 316 17.55 18.40 -4.12
N PHE D 317 16.26 18.53 -3.81
CA PHE D 317 15.78 19.52 -2.81
C PHE D 317 16.36 19.15 -1.44
N ALA D 318 16.40 17.86 -1.11
CA ALA D 318 17.00 17.33 0.14
C ALA D 318 18.48 17.68 0.20
N THR D 319 19.11 17.94 -0.96
CA THR D 319 20.55 18.23 -1.11
C THR D 319 20.72 19.72 -1.44
N GLU D 320 19.73 20.55 -1.07
CA GLU D 320 19.80 22.03 -1.04
C GLU D 320 19.57 22.66 -2.42
N ALA D 321 19.14 21.90 -3.41
CA ALA D 321 18.89 22.45 -4.75
C ALA D 321 17.80 23.53 -4.62
N LYS D 322 17.96 24.66 -5.32
CA LYS D 322 16.96 25.75 -5.34
C LYS D 322 16.07 25.61 -6.57
N GLY D 323 16.26 24.52 -7.33
CA GLY D 323 15.46 24.31 -8.54
C GLY D 323 15.78 22.99 -9.18
N GLY D 324 14.81 22.50 -9.96
CA GLY D 324 14.97 21.34 -10.85
C GLY D 324 14.33 21.65 -12.16
N ILE D 325 15.15 21.83 -13.21
CA ILE D 325 14.68 22.16 -14.58
C ILE D 325 14.87 20.93 -15.45
N PHE D 326 13.77 20.40 -15.97
CA PHE D 326 13.71 19.24 -16.88
C PHE D 326 14.02 19.65 -18.32
N TRP D 327 14.98 18.97 -18.93
CA TRP D 327 15.10 18.91 -20.41
C TRP D 327 14.24 17.74 -20.88
N SER D 328 13.08 17.99 -21.50
CA SER D 328 12.56 19.28 -21.91
C SER D 328 11.04 19.28 -21.71
N PHE D 329 10.40 20.45 -21.70
CA PHE D 329 8.92 20.53 -21.66
C PHE D 329 8.38 19.96 -22.98
N ASN D 330 8.80 20.59 -24.08
CA ASN D 330 8.40 20.23 -25.47
C ASN D 330 9.65 19.73 -26.18
N ALA D 331 9.48 19.03 -27.29
CA ALA D 331 10.55 18.36 -28.05
C ALA D 331 11.02 19.23 -29.22
N ARG D 332 12.30 19.07 -29.57
CA ARG D 332 12.84 19.45 -30.91
C ARG D 332 12.03 18.71 -31.98
N SER D 333 11.98 19.23 -33.19
CA SER D 333 11.11 18.69 -34.27
C SER D 333 11.93 17.96 -35.33
N THR D 334 13.22 18.27 -35.49
CA THR D 334 14.02 17.79 -36.65
C THR D 334 15.32 17.10 -36.20
N ALA D 335 15.60 15.93 -36.79
CA ALA D 335 16.88 15.19 -36.65
C ALA D 335 17.17 14.87 -35.18
N ALA D 336 18.32 15.27 -34.63
CA ALA D 336 18.81 14.84 -33.30
C ALA D 336 17.75 15.18 -32.24
N GLU D 337 17.21 14.13 -31.58
CA GLU D 337 16.30 14.24 -30.40
C GLU D 337 14.94 14.78 -30.83
N ALA D 338 14.60 14.64 -32.12
CA ALA D 338 13.26 15.00 -32.64
C ALA D 338 12.19 14.18 -31.91
N GLY D 339 11.31 14.85 -31.17
CA GLY D 339 10.21 14.22 -30.43
C GLY D 339 10.72 13.40 -29.27
N GLU D 340 11.93 13.71 -28.77
CA GLU D 340 12.55 13.03 -27.60
C GLU D 340 12.62 14.00 -26.43
N TRP D 341 12.73 13.47 -25.20
CA TRP D 341 13.08 14.20 -23.95
C TRP D 341 11.88 14.94 -23.35
N ALA D 342 10.74 15.01 -24.05
CA ALA D 342 9.65 15.98 -23.71
C ALA D 342 8.80 15.44 -22.54
N MET D 343 8.37 16.33 -21.65
CA MET D 343 7.48 15.99 -20.52
C MET D 343 6.03 15.95 -21.02
N ILE D 344 5.71 16.69 -22.06
CA ILE D 344 4.38 16.66 -22.71
C ILE D 344 4.39 15.59 -23.79
N ASN D 345 3.23 14.99 -24.06
CA ASN D 345 3.02 13.96 -25.10
C ASN D 345 2.84 14.68 -26.43
N PHE D 346 2.62 13.94 -27.52
CA PHE D 346 2.58 14.53 -28.90
C PHE D 346 1.30 15.36 -29.12
N LYS D 347 0.33 15.30 -28.21
CA LYS D 347 -0.90 16.15 -28.20
C LYS D 347 -0.70 17.33 -27.26
N ASN D 348 0.52 17.55 -26.76
CA ASN D 348 0.88 18.72 -25.94
C ASN D 348 0.10 18.71 -24.62
N LYS D 349 -0.27 17.52 -24.14
CA LYS D 349 -0.89 17.30 -22.80
C LYS D 349 0.13 16.55 -21.90
N SER D 350 -0.19 16.45 -20.62
CA SER D 350 0.70 15.95 -19.55
C SER D 350 0.95 14.44 -19.71
N SER D 351 2.21 14.04 -19.79
CA SER D 351 2.65 12.63 -19.51
C SER D 351 2.54 12.43 -18.00
N ASP D 352 2.71 11.20 -17.54
CA ASP D 352 2.69 10.89 -16.09
C ASP D 352 3.91 11.57 -15.45
N ARG D 353 4.91 11.97 -16.24
CA ARG D 353 6.15 12.62 -15.74
C ARG D 353 5.86 14.07 -15.36
N LEU D 354 5.08 14.78 -16.19
CA LEU D 354 4.67 16.17 -15.90
C LEU D 354 3.69 16.18 -14.72
N ILE D 355 2.73 15.25 -14.68
CA ILE D 355 1.75 15.09 -13.57
C ILE D 355 2.54 14.93 -12.27
N ALA D 356 3.55 14.04 -12.24
CA ALA D 356 4.41 13.76 -11.08
C ALA D 356 5.18 15.05 -10.68
N ALA D 357 5.84 15.71 -11.63
CA ALA D 357 6.58 16.96 -11.37
C ALA D 357 5.63 18.01 -10.77
N ALA D 358 4.40 18.07 -11.25
CA ALA D 358 3.37 19.05 -10.84
C ALA D 358 3.02 18.85 -9.35
N THR D 359 3.02 17.62 -8.85
CA THR D 359 2.71 17.33 -7.42
C THR D 359 3.83 17.89 -6.55
N ILE D 360 5.04 18.02 -7.08
CA ILE D 360 6.19 18.52 -6.27
C ILE D 360 6.14 20.05 -6.26
N GLY D 361 5.79 20.66 -7.40
CA GLY D 361 5.49 22.09 -7.48
C GLY D 361 4.40 22.50 -6.50
N LYS D 362 3.31 21.73 -6.49
CA LYS D 362 2.15 21.94 -5.58
C LYS D 362 2.61 21.82 -4.13
N PHE D 363 3.30 20.73 -3.77
CA PHE D 363 3.87 20.49 -2.42
C PHE D 363 4.68 21.71 -1.95
N ILE D 364 5.50 22.27 -2.83
CA ILE D 364 6.36 23.44 -2.49
C ILE D 364 5.46 24.63 -2.14
N THR D 365 4.44 24.92 -2.94
CA THR D 365 3.55 26.10 -2.72
C THR D 365 2.78 25.92 -1.40
N GLU D 366 2.54 24.67 -0.96
CA GLU D 366 1.79 24.33 0.27
C GLU D 366 2.72 24.19 1.47
N ASN D 367 4.04 24.28 1.28
CA ASN D 367 5.05 24.08 2.36
C ASN D 367 6.22 25.04 2.12
N VAL D 368 5.91 26.31 1.82
CA VAL D 368 6.91 27.31 1.36
C VAL D 368 8.04 27.43 2.38
N LYS D 369 7.73 27.57 3.68
CA LYS D 369 8.74 27.93 4.69
C LYS D 369 9.72 26.76 4.84
N MET D 370 9.19 25.53 4.95
CA MET D 370 10.00 24.29 5.01
C MET D 370 10.91 24.22 3.77
N MET D 371 10.36 24.38 2.58
CA MET D 371 11.07 24.04 1.33
C MET D 371 12.10 25.13 1.01
N SER D 372 11.92 26.35 1.52
CA SER D 372 12.76 27.53 1.20
C SER D 372 14.04 27.55 2.04
N ASN D 373 14.11 26.71 3.08
CA ASN D 373 15.17 26.84 4.12
C ASN D 373 15.88 25.51 4.33
N ILE D 374 15.83 24.61 3.35
CA ILE D 374 16.47 23.27 3.50
C ILE D 374 17.97 23.43 3.68
N LYS D 375 18.49 22.78 4.70
CA LYS D 375 19.94 22.57 4.91
C LYS D 375 20.14 21.07 5.09
N THR D 376 20.96 20.47 4.24
CA THR D 376 21.28 19.03 4.31
C THR D 376 21.87 18.78 5.70
N LEU D 377 21.45 17.71 6.37
CA LEU D 377 22.06 17.29 7.65
C LEU D 377 23.37 16.60 7.32
N ASN D 378 24.49 17.34 7.40
CA ASN D 378 25.84 16.79 7.20
C ASN D 378 26.12 15.80 8.34
N SER D 379 26.27 14.52 8.02
CA SER D 379 26.67 13.45 8.98
C SER D 379 28.04 13.77 9.60
N GLY D 380 28.87 14.57 8.92
CA GLY D 380 30.31 14.70 9.21
C GLY D 380 31.19 13.80 8.36
N ILE D 381 30.59 12.94 7.52
CA ILE D 381 31.34 12.06 6.58
C ILE D 381 31.51 12.82 5.27
N SER D 382 32.75 13.02 4.85
CA SER D 382 33.11 13.60 3.53
C SER D 382 33.90 12.56 2.72
N ILE D 383 33.33 12.15 1.58
CA ILE D 383 34.05 11.35 0.55
C ILE D 383 34.75 12.33 -0.40
N LEU D 384 36.08 12.29 -0.44
CA LEU D 384 36.87 13.26 -1.22
C LEU D 384 37.41 12.56 -2.48
N TYR D 385 37.34 13.28 -3.60
CA TYR D 385 38.02 12.94 -4.87
C TYR D 385 38.96 14.10 -5.17
N ASN D 386 39.97 13.90 -6.02
CA ASN D 386 40.77 15.05 -6.51
C ASN D 386 41.02 14.90 -8.01
N HIS D 387 41.14 16.04 -8.68
CA HIS D 387 41.51 16.14 -10.11
C HIS D 387 42.68 15.20 -10.38
N GLU D 388 43.71 15.24 -9.51
CA GLU D 388 45.03 14.67 -9.81
C GLU D 388 44.97 13.14 -9.84
N SER D 389 44.16 12.51 -8.99
CA SER D 389 43.97 11.04 -9.03
C SER D 389 43.37 10.64 -10.39
N MET D 390 42.43 11.43 -10.89
CA MET D 390 41.81 11.19 -12.22
C MET D 390 42.89 11.36 -13.32
N TRP D 391 43.75 12.37 -13.21
CA TRP D 391 44.78 12.69 -14.24
C TRP D 391 45.84 11.59 -14.26
N VAL D 392 46.28 11.15 -13.07
CA VAL D 392 47.29 10.06 -12.99
C VAL D 392 46.66 8.77 -13.50
N GLU D 393 45.42 8.49 -13.13
CA GLU D 393 44.71 7.28 -13.62
C GLU D 393 44.72 7.27 -15.18
N ALA D 394 44.39 8.38 -15.81
CA ALA D 394 44.32 8.52 -17.30
C ALA D 394 45.68 8.19 -17.91
N ALA D 395 46.77 8.69 -17.32
CA ALA D 395 48.16 8.43 -17.79
C ALA D 395 48.53 6.95 -17.55
N GLN D 396 48.19 6.38 -16.40
CA GLN D 396 48.64 5.00 -16.02
C GLN D 396 47.82 3.95 -16.76
N THR D 397 46.55 4.21 -17.05
CA THR D 397 45.64 3.23 -17.69
C THR D 397 45.75 3.37 -19.20
N ARG D 398 46.46 4.40 -19.67
CA ARG D 398 46.65 4.75 -21.12
C ARG D 398 45.29 4.84 -21.81
N GLY D 399 44.25 5.27 -21.07
CA GLY D 399 42.89 5.50 -21.59
C GLY D 399 42.07 4.24 -21.81
N LYS D 400 42.48 3.08 -21.27
CA LYS D 400 41.68 1.82 -21.28
C LYS D 400 40.29 2.06 -20.67
N LEU D 401 39.25 1.43 -21.26
CA LEU D 401 37.81 1.58 -20.92
C LEU D 401 37.21 0.19 -20.70
N ASN D 402 37.88 -0.65 -19.91
CA ASN D 402 37.45 -2.05 -19.58
C ASN D 402 36.62 -2.09 -18.29
N GLY D 403 36.12 -0.93 -17.81
CA GLY D 403 35.32 -0.78 -16.58
C GLY D 403 35.88 -1.56 -15.38
N ASN D 404 37.12 -1.28 -14.93
CA ASN D 404 37.75 -1.92 -13.75
C ASN D 404 38.92 -1.05 -13.22
N GLY D 405 39.68 -1.53 -12.23
CA GLY D 405 40.75 -0.76 -11.58
C GLY D 405 41.81 -0.32 -12.60
N ARG D 406 42.00 -1.08 -13.68
CA ARG D 406 43.01 -0.81 -14.75
C ARG D 406 42.35 -0.02 -15.88
N SER D 407 41.28 0.71 -15.61
CA SER D 407 40.54 1.50 -16.62
C SER D 407 40.25 2.89 -16.05
N ILE D 408 40.05 3.86 -16.93
CA ILE D 408 39.50 5.19 -16.58
C ILE D 408 38.17 4.97 -15.87
N GLY D 409 38.01 5.59 -14.71
CA GLY D 409 36.74 5.62 -13.98
C GLY D 409 36.84 5.02 -12.58
N ALA D 410 37.87 4.22 -12.30
CA ALA D 410 38.04 3.55 -10.99
C ALA D 410 38.18 4.57 -9.86
N VAL D 411 38.90 5.68 -10.09
CA VAL D 411 39.11 6.72 -9.04
C VAL D 411 37.81 7.45 -8.74
N MET D 412 36.79 7.35 -9.59
CA MET D 412 35.45 7.92 -9.30
C MET D 412 34.50 6.80 -8.84
N CYS D 413 34.53 5.62 -9.46
CA CYS D 413 33.63 4.50 -9.08
C CYS D 413 33.89 4.09 -7.62
N SER D 414 35.14 4.21 -7.16
CA SER D 414 35.55 3.79 -5.80
C SER D 414 34.85 4.66 -4.76
N PRO D 415 35.04 6.00 -4.76
CA PRO D 415 34.31 6.84 -3.82
C PRO D 415 32.79 6.73 -3.99
N LEU D 416 32.30 6.59 -5.23
CA LEU D 416 30.85 6.42 -5.50
C LEU D 416 30.35 5.14 -4.82
N SER D 417 31.17 4.11 -4.67
CA SER D 417 30.79 2.84 -4.03
C SER D 417 30.67 3.02 -2.51
N TYR D 418 31.62 3.71 -1.87
CA TYR D 418 31.49 4.10 -0.44
C TYR D 418 30.20 4.87 -0.28
N PHE D 419 29.95 5.84 -1.17
CA PHE D 419 28.76 6.71 -1.13
C PHE D 419 27.51 5.83 -1.16
N GLU D 420 27.49 4.84 -2.05
CA GLU D 420 26.34 3.92 -2.17
C GLU D 420 26.17 3.13 -0.87
N ALA D 421 27.26 2.64 -0.29
CA ALA D 421 27.25 1.80 0.95
C ALA D 421 26.66 2.63 2.09
N LEU D 422 27.07 3.90 2.19
CA LEU D 422 26.55 4.85 3.20
C LEU D 422 25.07 5.16 2.93
N SER D 423 24.66 5.36 1.68
CA SER D 423 23.24 5.57 1.30
C SER D 423 22.40 4.37 1.75
N GLU D 424 22.92 3.16 1.59
CA GLU D 424 22.20 1.91 1.92
C GLU D 424 22.23 1.70 3.45
N THR D 425 22.98 2.54 4.18
CA THR D 425 22.96 2.60 5.66
C THR D 425 22.10 3.77 6.14
N GLY D 426 21.53 4.55 5.23
CA GLY D 426 20.71 5.75 5.55
C GLY D 426 21.54 6.92 6.06
N LEU D 427 22.85 6.94 5.78
CA LEU D 427 23.76 8.02 6.19
C LEU D 427 24.05 8.96 5.01
N GLN D 428 23.86 10.26 5.22
CA GLN D 428 24.37 11.31 4.32
C GLN D 428 25.90 11.20 4.30
N ALA D 429 26.49 11.52 3.16
CA ALA D 429 27.94 11.74 3.00
C ALA D 429 28.10 12.87 1.99
N ASN D 430 29.01 13.79 2.27
CA ASN D 430 29.46 14.79 1.27
C ASN D 430 30.24 14.04 0.18
N PHE D 431 30.22 14.61 -1.02
CA PHE D 431 31.06 14.18 -2.17
C PHE D 431 31.74 15.44 -2.67
N LYS D 432 33.04 15.59 -2.42
CA LYS D 432 33.74 16.89 -2.56
C LYS D 432 35.09 16.69 -3.24
N GLU D 433 35.49 17.65 -4.05
CA GLU D 433 36.90 17.78 -4.50
C GLU D 433 37.69 18.18 -3.27
N ILE D 434 38.92 17.68 -3.13
CA ILE D 434 39.73 17.88 -1.90
C ILE D 434 39.93 19.38 -1.63
N LYS D 435 40.05 20.24 -2.65
CA LYS D 435 40.24 21.70 -2.45
C LYS D 435 38.95 22.36 -1.95
N GLU D 436 37.81 21.64 -1.96
CA GLU D 436 36.51 22.18 -1.48
C GLU D 436 36.34 21.81 0.00
N PHE D 437 37.19 20.95 0.55
CA PHE D 437 37.16 20.59 1.99
C PHE D 437 37.90 21.67 2.79
N ASP D 438 37.31 22.10 3.89
CA ASP D 438 37.89 23.14 4.79
C ASP D 438 38.85 22.45 5.76
N PHE D 439 40.16 22.59 5.53
CA PHE D 439 41.23 21.97 6.35
C PHE D 439 41.75 22.96 7.41
N SER D 440 41.10 24.10 7.61
CA SER D 440 41.64 25.22 8.41
C SER D 440 41.04 25.24 9.83
N LEU D 441 40.14 24.31 10.20
CA LEU D 441 39.52 24.25 11.55
C LEU D 441 40.52 23.74 12.58
N ASN D 442 40.18 23.89 13.87
CA ASN D 442 41.05 23.55 15.04
C ASN D 442 40.62 22.20 15.62
N ASP D 443 39.42 21.74 15.28
CA ASP D 443 38.78 20.53 15.85
C ASP D 443 38.09 19.79 14.70
N TYR D 444 38.35 18.48 14.56
CA TYR D 444 37.67 17.59 13.58
C TYR D 444 37.18 16.34 14.31
N THR D 445 37.01 16.44 15.63
CA THR D 445 36.29 15.45 16.45
C THR D 445 35.01 15.09 15.71
N ASP D 446 34.70 13.80 15.59
CA ASP D 446 33.42 13.32 15.04
C ASP D 446 33.27 13.69 13.54
N GLN D 447 34.36 14.02 12.85
CA GLN D 447 34.35 14.27 11.38
C GLN D 447 35.11 13.14 10.69
N VAL D 448 34.63 12.67 9.55
CA VAL D 448 35.21 11.49 8.84
C VAL D 448 35.54 11.89 7.40
N ILE D 449 36.75 11.59 6.96
CA ILE D 449 37.16 11.67 5.53
C ILE D 449 37.38 10.25 5.02
N ILE D 450 36.75 9.93 3.89
CA ILE D 450 36.99 8.68 3.12
C ILE D 450 37.75 9.07 1.85
N LEU D 451 38.98 8.54 1.73
CA LEU D 451 39.84 8.63 0.52
C LEU D 451 39.91 7.24 -0.08
N SER D 452 39.01 6.95 -1.02
CA SER D 452 38.86 5.62 -1.64
C SER D 452 39.52 5.63 -3.02
N HIS D 453 40.67 4.98 -3.15
CA HIS D 453 41.41 4.82 -4.42
C HIS D 453 41.70 6.21 -5.01
N GLN D 454 42.04 7.18 -4.15
CA GLN D 454 42.55 8.50 -4.61
C GLN D 454 44.05 8.34 -4.77
N ILE D 455 44.47 7.83 -5.92
CA ILE D 455 45.81 7.26 -6.17
C ILE D 455 46.88 8.36 -6.13
N ALA D 456 46.52 9.64 -6.29
CA ALA D 456 47.48 10.77 -6.27
C ALA D 456 47.18 11.72 -5.11
N LEU D 457 48.15 11.87 -4.20
CA LEU D 457 48.16 12.86 -3.09
C LEU D 457 49.55 13.51 -3.04
N ASP D 458 49.64 14.83 -2.95
CA ASP D 458 50.95 15.54 -2.82
C ASP D 458 51.24 15.80 -1.33
N ASN D 459 52.42 16.37 -1.08
CA ASN D 459 52.92 16.69 0.29
C ASN D 459 51.95 17.66 0.98
N LYS D 460 51.53 18.72 0.27
CA LYS D 460 50.61 19.76 0.80
C LYS D 460 49.36 19.07 1.37
N VAL D 461 48.72 18.18 0.60
CA VAL D 461 47.42 17.57 1.00
C VAL D 461 47.69 16.58 2.14
N ILE D 462 48.81 15.85 2.11
CA ILE D 462 49.15 14.90 3.19
C ILE D 462 49.26 15.69 4.51
N LYS D 463 49.90 16.87 4.49
CA LYS D 463 50.02 17.75 5.68
C LYS D 463 48.63 18.18 6.16
N GLN D 464 47.75 18.57 5.25
CA GLN D 464 46.33 18.88 5.61
C GLN D 464 45.68 17.63 6.23
N LEU D 465 45.94 16.44 5.69
CA LEU D 465 45.31 15.20 6.22
C LEU D 465 45.87 14.90 7.62
N GLU D 466 47.16 15.19 7.84
CA GLU D 466 47.85 15.01 9.14
C GLU D 466 47.21 15.94 10.18
N SER D 467 47.08 17.21 9.85
CA SER D 467 46.38 18.22 10.67
C SER D 467 44.97 17.71 11.02
N PHE D 468 44.21 17.29 10.01
CA PHE D 468 42.81 16.84 10.16
C PHE D 468 42.73 15.69 11.19
N VAL D 469 43.57 14.68 11.04
CA VAL D 469 43.55 13.48 11.92
C VAL D 469 44.05 13.88 13.32
N GLU D 470 45.13 14.65 13.40
CA GLU D 470 45.75 15.10 14.67
C GLU D 470 44.66 15.74 15.54
N LYS D 471 43.83 16.59 14.94
CA LYS D 471 42.76 17.37 15.61
C LYS D 471 41.47 16.55 15.73
N GLY D 472 41.53 15.21 15.67
CA GLY D 472 40.39 14.35 16.03
C GLY D 472 39.71 13.68 14.83
N GLY D 473 40.11 14.03 13.60
CA GLY D 473 39.55 13.46 12.36
C GLY D 473 39.72 11.95 12.29
N THR D 474 38.73 11.24 11.72
CA THR D 474 38.87 9.82 11.28
C THR D 474 39.11 9.80 9.77
N LEU D 475 40.21 9.18 9.35
CA LEU D 475 40.58 9.01 7.92
C LEU D 475 40.40 7.54 7.58
N ILE D 476 39.56 7.24 6.58
CA ILE D 476 39.42 5.88 5.99
C ILE D 476 40.00 5.91 4.57
N ALA D 477 41.01 5.07 4.31
CA ALA D 477 41.73 4.99 3.02
C ALA D 477 41.73 3.55 2.55
N ASP D 478 41.16 3.27 1.37
CA ASP D 478 41.26 1.95 0.71
C ASP D 478 41.87 2.10 -0.70
N GLY D 479 42.09 0.97 -1.37
CA GLY D 479 42.68 0.93 -2.71
C GLY D 479 44.07 1.56 -2.71
N LEU D 480 44.47 2.13 -3.84
CA LEU D 480 45.84 2.63 -4.08
C LEU D 480 45.92 4.12 -3.67
N THR D 481 45.07 4.56 -2.74
CA THR D 481 45.17 5.94 -2.17
C THR D 481 46.62 6.26 -1.80
N GLY D 482 47.16 7.37 -2.29
CA GLY D 482 48.51 7.85 -1.93
C GLY D 482 49.64 7.09 -2.61
N TYR D 483 49.37 6.23 -3.59
CA TYR D 483 50.42 5.45 -4.29
C TYR D 483 51.35 6.39 -5.07
N TYR D 484 50.80 7.44 -5.66
CA TYR D 484 51.53 8.45 -6.46
C TYR D 484 51.34 9.82 -5.82
N ASP D 485 52.21 10.74 -6.21
CA ASP D 485 52.07 12.19 -5.95
C ASP D 485 51.47 12.83 -7.22
N TYR D 486 51.39 14.16 -7.25
CA TYR D 486 50.73 14.94 -8.33
C TYR D 486 51.62 14.94 -9.58
N GLN D 487 52.81 14.33 -9.52
CA GLN D 487 53.72 14.21 -10.69
C GLN D 487 53.84 12.74 -11.12
N ALA D 488 52.96 11.87 -10.63
CA ALA D 488 52.90 10.43 -10.96
C ALA D 488 54.17 9.73 -10.46
N HIS D 489 54.86 10.35 -9.51
CA HIS D 489 56.05 9.76 -8.84
C HIS D 489 55.52 8.96 -7.64
N SER D 490 55.89 7.70 -7.51
CA SER D 490 55.39 6.84 -6.42
C SER D 490 56.34 6.93 -5.22
N THR D 491 55.90 7.57 -4.14
CA THR D 491 56.67 7.68 -2.88
C THR D 491 56.66 6.29 -2.22
N VAL D 492 55.73 5.41 -2.64
CA VAL D 492 55.73 3.99 -2.20
C VAL D 492 57.07 3.37 -2.58
N VAL D 493 57.65 3.80 -3.71
CA VAL D 493 58.97 3.31 -4.23
C VAL D 493 60.12 4.11 -3.59
N SER D 494 60.06 5.45 -3.57
CA SER D 494 61.18 6.33 -3.18
C SER D 494 61.22 6.63 -1.66
N GLY D 495 60.13 6.43 -0.91
CA GLY D 495 60.02 6.85 0.50
C GLY D 495 58.64 7.38 0.84
N PHE D 496 57.80 6.54 1.44
CA PHE D 496 56.31 6.68 1.47
C PHE D 496 55.91 7.95 2.22
N ALA D 497 55.26 8.90 1.55
CA ALA D 497 54.89 10.22 2.10
C ALA D 497 53.82 10.07 3.18
N LEU D 498 53.10 8.95 3.20
CA LEU D 498 51.99 8.71 4.16
C LEU D 498 52.44 7.77 5.28
N GLU D 499 53.71 7.43 5.38
CA GLU D 499 54.22 6.52 6.45
C GLU D 499 53.87 7.12 7.83
N ASN D 500 54.18 8.40 8.00
CA ASN D 500 53.93 9.12 9.28
C ASN D 500 52.45 8.98 9.67
N LEU D 501 51.53 9.37 8.78
CA LEU D 501 50.08 9.39 9.08
C LEU D 501 49.53 7.97 9.27
N PHE D 502 50.00 7.01 8.48
CA PHE D 502 49.44 5.65 8.45
C PHE D 502 50.12 4.77 9.51
N GLY D 503 51.28 5.18 10.01
CA GLY D 503 52.06 4.41 11.00
C GLY D 503 52.40 3.04 10.46
N SER D 504 52.67 2.98 9.16
CA SER D 504 52.83 1.71 8.40
C SER D 504 53.39 2.03 7.01
N TYR D 505 53.73 0.99 6.28
CA TYR D 505 54.48 1.05 5.01
C TYR D 505 53.92 -0.05 4.12
N PRO D 506 53.68 0.21 2.82
CA PRO D 506 53.26 -0.85 1.90
C PRO D 506 54.42 -1.84 1.74
N ILE D 507 54.10 -3.12 1.59
CA ILE D 507 55.08 -4.20 1.29
C ILE D 507 54.93 -4.58 -0.19
N GLU D 508 53.76 -5.07 -0.60
CA GLU D 508 53.48 -5.50 -2.00
C GLU D 508 52.02 -5.22 -2.36
N TYR D 509 51.79 -5.07 -3.66
CA TYR D 509 50.49 -5.30 -4.33
C TYR D 509 50.68 -6.57 -5.15
N LYS D 510 49.69 -7.44 -5.13
CA LYS D 510 49.67 -8.67 -5.95
C LYS D 510 48.32 -8.70 -6.65
N ILE D 511 48.34 -8.70 -7.98
CA ILE D 511 47.09 -8.69 -8.76
C ILE D 511 46.41 -10.05 -8.52
N LYS D 512 45.08 -10.05 -8.41
CA LYS D 512 44.22 -11.25 -8.22
C LYS D 512 43.13 -11.22 -9.29
N GLU D 513 42.06 -12.00 -9.14
CA GLU D 513 40.87 -11.89 -10.01
C GLU D 513 40.18 -10.52 -9.83
N ASN D 514 39.19 -10.23 -10.68
CA ASN D 514 38.37 -9.00 -10.58
C ASN D 514 37.65 -8.98 -9.23
N LEU D 515 37.30 -10.16 -8.70
CA LEU D 515 36.63 -10.29 -7.39
C LEU D 515 37.37 -11.37 -6.58
N PHE D 516 37.94 -10.99 -5.44
CA PHE D 516 38.48 -11.96 -4.45
C PHE D 516 37.97 -11.54 -3.06
N SER D 517 38.28 -12.35 -2.06
CA SER D 517 37.85 -12.14 -0.65
C SER D 517 39.08 -11.79 0.20
N LEU D 518 39.01 -10.71 0.97
CA LEU D 518 39.95 -10.49 2.13
C LEU D 518 39.30 -11.12 3.36
N ASP D 519 39.88 -12.21 3.85
CA ASP D 519 39.38 -13.03 4.99
C ASP D 519 40.20 -12.65 6.22
N PHE D 520 39.63 -11.82 7.10
CA PHE D 520 40.30 -11.33 8.33
C PHE D 520 40.48 -12.52 9.28
N GLU D 521 41.58 -12.51 10.05
CA GLU D 521 41.83 -13.42 11.21
C GLU D 521 40.65 -13.39 12.19
N LYS D 522 40.18 -14.57 12.57
CA LYS D 522 39.07 -14.79 13.55
C LYS D 522 37.83 -14.02 13.08
N ASP D 523 37.68 -13.89 11.77
CA ASP D 523 36.47 -13.33 11.08
C ASP D 523 35.34 -13.23 12.12
N TYR D 525 35.28 -10.52 9.44
CA TYR D 525 34.97 -9.87 8.15
C TYR D 525 35.51 -10.77 7.02
N LYS D 526 34.66 -10.97 6.01
CA LYS D 526 35.03 -11.34 4.63
C LYS D 526 34.64 -10.16 3.76
N LEU D 527 35.61 -9.31 3.42
CA LEU D 527 35.40 -8.16 2.51
C LEU D 527 35.61 -8.58 1.05
N PRO D 528 34.64 -8.32 0.17
CA PRO D 528 34.90 -8.36 -1.26
C PRO D 528 35.97 -7.32 -1.61
N ALA D 529 36.92 -7.69 -2.45
CA ALA D 529 38.03 -6.82 -2.90
C ALA D 529 38.21 -7.01 -4.41
N HIS D 530 38.68 -5.96 -5.07
CA HIS D 530 38.82 -5.89 -6.55
C HIS D 530 40.29 -5.83 -6.92
N LEU D 531 40.73 -6.83 -7.68
CA LEU D 531 41.90 -6.76 -8.61
C LEU D 531 43.24 -6.92 -7.86
N TRP D 532 43.54 -6.09 -6.86
CA TRP D 532 44.86 -6.05 -6.19
C TRP D 532 44.72 -6.33 -4.69
N LYS D 533 45.56 -7.24 -4.16
CA LYS D 533 45.76 -7.42 -2.71
C LYS D 533 46.99 -6.62 -2.26
N GLY D 534 46.77 -5.65 -1.38
CA GLY D 534 47.84 -4.88 -0.72
C GLY D 534 48.22 -5.49 0.61
N THR D 535 49.51 -5.59 0.86
CA THR D 535 50.10 -6.03 2.15
C THR D 535 50.99 -4.90 2.64
N ILE D 536 51.05 -4.77 3.97
CA ILE D 536 51.71 -3.64 4.67
C ILE D 536 52.55 -4.19 5.82
N GLU D 537 53.42 -3.35 6.32
CA GLU D 537 54.17 -3.55 7.58
C GLU D 537 53.84 -2.36 8.49
N THR D 538 53.33 -2.64 9.69
CA THR D 538 53.02 -1.62 10.72
C THR D 538 54.29 -1.29 11.50
N SER D 539 54.47 -0.02 11.86
CA SER D 539 55.36 0.44 12.93
C SER D 539 54.48 0.90 14.10
N LYS D 540 53.95 2.12 14.05
CA LYS D 540 53.10 2.71 15.11
C LYS D 540 51.67 2.15 15.06
N ALA D 541 51.18 1.73 13.90
CA ALA D 541 49.78 1.26 13.73
C ALA D 541 49.60 -0.15 14.26
N THR D 542 48.36 -0.50 14.60
CA THR D 542 47.94 -1.86 15.01
C THR D 542 47.65 -2.65 13.73
N PRO D 543 48.37 -3.76 13.47
CA PRO D 543 48.15 -4.55 12.27
C PRO D 543 46.85 -5.35 12.35
N ILE D 544 46.17 -5.50 11.21
CA ILE D 544 45.03 -6.45 11.01
C ILE D 544 45.51 -7.50 10.03
N MET D 545 45.47 -8.77 10.44
CA MET D 545 46.03 -9.92 9.69
C MET D 545 44.86 -10.67 9.03
N ASP D 546 45.15 -11.39 7.94
CA ASP D 546 44.15 -12.23 7.23
C ASP D 546 44.47 -13.68 7.55
N LYS D 547 43.60 -14.61 7.12
CA LYS D 547 43.72 -16.07 7.43
C LYS D 547 45.02 -16.62 6.84
N GLU D 548 45.65 -15.97 5.86
CA GLU D 548 46.94 -16.43 5.26
C GLU D 548 48.14 -15.85 6.03
N GLY D 549 47.91 -15.15 7.14
CA GLY D 549 48.97 -14.59 7.99
C GLY D 549 49.67 -13.39 7.36
N GLU D 550 48.98 -12.67 6.47
CA GLU D 550 49.52 -11.43 5.85
C GLU D 550 48.80 -10.23 6.47
N CYS D 551 49.53 -9.13 6.63
CA CYS D 551 48.95 -7.87 7.17
C CYS D 551 48.28 -7.09 6.03
N ILE D 552 46.96 -6.97 6.07
CA ILE D 552 46.13 -6.42 4.96
C ILE D 552 45.50 -5.10 5.35
N ALA D 553 45.64 -4.65 6.60
CA ALA D 553 45.05 -3.37 7.06
C ALA D 553 45.71 -2.95 8.37
N CYS D 554 45.41 -1.74 8.83
CA CYS D 554 45.89 -1.23 10.14
C CYS D 554 45.02 -0.07 10.62
N ILE D 555 45.03 0.16 11.93
CA ILE D 555 44.45 1.36 12.59
C ILE D 555 45.62 2.09 13.25
N ASN D 556 45.84 3.33 12.85
CA ASN D 556 46.87 4.18 13.48
C ASN D 556 46.15 5.22 14.32
N GLN D 557 46.52 5.32 15.59
CA GLN D 557 46.10 6.42 16.50
C GLN D 557 47.10 7.54 16.21
N TYR D 558 46.63 8.69 15.71
CA TYR D 558 47.49 9.82 15.32
C TYR D 558 46.89 11.06 15.96
N GLY D 559 47.60 11.65 16.95
CA GLY D 559 47.05 12.71 17.83
C GLY D 559 45.73 12.25 18.41
N LYS D 560 44.66 13.04 18.26
CA LYS D 560 43.31 12.72 18.79
C LYS D 560 42.51 11.87 17.80
N GLY D 561 42.97 11.73 16.55
CA GLY D 561 42.20 11.04 15.49
C GLY D 561 42.72 9.64 15.20
N LYS D 562 42.07 8.97 14.26
CA LYS D 562 42.43 7.58 13.87
C LYS D 562 42.49 7.50 12.33
N VAL D 563 43.31 6.59 11.84
CA VAL D 563 43.42 6.23 10.41
C VAL D 563 43.12 4.74 10.32
N PHE D 564 42.12 4.38 9.52
CA PHE D 564 41.94 2.98 9.02
C PHE D 564 42.48 2.94 7.59
N TRP D 565 43.47 2.10 7.34
CA TRP D 565 44.12 1.91 6.03
C TRP D 565 43.98 0.47 5.61
N ILE D 566 43.38 0.24 4.44
CA ILE D 566 43.29 -1.11 3.81
C ILE D 566 43.60 -0.95 2.33
N PRO D 567 44.87 -1.13 1.91
CA PRO D 567 45.28 -0.82 0.54
C PRO D 567 44.81 -1.80 -0.56
N SER D 568 43.86 -2.68 -0.27
CA SER D 568 43.08 -3.43 -1.30
C SER D 568 41.83 -2.61 -1.64
N PRO D 569 41.36 -2.59 -2.91
CA PRO D 569 40.15 -1.84 -3.26
C PRO D 569 38.88 -2.57 -2.78
N ILE D 570 38.41 -2.26 -1.57
CA ILE D 570 37.21 -2.93 -0.98
C ILE D 570 35.94 -2.19 -1.43
N ALA D 571 36.01 -0.90 -1.72
CA ALA D 571 34.86 -0.18 -2.30
C ALA D 571 34.61 -0.73 -3.72
N LEU D 572 35.65 -0.86 -4.54
CA LEU D 572 35.50 -1.45 -5.90
C LEU D 572 35.12 -2.93 -5.76
N GLY D 573 35.58 -3.61 -4.71
CA GLY D 573 35.16 -4.99 -4.38
C GLY D 573 33.66 -5.07 -4.16
N ALA D 574 33.12 -4.18 -3.35
CA ALA D 574 31.65 -4.06 -3.12
C ALA D 574 30.93 -3.83 -4.46
N ARG D 575 31.44 -2.91 -5.28
CA ARG D 575 30.87 -2.63 -6.64
C ARG D 575 30.87 -3.91 -7.49
N GLU D 576 32.01 -4.59 -7.55
CA GLU D 576 32.17 -5.79 -8.41
C GLU D 576 31.23 -6.89 -7.94
N SER D 577 31.05 -7.06 -6.64
CA SER D 577 30.23 -8.15 -6.05
C SER D 577 28.76 -7.72 -6.02
N LYS D 578 28.45 -6.45 -6.36
CA LYS D 578 27.08 -5.90 -6.30
C LYS D 578 26.50 -6.07 -4.89
N ASP D 579 27.37 -5.95 -3.88
CA ASP D 579 27.00 -6.12 -2.46
C ASP D 579 27.82 -5.13 -1.63
N PHE D 580 27.17 -4.14 -1.05
CA PHE D 580 27.80 -3.04 -0.26
C PHE D 580 27.64 -3.30 1.24
N SER D 581 27.11 -4.47 1.63
CA SER D 581 26.68 -4.76 3.03
C SER D 581 27.91 -4.83 3.93
N GLU D 582 28.99 -5.51 3.52
CA GLU D 582 30.20 -5.61 4.36
C GLU D 582 30.87 -4.24 4.43
N LEU D 583 30.90 -3.48 3.35
CA LEU D 583 31.51 -2.13 3.33
C LEU D 583 30.75 -1.20 4.27
N SER D 584 29.41 -1.31 4.28
CA SER D 584 28.51 -0.62 5.22
C SER D 584 28.90 -0.96 6.68
N LYS D 585 28.91 -2.24 7.05
CA LYS D 585 29.17 -2.70 8.44
C LYS D 585 30.56 -2.24 8.88
N LEU D 586 31.58 -2.38 8.03
CA LEU D 586 32.98 -2.00 8.37
C LEU D 586 33.04 -0.50 8.62
N THR D 587 32.46 0.30 7.72
CA THR D 587 32.49 1.78 7.80
C THR D 587 31.74 2.21 9.08
N VAL D 588 30.56 1.66 9.34
CA VAL D 588 29.74 1.99 10.53
C VAL D 588 30.57 1.78 11.79
N SER D 589 31.30 0.66 11.90
CA SER D 589 32.10 0.28 13.08
C SER D 589 33.28 1.24 13.27
N LEU D 590 33.63 2.05 12.26
CA LEU D 590 34.78 2.99 12.33
C LEU D 590 34.28 4.41 12.59
N LEU D 591 32.98 4.67 12.47
CA LEU D 591 32.42 6.05 12.64
C LEU D 591 32.46 6.42 14.12
N PRO D 592 32.74 7.70 14.46
CA PRO D 592 32.57 8.16 15.82
C PRO D 592 31.10 8.03 16.27
N ASN D 593 30.90 7.66 17.53
CA ASN D 593 29.57 7.41 18.16
C ASN D 593 28.66 8.62 17.91
N LYS D 594 29.18 9.84 17.99
CA LYS D 594 28.36 11.08 17.85
C LYS D 594 27.57 11.05 16.54
N ILE D 595 28.18 10.57 15.45
CA ILE D 595 27.53 10.54 14.10
C ILE D 595 26.31 9.59 14.19
N LEU D 596 26.49 8.41 14.77
CA LEU D 596 25.42 7.39 14.88
C LEU D 596 24.33 7.83 15.86
N ASN D 597 24.67 8.60 16.91
CA ASN D 597 23.69 9.06 17.94
C ASN D 597 22.88 10.25 17.40
N ASP D 598 23.50 11.19 16.66
CA ASP D 598 22.86 12.47 16.25
C ASP D 598 22.16 12.38 14.88
N ASN D 599 22.44 11.35 14.08
CA ASN D 599 21.96 11.28 12.68
C ASN D 599 20.98 10.12 12.53
N PRO D 600 19.74 10.38 12.03
CA PRO D 600 18.88 9.29 11.59
C PRO D 600 19.63 8.48 10.52
N HIS D 601 19.58 7.17 10.69
CA HIS D 601 20.20 6.16 9.79
C HIS D 601 19.43 4.84 10.01
N PHE D 602 19.77 3.81 9.26
CA PHE D 602 19.12 2.49 9.32
C PHE D 602 19.83 1.70 10.43
N ASP D 603 19.08 0.82 11.13
CA ASP D 603 19.61 0.00 12.24
C ASP D 603 20.59 -1.01 11.64
N LYS D 604 20.43 -1.32 10.35
CA LYS D 604 21.33 -2.21 9.57
C LYS D 604 21.37 -1.75 8.12
N HIS D 605 22.20 -2.41 7.32
CA HIS D 605 22.31 -2.22 5.86
C HIS D 605 21.03 -2.72 5.17
N TYR D 606 20.46 -1.92 4.28
CA TYR D 606 19.32 -2.29 3.42
C TYR D 606 19.74 -2.12 1.96
N LYS D 607 19.82 -3.24 1.24
CA LYS D 607 20.10 -3.28 -0.21
C LYS D 607 19.01 -2.47 -0.90
N ASP D 608 19.41 -1.53 -1.75
CA ASP D 608 18.53 -0.79 -2.71
C ASP D 608 17.53 0.10 -1.97
N VAL D 609 17.93 0.62 -0.80
CA VAL D 609 17.15 1.64 -0.06
C VAL D 609 18.08 2.79 0.25
N MET D 610 17.60 4.02 0.12
CA MET D 610 18.43 5.18 0.51
C MET D 610 17.64 6.02 1.50
N MET D 611 18.38 6.66 2.40
CA MET D 611 17.84 7.76 3.22
C MET D 611 18.93 8.83 3.34
N LYS D 612 18.48 10.08 3.24
CA LYS D 612 19.28 11.28 3.52
C LYS D 612 18.39 12.20 4.35
N SER D 613 18.98 12.92 5.31
CA SER D 613 18.22 13.79 6.23
C SER D 613 18.59 15.24 5.97
N PHE D 614 17.65 16.14 6.23
CA PHE D 614 17.85 17.60 6.13
C PHE D 614 17.10 18.29 7.27
N LYS D 615 17.46 19.55 7.50
CA LYS D 615 16.82 20.43 8.49
C LYS D 615 16.23 21.61 7.71
N SER D 616 15.13 22.16 8.21
CA SER D 616 14.56 23.46 7.78
C SER D 616 14.00 24.19 9.00
N ASN D 617 14.60 25.33 9.33
CA ASN D 617 14.33 26.13 10.56
C ASN D 617 14.12 25.21 11.77
N GLY D 618 15.15 24.48 12.21
CA GLY D 618 15.14 23.70 13.46
C GLY D 618 14.51 22.31 13.32
N THR D 619 13.54 22.13 12.42
CA THR D 619 12.85 20.83 12.19
C THR D 619 13.72 19.92 11.31
N MET D 620 13.89 18.67 11.72
CA MET D 620 14.63 17.63 11.00
C MET D 620 13.64 16.81 10.16
N TYR D 621 14.06 16.47 8.95
CA TYR D 621 13.30 15.60 8.01
C TYR D 621 14.23 14.51 7.51
N SER D 622 13.63 13.45 6.99
CA SER D 622 14.33 12.36 6.32
C SER D 622 13.62 12.03 5.01
N LEU D 623 14.45 11.78 3.99
CA LEU D 623 14.01 11.32 2.65
C LEU D 623 14.36 9.84 2.59
N ILE D 624 13.38 9.00 2.30
CA ILE D 624 13.56 7.54 2.19
C ILE D 624 13.04 7.15 0.81
N ILE D 625 13.84 6.39 0.07
CA ILE D 625 13.44 5.84 -1.25
C ILE D 625 13.79 4.35 -1.24
N ASN D 626 12.82 3.55 -1.67
CA ASN D 626 12.93 2.08 -1.80
C ASN D 626 13.07 1.81 -3.30
N LYS D 627 14.20 1.23 -3.71
CA LYS D 627 14.50 0.87 -5.12
C LYS D 627 14.59 -0.66 -5.25
N SER D 628 14.25 -1.41 -4.20
CA SER D 628 14.18 -2.90 -4.26
C SER D 628 12.89 -3.34 -4.93
N ALA D 629 12.76 -4.62 -5.24
CA ALA D 629 11.58 -5.21 -5.93
C ALA D 629 10.48 -5.50 -4.91
N SER D 630 10.71 -5.30 -3.62
CA SER D 630 9.73 -5.71 -2.59
C SER D 630 9.59 -4.63 -1.52
N VAL D 631 8.47 -4.68 -0.81
CA VAL D 631 8.13 -3.79 0.33
C VAL D 631 9.24 -3.99 1.37
N GLN D 632 9.76 -2.90 1.92
CA GLN D 632 10.80 -2.95 2.97
C GLN D 632 10.23 -2.31 4.22
N THR D 633 10.61 -2.87 5.37
CA THR D 633 10.40 -2.26 6.69
C THR D 633 11.75 -1.81 7.18
N VAL D 634 12.01 -0.50 7.19
CA VAL D 634 13.33 0.08 7.56
C VAL D 634 13.20 0.62 8.99
N ASP D 635 14.05 0.15 9.88
CA ASP D 635 14.12 0.63 11.29
C ASP D 635 15.07 1.83 11.30
N ILE D 636 14.53 3.03 11.47
CA ILE D 636 15.31 4.29 11.57
C ILE D 636 15.68 4.50 13.04
N VAL D 637 16.95 4.77 13.31
CA VAL D 637 17.51 5.03 14.67
C VAL D 637 18.47 6.21 14.56
N GLY D 638 18.83 6.81 15.71
CA GLY D 638 19.64 8.03 15.79
C GLY D 638 18.80 9.28 15.64
N GLY D 639 19.35 10.42 16.05
CA GLY D 639 18.62 11.69 16.24
C GLY D 639 17.53 11.54 17.30
N LYS D 640 16.56 12.46 17.26
CA LYS D 640 15.41 12.52 18.18
C LYS D 640 14.14 12.76 17.36
N GLY D 641 13.01 12.23 17.81
CA GLY D 641 11.68 12.64 17.34
C GLY D 641 10.86 11.44 16.92
N LYS D 642 9.56 11.66 16.72
CA LYS D 642 8.63 10.60 16.23
C LYS D 642 8.38 10.90 14.75
N ALA D 643 8.30 9.83 13.94
CA ALA D 643 7.99 9.91 12.50
C ALA D 643 6.56 10.45 12.31
N PHE D 644 6.41 11.55 11.58
CA PHE D 644 5.15 11.95 10.92
C PHE D 644 5.40 11.93 9.40
N ILE D 645 4.59 11.15 8.67
CA ILE D 645 4.74 11.02 7.18
C ILE D 645 4.11 12.25 6.53
N LEU D 646 4.96 13.14 5.98
CA LEU D 646 4.58 14.43 5.35
C LEU D 646 4.34 14.21 3.84
N PHE D 647 5.05 13.27 3.23
CA PHE D 647 4.97 12.94 1.77
C PHE D 647 5.21 11.45 1.59
N ALA D 648 4.36 10.81 0.80
CA ALA D 648 4.46 9.37 0.47
C ALA D 648 3.56 9.10 -0.72
N ASN D 649 4.11 8.71 -1.86
CA ASN D 649 3.31 8.57 -3.11
C ASN D 649 2.76 7.15 -3.24
N LYS D 650 3.01 6.24 -2.30
CA LYS D 650 2.35 4.90 -2.27
C LYS D 650 1.86 4.52 -0.86
N ASN D 651 1.42 5.48 -0.05
CA ASN D 651 0.77 5.21 1.28
C ASN D 651 1.68 4.38 2.21
N ALA D 652 2.97 4.69 2.22
CA ALA D 652 3.91 4.29 3.28
C ALA D 652 3.24 4.52 4.64
N HIS D 653 3.57 3.70 5.63
CA HIS D 653 3.10 3.82 7.04
C HIS D 653 4.29 3.50 7.94
N SER D 654 4.29 4.05 9.15
CA SER D 654 5.33 3.80 10.18
C SER D 654 4.66 3.32 11.48
N THR D 655 5.31 2.38 12.17
CA THR D 655 4.96 1.90 13.53
C THR D 655 6.19 2.23 14.38
N ALA D 656 6.05 3.10 15.39
CA ALA D 656 7.21 3.72 16.08
C ALA D 656 8.07 4.34 14.96
N ASN D 657 9.34 3.99 14.87
CA ASN D 657 10.26 4.56 13.83
C ASN D 657 10.64 3.46 12.83
N LYS D 658 9.74 2.50 12.59
CA LYS D 658 9.87 1.42 11.58
C LYS D 658 9.00 1.81 10.38
N LEU D 659 9.60 2.19 9.24
CA LEU D 659 8.88 2.68 8.04
C LEU D 659 8.68 1.51 7.04
N THR D 660 7.43 1.25 6.69
CA THR D 660 7.04 0.31 5.62
C THR D 660 6.83 1.13 4.34
N ILE D 661 7.66 0.84 3.34
CA ILE D 661 7.83 1.69 2.12
C ILE D 661 7.80 0.74 0.92
N SER D 662 6.98 1.05 -0.07
CA SER D 662 6.75 0.18 -1.25
C SER D 662 7.84 0.42 -2.31
N PRO D 663 8.03 -0.54 -3.24
CA PRO D 663 8.96 -0.36 -4.35
C PRO D 663 8.73 0.96 -5.07
N GLU D 664 9.78 1.76 -5.27
CA GLU D 664 9.79 3.01 -6.09
C GLU D 664 9.14 4.17 -5.34
N GLU D 665 8.73 3.96 -4.09
CA GLU D 665 8.07 5.00 -3.27
C GLU D 665 9.15 5.96 -2.75
N THR D 666 8.83 7.25 -2.75
CA THR D 666 9.56 8.32 -2.06
C THR D 666 8.77 8.75 -0.83
N VAL D 667 9.43 8.82 0.33
CA VAL D 667 8.80 9.22 1.63
C VAL D 667 9.58 10.38 2.22
N ILE D 668 8.89 11.45 2.62
CA ILE D 668 9.43 12.49 3.54
C ILE D 668 8.79 12.27 4.91
N ILE D 669 9.64 11.98 5.90
CA ILE D 669 9.29 11.99 7.34
C ILE D 669 9.69 13.36 7.90
N LYS D 670 8.75 13.99 8.61
CA LYS D 670 8.99 15.11 9.54
C LYS D 670 9.17 14.51 10.93
N TRP D 671 10.26 14.84 11.61
CA TRP D 671 10.55 14.36 12.98
C TRP D 671 9.96 15.36 13.98
N LYS D 672 8.89 14.96 14.68
CA LYS D 672 8.10 15.81 15.61
C LYS D 672 8.79 15.74 16.98
N ASN D 673 9.09 16.93 17.51
CA ASN D 673 9.85 17.22 18.76
C ASN D 673 11.34 17.05 18.46
N PRO E 21 6.79 7.34 67.85
CA PRO E 21 7.29 6.16 67.10
C PRO E 21 6.15 5.34 66.43
N ALA E 22 6.14 5.30 65.09
CA ALA E 22 5.02 4.80 64.27
C ALA E 22 5.16 3.28 64.11
N GLU E 23 4.08 2.50 64.30
CA GLU E 23 3.99 1.11 63.77
C GLU E 23 3.96 1.21 62.24
N ARG E 24 4.80 0.41 61.55
CA ARG E 24 4.75 0.16 60.09
C ARG E 24 3.98 -1.14 59.86
N ILE E 25 2.99 -1.13 58.99
CA ILE E 25 2.15 -2.34 58.73
C ILE E 25 3.03 -3.37 58.01
N SER E 26 2.82 -4.64 58.31
CA SER E 26 3.54 -5.77 57.65
C SER E 26 2.56 -6.93 57.45
N LYS E 27 2.98 -7.92 56.68
CA LYS E 27 2.25 -9.20 56.48
C LYS E 27 2.12 -9.94 57.81
N GLN E 28 2.81 -9.49 58.87
CA GLN E 28 2.78 -10.13 60.22
C GLN E 28 1.96 -9.31 61.19
N SER E 29 1.46 -8.13 60.81
CA SER E 29 0.68 -7.25 61.72
C SER E 29 -0.56 -8.00 62.21
N THR E 30 -0.98 -7.69 63.44
CA THR E 30 -2.26 -8.17 64.00
C THR E 30 -3.37 -7.43 63.25
N PRO E 31 -4.34 -8.15 62.65
CA PRO E 31 -5.42 -7.49 61.94
C PRO E 31 -6.30 -6.75 62.96
N PHE E 32 -6.90 -5.63 62.53
CA PHE E 32 -7.82 -4.81 63.36
C PHE E 32 -9.17 -4.66 62.66
N VAL E 33 -10.18 -4.45 63.48
CA VAL E 33 -11.51 -3.91 63.09
C VAL E 33 -11.47 -2.42 63.46
N GLY E 34 -12.02 -1.58 62.58
CA GLY E 34 -12.04 -0.12 62.76
C GLY E 34 -13.21 0.50 62.07
N ALA E 35 -13.36 1.81 62.15
CA ALA E 35 -14.50 2.54 61.56
C ALA E 35 -14.07 3.97 61.29
N GLN E 36 -14.65 4.56 60.24
CA GLN E 36 -14.57 6.00 59.96
C GLN E 36 -15.15 6.74 61.17
N ILE E 37 -14.42 7.73 61.66
CA ILE E 37 -14.96 8.72 62.61
C ILE E 37 -15.16 9.99 61.78
N PHE E 38 -16.43 10.37 61.57
CA PHE E 38 -16.78 11.50 60.68
C PHE E 38 -16.73 12.78 61.51
N ILE E 39 -15.80 13.67 61.17
CA ILE E 39 -15.57 14.95 61.90
C ILE E 39 -16.02 16.09 60.99
N GLU E 40 -16.94 16.92 61.46
CA GLU E 40 -17.36 18.18 60.78
C GLU E 40 -17.70 19.20 61.86
N PRO E 41 -17.72 20.51 61.53
CA PRO E 41 -18.13 21.52 62.50
C PRO E 41 -19.56 21.24 63.00
N GLY E 42 -19.84 21.67 64.22
CA GLY E 42 -21.13 21.52 64.94
C GLY E 42 -21.07 20.43 65.98
N GLN E 43 -20.17 19.46 65.84
CA GLN E 43 -20.07 18.33 66.82
C GLN E 43 -19.51 18.88 68.14
N THR E 44 -19.93 18.32 69.27
CA THR E 44 -19.44 18.67 70.63
C THR E 44 -18.35 17.67 71.05
N GLN E 45 -17.40 18.14 71.88
CA GLN E 45 -16.39 17.33 72.61
C GLN E 45 -17.05 16.07 73.20
N GLU E 46 -18.20 16.21 73.82
CA GLU E 46 -18.90 15.14 74.57
C GLU E 46 -19.32 14.05 73.59
N GLN E 47 -19.90 14.40 72.43
CA GLN E 47 -20.33 13.37 71.45
C GLN E 47 -19.08 12.71 70.84
N ILE E 48 -18.04 13.47 70.50
CA ILE E 48 -16.84 12.87 69.85
C ILE E 48 -16.22 11.85 70.81
N GLU E 49 -16.07 12.23 72.09
CA GLU E 49 -15.47 11.36 73.13
C GLU E 49 -16.33 10.10 73.29
N GLN E 50 -17.65 10.25 73.30
CA GLN E 50 -18.63 9.13 73.40
C GLN E 50 -18.40 8.17 72.21
N TRP E 51 -18.07 8.66 71.02
CA TRP E 51 -17.81 7.78 69.84
C TRP E 51 -16.54 6.96 70.10
N PHE E 52 -15.44 7.61 70.46
CA PHE E 52 -14.13 6.94 70.68
C PHE E 52 -14.22 5.94 71.84
N LYS E 53 -14.94 6.31 72.90
CA LYS E 53 -15.16 5.42 74.07
C LYS E 53 -15.84 4.14 73.58
N LEU E 54 -16.96 4.27 72.86
CA LEU E 54 -17.71 3.09 72.36
C LEU E 54 -16.89 2.32 71.32
N LEU E 55 -16.11 3.05 70.50
CA LEU E 55 -15.24 2.43 69.47
C LEU E 55 -14.24 1.52 70.18
N ALA E 56 -13.58 2.03 71.23
CA ALA E 56 -12.62 1.27 72.07
C ALA E 56 -13.32 0.06 72.71
N GLU E 57 -14.50 0.24 73.28
CA GLU E 57 -15.25 -0.85 73.96
C GLU E 57 -15.79 -1.88 72.97
N SER E 58 -15.79 -1.57 71.67
CA SER E 58 -16.26 -2.48 70.60
C SER E 58 -15.07 -3.26 70.01
N ASN E 59 -13.92 -3.24 70.69
CA ASN E 59 -12.72 -4.04 70.35
C ASN E 59 -12.17 -3.54 69.00
N MET E 60 -12.40 -2.27 68.70
CA MET E 60 -11.84 -1.59 67.51
C MET E 60 -10.64 -0.77 67.97
N THR E 61 -9.56 -0.83 67.20
CA THR E 61 -8.24 -0.25 67.55
C THR E 61 -7.95 0.94 66.65
N THR E 62 -8.69 1.08 65.56
CA THR E 62 -8.34 2.03 64.47
C THR E 62 -9.58 2.80 64.02
N CYS E 63 -9.38 4.05 63.64
CA CYS E 63 -10.39 4.89 62.98
C CYS E 63 -9.74 5.49 61.74
N ARG E 64 -10.57 6.05 60.87
CA ARG E 64 -10.10 6.80 59.69
C ARG E 64 -10.82 8.13 59.73
N ILE E 65 -10.08 9.19 59.43
CA ILE E 65 -10.61 10.57 59.54
C ILE E 65 -10.30 11.29 58.24
N ARG E 66 -11.33 11.85 57.64
CA ARG E 66 -11.23 12.71 56.45
C ARG E 66 -10.74 14.08 56.92
N MET E 67 -9.52 14.46 56.52
CA MET E 67 -8.83 15.68 56.96
C MET E 67 -9.29 16.87 56.07
N PHE E 68 -10.58 17.17 56.10
CA PHE E 68 -11.25 18.20 55.26
C PHE E 68 -10.47 19.51 55.30
N GLY E 69 -9.79 19.86 54.22
CA GLY E 69 -9.23 21.20 53.98
C GLY E 69 -10.25 22.30 54.28
N LYS E 70 -11.51 22.07 53.92
CA LYS E 70 -12.61 23.06 54.14
C LYS E 70 -12.73 23.39 55.61
N TYR E 71 -12.53 22.43 56.52
CA TYR E 71 -12.79 22.62 57.98
C TYR E 71 -11.49 22.98 58.71
N MET E 72 -10.45 23.39 57.97
CA MET E 72 -9.18 23.89 58.51
C MET E 72 -8.85 25.28 57.94
N LYS E 73 -9.47 25.70 56.82
CA LYS E 73 -9.21 27.01 56.20
C LYS E 73 -9.80 28.11 57.07
N THR E 74 -9.00 29.14 57.39
CA THR E 74 -9.44 30.40 58.07
C THR E 74 -9.67 31.46 57.00
N PRO E 75 -10.40 32.57 57.29
CA PRO E 75 -10.48 33.69 56.35
C PRO E 75 -9.12 34.13 55.76
N SER E 76 -8.06 34.17 56.57
CA SER E 76 -6.76 34.79 56.23
C SER E 76 -5.86 33.83 55.44
N GLY E 77 -6.26 32.57 55.26
CA GLY E 77 -5.44 31.58 54.54
C GLY E 77 -4.54 30.76 55.46
N THR E 78 -4.46 31.08 56.76
CA THR E 78 -3.84 30.22 57.80
C THR E 78 -4.61 28.90 57.86
N TYR E 79 -3.94 27.83 58.31
CA TYR E 79 -4.56 26.56 58.73
C TYR E 79 -4.85 26.63 60.23
N ASP E 80 -6.11 26.37 60.60
CA ASP E 80 -6.56 26.11 61.98
C ASP E 80 -6.90 24.62 62.06
N PHE E 81 -6.15 23.87 62.87
CA PHE E 81 -6.17 22.39 62.94
C PHE E 81 -7.10 21.93 64.08
N THR E 82 -7.69 22.87 64.82
CA THR E 82 -8.43 22.66 66.09
C THR E 82 -9.40 21.50 65.97
N LEU E 83 -10.21 21.48 64.91
CA LEU E 83 -11.30 20.50 64.77
C LEU E 83 -10.72 19.08 64.75
N PHE E 84 -9.59 18.91 64.08
CA PHE E 84 -8.94 17.59 63.90
C PHE E 84 -8.01 17.29 65.10
N ASP E 85 -7.34 18.30 65.66
CA ASP E 85 -6.59 18.16 66.94
C ASP E 85 -7.52 17.49 67.97
N ARG E 86 -8.70 18.05 68.15
CA ARG E 86 -9.70 17.58 69.16
C ARG E 86 -9.95 16.08 68.94
N ALA E 87 -10.11 15.64 67.68
CA ALA E 87 -10.43 14.25 67.34
C ALA E 87 -9.20 13.35 67.55
N PHE E 88 -8.03 13.79 67.07
CA PHE E 88 -6.75 13.05 67.23
C PHE E 88 -6.46 12.82 68.72
N LYS E 89 -6.62 13.86 69.55
CA LYS E 89 -6.35 13.81 71.02
C LYS E 89 -7.32 12.84 71.68
N LEU E 90 -8.61 12.87 71.31
CA LEU E 90 -9.60 11.89 71.85
C LEU E 90 -9.27 10.49 71.35
N ALA E 91 -8.79 10.35 70.11
CA ALA E 91 -8.41 9.02 69.60
C ALA E 91 -7.27 8.51 70.49
N ASP E 92 -6.26 9.35 70.70
CA ASP E 92 -5.05 9.03 71.50
C ASP E 92 -5.49 8.62 72.92
N LYS E 93 -6.35 9.40 73.55
CA LYS E 93 -6.83 9.14 74.93
C LYS E 93 -7.38 7.71 75.03
N TYR E 94 -8.04 7.22 73.99
CA TYR E 94 -8.67 5.86 74.00
C TYR E 94 -7.79 4.84 73.26
N HIS E 95 -6.53 5.18 72.98
CA HIS E 95 -5.51 4.28 72.36
C HIS E 95 -6.02 3.83 70.98
N ILE E 96 -6.62 4.75 70.22
CA ILE E 96 -7.13 4.50 68.84
C ILE E 96 -6.12 5.10 67.86
N LYS E 97 -5.61 4.30 66.95
CA LYS E 97 -4.71 4.80 65.87
C LYS E 97 -5.59 5.33 64.72
N VAL E 98 -5.02 6.20 63.89
CA VAL E 98 -5.78 7.03 62.91
C VAL E 98 -5.17 6.81 61.53
N TYR E 99 -6.00 6.35 60.59
CA TYR E 99 -5.79 6.54 59.13
C TYR E 99 -6.26 7.96 58.79
N ALA E 100 -5.36 8.84 58.36
CA ALA E 100 -5.69 10.24 58.01
C ALA E 100 -5.77 10.36 56.50
N THR E 101 -6.96 10.71 55.98
CA THR E 101 -7.18 10.87 54.52
C THR E 101 -6.91 12.32 54.11
N LEU E 102 -5.96 12.50 53.20
CA LEU E 102 -5.69 13.79 52.57
C LEU E 102 -6.91 14.12 51.71
N PHE E 103 -7.58 15.23 52.05
CA PHE E 103 -8.86 15.63 51.41
C PHE E 103 -8.87 17.15 51.30
N PRO E 104 -8.23 17.71 50.25
CA PRO E 104 -8.11 19.17 50.14
C PRO E 104 -9.49 19.84 50.04
N ASP E 105 -9.51 21.17 50.19
CA ASP E 105 -10.74 22.00 50.17
C ASP E 105 -11.52 21.65 48.90
N THR E 106 -12.82 21.47 49.03
CA THR E 106 -13.74 21.11 47.93
C THR E 106 -15.18 21.46 48.36
N GLU E 107 -16.09 21.55 47.38
CA GLU E 107 -17.52 21.79 47.60
C GLU E 107 -18.04 20.83 48.67
N PHE E 108 -18.88 21.33 49.58
CA PHE E 108 -19.65 20.53 50.57
C PHE E 108 -20.38 19.37 49.86
N THR E 109 -20.91 19.58 48.66
CA THR E 109 -21.74 18.57 47.91
C THR E 109 -20.88 17.45 47.31
N ASP E 110 -19.54 17.58 47.31
CA ASP E 110 -18.59 16.58 46.76
C ASP E 110 -18.34 15.49 47.82
N VAL E 111 -19.12 14.41 47.77
CA VAL E 111 -19.15 13.33 48.80
C VAL E 111 -17.82 12.54 48.76
N GLY E 112 -17.33 12.17 47.57
CA GLY E 112 -16.19 11.24 47.43
C GLY E 112 -14.85 11.95 47.27
N GLY E 113 -14.88 13.23 46.88
CA GLY E 113 -13.68 14.07 46.67
C GLY E 113 -13.24 14.13 45.22
N PHE E 114 -12.60 15.22 44.82
CA PHE E 114 -11.97 15.35 43.49
C PHE E 114 -10.80 14.35 43.36
N LYS E 115 -10.57 13.88 42.15
CA LYS E 115 -9.67 12.78 41.81
C LYS E 115 -8.36 13.33 41.23
N PHE E 116 -8.39 14.58 40.69
CA PHE E 116 -7.20 15.23 40.07
C PHE E 116 -7.27 16.73 40.25
N PRO E 117 -6.12 17.45 40.24
CA PRO E 117 -6.15 18.91 40.28
C PRO E 117 -6.91 19.48 39.08
N HIS E 118 -7.64 20.58 39.28
CA HIS E 118 -8.42 21.31 38.24
C HIS E 118 -7.44 22.10 37.34
N SER E 119 -6.32 22.56 37.90
CA SER E 119 -5.35 23.49 37.26
C SER E 119 -4.00 23.45 37.97
N ARG E 120 -2.96 24.01 37.34
CA ARG E 120 -1.61 24.18 37.94
C ARG E 120 -1.74 24.91 39.28
N GLU E 121 -2.61 25.93 39.34
CA GLU E 121 -2.79 26.74 40.58
C GLU E 121 -3.50 25.89 41.63
N HIS E 122 -4.45 25.06 41.25
CA HIS E 122 -5.09 24.10 42.19
C HIS E 122 -4.04 23.09 42.70
N GLN E 123 -3.14 22.63 41.83
CA GLN E 123 -2.06 21.72 42.24
C GLN E 123 -1.21 22.38 43.34
N LYS E 124 -0.95 23.69 43.24
CA LYS E 124 -0.13 24.44 44.23
C LYS E 124 -0.92 24.52 45.54
N GLU E 125 -2.24 24.68 45.49
CA GLU E 125 -3.08 24.68 46.71
C GLU E 125 -2.99 23.32 47.39
N VAL E 126 -2.99 22.24 46.61
CA VAL E 126 -2.91 20.85 47.17
C VAL E 126 -1.54 20.68 47.82
N GLU E 127 -0.46 21.16 47.19
CA GLU E 127 0.92 21.16 47.72
C GLU E 127 0.94 21.84 49.10
N ASP E 128 0.35 23.02 49.18
CA ASP E 128 0.28 23.83 50.42
C ASP E 128 -0.55 23.07 51.46
N TYR E 129 -1.66 22.43 51.04
CA TYR E 129 -2.54 21.66 51.95
C TYR E 129 -1.71 20.52 52.55
N ILE E 130 -0.97 19.79 51.71
CA ILE E 130 -0.19 18.60 52.15
C ILE E 130 0.92 19.05 53.11
N LYS E 131 1.66 20.09 52.75
CA LYS E 131 2.73 20.66 53.60
C LYS E 131 2.16 20.89 55.00
N ASN E 132 1.10 21.67 55.09
CA ASN E 132 0.51 22.11 56.38
C ASN E 132 -0.01 20.90 57.15
N VAL E 133 -0.77 20.01 56.50
CA VAL E 133 -1.53 18.93 57.21
C VAL E 133 -0.54 17.83 57.64
N VAL E 134 0.38 17.46 56.76
CA VAL E 134 1.34 16.36 57.05
C VAL E 134 2.34 16.85 58.11
N SER E 135 2.87 18.07 57.98
CA SER E 135 3.81 18.68 58.95
C SER E 135 3.18 18.65 60.35
N HIS E 136 1.91 19.04 60.47
CA HIS E 136 1.22 19.10 61.78
C HIS E 136 0.91 17.69 62.30
N PHE E 137 0.14 16.88 61.56
CA PHE E 137 -0.49 15.66 62.11
C PHE E 137 0.49 14.48 62.14
N SER E 138 1.60 14.53 61.38
CA SER E 138 2.71 13.56 61.47
C SER E 138 3.24 13.50 62.91
N GLN E 139 3.09 14.57 63.67
CA GLN E 139 3.64 14.71 65.06
C GLN E 139 2.80 13.92 66.05
N TYR E 140 1.59 13.45 65.72
CA TYR E 140 0.75 12.66 66.66
C TYR E 140 1.25 11.21 66.67
N LYS E 141 1.44 10.65 67.85
CA LYS E 141 2.02 9.30 68.01
C LYS E 141 0.98 8.23 67.61
N ASN E 142 -0.31 8.59 67.53
CA ASN E 142 -1.40 7.62 67.19
C ASN E 142 -1.76 7.70 65.70
N LEU E 143 -1.00 8.43 64.89
CA LEU E 143 -1.14 8.40 63.40
C LEU E 143 -0.59 7.08 62.87
N ALA E 144 -1.43 6.26 62.25
CA ALA E 144 -1.08 4.94 61.68
C ALA E 144 -0.76 5.05 60.20
N ALA E 145 -1.40 5.94 59.44
CA ALA E 145 -1.26 5.98 57.97
C ALA E 145 -1.80 7.27 57.39
N TRP E 146 -1.20 7.71 56.28
CA TRP E 146 -1.75 8.71 55.34
C TRP E 146 -2.47 7.99 54.21
N VAL E 147 -3.77 8.24 54.05
CA VAL E 147 -4.51 7.83 52.82
C VAL E 147 -4.33 8.96 51.83
N LEU E 148 -3.58 8.73 50.76
CA LEU E 148 -3.08 9.77 49.82
C LEU E 148 -4.26 10.50 49.18
N ILE E 149 -5.30 9.75 48.86
CA ILE E 149 -6.54 10.24 48.21
C ILE E 149 -7.67 9.25 48.54
N ASN E 150 -8.86 9.76 48.81
CA ASN E 150 -10.04 8.88 49.00
C ASN E 150 -10.49 8.38 47.62
N GLU E 151 -10.50 7.07 47.42
CA GLU E 151 -11.15 6.40 46.27
C GLU E 151 -10.61 6.99 44.98
N PRO E 152 -9.32 6.75 44.66
CA PRO E 152 -8.78 7.15 43.37
C PRO E 152 -9.55 6.42 42.27
N GLY E 153 -9.71 7.08 41.15
CA GLY E 153 -10.41 6.55 39.99
C GLY E 153 -11.76 7.20 39.81
N THR E 154 -11.98 7.70 38.61
CA THR E 154 -13.33 8.06 38.10
C THR E 154 -13.43 7.56 36.66
N PRO E 155 -14.59 7.00 36.25
CA PRO E 155 -14.75 6.58 34.86
C PRO E 155 -14.56 7.79 33.91
N ASN E 156 -15.22 8.92 34.22
CA ASN E 156 -15.25 10.19 33.43
C ASN E 156 -14.18 11.14 34.00
N LEU E 157 -13.04 11.13 33.34
CA LEU E 157 -11.91 12.08 33.56
C LEU E 157 -12.32 13.48 33.09
N PRO E 158 -11.97 14.52 33.88
CA PRO E 158 -12.22 15.91 33.47
C PRO E 158 -11.27 16.38 32.36
N PHE E 159 -11.48 15.91 31.12
CA PHE E 159 -10.69 16.30 29.91
C PHE E 159 -10.93 17.76 29.55
N ASN E 160 -12.04 18.34 30.02
CA ASN E 160 -12.44 19.76 29.80
C ASN E 160 -11.55 20.69 30.63
N GLU E 161 -11.10 20.25 31.83
CA GLU E 161 -10.31 21.07 32.80
C GLU E 161 -8.89 21.22 32.26
N PRO E 162 -8.23 22.40 32.44
CA PRO E 162 -6.92 22.66 31.85
C PRO E 162 -5.78 21.75 32.33
N PHE E 163 -5.77 21.33 33.59
CA PHE E 163 -4.69 20.45 34.12
C PHE E 163 -4.69 19.12 33.37
N THR E 164 -5.82 18.41 33.34
CA THR E 164 -5.98 17.12 32.63
C THR E 164 -5.75 17.32 31.12
N LYS E 165 -6.35 18.34 30.52
CA LYS E 165 -6.22 18.64 29.06
C LYS E 165 -4.75 18.76 28.69
N GLU E 166 -3.95 19.49 29.46
CA GLU E 166 -2.50 19.72 29.20
C GLU E 166 -1.74 18.40 29.39
N ARG E 167 -2.02 17.67 30.47
CA ARG E 167 -1.39 16.35 30.77
C ARG E 167 -1.62 15.40 29.58
N PHE E 168 -2.86 15.35 29.07
CA PHE E 168 -3.24 14.44 27.95
C PHE E 168 -2.49 14.88 26.68
N SER E 169 -2.48 16.17 26.36
CA SER E 169 -1.71 16.77 25.25
C SER E 169 -0.23 16.39 25.35
N ASP E 170 0.42 16.63 26.49
CA ASP E 170 1.84 16.28 26.74
C ASP E 170 2.06 14.78 26.52
N TRP E 171 1.25 13.97 27.19
CA TRP E 171 1.31 12.49 27.11
C TRP E 171 1.22 12.05 25.64
N LYS E 172 0.33 12.64 24.85
CA LYS E 172 0.09 12.27 23.42
C LYS E 172 1.35 12.58 22.59
N LYS E 173 1.98 13.74 22.83
CA LYS E 173 3.21 14.18 22.11
C LYS E 173 4.40 13.28 22.51
N GLU E 174 4.37 12.67 23.69
CA GLU E 174 5.48 11.79 24.18
C GLU E 174 5.27 10.35 23.73
N HIS E 175 4.19 10.04 23.03
CA HIS E 175 3.89 8.66 22.54
C HIS E 175 3.80 8.69 21.01
N ASN E 176 4.34 7.67 20.35
CA ASN E 176 4.24 7.52 18.87
C ASN E 176 3.18 6.44 18.61
N PHE E 177 2.02 6.82 18.12
CA PHE E 177 0.93 5.87 17.75
C PHE E 177 0.69 5.98 16.25
N SER E 178 0.62 4.85 15.56
CA SER E 178 0.32 4.75 14.12
C SER E 178 -1.14 4.34 13.95
N GLU E 179 -1.76 4.69 12.83
CA GLU E 179 -3.14 4.26 12.47
C GLU E 179 -3.14 2.82 11.92
N TYR E 180 -1.98 2.22 11.65
CA TYR E 180 -1.88 0.84 11.09
C TYR E 180 -0.88 0.03 11.93
N ASN E 181 -1.06 -1.29 12.00
CA ASN E 181 -0.12 -2.22 12.69
C ASN E 181 1.00 -2.58 11.69
N GLU E 182 1.92 -3.45 12.08
CA GLU E 182 3.13 -3.76 11.26
C GLU E 182 2.69 -4.42 9.95
N LYS E 183 1.67 -5.30 9.98
CA LYS E 183 1.19 -6.03 8.78
C LYS E 183 0.41 -5.09 7.86
N GLY E 184 0.04 -3.88 8.31
CA GLY E 184 -0.66 -2.86 7.50
C GLY E 184 -2.14 -2.71 7.85
N TYR E 185 -2.69 -3.53 8.76
CA TYR E 185 -4.13 -3.47 9.14
C TYR E 185 -4.44 -2.20 9.94
N PRO E 186 -5.64 -1.60 9.79
CA PRO E 186 -6.06 -0.49 10.65
C PRO E 186 -6.10 -0.96 12.12
N VAL E 187 -5.86 -0.03 13.05
CA VAL E 187 -5.80 -0.31 14.50
C VAL E 187 -6.54 0.78 15.27
N LEU E 188 -7.07 0.44 16.45
CA LEU E 188 -7.37 1.41 17.54
C LEU E 188 -6.17 1.42 18.48
N ASN E 189 -5.86 2.54 19.11
CA ASN E 189 -4.67 2.66 19.99
C ASN E 189 -5.02 2.93 21.44
N PHE E 190 -6.28 3.22 21.77
CA PHE E 190 -6.75 3.37 23.16
C PHE E 190 -5.87 4.38 23.90
N GLU E 191 -5.58 5.50 23.24
CA GLU E 191 -4.77 6.61 23.82
C GLU E 191 -5.40 7.05 25.14
N LYS E 192 -6.71 7.28 25.15
CA LYS E 192 -7.47 7.73 26.35
C LYS E 192 -7.19 6.77 27.50
N GLU E 193 -7.39 5.47 27.28
CA GLU E 193 -7.37 4.44 28.34
C GLU E 193 -5.96 4.32 28.89
N ASN E 194 -4.95 4.35 28.01
CA ASN E 194 -3.52 4.24 28.38
C ASN E 194 -3.07 5.50 29.15
N PHE E 195 -3.49 6.69 28.69
CA PHE E 195 -3.23 7.96 29.40
C PHE E 195 -3.84 7.87 30.81
N ILE E 196 -5.08 7.37 30.94
CA ILE E 196 -5.80 7.32 32.24
C ILE E 196 -5.01 6.48 33.24
N ILE E 197 -4.51 5.32 32.81
CA ILE E 197 -3.63 4.47 33.68
C ILE E 197 -2.46 5.32 34.16
N ASP E 198 -1.74 5.93 33.20
CA ASP E 198 -0.48 6.65 33.50
C ASP E 198 -0.79 7.85 34.38
N TYR E 199 -1.94 8.49 34.15
CA TYR E 199 -2.33 9.73 34.88
C TYR E 199 -2.61 9.39 36.34
N HIS E 200 -3.36 8.30 36.61
CA HIS E 200 -3.59 7.80 37.99
C HIS E 200 -2.25 7.46 38.63
N ASN E 201 -1.42 6.69 37.95
CA ASN E 201 -0.05 6.35 38.43
C ASN E 201 0.66 7.66 38.83
N TRP E 202 0.66 8.65 37.94
CA TRP E 202 1.44 9.89 38.11
C TRP E 202 0.91 10.65 39.35
N TYR E 203 -0.40 10.88 39.44
CA TYR E 203 -0.96 11.77 40.49
C TYR E 203 -0.78 11.11 41.87
N LEU E 204 -1.05 9.81 41.98
CA LEU E 204 -0.89 9.10 43.28
C LEU E 204 0.60 9.12 43.68
N ASN E 205 1.51 8.89 42.72
CA ASN E 205 2.97 8.91 42.95
C ASN E 205 3.36 10.30 43.45
N TRP E 206 2.81 11.34 42.82
CA TRP E 206 3.08 12.74 43.18
C TRP E 206 2.58 13.03 44.60
N LEU E 207 1.38 12.57 44.94
CA LEU E 207 0.82 12.70 46.33
C LEU E 207 1.76 12.02 47.32
N ALA E 208 2.24 10.81 47.01
CA ALA E 208 3.18 10.07 47.87
C ALA E 208 4.46 10.89 48.06
N ASN E 209 5.02 11.44 46.97
CA ASN E 209 6.26 12.24 47.03
C ASN E 209 6.01 13.48 47.88
N GLN E 210 4.83 14.13 47.73
CA GLN E 210 4.52 15.35 48.52
C GLN E 210 4.50 14.99 50.01
N VAL E 211 3.82 13.91 50.40
CA VAL E 211 3.76 13.48 51.83
C VAL E 211 5.19 13.20 52.31
N ARG E 212 6.01 12.57 51.46
CA ARG E 212 7.38 12.11 51.83
C ARG E 212 8.32 13.33 52.01
N LEU E 213 7.98 14.51 51.49
CA LEU E 213 8.77 15.75 51.73
C LEU E 213 8.74 16.10 53.23
N TYR E 214 7.71 15.68 53.98
CA TYR E 214 7.44 16.16 55.36
C TYR E 214 7.36 14.99 56.35
N ASP E 215 7.11 13.77 55.88
CA ASP E 215 6.96 12.61 56.77
C ASP E 215 7.44 11.36 56.03
N LYS E 216 8.52 10.73 56.55
CA LYS E 216 9.08 9.47 56.00
C LYS E 216 8.77 8.31 56.93
N GLN E 217 7.98 8.56 57.98
CA GLN E 217 7.79 7.61 59.12
C GLN E 217 6.53 6.77 58.91
N HIS E 218 5.44 7.33 58.35
CA HIS E 218 4.12 6.69 58.37
C HIS E 218 3.80 6.01 57.04
N ASP E 219 3.01 4.94 57.15
CA ASP E 219 2.45 4.16 56.02
C ASP E 219 1.68 5.09 55.09
N LEU E 220 1.93 4.94 53.79
CA LEU E 220 1.11 5.49 52.69
C LEU E 220 0.14 4.41 52.23
N HIS E 221 -1.13 4.81 52.10
CA HIS E 221 -2.29 3.92 51.81
C HIS E 221 -3.18 4.62 50.78
N VAL E 222 -3.91 3.83 49.99
CA VAL E 222 -4.92 4.35 49.05
C VAL E 222 -6.00 3.28 48.89
N ASN E 223 -7.27 3.67 48.68
CA ASN E 223 -8.42 2.73 48.62
C ASN E 223 -9.04 2.76 47.22
N PRO E 224 -8.56 1.98 46.25
CA PRO E 224 -9.27 1.80 44.98
C PRO E 224 -10.69 1.29 45.27
N HIS E 225 -11.66 1.64 44.41
CA HIS E 225 -13.09 1.39 44.66
C HIS E 225 -13.77 0.85 43.40
N ASN E 226 -14.93 0.27 43.59
CA ASN E 226 -15.81 -0.16 42.47
C ASN E 226 -14.96 -0.96 41.49
N VAL E 227 -14.19 -1.91 42.01
CA VAL E 227 -13.07 -2.57 41.30
C VAL E 227 -13.61 -3.40 40.13
N PHE E 228 -14.83 -3.88 40.18
CA PHE E 228 -15.39 -4.71 39.07
C PHE E 228 -15.71 -3.82 37.88
N LYS E 229 -15.76 -2.49 38.07
CA LYS E 229 -15.95 -1.53 36.96
C LYS E 229 -14.67 -0.72 36.69
N LEU E 230 -13.88 -0.37 37.72
CA LEU E 230 -12.80 0.64 37.59
C LEU E 230 -11.41 -0.01 37.55
N SER E 231 -11.31 -1.34 37.57
CA SER E 231 -10.01 -2.07 37.51
C SER E 231 -9.21 -1.66 36.26
N GLY E 232 -9.88 -1.17 35.20
CA GLY E 232 -9.24 -0.73 33.95
C GLY E 232 -8.50 0.58 34.11
N LEU E 233 -8.65 1.25 35.26
CA LEU E 233 -8.03 2.55 35.64
C LEU E 233 -6.77 2.30 36.49
N TYR E 234 -6.62 1.09 37.01
CA TYR E 234 -5.72 0.76 38.15
C TYR E 234 -4.52 -0.09 37.69
N ASP E 235 -3.31 0.48 37.82
CA ASP E 235 -2.03 -0.24 37.62
C ASP E 235 -1.42 -0.55 39.00
N PHE E 236 -1.87 -1.61 39.64
CA PHE E 236 -1.51 -1.88 41.06
C PHE E 236 -0.01 -2.19 41.17
N PRO E 237 0.60 -2.96 40.26
CA PRO E 237 2.06 -3.13 40.27
C PRO E 237 2.82 -1.79 40.37
N THR E 238 2.46 -0.76 39.60
CA THR E 238 3.14 0.55 39.71
C THR E 238 2.87 1.15 41.09
N TRP E 239 1.66 1.00 41.63
CA TRP E 239 1.27 1.64 42.91
C TRP E 239 2.12 1.11 44.06
N ARG E 240 2.45 -0.18 44.04
CA ARG E 240 3.33 -0.84 45.04
C ARG E 240 4.60 -0.03 45.25
N THR E 241 5.14 0.61 44.20
CA THR E 241 6.40 1.38 44.24
C THR E 241 6.35 2.58 45.19
N PHE E 242 5.17 3.11 45.55
CA PHE E 242 5.09 4.29 46.44
C PHE E 242 4.15 4.03 47.62
N LEU E 243 3.52 2.88 47.74
CA LEU E 243 2.61 2.56 48.88
C LEU E 243 3.33 1.66 49.88
N ASN E 244 2.85 1.66 51.12
CA ASN E 244 3.24 0.67 52.16
C ASN E 244 2.11 -0.36 52.33
N SER E 245 0.87 0.01 52.01
CA SER E 245 -0.29 -0.93 52.02
C SER E 245 -1.27 -0.56 50.91
N LEU E 246 -1.94 -1.56 50.34
CA LEU E 246 -3.05 -1.32 49.40
C LEU E 246 -4.35 -1.45 50.18
N GLY E 247 -5.27 -0.49 49.96
CA GLY E 247 -6.60 -0.48 50.56
C GLY E 247 -7.64 -0.88 49.54
N GLY E 248 -8.90 -0.57 49.86
CA GLY E 248 -10.08 -0.89 49.02
C GLY E 248 -11.32 -0.37 49.70
N SER E 249 -12.24 0.17 48.89
CA SER E 249 -13.67 0.32 49.21
C SER E 249 -14.41 -0.85 48.58
N ALA E 250 -15.18 -1.57 49.39
CA ALA E 250 -16.04 -2.69 48.95
C ALA E 250 -17.38 -2.54 49.66
N HIS E 251 -18.23 -1.67 49.12
CA HIS E 251 -19.58 -1.30 49.64
C HIS E 251 -20.65 -2.13 48.92
N ALA E 252 -21.42 -2.87 49.70
CA ALA E 252 -22.55 -3.70 49.22
C ALA E 252 -23.52 -2.84 48.40
N SER E 253 -23.72 -1.56 48.76
CA SER E 253 -24.71 -0.67 48.10
C SER E 253 -24.15 0.02 46.85
N TRP E 254 -22.84 -0.01 46.60
CA TRP E 254 -22.23 0.70 45.43
C TRP E 254 -21.56 -0.25 44.44
N HIS E 255 -20.95 -1.34 44.91
CA HIS E 255 -19.86 -2.02 44.16
C HIS E 255 -20.26 -3.42 43.68
N PHE E 256 -21.35 -3.96 44.19
CA PHE E 256 -21.71 -5.39 44.02
C PHE E 256 -22.93 -5.55 43.12
N GLY E 257 -23.21 -4.54 42.28
CA GLY E 257 -24.36 -4.52 41.35
C GLY E 257 -24.39 -5.73 40.44
N TYR E 258 -23.25 -6.36 40.16
CA TYR E 258 -23.20 -7.56 39.29
C TYR E 258 -23.70 -8.79 40.03
N PHE E 259 -24.06 -8.69 41.31
CA PHE E 259 -24.44 -9.86 42.14
C PHE E 259 -25.76 -9.61 42.85
N PRO E 260 -26.57 -10.66 43.11
CA PRO E 260 -27.66 -10.56 44.08
C PRO E 260 -27.06 -10.50 45.48
N ARG E 261 -27.86 -10.05 46.46
CA ARG E 261 -27.41 -9.88 47.88
C ARG E 261 -26.92 -11.23 48.45
N LYS E 262 -27.58 -12.33 48.10
CA LYS E 262 -27.24 -13.67 48.63
C LYS E 262 -25.83 -14.06 48.17
N ALA E 263 -25.24 -13.35 47.18
CA ALA E 263 -23.90 -13.65 46.64
C ALA E 263 -22.90 -12.52 46.95
N TYR E 264 -23.22 -11.65 47.92
CA TYR E 264 -22.29 -10.59 48.35
C TYR E 264 -21.07 -11.22 49.03
N THR E 265 -21.20 -12.48 49.49
CA THR E 265 -20.07 -13.31 49.98
C THR E 265 -19.05 -13.47 48.86
N VAL E 266 -19.50 -13.96 47.71
CA VAL E 266 -18.65 -14.16 46.51
C VAL E 266 -18.06 -12.81 46.06
N ALA E 267 -18.90 -11.76 46.08
CA ALA E 267 -18.52 -10.40 45.66
C ALA E 267 -17.39 -9.93 46.58
N MET E 268 -17.56 -10.07 47.89
CA MET E 268 -16.53 -9.60 48.84
C MET E 268 -15.26 -10.46 48.68
N SER E 269 -15.40 -11.77 48.45
CA SER E 269 -14.23 -12.67 48.31
C SER E 269 -13.44 -12.28 47.05
N ALA E 270 -14.13 -12.02 45.94
CA ALA E 270 -13.50 -11.62 44.67
C ALA E 270 -12.86 -10.22 44.84
N ASN E 271 -13.54 -9.32 45.53
CA ASN E 271 -13.01 -7.96 45.77
C ASN E 271 -11.73 -8.06 46.63
N ALA E 272 -11.74 -8.91 47.65
CA ALA E 272 -10.57 -9.20 48.52
C ALA E 272 -9.43 -9.79 47.66
N GLU E 273 -9.74 -10.74 46.79
CA GLU E 273 -8.72 -11.42 45.97
C GLU E 273 -8.11 -10.42 45.00
N LEU E 274 -8.93 -9.53 44.45
CA LEU E 274 -8.49 -8.56 43.43
C LEU E 274 -7.51 -7.60 44.10
N ILE E 275 -7.83 -7.11 45.30
CA ILE E 275 -6.95 -6.17 46.05
C ILE E 275 -5.69 -6.94 46.49
N ARG E 276 -5.86 -8.14 47.04
CA ARG E 276 -4.72 -9.01 47.45
C ARG E 276 -3.74 -9.12 46.27
N SER E 277 -4.22 -9.49 45.08
CA SER E 277 -3.39 -9.61 43.88
C SER E 277 -2.67 -8.28 43.57
N GLY E 278 -3.39 -7.15 43.61
CA GLY E 278 -2.78 -5.84 43.35
C GLY E 278 -1.70 -5.50 44.37
N ALA E 279 -1.92 -5.86 45.62
CA ALA E 279 -0.97 -5.62 46.73
C ALA E 279 0.38 -6.30 46.46
N GLY E 280 0.36 -7.51 45.88
CA GLY E 280 1.56 -8.35 45.69
C GLY E 280 2.25 -8.59 47.03
N GLU E 281 3.47 -8.09 47.20
CA GLU E 281 4.30 -8.25 48.44
C GLU E 281 3.82 -7.33 49.56
N LEU E 282 3.08 -6.26 49.24
CA LEU E 282 2.56 -5.30 50.26
C LEU E 282 1.44 -5.98 51.03
N PRO E 283 1.28 -5.62 52.32
CA PRO E 283 0.04 -5.95 53.01
C PRO E 283 -1.12 -5.12 52.43
N TRP E 284 -2.33 -5.61 52.61
CA TRP E 284 -3.56 -4.93 52.18
C TRP E 284 -4.57 -5.01 53.32
N LEU E 285 -5.55 -4.10 53.32
CA LEU E 285 -6.68 -4.06 54.26
C LEU E 285 -7.85 -3.40 53.54
N MET E 286 -9.08 -3.66 54.00
CA MET E 286 -10.28 -3.05 53.41
C MET E 286 -10.54 -1.75 54.16
N THR E 287 -10.15 -0.64 53.54
CA THR E 287 -10.23 0.75 54.08
C THR E 287 -11.68 1.16 54.32
N GLU E 288 -12.61 0.58 53.57
CA GLU E 288 -14.00 1.10 53.52
C GLU E 288 -14.97 -0.05 53.22
N LEU E 289 -15.72 -0.46 54.24
CA LEU E 289 -16.80 -1.47 54.20
C LEU E 289 -18.11 -0.80 54.61
N GLN E 290 -19.27 -1.32 54.21
CA GLN E 290 -20.55 -0.64 54.54
C GLN E 290 -20.92 -0.97 55.99
N GLY E 291 -21.02 0.05 56.85
CA GLY E 291 -21.26 -0.12 58.28
C GLY E 291 -22.73 0.05 58.67
N GLY E 292 -23.58 0.55 57.76
CA GLY E 292 -24.95 0.93 58.11
C GLY E 292 -25.84 1.20 56.92
N ASN E 293 -26.91 1.93 57.19
CA ASN E 293 -28.16 1.94 56.40
C ASN E 293 -28.06 2.94 55.25
N ASN E 294 -28.57 2.56 54.09
CA ASN E 294 -28.92 3.48 52.99
C ASN E 294 -30.35 3.98 53.20
N LEU E 295 -30.52 5.29 53.37
CA LEU E 295 -31.85 5.95 53.31
C LEU E 295 -32.08 6.35 51.85
N TYR E 296 -31.41 7.41 51.40
CA TYR E 296 -31.48 7.94 50.01
C TYR E 296 -30.23 7.59 49.20
N SER E 297 -29.12 7.20 49.85
CA SER E 297 -27.82 6.95 49.15
C SER E 297 -27.78 5.52 48.59
N GLY E 298 -26.78 5.25 47.76
CA GLY E 298 -26.45 3.90 47.27
C GLY E 298 -27.21 3.56 46.01
N ALA E 299 -26.65 2.68 45.17
CA ALA E 299 -27.29 2.16 43.94
C ALA E 299 -28.13 0.93 44.30
N ASN E 300 -27.65 0.04 45.17
CA ASN E 300 -28.34 -1.20 45.62
C ASN E 300 -28.52 -1.11 47.12
N PRO E 301 -29.46 -0.27 47.62
CA PRO E 301 -29.45 0.10 49.02
C PRO E 301 -29.78 -1.09 49.92
N LEU E 302 -29.18 -1.11 51.10
CA LEU E 302 -29.43 -2.09 52.17
C LEU E 302 -29.03 -1.51 53.53
N CYS E 303 -29.41 -2.23 54.58
CA CYS E 303 -28.76 -2.15 55.90
C CYS E 303 -28.10 -3.50 56.15
N PRO E 304 -26.75 -3.58 56.20
CA PRO E 304 -26.10 -4.87 56.42
C PRO E 304 -26.70 -5.52 57.67
N THR E 305 -26.95 -6.83 57.62
CA THR E 305 -27.33 -7.61 58.82
C THR E 305 -26.08 -7.82 59.69
N ALA E 306 -26.26 -8.07 60.97
CA ALA E 306 -25.18 -8.54 61.87
C ALA E 306 -24.42 -9.69 61.18
N GLU E 307 -25.15 -10.61 60.55
CA GLU E 307 -24.59 -11.82 59.91
C GLU E 307 -23.66 -11.39 58.78
N GLU E 308 -24.03 -10.36 58.02
CA GLU E 308 -23.29 -9.88 56.84
C GLU E 308 -21.99 -9.22 57.30
N ILE E 309 -22.04 -8.46 58.41
CA ILE E 309 -20.84 -7.80 59.01
C ILE E 309 -19.81 -8.88 59.33
N ILE E 310 -20.25 -9.98 59.96
CA ILE E 310 -19.36 -11.10 60.38
C ILE E 310 -18.83 -11.77 59.09
N GLN E 311 -19.70 -12.02 58.11
CA GLN E 311 -19.33 -12.64 56.82
C GLN E 311 -18.21 -11.83 56.17
N TRP E 312 -18.34 -10.51 56.10
CA TRP E 312 -17.40 -9.66 55.33
C TRP E 312 -16.06 -9.60 56.04
N LEU E 313 -16.05 -9.42 57.37
CA LEU E 313 -14.78 -9.35 58.14
C LEU E 313 -14.02 -10.68 57.95
N TRP E 314 -14.68 -11.81 58.07
CA TRP E 314 -14.01 -13.14 57.98
C TRP E 314 -13.51 -13.38 56.55
N ILE E 315 -14.28 -12.97 55.53
CA ILE E 315 -13.86 -13.20 54.12
C ILE E 315 -12.56 -12.42 53.90
N ASN E 316 -12.51 -11.20 54.39
CA ASN E 316 -11.35 -10.31 54.17
C ASN E 316 -10.14 -10.90 54.91
N PHE E 317 -10.30 -11.23 56.20
CA PHE E 317 -9.17 -11.75 57.02
C PHE E 317 -8.69 -13.08 56.42
N ALA E 318 -9.60 -13.93 55.96
CA ALA E 318 -9.31 -15.21 55.28
C ALA E 318 -8.50 -14.96 54.01
N THR E 319 -8.60 -13.75 53.46
CA THR E 319 -7.95 -13.33 52.19
C THR E 319 -6.79 -12.37 52.51
N GLU E 320 -6.26 -12.43 53.75
CA GLU E 320 -5.00 -11.80 54.21
C GLU E 320 -5.18 -10.32 54.54
N ALA E 321 -6.39 -9.82 54.64
CA ALA E 321 -6.60 -8.40 55.00
C ALA E 321 -6.00 -8.17 56.37
N LYS E 322 -5.33 -7.03 56.58
CA LYS E 322 -4.74 -6.65 57.89
C LYS E 322 -5.70 -5.71 58.61
N GLY E 323 -6.87 -5.48 58.06
CA GLY E 323 -7.86 -4.56 58.65
C GLY E 323 -9.14 -4.57 57.88
N GLY E 324 -10.23 -4.27 58.59
CA GLY E 324 -11.54 -3.91 58.03
C GLY E 324 -12.01 -2.64 58.70
N ILE E 325 -12.07 -1.54 57.94
CA ILE E 325 -12.59 -0.23 58.44
C ILE E 325 -13.97 0.01 57.81
N PHE E 326 -14.98 0.13 58.65
CA PHE E 326 -16.39 0.42 58.28
C PHE E 326 -16.58 1.92 58.03
N TRP E 327 -17.14 2.26 56.88
CA TRP E 327 -17.83 3.57 56.67
C TRP E 327 -19.29 3.37 57.08
N SER E 328 -19.71 3.93 58.23
CA SER E 328 -18.96 4.79 59.13
C SER E 328 -19.36 4.46 60.57
N PHE E 329 -18.57 4.90 61.55
CA PHE E 329 -18.93 4.74 62.98
C PHE E 329 -20.16 5.61 63.26
N ASN E 330 -20.00 6.91 63.04
CA ASN E 330 -21.06 7.94 63.22
C ASN E 330 -21.42 8.50 61.82
N ALA E 331 -22.56 9.15 61.71
CA ALA E 331 -23.14 9.64 60.43
C ALA E 331 -22.80 11.12 60.23
N ARG E 332 -22.71 11.52 58.96
CA ARG E 332 -22.85 12.92 58.52
C ARG E 332 -24.19 13.45 59.02
N SER E 333 -24.30 14.76 59.23
CA SER E 333 -25.51 15.42 59.80
C SER E 333 -26.36 16.11 58.73
N THR E 334 -25.79 16.51 57.60
CA THR E 334 -26.47 17.44 56.64
C THR E 334 -26.45 16.89 55.21
N ALA E 335 -27.59 16.92 54.54
CA ALA E 335 -27.76 16.63 53.09
C ALA E 335 -27.30 15.19 52.79
N ALA E 336 -26.38 15.02 51.84
CA ALA E 336 -25.98 13.69 51.30
C ALA E 336 -25.52 12.77 52.44
N GLU E 337 -26.24 11.67 52.64
CA GLU E 337 -25.91 10.55 53.59
C GLU E 337 -26.08 11.01 55.03
N ALA E 338 -26.87 12.06 55.26
CA ALA E 338 -27.22 12.54 56.62
C ALA E 338 -27.90 11.40 57.39
N GLY E 339 -27.27 10.93 58.48
CA GLY E 339 -27.80 9.87 59.34
C GLY E 339 -27.81 8.53 58.64
N GLU E 340 -26.99 8.36 57.61
CA GLU E 340 -26.83 7.09 56.85
C GLU E 340 -25.45 6.47 57.17
N TRP E 341 -25.29 5.17 56.94
CA TRP E 341 -24.00 4.42 56.89
C TRP E 341 -23.48 4.08 58.29
N ALA E 342 -24.06 4.62 59.37
CA ALA E 342 -23.45 4.63 60.72
C ALA E 342 -23.63 3.26 61.41
N MET E 343 -22.62 2.81 62.14
CA MET E 343 -22.67 1.55 62.92
C MET E 343 -23.38 1.81 64.26
N ILE E 344 -23.32 3.05 64.76
CA ILE E 344 -24.05 3.47 65.98
C ILE E 344 -25.44 3.97 65.55
N ASN E 345 -26.41 3.83 66.45
CA ASN E 345 -27.81 4.28 66.28
C ASN E 345 -27.86 5.76 66.63
N PHE E 346 -29.02 6.40 66.54
CA PHE E 346 -29.16 7.87 66.71
C PHE E 346 -29.03 8.28 68.19
N LYS E 347 -28.95 7.31 69.12
CA LYS E 347 -28.61 7.55 70.56
C LYS E 347 -27.11 7.28 70.79
N ASN E 348 -26.33 7.09 69.72
CA ASN E 348 -24.85 6.91 69.80
C ASN E 348 -24.52 5.62 70.57
N LYS E 349 -25.40 4.62 70.53
CA LYS E 349 -25.17 3.27 71.11
C LYS E 349 -25.08 2.24 69.97
N SER E 350 -24.69 1.02 70.30
CA SER E 350 -24.36 -0.07 69.37
C SER E 350 -25.60 -0.56 68.64
N SER E 351 -25.57 -0.56 67.30
CA SER E 351 -26.49 -1.36 66.47
C SER E 351 -26.07 -2.81 66.58
N ASP E 352 -26.86 -3.73 66.01
CA ASP E 352 -26.48 -5.17 65.96
C ASP E 352 -25.21 -5.30 65.10
N ARG E 353 -24.93 -4.31 64.25
CA ARG E 353 -23.75 -4.34 63.33
C ARG E 353 -22.47 -4.08 64.12
N LEU E 354 -22.49 -3.12 65.06
CA LEU E 354 -21.33 -2.81 65.90
C LEU E 354 -21.08 -3.97 66.88
N ILE E 355 -22.15 -4.52 67.49
CA ILE E 355 -22.06 -5.70 68.41
C ILE E 355 -21.40 -6.84 67.65
N ALA E 356 -21.83 -7.13 66.43
CA ALA E 356 -21.25 -8.17 65.56
C ALA E 356 -19.77 -7.90 65.27
N ALA E 357 -19.43 -6.68 64.83
CA ALA E 357 -18.02 -6.30 64.56
C ALA E 357 -17.17 -6.46 65.83
N ALA E 358 -17.74 -6.16 67.00
CA ALA E 358 -17.05 -6.24 68.31
C ALA E 358 -16.66 -7.69 68.63
N THR E 359 -17.46 -8.68 68.21
CA THR E 359 -17.17 -10.11 68.47
C THR E 359 -15.94 -10.50 67.63
N ILE E 360 -15.68 -9.83 66.52
CA ILE E 360 -14.55 -10.19 65.64
C ILE E 360 -13.28 -9.54 66.22
N GLY E 361 -13.40 -8.31 66.69
CA GLY E 361 -12.32 -7.64 67.44
C GLY E 361 -11.91 -8.46 68.65
N LYS E 362 -12.87 -8.95 69.43
CA LYS E 362 -12.64 -9.79 70.64
C LYS E 362 -11.94 -11.08 70.23
N PHE E 363 -12.47 -11.79 69.23
CA PHE E 363 -11.86 -13.02 68.67
C PHE E 363 -10.38 -12.79 68.34
N ILE E 364 -10.06 -11.66 67.72
CA ILE E 364 -8.66 -11.34 67.32
C ILE E 364 -7.80 -11.24 68.59
N THR E 365 -8.25 -10.51 69.62
CA THR E 365 -7.45 -10.30 70.85
C THR E 365 -7.23 -11.66 71.56
N GLU E 366 -8.13 -12.63 71.38
CA GLU E 366 -8.08 -13.98 72.02
C GLU E 366 -7.34 -14.99 71.13
N ASN E 367 -6.94 -14.61 69.92
CA ASN E 367 -6.29 -15.52 68.93
C ASN E 367 -5.23 -14.76 68.16
N VAL E 368 -4.42 -13.97 68.85
CA VAL E 368 -3.49 -12.98 68.24
C VAL E 368 -2.58 -13.69 67.23
N LYS E 369 -1.93 -14.79 67.63
CA LYS E 369 -0.84 -15.42 66.83
C LYS E 369 -1.45 -15.99 65.54
N MET E 370 -2.56 -16.69 65.65
CA MET E 370 -3.33 -17.23 64.49
C MET E 370 -3.69 -16.06 63.54
N MET E 371 -4.28 -14.99 64.06
CA MET E 371 -4.92 -13.96 63.22
C MET E 371 -3.84 -13.07 62.59
N SER E 372 -2.63 -13.01 63.18
CA SER E 372 -1.53 -12.11 62.75
C SER E 372 -0.76 -12.72 61.57
N ASN E 373 -0.98 -13.99 61.26
CA ASN E 373 -0.06 -14.75 60.37
C ASN E 373 -0.87 -15.46 59.27
N ILE E 374 -2.08 -14.99 58.99
CA ILE E 374 -2.95 -15.62 57.97
C ILE E 374 -2.27 -15.54 56.62
N LYS E 375 -2.19 -16.68 55.95
CA LYS E 375 -1.76 -16.81 54.55
C LYS E 375 -2.86 -17.64 53.87
N THR E 376 -3.47 -17.07 52.83
CA THR E 376 -4.55 -17.73 52.07
C THR E 376 -3.94 -19.02 51.52
N LEU E 377 -4.68 -20.12 51.60
CA LEU E 377 -4.28 -21.38 50.94
C LEU E 377 -4.60 -21.23 49.45
N ASN E 378 -3.59 -20.86 48.67
CA ASN E 378 -3.70 -20.78 47.19
C ASN E 378 -3.94 -22.20 46.67
N SER E 379 -5.10 -22.45 46.07
CA SER E 379 -5.43 -23.71 45.37
C SER E 379 -4.45 -23.95 44.21
N GLY E 380 -3.84 -22.88 43.67
CA GLY E 380 -3.12 -22.91 42.39
C GLY E 380 -3.97 -22.46 41.20
N ILE E 381 -5.25 -22.17 41.44
CA ILE E 381 -6.18 -21.63 40.40
C ILE E 381 -6.06 -20.10 40.44
N SER E 382 -5.70 -19.49 39.32
CA SER E 382 -5.76 -18.04 39.11
C SER E 382 -6.76 -17.69 37.98
N ILE E 383 -7.78 -16.91 38.31
CA ILE E 383 -8.70 -16.28 37.32
C ILE E 383 -8.12 -14.92 36.92
N LEU E 384 -7.76 -14.76 35.65
CA LEU E 384 -7.06 -13.55 35.16
C LEU E 384 -8.04 -12.69 34.36
N TYR E 385 -8.00 -11.38 34.61
CA TYR E 385 -8.66 -10.32 33.81
C TYR E 385 -7.55 -9.39 33.29
N ASN E 386 -7.78 -8.63 32.24
CA ASN E 386 -6.81 -7.59 31.81
C ASN E 386 -7.55 -6.28 31.48
N HIS E 387 -6.86 -5.18 31.70
CA HIS E 387 -7.32 -3.82 31.31
C HIS E 387 -7.87 -3.87 29.89
N GLU E 388 -7.13 -4.51 28.98
CA GLU E 388 -7.33 -4.34 27.51
C GLU E 388 -8.63 -5.00 27.07
N SER E 389 -9.01 -6.12 27.68
CA SER E 389 -10.32 -6.76 27.38
C SER E 389 -11.44 -5.80 27.76
N MET E 390 -11.31 -5.09 28.88
CA MET E 390 -12.30 -4.08 29.32
C MET E 390 -12.36 -2.93 28.29
N TRP E 391 -11.20 -2.47 27.81
CA TRP E 391 -11.09 -1.33 26.90
C TRP E 391 -11.69 -1.69 25.54
N VAL E 392 -11.37 -2.88 25.04
CA VAL E 392 -11.93 -3.32 23.73
C VAL E 392 -13.44 -3.52 23.88
N GLU E 393 -13.89 -4.12 24.99
CA GLU E 393 -15.34 -4.30 25.25
C GLU E 393 -16.07 -2.94 25.15
N ALA E 394 -15.54 -1.90 25.80
CA ALA E 394 -16.15 -0.54 25.83
C ALA E 394 -16.28 -0.01 24.40
N ALA E 395 -15.26 -0.18 23.56
CA ALA E 395 -15.27 0.27 22.15
C ALA E 395 -16.27 -0.57 21.32
N GLN E 396 -16.30 -1.88 21.49
CA GLN E 396 -17.16 -2.79 20.67
C GLN E 396 -18.62 -2.70 21.07
N THR E 397 -18.92 -2.48 22.35
CA THR E 397 -20.33 -2.44 22.85
C THR E 397 -20.85 -1.00 22.74
N ARG E 398 -20.00 -0.05 22.36
CA ARG E 398 -20.29 1.40 22.25
C ARG E 398 -20.95 1.91 23.54
N GLY E 399 -20.59 1.33 24.70
CA GLY E 399 -21.06 1.77 26.02
C GLY E 399 -22.47 1.29 26.38
N LYS E 400 -23.06 0.33 25.63
CA LYS E 400 -24.36 -0.32 25.97
C LYS E 400 -24.31 -0.92 27.39
N LEU E 401 -25.43 -0.82 28.12
CA LEU E 401 -25.63 -1.23 29.53
C LEU E 401 -26.88 -2.10 29.61
N ASN E 402 -26.96 -3.13 28.78
CA ASN E 402 -28.08 -4.12 28.72
C ASN E 402 -27.78 -5.32 29.65
N GLY E 403 -26.73 -5.25 30.51
CA GLY E 403 -26.26 -6.36 31.37
C GLY E 403 -26.19 -7.72 30.67
N ASN E 404 -25.39 -7.85 29.60
CA ASN E 404 -25.19 -9.12 28.83
C ASN E 404 -23.87 -9.06 28.02
N GLY E 405 -23.59 -10.07 27.19
CA GLY E 405 -22.32 -10.18 26.44
C GLY E 405 -22.08 -8.97 25.55
N ARG E 406 -23.17 -8.33 25.07
CA ARG E 406 -23.12 -7.16 24.15
C ARG E 406 -23.18 -5.87 24.98
N SER E 407 -22.77 -5.90 26.23
CA SER E 407 -22.81 -4.74 27.15
C SER E 407 -21.49 -4.64 27.90
N ILE E 408 -21.17 -3.45 28.36
CA ILE E 408 -20.06 -3.21 29.32
C ILE E 408 -20.32 -4.09 30.54
N GLY E 409 -19.31 -4.85 30.96
CA GLY E 409 -19.34 -5.63 32.21
C GLY E 409 -19.14 -7.11 31.98
N ALA E 410 -19.35 -7.61 30.77
CA ALA E 410 -19.27 -9.06 30.44
C ALA E 410 -17.85 -9.58 30.68
N VAL E 411 -16.80 -8.81 30.35
CA VAL E 411 -15.39 -9.24 30.53
C VAL E 411 -15.03 -9.32 32.01
N MET E 412 -15.82 -8.72 32.90
CA MET E 412 -15.60 -8.89 34.37
C MET E 412 -16.64 -9.89 34.93
N CYS E 413 -17.89 -9.86 34.48
CA CYS E 413 -18.93 -10.79 35.00
C CYS E 413 -18.53 -12.23 34.68
N SER E 414 -17.83 -12.46 33.56
CA SER E 414 -17.43 -13.80 33.10
C SER E 414 -16.44 -14.42 34.09
N PRO E 415 -15.28 -13.80 34.37
CA PRO E 415 -14.37 -14.34 35.37
C PRO E 415 -15.02 -14.42 36.76
N LEU E 416 -15.85 -13.44 37.12
CA LEU E 416 -16.57 -13.45 38.42
C LEU E 416 -17.49 -14.68 38.49
N SER E 417 -18.00 -15.17 37.35
CA SER E 417 -18.91 -16.35 37.34
C SER E 417 -18.11 -17.63 37.58
N TYR E 418 -16.92 -17.80 36.96
CA TYR E 418 -16.00 -18.91 37.27
C TYR E 418 -15.69 -18.86 38.76
N PHE E 419 -15.39 -17.67 39.26
CA PHE E 419 -15.01 -17.44 40.67
C PHE E 419 -16.15 -17.95 41.57
N GLU E 420 -17.37 -17.61 41.22
CA GLU E 420 -18.57 -18.04 42.00
C GLU E 420 -18.70 -19.57 41.95
N ALA E 421 -18.47 -20.19 40.79
CA ALA E 421 -18.60 -21.66 40.60
C ALA E 421 -17.58 -22.36 41.49
N LEU E 422 -16.36 -21.84 41.52
CA LEU E 422 -15.27 -22.36 42.39
C LEU E 422 -15.61 -22.15 43.87
N SER E 423 -16.14 -20.99 44.25
CA SER E 423 -16.57 -20.71 45.65
C SER E 423 -17.64 -21.73 46.07
N GLU E 424 -18.56 -22.08 45.17
CA GLU E 424 -19.68 -23.02 45.46
C GLU E 424 -19.15 -24.45 45.43
N THR E 425 -17.88 -24.64 45.04
CA THR E 425 -17.15 -25.94 45.15
C THR E 425 -16.24 -25.93 46.38
N GLY E 426 -16.19 -24.83 47.14
CA GLY E 426 -15.31 -24.68 48.31
C GLY E 426 -13.83 -24.54 47.95
N LEU E 427 -13.52 -24.16 46.70
CA LEU E 427 -12.13 -23.94 46.22
C LEU E 427 -11.79 -22.45 46.21
N GLN E 428 -10.69 -22.07 46.85
CA GLN E 428 -10.05 -20.75 46.64
C GLN E 428 -9.67 -20.62 45.16
N ALA E 429 -9.74 -19.40 44.64
CA ALA E 429 -9.16 -19.01 43.34
C ALA E 429 -8.63 -17.59 43.51
N ASN E 430 -7.46 -17.31 42.96
CA ASN E 430 -6.97 -15.93 42.82
C ASN E 430 -7.84 -15.21 41.78
N PHE E 431 -7.91 -13.89 41.92
CA PHE E 431 -8.54 -12.98 40.93
C PHE E 431 -7.53 -11.88 40.66
N LYS E 432 -6.90 -11.89 39.49
CA LYS E 432 -5.65 -11.12 39.25
C LYS E 432 -5.71 -10.45 37.88
N GLU E 433 -5.17 -9.24 37.79
CA GLU E 433 -4.83 -8.62 36.49
C GLU E 433 -3.67 -9.45 35.92
N ILE E 434 -3.65 -9.65 34.61
CA ILE E 434 -2.67 -10.56 33.96
C ILE E 434 -1.22 -10.12 34.29
N LYS E 435 -0.94 -8.82 34.40
CA LYS E 435 0.44 -8.33 34.72
C LYS E 435 0.79 -8.60 36.19
N GLU E 436 -0.16 -9.04 37.01
CA GLU E 436 0.09 -9.38 38.44
C GLU E 436 0.43 -10.87 38.56
N PHE E 437 0.27 -11.64 37.49
CA PHE E 437 0.63 -13.08 37.49
C PHE E 437 2.12 -13.20 37.18
N ASP E 438 2.83 -14.04 37.94
CA ASP E 438 4.28 -14.31 37.77
C ASP E 438 4.46 -15.37 36.68
N PHE E 439 4.86 -14.94 35.48
CA PHE E 439 5.07 -15.81 34.28
C PHE E 439 6.54 -16.25 34.16
N SER E 440 7.38 -15.97 35.16
CA SER E 440 8.86 -16.12 35.06
C SER E 440 9.34 -17.44 35.70
N LEU E 441 8.46 -18.28 36.26
CA LEU E 441 8.84 -19.56 36.91
C LEU E 441 9.20 -20.62 35.84
N ASN E 442 9.79 -21.72 36.28
CA ASN E 442 10.32 -22.82 35.42
C ASN E 442 9.33 -23.98 35.42
N ASP E 443 8.42 -24.03 36.38
CA ASP E 443 7.48 -25.15 36.62
C ASP E 443 6.11 -24.56 36.97
N TYR E 444 5.05 -24.99 36.28
CA TYR E 444 3.64 -24.61 36.58
C TYR E 444 2.78 -25.87 36.69
N THR E 445 3.42 -27.00 36.94
CA THR E 445 2.75 -28.27 37.32
C THR E 445 1.69 -27.95 38.38
N ASP E 446 0.48 -28.44 38.21
CA ASP E 446 -0.60 -28.32 39.22
C ASP E 446 -1.02 -26.84 39.44
N GLN E 447 -0.70 -25.94 38.50
CA GLN E 447 -1.21 -24.53 38.50
C GLN E 447 -2.22 -24.35 37.37
N VAL E 448 -3.28 -23.58 37.62
CA VAL E 448 -4.39 -23.41 36.64
C VAL E 448 -4.63 -21.93 36.41
N ILE E 449 -4.70 -21.54 35.14
CA ILE E 449 -5.18 -20.20 34.72
C ILE E 449 -6.52 -20.35 34.02
N ILE E 450 -7.50 -19.55 34.46
CA ILE E 450 -8.82 -19.40 33.79
C ILE E 450 -8.85 -18.01 33.14
N LEU E 451 -8.96 -17.98 31.81
CA LEU E 451 -9.16 -16.79 30.97
C LEU E 451 -10.58 -16.86 30.40
N SER E 452 -11.52 -16.26 31.11
CA SER E 452 -12.97 -16.32 30.80
C SER E 452 -13.38 -15.01 30.10
N HIS E 453 -13.65 -15.07 28.80
CA HIS E 453 -14.14 -13.95 27.99
C HIS E 453 -13.17 -12.76 28.12
N GLN E 454 -11.86 -13.04 28.17
CA GLN E 454 -10.82 -11.99 28.09
C GLN E 454 -10.55 -11.76 26.61
N ILE E 455 -11.39 -10.92 26.01
CA ILE E 455 -11.55 -10.81 24.54
C ILE E 455 -10.29 -10.22 23.90
N ALA E 456 -9.42 -9.55 24.65
CA ALA E 456 -8.20 -8.92 24.09
C ALA E 456 -6.95 -9.54 24.72
N LEU E 457 -6.10 -10.13 23.88
CA LEU E 457 -4.77 -10.70 24.25
C LEU E 457 -3.77 -10.27 23.16
N ASP E 458 -2.60 -9.76 23.54
CA ASP E 458 -1.53 -9.44 22.57
C ASP E 458 -0.54 -10.60 22.46
N ASN E 459 0.42 -10.46 21.55
CA ASN E 459 1.48 -11.46 21.25
C ASN E 459 2.28 -11.75 22.53
N LYS E 460 2.71 -10.71 23.25
CA LYS E 460 3.52 -10.82 24.49
C LYS E 460 2.80 -11.79 25.44
N VAL E 461 1.51 -11.57 25.72
CA VAL E 461 0.78 -12.35 26.75
C VAL E 461 0.58 -13.78 26.22
N ILE E 462 0.32 -13.95 24.93
CA ILE E 462 0.16 -15.30 24.33
C ILE E 462 1.46 -16.10 24.55
N LYS E 463 2.62 -15.47 24.35
CA LYS E 463 3.96 -16.09 24.59
C LYS E 463 4.09 -16.49 26.06
N GLN E 464 3.71 -15.61 26.99
CA GLN E 464 3.70 -15.94 28.44
C GLN E 464 2.76 -17.14 28.67
N LEU E 465 1.60 -17.18 28.01
CA LEU E 465 0.63 -18.28 28.22
C LEU E 465 1.21 -19.59 27.65
N GLU E 466 1.94 -19.51 26.54
CA GLU E 466 2.62 -20.66 25.90
C GLU E 466 3.67 -21.23 26.86
N SER E 467 4.54 -20.37 27.38
CA SER E 467 5.54 -20.73 28.42
C SER E 467 4.83 -21.42 29.58
N PHE E 468 3.78 -20.80 30.11
CA PHE E 468 3.04 -21.30 31.30
C PHE E 468 2.55 -22.73 31.05
N VAL E 469 1.90 -22.96 29.91
CA VAL E 469 1.30 -24.28 29.59
C VAL E 469 2.43 -25.30 29.33
N GLU E 470 3.44 -24.90 28.57
CA GLU E 470 4.60 -25.76 28.19
C GLU E 470 5.19 -26.36 29.47
N LYS E 471 5.37 -25.54 30.49
CA LYS E 471 5.99 -25.90 31.80
C LYS E 471 4.98 -26.53 32.75
N GLY E 472 3.86 -27.06 32.25
CA GLY E 472 2.95 -27.88 33.09
C GLY E 472 1.63 -27.19 33.45
N GLY E 473 1.47 -25.91 33.13
CA GLY E 473 0.24 -25.13 33.40
C GLY E 473 -1.00 -25.72 32.73
N THR E 474 -2.15 -25.67 33.40
CA THR E 474 -3.49 -25.90 32.78
C THR E 474 -4.14 -24.54 32.46
N LEU E 475 -4.49 -24.32 31.20
CA LEU E 475 -5.19 -23.09 30.73
C LEU E 475 -6.63 -23.46 30.40
N ILE E 476 -7.60 -22.81 31.05
CA ILE E 476 -9.05 -22.91 30.69
C ILE E 476 -9.49 -21.57 30.10
N ALA E 477 -9.98 -21.58 28.87
CA ALA E 477 -10.42 -20.40 28.10
C ALA E 477 -11.84 -20.64 27.60
N ASP E 478 -12.79 -19.77 27.98
CA ASP E 478 -14.17 -19.78 27.42
C ASP E 478 -14.50 -18.40 26.85
N GLY E 479 -15.69 -18.28 26.24
CA GLY E 479 -16.15 -17.04 25.62
C GLY E 479 -15.21 -16.62 24.52
N LEU E 480 -15.13 -15.33 24.25
CA LEU E 480 -14.42 -14.75 23.09
C LEU E 480 -12.99 -14.42 23.53
N THR E 481 -12.44 -15.13 24.52
CA THR E 481 -11.01 -14.98 24.91
C THR E 481 -10.12 -15.01 23.65
N GLY E 482 -9.25 -14.03 23.48
CA GLY E 482 -8.28 -14.00 22.37
C GLY E 482 -8.87 -13.58 21.03
N TYR E 483 -10.14 -13.12 20.97
CA TYR E 483 -10.78 -12.74 19.68
C TYR E 483 -10.07 -11.53 19.08
N TYR E 484 -9.64 -10.58 19.93
CA TYR E 484 -8.97 -9.33 19.52
C TYR E 484 -7.60 -9.29 20.17
N ASP E 485 -6.74 -8.43 19.62
CA ASP E 485 -5.44 -8.03 20.23
C ASP E 485 -5.66 -6.68 20.95
N TYR E 486 -4.60 -6.07 21.45
CA TYR E 486 -4.65 -4.86 22.30
C TYR E 486 -4.98 -3.64 21.43
N GLN E 487 -5.12 -3.81 20.11
CA GLN E 487 -5.49 -2.73 19.19
C GLN E 487 -6.87 -3.00 18.56
N ALA E 488 -7.65 -3.93 19.15
CA ALA E 488 -9.01 -4.29 18.70
C ALA E 488 -8.96 -4.90 17.30
N HIS E 489 -7.80 -5.37 16.87
CA HIS E 489 -7.60 -6.07 15.58
C HIS E 489 -7.85 -7.55 15.85
N SER E 490 -8.72 -8.19 15.07
CA SER E 490 -9.07 -9.62 15.34
C SER E 490 -8.14 -10.53 14.54
N THR E 491 -7.25 -11.25 15.22
CA THR E 491 -6.34 -12.24 14.59
C THR E 491 -7.19 -13.45 14.18
N VAL E 492 -8.40 -13.58 14.71
CA VAL E 492 -9.36 -14.63 14.27
C VAL E 492 -9.64 -14.42 12.78
N VAL E 493 -9.63 -13.17 12.33
CA VAL E 493 -9.86 -12.79 10.91
C VAL E 493 -8.56 -12.84 10.12
N SER E 494 -7.47 -12.24 10.62
CA SER E 494 -6.20 -12.05 9.85
C SER E 494 -5.24 -13.26 10.00
N GLY E 495 -5.39 -14.14 11.00
CA GLY E 495 -4.45 -15.25 11.28
C GLY E 495 -4.27 -15.47 12.78
N PHE E 496 -4.95 -16.48 13.34
CA PHE E 496 -5.26 -16.60 14.78
C PHE E 496 -3.97 -16.75 15.61
N ALA E 497 -3.72 -15.80 16.51
CA ALA E 497 -2.46 -15.73 17.31
C ALA E 497 -2.40 -16.89 18.31
N LEU E 498 -3.56 -17.49 18.64
CA LEU E 498 -3.65 -18.56 19.65
C LEU E 498 -3.76 -19.95 18.99
N GLU E 499 -3.58 -20.05 17.67
CA GLU E 499 -3.68 -21.35 16.96
C GLU E 499 -2.66 -22.35 17.55
N ASN E 500 -1.41 -21.91 17.70
CA ASN E 500 -0.31 -22.74 18.22
C ASN E 500 -0.71 -23.31 19.59
N LEU E 501 -1.08 -22.45 20.54
CA LEU E 501 -1.35 -22.86 21.94
C LEU E 501 -2.62 -23.73 22.01
N PHE E 502 -3.63 -23.41 21.20
CA PHE E 502 -4.97 -24.06 21.28
C PHE E 502 -4.99 -25.33 20.43
N GLY E 503 -4.06 -25.46 19.49
CA GLY E 503 -4.00 -26.60 18.56
C GLY E 503 -5.28 -26.70 17.78
N SER E 504 -5.85 -25.54 17.44
CA SER E 504 -7.18 -25.44 16.80
C SER E 504 -7.39 -24.02 16.29
N TYR E 505 -8.49 -23.80 15.59
CA TYR E 505 -8.80 -22.57 14.85
C TYR E 505 -10.30 -22.34 14.98
N PRO E 506 -10.77 -21.09 15.22
CA PRO E 506 -12.21 -20.82 15.22
C PRO E 506 -12.74 -21.00 13.80
N ILE E 507 -13.97 -21.48 13.67
CA ILE E 507 -14.71 -21.58 12.38
C ILE E 507 -15.75 -20.46 12.34
N GLU E 508 -16.73 -20.46 13.25
CA GLU E 508 -17.82 -19.45 13.31
C GLU E 508 -18.20 -19.15 14.77
N TYR E 509 -18.72 -17.94 14.98
CA TYR E 509 -19.61 -17.58 16.11
C TYR E 509 -21.00 -17.37 15.49
N LYS E 510 -22.03 -17.91 16.15
CA LYS E 510 -23.43 -17.75 15.74
C LYS E 510 -24.19 -17.29 16.98
N ILE E 511 -24.83 -16.13 16.89
CA ILE E 511 -25.61 -15.59 18.02
C ILE E 511 -26.82 -16.52 18.22
N LYS E 512 -27.18 -16.79 19.47
CA LYS E 512 -28.36 -17.59 19.88
C LYS E 512 -29.18 -16.75 20.86
N GLU E 513 -30.04 -17.37 21.67
CA GLU E 513 -30.79 -16.65 22.74
C GLU E 513 -29.81 -16.25 23.85
N ASN E 514 -30.24 -15.46 24.83
CA ASN E 514 -29.43 -15.08 26.01
C ASN E 514 -28.99 -16.36 26.73
N LEU E 515 -29.80 -17.41 26.69
CA LEU E 515 -29.54 -18.69 27.35
C LEU E 515 -29.82 -19.84 26.37
N PHE E 516 -28.79 -20.63 26.07
CA PHE E 516 -28.94 -21.90 25.30
C PHE E 516 -28.08 -22.95 26.00
N SER E 517 -28.14 -24.19 25.52
CA SER E 517 -27.46 -25.36 26.13
C SER E 517 -26.40 -25.87 25.15
N LEU E 518 -25.16 -26.04 25.61
CA LEU E 518 -24.13 -26.82 24.86
C LEU E 518 -24.17 -28.25 25.38
N ASP E 519 -24.69 -29.17 24.59
CA ASP E 519 -24.90 -30.59 24.97
C ASP E 519 -23.76 -31.40 24.35
N PHE E 520 -22.81 -31.83 25.18
CA PHE E 520 -21.64 -32.64 24.75
C PHE E 520 -22.11 -34.01 24.26
N GLU E 521 -21.46 -34.55 23.23
CA GLU E 521 -21.54 -35.98 22.81
C GLU E 521 -21.21 -36.93 23.98
N LYS E 522 -20.17 -36.63 24.77
CA LYS E 522 -19.53 -37.58 25.73
C LYS E 522 -19.48 -36.98 27.14
N ASP E 523 -19.57 -37.82 28.18
CA ASP E 523 -19.35 -37.47 29.61
C ASP E 523 -20.52 -36.65 30.17
N ASN E 524 -21.59 -36.45 29.40
CA ASN E 524 -22.94 -36.04 29.88
C ASN E 524 -22.91 -34.63 30.49
N TYR E 525 -22.11 -33.69 29.93
CA TYR E 525 -22.20 -32.24 30.24
C TYR E 525 -23.26 -31.57 29.38
N LYS E 526 -24.19 -30.86 30.04
CA LYS E 526 -25.12 -29.92 29.36
C LYS E 526 -24.85 -28.56 30.02
N LEU E 527 -24.00 -27.76 29.38
CA LEU E 527 -23.52 -26.46 29.93
C LEU E 527 -24.45 -25.35 29.48
N PRO E 528 -24.99 -24.55 30.42
CA PRO E 528 -25.64 -23.30 30.04
C PRO E 528 -24.60 -22.41 29.34
N ALA E 529 -24.99 -21.75 28.27
CA ALA E 529 -24.14 -20.87 27.46
C ALA E 529 -24.94 -19.61 27.12
N HIS E 530 -24.22 -18.50 26.99
CA HIS E 530 -24.81 -17.15 26.81
C HIS E 530 -24.48 -16.64 25.42
N LEU E 531 -25.52 -16.37 24.65
CA LEU E 531 -25.53 -15.39 23.53
C LEU E 531 -24.91 -15.99 22.26
N TRP E 532 -23.64 -16.43 22.30
CA TRP E 532 -22.90 -16.86 21.09
C TRP E 532 -22.47 -18.34 21.22
N LYS E 533 -22.69 -19.13 20.18
CA LYS E 533 -22.11 -20.47 20.00
C LYS E 533 -20.86 -20.37 19.12
N GLY E 534 -19.70 -20.73 19.66
CA GLY E 534 -18.43 -20.85 18.90
C GLY E 534 -18.23 -22.28 18.42
N THR E 535 -17.82 -22.43 17.16
CA THR E 535 -17.40 -23.72 16.56
C THR E 535 -15.95 -23.55 16.09
N ILE E 536 -15.21 -24.65 16.15
CA ILE E 536 -13.74 -24.69 15.93
C ILE E 536 -13.40 -25.87 15.03
N GLU E 537 -12.19 -25.83 14.49
CA GLU E 537 -11.52 -26.96 13.80
C GLU E 537 -10.24 -27.27 14.56
N THR E 538 -10.07 -28.51 15.01
CA THR E 538 -8.84 -29.00 15.69
C THR E 538 -7.81 -29.41 14.65
N SER E 539 -6.54 -29.12 14.91
CA SER E 539 -5.37 -29.75 14.24
C SER E 539 -4.71 -30.67 15.28
N LYS E 540 -3.87 -30.13 16.17
CA LYS E 540 -3.15 -30.88 17.22
C LYS E 540 -4.10 -31.27 18.37
N ALA E 541 -5.14 -30.49 18.66
CA ALA E 541 -6.02 -30.72 19.85
C ALA E 541 -7.00 -31.89 19.59
N THR E 542 -7.48 -32.48 20.67
CA THR E 542 -8.60 -33.45 20.67
C THR E 542 -9.92 -32.69 20.58
N PRO E 543 -10.74 -32.91 19.54
CA PRO E 543 -12.01 -32.20 19.40
C PRO E 543 -13.04 -32.76 20.40
N ILE E 544 -13.89 -31.89 20.95
CA ILE E 544 -15.08 -32.25 21.77
C ILE E 544 -16.27 -31.80 20.94
N MET E 545 -17.15 -32.76 20.63
CA MET E 545 -18.31 -32.55 19.73
C MET E 545 -19.55 -32.41 20.62
N ASP E 546 -20.57 -31.72 20.11
CA ASP E 546 -21.90 -31.61 20.76
C ASP E 546 -22.87 -32.55 20.04
N LYS E 547 -24.08 -32.70 20.59
CA LYS E 547 -25.11 -33.65 20.07
C LYS E 547 -25.49 -33.30 18.63
N GLU E 548 -25.25 -32.07 18.17
CA GLU E 548 -25.57 -31.64 16.77
C GLU E 548 -24.38 -31.92 15.84
N GLY E 549 -23.32 -32.58 16.32
CA GLY E 549 -22.16 -32.96 15.49
C GLY E 549 -21.29 -31.76 15.13
N GLU E 550 -21.30 -30.71 15.94
CA GLU E 550 -20.40 -29.54 15.77
C GLU E 550 -19.30 -29.61 16.83
N CYS E 551 -18.09 -29.19 16.44
CA CYS E 551 -16.94 -29.12 17.36
C CYS E 551 -17.01 -27.81 18.15
N ILE E 552 -17.25 -27.89 19.46
CA ILE E 552 -17.56 -26.74 20.34
C ILE E 552 -16.43 -26.51 21.33
N ALA E 553 -15.46 -27.41 21.41
CA ALA E 553 -14.37 -27.35 22.41
C ALA E 553 -13.23 -28.25 21.98
N CYS E 554 -12.10 -28.14 22.70
CA CYS E 554 -10.96 -29.05 22.51
C CYS E 554 -10.08 -29.06 23.75
N ILE E 555 -9.29 -30.13 23.89
CA ILE E 555 -8.15 -30.23 24.85
C ILE E 555 -6.87 -30.35 24.01
N ASN E 556 -5.96 -29.41 24.18
CA ASN E 556 -4.64 -29.45 23.51
C ASN E 556 -3.60 -29.83 24.56
N GLN E 557 -2.82 -30.88 24.30
CA GLN E 557 -1.62 -31.21 25.10
C GLN E 557 -0.51 -30.36 24.51
N TYR E 558 0.05 -29.47 25.31
CA TYR E 558 1.09 -28.51 24.87
C TYR E 558 2.23 -28.58 25.87
N GLY E 559 3.38 -29.11 25.45
CA GLY E 559 4.49 -29.52 26.36
C GLY E 559 3.94 -30.37 27.49
N LYS E 560 4.20 -30.00 28.74
CA LYS E 560 3.75 -30.76 29.94
C LYS E 560 2.33 -30.33 30.38
N GLY E 561 1.80 -29.24 29.82
CA GLY E 561 0.50 -28.69 30.25
C GLY E 561 -0.62 -29.02 29.29
N LYS E 562 -1.82 -28.57 29.62
CA LYS E 562 -3.09 -28.81 28.89
C LYS E 562 -3.80 -27.47 28.66
N VAL E 563 -4.52 -27.35 27.56
CA VAL E 563 -5.45 -26.23 27.28
C VAL E 563 -6.83 -26.82 27.08
N PHE E 564 -7.82 -26.39 27.84
CA PHE E 564 -9.26 -26.58 27.54
C PHE E 564 -9.80 -25.28 26.94
N TRP E 565 -10.28 -25.33 25.70
CA TRP E 565 -10.82 -24.16 24.96
C TRP E 565 -12.26 -24.45 24.59
N ILE E 566 -13.18 -23.60 25.03
CA ILE E 566 -14.63 -23.65 24.65
C ILE E 566 -15.10 -22.24 24.34
N PRO E 567 -15.05 -21.79 23.06
CA PRO E 567 -15.30 -20.40 22.72
C PRO E 567 -16.76 -19.92 22.79
N SER E 568 -17.65 -20.67 23.42
CA SER E 568 -18.99 -20.21 23.86
C SER E 568 -18.86 -19.68 25.30
N PRO E 569 -19.57 -18.60 25.67
CA PRO E 569 -19.49 -18.08 27.04
C PRO E 569 -20.27 -18.95 28.03
N ILE E 570 -19.59 -19.94 28.64
CA ILE E 570 -20.26 -20.89 29.58
C ILE E 570 -20.26 -20.29 30.99
N ALA E 571 -19.30 -19.45 31.34
CA ALA E 571 -19.35 -18.73 32.64
C ALA E 571 -20.54 -17.75 32.61
N LEU E 572 -20.68 -16.97 31.55
CA LEU E 572 -21.84 -16.05 31.42
C LEU E 572 -23.14 -16.87 31.30
N GLY E 573 -23.07 -18.07 30.70
CA GLY E 573 -24.20 -19.02 30.67
C GLY E 573 -24.65 -19.39 32.08
N ALA E 574 -23.70 -19.77 32.93
CA ALA E 574 -23.95 -20.10 34.34
C ALA E 574 -24.60 -18.89 35.03
N ARG E 575 -24.06 -17.68 34.82
CA ARG E 575 -24.61 -16.42 35.39
C ARG E 575 -26.06 -16.23 34.93
N GLU E 576 -26.32 -16.33 33.62
CA GLU E 576 -27.65 -16.09 33.03
C GLU E 576 -28.65 -17.12 33.60
N SER E 577 -28.24 -18.38 33.77
CA SER E 577 -29.15 -19.47 34.23
C SER E 577 -29.23 -19.45 35.76
N LYS E 578 -28.43 -18.63 36.44
CA LYS E 578 -28.31 -18.59 37.92
C LYS E 578 -27.99 -19.98 38.45
N ASP E 579 -27.20 -20.75 37.71
CA ASP E 579 -26.83 -22.16 38.05
C ASP E 579 -25.36 -22.39 37.66
N PHE E 580 -24.50 -22.53 38.65
CA PHE E 580 -23.04 -22.68 38.46
C PHE E 580 -22.63 -24.16 38.61
N SER E 581 -23.60 -25.07 38.76
CA SER E 581 -23.33 -26.49 39.12
C SER E 581 -22.60 -27.18 37.97
N GLU E 582 -23.04 -27.01 36.72
CA GLU E 582 -22.37 -27.66 35.58
C GLU E 582 -20.97 -27.05 35.38
N LEU E 583 -20.82 -25.74 35.55
CA LEU E 583 -19.51 -25.04 35.40
C LEU E 583 -18.54 -25.56 36.47
N SER E 584 -19.03 -25.77 37.69
CA SER E 584 -18.30 -26.39 38.82
C SER E 584 -17.80 -27.79 38.41
N LYS E 585 -18.70 -28.70 38.02
CA LYS E 585 -18.38 -30.11 37.67
C LYS E 585 -17.36 -30.13 36.53
N LEU E 586 -17.56 -29.33 35.47
CA LEU E 586 -16.65 -29.32 34.30
C LEU E 586 -15.26 -28.86 34.73
N THR E 587 -15.18 -27.77 35.49
CA THR E 587 -13.91 -27.17 35.97
C THR E 587 -13.19 -28.19 36.87
N VAL E 588 -13.89 -28.81 37.81
CA VAL E 588 -13.31 -29.81 38.76
C VAL E 588 -12.64 -30.93 37.95
N SER E 589 -13.30 -31.44 36.92
CA SER E 589 -12.81 -32.56 36.07
C SER E 589 -11.56 -32.14 35.28
N LEU E 590 -11.25 -30.86 35.18
CA LEU E 590 -10.07 -30.35 34.42
C LEU E 590 -8.92 -30.01 35.36
N LEU E 591 -9.17 -29.93 36.67
CA LEU E 591 -8.14 -29.54 37.66
C LEU E 591 -7.14 -30.69 37.82
N PRO E 592 -5.84 -30.38 38.00
CA PRO E 592 -4.87 -31.40 38.41
C PRO E 592 -5.27 -32.02 39.75
N ASN E 593 -5.07 -33.34 39.89
CA ASN E 593 -5.47 -34.14 41.07
C ASN E 593 -4.86 -33.53 42.32
N LYS E 594 -3.63 -33.03 42.24
CA LYS E 594 -2.89 -32.42 43.38
C LYS E 594 -3.77 -31.36 44.08
N ILE E 595 -4.48 -30.54 43.31
CA ILE E 595 -5.30 -29.42 43.86
C ILE E 595 -6.45 -30.04 44.68
N LEU E 596 -7.13 -31.06 44.14
CA LEU E 596 -8.27 -31.72 44.83
C LEU E 596 -7.78 -32.52 46.06
N ASN E 597 -6.56 -33.08 46.04
CA ASN E 597 -6.03 -33.91 47.16
C ASN E 597 -5.52 -33.01 48.29
N ASP E 598 -4.86 -31.89 47.97
CA ASP E 598 -4.16 -31.03 48.98
C ASP E 598 -5.08 -29.93 49.55
N ASN E 599 -6.21 -29.63 48.91
CA ASN E 599 -7.05 -28.46 49.29
C ASN E 599 -8.39 -28.93 49.84
N PRO E 600 -8.78 -28.50 51.06
CA PRO E 600 -10.15 -28.69 51.51
C PRO E 600 -11.08 -28.02 50.49
N HIS E 601 -12.13 -28.74 50.11
CA HIS E 601 -13.18 -28.33 49.15
C HIS E 601 -14.42 -29.18 49.45
N PHE E 602 -15.52 -28.93 48.77
CA PHE E 602 -16.80 -29.65 48.94
C PHE E 602 -16.73 -30.92 48.09
N ASP E 603 -17.38 -32.01 48.57
CA ASP E 603 -17.40 -33.31 47.87
C ASP E 603 -18.22 -33.15 46.59
N LYS E 604 -19.10 -32.14 46.55
CA LYS E 604 -19.91 -31.78 45.37
C LYS E 604 -20.17 -30.27 45.39
N HIS E 605 -20.83 -29.77 44.34
CA HIS E 605 -21.29 -28.36 44.22
C HIS E 605 -22.41 -28.10 45.23
N TYR E 606 -22.32 -27.01 46.00
CA TYR E 606 -23.38 -26.52 46.92
C TYR E 606 -23.79 -25.11 46.49
N LYS E 607 -25.02 -24.97 46.00
CA LYS E 607 -25.61 -23.66 45.63
C LYS E 607 -25.62 -22.77 46.88
N ASP E 608 -25.07 -21.56 46.77
CA ASP E 608 -25.17 -20.46 47.78
C ASP E 608 -24.44 -20.85 49.07
N VAL E 609 -23.36 -21.63 48.96
CA VAL E 609 -22.42 -21.89 50.07
C VAL E 609 -21.02 -21.53 49.55
N MET E 610 -20.21 -20.91 50.40
CA MET E 610 -18.79 -20.67 50.01
C MET E 610 -17.88 -21.27 51.07
N MET E 611 -16.70 -21.71 50.64
CA MET E 611 -15.59 -22.02 51.55
C MET E 611 -14.29 -21.55 50.89
N LYS E 612 -13.42 -20.98 51.72
CA LYS E 612 -12.03 -20.62 51.37
C LYS E 612 -11.17 -21.07 52.54
N SER E 613 -9.95 -21.55 52.28
CA SER E 613 -9.04 -22.04 53.35
C SER E 613 -7.83 -21.13 53.46
N PHE E 614 -7.26 -21.06 54.65
CA PHE E 614 -6.01 -20.32 54.93
C PHE E 614 -5.16 -21.14 55.92
N LYS E 615 -3.89 -20.75 56.00
CA LYS E 615 -2.91 -21.30 56.96
C LYS E 615 -2.46 -20.15 57.86
N SER E 616 -2.11 -20.47 59.09
CA SER E 616 -1.40 -19.56 60.02
C SER E 616 -0.42 -20.40 60.85
N ASN E 617 0.88 -20.15 60.68
CA ASN E 617 2.01 -20.90 61.30
C ASN E 617 1.70 -22.41 61.28
N GLY E 618 1.64 -23.03 60.09
CA GLY E 618 1.55 -24.49 59.95
C GLY E 618 0.13 -25.04 60.06
N THR E 619 -0.74 -24.43 60.88
CA THR E 619 -2.15 -24.88 61.07
C THR E 619 -3.03 -24.38 59.90
N MET E 620 -3.86 -25.27 59.37
CA MET E 620 -4.80 -24.98 58.27
C MET E 620 -6.17 -24.68 58.88
N TYR E 621 -6.88 -23.70 58.30
CA TYR E 621 -8.26 -23.32 58.68
C TYR E 621 -9.12 -23.26 57.41
N SER E 622 -10.43 -23.35 57.61
CA SER E 622 -11.42 -23.14 56.53
C SER E 622 -12.49 -22.17 57.02
N LEU E 623 -12.91 -21.28 56.12
CA LEU E 623 -14.04 -20.34 56.30
C LEU E 623 -15.21 -20.92 55.49
N ILE E 624 -16.34 -21.14 56.14
CA ILE E 624 -17.56 -21.66 55.47
C ILE E 624 -18.67 -20.67 55.78
N ILE E 625 -19.39 -20.26 54.74
CA ILE E 625 -20.58 -19.39 54.88
C ILE E 625 -21.71 -20.01 54.07
N ASN E 626 -22.87 -20.11 54.71
CA ASN E 626 -24.12 -20.60 54.10
C ASN E 626 -24.99 -19.39 53.79
N LYS E 627 -25.29 -19.16 52.52
CA LYS E 627 -26.16 -18.05 52.04
C LYS E 627 -27.45 -18.62 51.45
N SER E 628 -27.68 -19.93 51.54
CA SER E 628 -28.94 -20.58 51.11
C SER E 628 -30.03 -20.32 52.15
N ALA E 629 -31.27 -20.64 51.80
CA ALA E 629 -32.46 -20.45 52.67
C ALA E 629 -32.56 -21.56 53.73
N SER E 630 -31.73 -22.60 53.66
CA SER E 630 -31.90 -23.79 54.52
C SER E 630 -30.57 -24.26 55.09
N VAL E 631 -30.65 -24.99 56.20
CA VAL E 631 -29.49 -25.64 56.88
C VAL E 631 -28.84 -26.56 55.85
N GLN E 632 -27.52 -26.50 55.73
CA GLN E 632 -26.76 -27.36 54.79
C GLN E 632 -25.84 -28.23 55.62
N THR E 633 -25.65 -29.47 55.17
CA THR E 633 -24.59 -30.39 55.65
C THR E 633 -23.58 -30.50 54.54
N VAL E 634 -22.41 -29.87 54.70
CA VAL E 634 -21.36 -29.82 53.63
C VAL E 634 -20.28 -30.83 54.01
N ASP E 635 -20.01 -31.76 53.09
CA ASP E 635 -18.94 -32.77 53.22
C ASP E 635 -17.66 -32.13 52.70
N ILE E 636 -16.75 -31.80 53.60
CA ILE E 636 -15.42 -31.23 53.26
C ILE E 636 -14.44 -32.40 53.07
N VAL E 637 -13.72 -32.39 51.95
CA VAL E 637 -12.74 -33.45 51.55
C VAL E 637 -11.50 -32.74 51.00
N GLY E 638 -10.37 -33.44 50.93
CA GLY E 638 -9.06 -32.89 50.56
C GLY E 638 -8.35 -32.31 51.78
N GLY E 639 -7.04 -32.11 51.65
CA GLY E 639 -6.12 -31.84 52.77
C GLY E 639 -6.18 -32.92 53.85
N LYS E 640 -5.78 -32.58 55.08
CA LYS E 640 -5.65 -33.50 56.23
C LYS E 640 -6.18 -32.77 57.47
N GLY E 641 -6.74 -33.51 58.43
CA GLY E 641 -7.06 -33.02 59.78
C GLY E 641 -8.49 -33.32 60.14
N LYS E 642 -8.82 -33.22 61.44
CA LYS E 642 -10.22 -33.31 61.95
C LYS E 642 -10.74 -31.90 62.15
N ALA E 643 -12.00 -31.66 61.77
CA ALA E 643 -12.69 -30.37 61.98
C ALA E 643 -12.87 -30.12 63.48
N PHE E 644 -12.31 -29.01 63.97
CA PHE E 644 -12.70 -28.37 65.26
C PHE E 644 -13.29 -26.99 64.92
N ILE E 645 -14.52 -26.73 65.34
CA ILE E 645 -15.20 -25.42 65.13
C ILE E 645 -14.65 -24.40 66.13
N LEU E 646 -13.86 -23.45 65.61
CA LEU E 646 -13.19 -22.36 66.38
C LEU E 646 -14.12 -21.13 66.45
N PHE E 647 -14.93 -20.90 65.42
CA PHE E 647 -15.88 -19.75 65.32
C PHE E 647 -17.14 -20.21 64.59
N ALA E 648 -18.29 -19.88 65.19
CA ALA E 648 -19.62 -20.18 64.63
C ALA E 648 -20.63 -19.30 65.36
N ASN E 649 -21.37 -18.47 64.62
CA ASN E 649 -22.30 -17.49 65.24
C ASN E 649 -23.71 -18.11 65.34
N LYS E 650 -23.96 -19.33 64.87
CA LYS E 650 -25.30 -19.98 65.02
C LYS E 650 -25.17 -21.47 65.40
N ASN E 651 -24.21 -21.82 66.27
CA ASN E 651 -24.06 -23.19 66.85
C ASN E 651 -23.96 -24.27 65.76
N ALA E 652 -23.24 -24.01 64.67
CA ALA E 652 -22.80 -25.04 63.71
C ALA E 652 -22.23 -26.22 64.51
N HIS E 653 -22.32 -27.43 63.96
CA HIS E 653 -21.68 -28.65 64.51
C HIS E 653 -21.14 -29.47 63.34
N SER E 654 -20.11 -30.28 63.58
CA SER E 654 -19.52 -31.19 62.56
C SER E 654 -19.47 -32.61 63.14
N THR E 655 -19.72 -33.61 62.29
CA THR E 655 -19.41 -35.04 62.53
C THR E 655 -18.43 -35.45 61.45
N ALA E 656 -17.19 -35.79 61.80
CA ALA E 656 -16.20 -36.36 60.86
C ALA E 656 -16.12 -35.61 59.52
N ASN E 657 -15.97 -34.28 59.54
CA ASN E 657 -15.69 -33.42 58.35
C ASN E 657 -16.97 -33.16 57.51
N LYS E 658 -18.15 -33.49 58.05
CA LYS E 658 -19.49 -33.06 57.55
C LYS E 658 -19.93 -31.91 58.46
N LEU E 659 -19.97 -30.68 57.94
CA LEU E 659 -20.34 -29.47 58.70
C LEU E 659 -21.82 -29.13 58.48
N THR E 660 -22.59 -29.05 59.56
CA THR E 660 -23.98 -28.58 59.57
C THR E 660 -23.94 -27.09 59.94
N ILE E 661 -24.39 -26.25 58.99
CA ILE E 661 -24.23 -24.78 59.05
C ILE E 661 -25.58 -24.16 58.69
N SER E 662 -26.03 -23.22 59.51
CA SER E 662 -27.35 -22.56 59.37
C SER E 662 -27.31 -21.44 58.34
N PRO E 663 -28.47 -21.03 57.79
CA PRO E 663 -28.54 -19.87 56.89
C PRO E 663 -27.87 -18.64 57.52
N GLU E 664 -26.93 -18.03 56.78
CA GLU E 664 -26.27 -16.73 57.13
C GLU E 664 -25.18 -16.94 58.19
N GLU E 665 -24.94 -18.20 58.59
CA GLU E 665 -23.89 -18.53 59.58
C GLU E 665 -22.51 -18.45 58.90
N THR E 666 -21.54 -17.88 59.61
CA THR E 666 -20.10 -17.95 59.30
C THR E 666 -19.40 -18.93 60.25
N VAL E 667 -18.61 -19.85 59.71
CA VAL E 667 -17.89 -20.89 60.51
C VAL E 667 -16.40 -20.82 60.15
N ILE E 668 -15.54 -20.75 61.17
CA ILE E 668 -14.09 -21.08 61.04
C ILE E 668 -13.84 -22.45 61.64
N ILE E 669 -13.40 -23.39 60.80
CA ILE E 669 -12.85 -24.71 61.19
C ILE E 669 -11.33 -24.59 61.32
N LYS E 670 -10.80 -25.05 62.46
CA LYS E 670 -9.38 -25.36 62.67
C LYS E 670 -9.20 -26.84 62.37
N TRP E 671 -8.26 -27.18 61.49
CA TRP E 671 -7.95 -28.59 61.13
C TRP E 671 -6.87 -29.09 62.10
N LYS E 672 -7.23 -30.00 63.01
CA LYS E 672 -6.32 -30.55 64.05
C LYS E 672 -5.52 -31.69 63.43
N ASN E 673 -4.19 -31.50 63.40
CA ASN E 673 -3.13 -32.39 62.85
C ASN E 673 -3.19 -32.34 61.31
N ALA F 22 -69.97 45.38 36.85
CA ALA F 22 -69.40 44.00 36.70
C ALA F 22 -69.68 43.19 37.96
N GLU F 23 -70.22 41.97 37.81
CA GLU F 23 -70.49 41.06 38.96
C GLU F 23 -69.14 40.59 39.53
N ARG F 24 -68.96 40.70 40.85
CA ARG F 24 -67.74 40.29 41.58
C ARG F 24 -68.05 38.93 42.22
N ILE F 25 -67.17 37.94 42.04
CA ILE F 25 -67.38 36.57 42.58
C ILE F 25 -67.26 36.66 44.11
N SER F 26 -68.04 35.88 44.83
CA SER F 26 -67.99 35.77 46.31
C SER F 26 -68.22 34.32 46.72
N LYS F 27 -67.99 34.02 47.99
CA LYS F 27 -68.28 32.71 48.61
C LYS F 27 -69.78 32.40 48.51
N GLN F 28 -70.62 33.39 48.15
CA GLN F 28 -72.10 33.25 48.06
C GLN F 28 -72.56 33.15 46.61
N SER F 29 -71.66 33.30 45.63
CA SER F 29 -72.03 33.24 44.19
C SER F 29 -72.64 31.88 43.87
N THR F 30 -73.55 31.85 42.91
CA THR F 30 -74.16 30.63 42.34
C THR F 30 -73.07 29.93 41.52
N PRO F 31 -72.75 28.66 41.80
CA PRO F 31 -71.73 27.96 41.02
C PRO F 31 -72.23 27.77 39.58
N PHE F 32 -71.31 27.74 38.63
CA PHE F 32 -71.59 27.52 37.20
C PHE F 32 -70.79 26.34 36.65
N VAL F 33 -71.34 25.72 35.63
CA VAL F 33 -70.64 24.83 34.67
C VAL F 33 -70.34 25.69 33.43
N GLY F 34 -69.14 25.54 32.89
CA GLY F 34 -68.66 26.32 31.73
C GLY F 34 -67.66 25.52 30.94
N ALA F 35 -67.14 26.12 29.88
CA ALA F 35 -66.21 25.44 28.94
C ALA F 35 -65.37 26.48 28.23
N GLN F 36 -64.13 26.12 27.92
CA GLN F 36 -63.27 26.89 27.01
C GLN F 36 -63.99 26.98 25.67
N ILE F 37 -64.06 28.18 25.12
CA ILE F 37 -64.42 28.38 23.70
C ILE F 37 -63.10 28.73 23.02
N PHE F 38 -62.63 27.84 22.15
CA PHE F 38 -61.32 27.99 21.49
C PHE F 38 -61.53 28.81 20.22
N ILE F 39 -60.93 30.00 20.20
CA ILE F 39 -61.06 30.97 19.09
C ILE F 39 -59.70 31.06 18.40
N GLU F 40 -59.69 30.79 17.09
CA GLU F 40 -58.50 30.98 16.22
C GLU F 40 -59.00 31.44 14.85
N PRO F 41 -58.14 32.06 14.01
CA PRO F 41 -58.53 32.41 12.66
C PRO F 41 -58.97 31.17 11.87
N GLY F 42 -59.88 31.37 10.92
CA GLY F 42 -60.39 30.35 9.99
C GLY F 42 -61.78 29.87 10.37
N GLN F 43 -62.16 30.01 11.64
CA GLN F 43 -63.52 29.64 12.12
C GLN F 43 -64.53 30.63 11.50
N THR F 44 -65.75 30.17 11.21
CA THR F 44 -66.85 31.00 10.63
C THR F 44 -67.77 31.48 11.75
N GLN F 45 -68.40 32.65 11.53
CA GLN F 45 -69.51 33.19 12.36
C GLN F 45 -70.51 32.09 12.73
N GLU F 46 -70.90 31.28 11.74
CA GLU F 46 -71.97 30.26 11.87
C GLU F 46 -71.53 29.20 12.87
N GLN F 47 -70.27 28.71 12.80
CA GLN F 47 -69.75 27.67 13.73
C GLN F 47 -69.67 28.29 15.14
N ILE F 48 -69.13 29.51 15.27
CA ILE F 48 -68.92 30.11 16.62
C ILE F 48 -70.29 30.28 17.30
N GLU F 49 -71.27 30.79 16.56
CA GLU F 49 -72.64 31.01 17.10
C GLU F 49 -73.25 29.67 17.52
N GLN F 50 -73.08 28.63 16.70
CA GLN F 50 -73.56 27.25 16.98
C GLN F 50 -72.94 26.77 18.30
N TRP F 51 -71.69 27.11 18.61
CA TRP F 51 -71.04 26.68 19.88
C TRP F 51 -71.74 27.36 21.07
N PHE F 52 -71.88 28.69 21.02
CA PHE F 52 -72.48 29.48 22.13
C PHE F 52 -73.94 29.08 22.33
N LYS F 53 -74.66 28.82 21.23
CA LYS F 53 -76.08 28.38 21.28
C LYS F 53 -76.12 27.07 22.08
N LEU F 54 -75.34 26.06 21.68
CA LEU F 54 -75.35 24.73 22.35
C LEU F 54 -74.79 24.87 23.79
N LEU F 55 -73.83 25.76 24.00
CA LEU F 55 -73.25 26.02 25.35
C LEU F 55 -74.39 26.51 26.26
N ALA F 56 -75.17 27.49 25.79
CA ALA F 56 -76.34 28.04 26.52
C ALA F 56 -77.38 26.93 26.77
N GLU F 57 -77.69 26.11 25.77
CA GLU F 57 -78.70 25.03 25.88
C GLU F 57 -78.21 23.88 26.77
N SER F 58 -76.91 23.84 27.09
CA SER F 58 -76.30 22.79 27.95
C SER F 58 -76.23 23.29 29.40
N ASN F 59 -76.92 24.39 29.72
CA ASN F 59 -77.06 24.93 31.10
C ASN F 59 -75.69 25.43 31.57
N MET F 60 -74.86 25.86 30.62
CA MET F 60 -73.56 26.50 30.92
C MET F 60 -73.74 28.01 30.76
N THR F 61 -73.18 28.75 31.72
CA THR F 61 -73.36 30.22 31.88
C THR F 61 -72.08 30.93 31.51
N THR F 62 -70.96 30.20 31.46
CA THR F 62 -69.61 30.81 31.41
C THR F 62 -68.76 30.09 30.36
N CYS F 63 -67.88 30.86 29.72
CA CYS F 63 -66.83 30.32 28.83
C CYS F 63 -65.53 30.97 29.26
N ARG F 64 -64.42 30.41 28.77
CA ARG F 64 -63.09 31.03 28.92
C ARG F 64 -62.50 31.13 27.53
N ILE F 65 -61.84 32.23 27.26
CA ILE F 65 -61.27 32.51 25.91
C ILE F 65 -59.82 32.93 26.10
N ARG F 66 -58.94 32.24 25.37
CA ARG F 66 -57.52 32.60 25.28
C ARG F 66 -57.40 33.80 24.35
N MET F 67 -56.98 34.95 24.89
CA MET F 67 -56.90 36.23 24.14
C MET F 67 -55.56 36.31 23.40
N PHE F 68 -55.34 35.38 22.47
CA PHE F 68 -54.07 35.21 21.71
C PHE F 68 -53.60 36.53 21.12
N GLY F 69 -52.53 37.11 21.68
CA GLY F 69 -51.79 38.24 21.08
C GLY F 69 -51.49 37.99 19.61
N LYS F 70 -51.15 36.75 19.27
CA LYS F 70 -50.80 36.35 17.88
C LYS F 70 -51.97 36.65 16.94
N TYR F 71 -53.22 36.48 17.37
CA TYR F 71 -54.41 36.59 16.48
C TYR F 71 -55.05 37.99 16.61
N MET F 72 -54.29 38.96 17.17
CA MET F 72 -54.68 40.38 17.23
C MET F 72 -53.59 41.26 16.59
N LYS F 73 -52.35 40.77 16.45
CA LYS F 73 -51.23 41.56 15.86
C LYS F 73 -51.47 41.69 14.36
N THR F 74 -51.38 42.92 13.83
CA THR F 74 -51.51 43.26 12.39
C THR F 74 -50.12 43.33 11.76
N PRO F 75 -50.00 43.27 10.42
CA PRO F 75 -48.71 43.50 9.76
C PRO F 75 -47.94 44.74 10.25
N SER F 76 -48.61 45.85 10.56
CA SER F 76 -48.00 46.99 11.32
C SER F 76 -48.05 46.61 12.80
N GLY F 77 -47.90 47.54 13.75
CA GLY F 77 -47.91 47.23 15.19
C GLY F 77 -49.29 47.31 15.84
N THR F 78 -50.32 47.64 15.06
CA THR F 78 -51.69 47.92 15.55
C THR F 78 -52.27 46.62 16.12
N TYR F 79 -53.19 46.74 17.10
CA TYR F 79 -54.06 45.64 17.56
C TYR F 79 -55.36 45.70 16.76
N ASP F 80 -55.73 44.58 16.14
CA ASP F 80 -57.04 44.33 15.51
C ASP F 80 -57.76 43.30 16.39
N PHE F 81 -58.89 43.68 17.00
CA PHE F 81 -59.59 42.91 18.05
C PHE F 81 -60.73 42.10 17.43
N THR F 82 -60.91 42.19 16.12
CA THR F 82 -62.08 41.65 15.36
C THR F 82 -62.40 40.23 15.79
N LEU F 83 -61.39 39.36 15.83
CA LEU F 83 -61.61 37.91 15.99
C LEU F 83 -62.25 37.68 17.37
N PHE F 84 -61.80 38.42 18.38
CA PHE F 84 -62.30 38.26 19.77
C PHE F 84 -63.59 39.06 20.00
N ASP F 85 -63.72 40.24 19.37
CA ASP F 85 -65.00 41.02 19.35
C ASP F 85 -66.11 40.06 18.92
N ARG F 86 -65.92 39.38 17.80
CA ARG F 86 -66.93 38.47 17.22
C ARG F 86 -67.36 37.44 18.27
N ALA F 87 -66.41 36.87 19.03
CA ALA F 87 -66.67 35.84 20.04
C ALA F 87 -67.38 36.45 21.26
N PHE F 88 -66.87 37.58 21.76
CA PHE F 88 -67.43 38.30 22.94
C PHE F 88 -68.89 38.66 22.64
N LYS F 89 -69.18 39.19 21.45
CA LYS F 89 -70.53 39.63 21.04
C LYS F 89 -71.46 38.42 20.94
N LEU F 90 -71.01 37.29 20.38
CA LEU F 90 -71.82 36.05 20.36
C LEU F 90 -72.01 35.53 21.79
N ALA F 91 -71.00 35.65 22.66
CA ALA F 91 -71.15 35.21 24.06
C ALA F 91 -72.27 36.06 24.69
N ASP F 92 -72.18 37.38 24.50
CA ASP F 92 -73.15 38.37 25.04
C ASP F 92 -74.56 38.02 24.54
N LYS F 93 -74.72 37.81 23.24
CA LYS F 93 -76.02 37.47 22.62
C LYS F 93 -76.67 36.29 23.35
N TYR F 94 -75.89 35.30 23.80
CA TYR F 94 -76.42 34.08 24.45
C TYR F 94 -76.29 34.19 25.98
N HIS F 95 -76.02 35.39 26.51
CA HIS F 95 -75.93 35.68 27.98
C HIS F 95 -74.86 34.77 28.62
N ILE F 96 -73.73 34.61 27.93
CA ILE F 96 -72.56 33.84 28.41
C ILE F 96 -71.51 34.83 28.92
N LYS F 97 -71.09 34.70 30.16
CA LYS F 97 -69.99 35.55 30.70
C LYS F 97 -68.65 34.89 30.33
N VAL F 98 -67.58 35.68 30.32
CA VAL F 98 -66.28 35.31 29.71
C VAL F 98 -65.18 35.49 30.75
N TYR F 99 -64.46 34.40 31.05
CA TYR F 99 -63.11 34.44 31.62
C TYR F 99 -62.13 34.70 30.45
N ALA F 100 -61.46 35.85 30.48
CA ALA F 100 -60.50 36.23 29.42
C ALA F 100 -59.07 35.99 29.90
N THR F 101 -58.35 35.10 29.23
CA THR F 101 -56.96 34.75 29.61
C THR F 101 -55.99 35.66 28.85
N LEU F 102 -55.19 36.42 29.59
CA LEU F 102 -54.06 37.19 29.03
C LEU F 102 -53.04 36.20 28.48
N PHE F 103 -52.80 36.23 27.18
CA PHE F 103 -51.94 35.28 26.45
C PHE F 103 -51.19 36.04 25.38
N PRO F 104 -50.06 36.71 25.72
CA PRO F 104 -49.31 37.49 24.74
C PRO F 104 -48.84 36.67 23.53
N ASP F 105 -48.39 37.37 22.50
CA ASP F 105 -47.87 36.77 21.24
C ASP F 105 -46.80 35.74 21.62
N THR F 106 -46.85 34.57 21.00
CA THR F 106 -45.93 33.43 21.26
C THR F 106 -46.04 32.46 20.07
N GLU F 107 -45.04 31.59 19.93
CA GLU F 107 -44.99 30.53 18.89
C GLU F 107 -46.35 29.80 18.89
N PHE F 108 -46.86 29.49 17.70
CA PHE F 108 -48.03 28.62 17.48
C PHE F 108 -47.84 27.29 18.22
N THR F 109 -46.62 26.74 18.28
CA THR F 109 -46.34 25.41 18.91
C THR F 109 -46.35 25.46 20.44
N ASP F 110 -46.40 26.65 21.05
CA ASP F 110 -46.44 26.85 22.54
C ASP F 110 -47.88 26.68 23.04
N VAL F 111 -48.24 25.46 23.44
CA VAL F 111 -49.63 25.05 23.80
C VAL F 111 -50.07 25.76 25.10
N GLY F 112 -49.21 25.79 26.12
CA GLY F 112 -49.57 26.22 27.49
C GLY F 112 -49.28 27.69 27.75
N GLY F 113 -48.37 28.27 26.95
CA GLY F 113 -47.92 29.67 27.08
C GLY F 113 -46.63 29.78 27.88
N PHE F 114 -45.83 30.80 27.60
CA PHE F 114 -44.63 31.18 28.39
C PHE F 114 -45.07 31.63 29.78
N LYS F 115 -44.22 31.39 30.77
CA LYS F 115 -44.51 31.52 32.21
C LYS F 115 -43.87 32.82 32.76
N PHE F 116 -42.87 33.35 32.06
CA PHE F 116 -42.12 34.57 32.46
C PHE F 116 -41.64 35.31 31.21
N PRO F 117 -41.40 36.63 31.28
CA PRO F 117 -40.79 37.35 30.17
C PRO F 117 -39.41 36.78 29.84
N HIS F 118 -39.05 36.74 28.56
CA HIS F 118 -37.73 36.29 28.03
C HIS F 118 -36.67 37.37 28.34
N SER F 119 -37.07 38.65 28.35
CA SER F 119 -36.15 39.83 28.38
C SER F 119 -36.92 41.08 28.82
N ARG F 120 -36.19 42.15 29.20
CA ARG F 120 -36.79 43.48 29.52
C ARG F 120 -37.63 43.95 28.32
N GLU F 121 -37.15 43.72 27.10
CA GLU F 121 -37.84 44.14 25.85
C GLU F 121 -39.14 43.34 25.71
N HIS F 122 -39.11 42.04 26.00
CA HIS F 122 -40.31 41.19 25.98
C HIS F 122 -41.29 41.67 27.07
N GLN F 123 -40.80 42.05 28.25
CA GLN F 123 -41.66 42.57 29.34
C GLN F 123 -42.45 43.78 28.80
N LYS F 124 -41.80 44.66 28.02
CA LYS F 124 -42.43 45.89 27.47
C LYS F 124 -43.50 45.48 26.46
N GLU F 125 -43.25 44.44 25.65
CA GLU F 125 -44.26 43.91 24.70
C GLU F 125 -45.49 43.42 25.48
N VAL F 126 -45.26 42.74 26.61
CA VAL F 126 -46.36 42.20 27.46
C VAL F 126 -47.16 43.38 28.03
N GLU F 127 -46.48 44.44 28.51
CA GLU F 127 -47.10 45.70 29.02
C GLU F 127 -48.02 46.28 27.95
N ASP F 128 -47.52 46.39 26.72
CA ASP F 128 -48.28 46.94 25.56
C ASP F 128 -49.46 46.01 25.25
N TYR F 129 -49.27 44.69 25.33
CA TYR F 129 -50.34 43.70 25.07
C TYR F 129 -51.46 43.92 26.10
N ILE F 130 -51.08 44.05 27.38
CA ILE F 130 -52.07 44.18 28.50
C ILE F 130 -52.83 45.51 28.33
N LYS F 131 -52.11 46.61 28.10
CA LYS F 131 -52.73 47.94 27.86
C LYS F 131 -53.83 47.79 26.81
N ASN F 132 -53.47 47.28 25.63
CA ASN F 132 -54.38 47.21 24.47
C ASN F 132 -55.56 46.29 24.78
N VAL F 133 -55.31 45.11 25.32
CA VAL F 133 -56.35 44.03 25.43
C VAL F 133 -57.29 44.37 26.59
N VAL F 134 -56.75 44.81 27.72
CA VAL F 134 -57.58 45.13 28.92
C VAL F 134 -58.39 46.40 28.64
N SER F 135 -57.78 47.44 28.06
CA SER F 135 -58.48 48.71 27.71
C SER F 135 -59.69 48.39 26.83
N HIS F 136 -59.53 47.55 25.82
CA HIS F 136 -60.62 47.20 24.87
C HIS F 136 -61.66 46.32 25.56
N PHE F 137 -61.29 45.13 26.07
CA PHE F 137 -62.27 44.06 26.40
C PHE F 137 -62.87 44.30 27.78
N SER F 138 -62.26 45.13 28.63
CA SER F 138 -62.86 45.60 29.91
C SER F 138 -64.23 46.24 29.66
N GLN F 139 -64.45 46.79 28.45
CA GLN F 139 -65.67 47.54 28.09
C GLN F 139 -66.85 46.59 27.86
N TYR F 140 -66.65 45.26 27.73
CA TYR F 140 -67.77 44.32 27.49
C TYR F 140 -68.47 44.01 28.81
N LYS F 141 -69.79 44.06 28.83
CA LYS F 141 -70.60 43.87 30.06
C LYS F 141 -70.60 42.39 30.44
N ASN F 142 -70.25 41.47 29.52
CA ASN F 142 -70.28 40.01 29.81
C ASN F 142 -68.87 39.50 30.20
N LEU F 143 -67.89 40.39 30.41
CA LEU F 143 -66.55 40.01 30.95
C LEU F 143 -66.70 39.72 32.44
N ALA F 144 -66.43 38.46 32.85
CA ALA F 144 -66.54 37.98 34.25
C ALA F 144 -65.19 38.10 34.97
N ALA F 145 -64.06 37.87 34.28
CA ALA F 145 -62.75 37.75 34.96
C ALA F 145 -61.61 37.86 33.95
N TRP F 146 -60.50 38.46 34.39
CA TRP F 146 -59.16 38.36 33.74
C TRP F 146 -58.40 37.19 34.36
N VAL F 147 -58.03 36.18 33.56
CA VAL F 147 -57.04 35.15 33.99
C VAL F 147 -55.66 35.73 33.64
N LEU F 148 -54.88 36.08 34.66
CA LEU F 148 -53.63 36.87 34.54
C LEU F 148 -52.63 36.12 33.65
N ILE F 149 -52.58 34.80 33.78
CA ILE F 149 -51.65 33.92 33.02
C ILE F 149 -52.24 32.51 33.02
N ASN F 150 -52.15 31.81 31.89
CA ASN F 150 -52.61 30.40 31.85
C ASN F 150 -51.56 29.53 32.57
N GLU F 151 -51.97 28.83 33.62
CA GLU F 151 -51.18 27.75 34.27
C GLU F 151 -49.81 28.31 34.67
N PRO F 152 -49.77 29.23 35.66
CA PRO F 152 -48.51 29.69 36.19
C PRO F 152 -47.75 28.50 36.79
N GLY F 153 -46.43 28.55 36.67
CA GLY F 153 -45.56 27.49 37.18
C GLY F 153 -45.04 26.63 36.06
N THR F 154 -43.74 26.43 36.10
CA THR F 154 -43.04 25.39 35.30
C THR F 154 -42.04 24.70 36.22
N PRO F 155 -41.85 23.37 36.08
CA PRO F 155 -40.73 22.72 36.75
C PRO F 155 -39.38 23.38 36.32
N ASN F 156 -39.19 23.59 35.00
CA ASN F 156 -37.93 24.02 34.35
C ASN F 156 -37.93 25.54 34.14
N LEU F 157 -37.43 26.31 35.11
CA LEU F 157 -37.27 27.78 35.00
C LEU F 157 -36.21 28.16 33.97
N PRO F 158 -36.48 29.15 33.10
CA PRO F 158 -35.52 29.58 32.08
C PRO F 158 -34.38 30.43 32.67
N PHE F 159 -33.46 29.80 33.42
CA PHE F 159 -32.28 30.46 34.05
C PHE F 159 -31.30 30.94 32.96
N ASN F 160 -31.38 30.36 31.75
CA ASN F 160 -30.56 30.73 30.56
C ASN F 160 -30.97 32.11 30.01
N GLU F 161 -32.26 32.47 30.11
CA GLU F 161 -32.84 33.72 29.55
C GLU F 161 -32.40 34.90 30.40
N PRO F 162 -32.11 36.08 29.78
CA PRO F 162 -31.55 37.22 30.51
C PRO F 162 -32.46 37.81 31.61
N PHE F 163 -33.77 37.81 31.39
CA PHE F 163 -34.74 38.36 32.38
C PHE F 163 -34.66 37.56 33.69
N THR F 164 -34.81 36.24 33.63
CA THR F 164 -34.75 35.33 34.81
C THR F 164 -33.34 35.37 35.41
N LYS F 165 -32.29 35.29 34.58
CA LYS F 165 -30.88 35.32 35.05
C LYS F 165 -30.63 36.56 35.91
N GLU F 166 -31.07 37.72 35.46
CA GLU F 166 -30.88 39.02 36.17
C GLU F 166 -31.70 39.02 37.47
N ARG F 167 -32.96 38.58 37.41
CA ARG F 167 -33.86 38.48 38.59
C ARG F 167 -33.20 37.62 39.66
N PHE F 168 -32.66 36.47 39.27
CA PHE F 168 -32.02 35.51 40.21
C PHE F 168 -30.76 36.14 40.83
N SER F 169 -29.92 36.76 39.99
CA SER F 169 -28.72 37.52 40.42
C SER F 169 -29.12 38.59 41.45
N ASP F 170 -30.09 39.45 41.13
CA ASP F 170 -30.58 40.52 42.04
C ASP F 170 -31.08 39.91 43.35
N TRP F 171 -31.96 38.91 43.25
CA TRP F 171 -32.54 38.21 44.42
C TRP F 171 -31.40 37.69 45.32
N LYS F 172 -30.37 37.08 44.74
CA LYS F 172 -29.23 36.50 45.49
C LYS F 172 -28.47 37.60 46.25
N LYS F 173 -28.23 38.75 45.62
CA LYS F 173 -27.52 39.91 46.22
C LYS F 173 -28.36 40.53 47.34
N GLU F 174 -29.69 40.38 47.31
CA GLU F 174 -30.60 40.94 48.35
C GLU F 174 -30.76 39.97 49.52
N HIS F 175 -30.19 38.77 49.47
CA HIS F 175 -30.32 37.74 50.54
C HIS F 175 -28.93 37.39 51.10
N ASN F 176 -28.79 37.27 52.42
CA ASN F 176 -27.54 36.88 53.10
C ASN F 176 -27.70 35.42 53.53
N PHE F 177 -26.98 34.50 52.91
CA PHE F 177 -27.03 33.06 53.28
C PHE F 177 -25.70 32.61 53.89
N SER F 178 -25.72 31.94 55.04
CA SER F 178 -24.52 31.35 55.66
C SER F 178 -24.42 29.87 55.30
N GLU F 179 -23.20 29.34 55.14
CA GLU F 179 -22.98 27.90 54.84
C GLU F 179 -22.95 27.09 56.14
N TYR F 180 -23.12 27.70 57.32
CA TYR F 180 -23.26 26.95 58.61
C TYR F 180 -24.49 27.45 59.37
N ASN F 181 -25.12 26.59 60.17
CA ASN F 181 -26.29 26.96 61.02
C ASN F 181 -25.74 27.53 62.34
N GLU F 182 -26.61 27.85 63.28
CA GLU F 182 -26.28 28.53 64.56
C GLU F 182 -25.35 27.61 65.36
N LYS F 183 -25.60 26.30 65.40
CA LYS F 183 -24.77 25.33 66.17
C LYS F 183 -23.42 25.09 65.47
N GLY F 184 -23.24 25.52 64.22
CA GLY F 184 -21.97 25.39 63.45
C GLY F 184 -21.99 24.29 62.39
N TYR F 185 -23.09 23.54 62.24
CA TYR F 185 -23.20 22.43 61.26
C TYR F 185 -23.31 22.99 59.84
N PRO F 186 -22.78 22.29 58.82
CA PRO F 186 -23.00 22.67 57.42
C PRO F 186 -24.49 22.64 57.09
N VAL F 187 -24.91 23.50 56.16
CA VAL F 187 -26.36 23.69 55.79
C VAL F 187 -26.49 23.76 54.28
N LEU F 188 -27.65 23.37 53.75
CA LEU F 188 -28.12 23.75 52.39
C LEU F 188 -29.10 24.91 52.59
N ASN F 189 -29.21 25.86 51.66
CA ASN F 189 -30.08 27.06 51.84
C ASN F 189 -31.20 27.11 50.81
N PHE F 190 -31.20 26.28 49.78
CA PHE F 190 -32.32 26.18 48.80
C PHE F 190 -32.62 27.58 48.22
N GLU F 191 -31.57 28.29 47.85
CA GLU F 191 -31.65 29.63 47.20
C GLU F 191 -32.54 29.53 45.95
N LYS F 192 -32.29 28.53 45.09
CA LYS F 192 -33.06 28.36 43.83
C LYS F 192 -34.56 28.25 44.18
N GLU F 193 -34.92 27.39 45.12
CA GLU F 193 -36.33 27.04 45.44
C GLU F 193 -37.04 28.28 46.01
N ASN F 194 -36.35 29.03 46.88
CA ASN F 194 -36.89 30.24 47.54
C ASN F 194 -37.04 31.35 46.50
N PHE F 195 -36.05 31.53 45.61
CA PHE F 195 -36.14 32.49 44.48
C PHE F 195 -37.37 32.14 43.65
N ILE F 196 -37.58 30.85 43.31
CA ILE F 196 -38.67 30.44 42.39
C ILE F 196 -40.03 30.85 43.00
N ILE F 197 -40.23 30.62 44.30
CA ILE F 197 -41.47 31.07 44.99
C ILE F 197 -41.63 32.59 44.79
N ASP F 198 -40.61 33.36 45.12
CA ASP F 198 -40.64 34.84 45.11
C ASP F 198 -40.85 35.32 43.67
N TYR F 199 -40.26 34.62 42.70
CA TYR F 199 -40.33 35.01 41.26
C TYR F 199 -41.77 34.84 40.75
N HIS F 200 -42.42 33.71 41.07
CA HIS F 200 -43.85 33.47 40.74
C HIS F 200 -44.69 34.56 41.43
N ASN F 201 -44.48 34.77 42.73
CA ASN F 201 -45.18 35.83 43.49
C ASN F 201 -45.05 37.15 42.71
N TRP F 202 -43.82 37.51 42.34
CA TRP F 202 -43.52 38.83 41.72
C TRP F 202 -44.25 38.95 40.39
N TYR F 203 -44.12 37.97 39.49
CA TYR F 203 -44.63 38.11 38.10
C TYR F 203 -46.16 38.15 38.12
N LEU F 204 -46.81 37.29 38.90
CA LEU F 204 -48.29 37.29 38.98
C LEU F 204 -48.79 38.61 39.59
N ASN F 205 -48.11 39.10 40.63
CA ASN F 205 -48.44 40.41 41.28
C ASN F 205 -48.30 41.52 40.23
N TRP F 206 -47.24 41.46 39.44
CA TRP F 206 -46.95 42.46 38.38
C TRP F 206 -48.05 42.43 37.31
N LEU F 207 -48.45 41.23 36.87
CA LEU F 207 -49.57 41.07 35.92
C LEU F 207 -50.85 41.68 36.51
N ALA F 208 -51.14 41.41 37.78
CA ALA F 208 -52.32 41.98 38.48
C ALA F 208 -52.25 43.52 38.43
N ASN F 209 -51.08 44.08 38.77
CA ASN F 209 -50.87 45.55 38.79
C ASN F 209 -51.06 46.12 37.37
N GLN F 210 -50.54 45.42 36.35
CA GLN F 210 -50.68 45.88 34.94
C GLN F 210 -52.17 45.93 34.57
N VAL F 211 -52.92 44.88 34.85
CA VAL F 211 -54.38 44.84 34.53
C VAL F 211 -55.06 46.00 35.28
N ARG F 212 -54.67 46.24 36.54
CA ARG F 212 -55.34 47.24 37.42
C ARG F 212 -55.05 48.68 36.92
N LEU F 213 -54.03 48.89 36.09
CA LEU F 213 -53.78 50.22 35.45
C LEU F 213 -54.94 50.61 34.54
N TYR F 214 -55.69 49.62 33.99
CA TYR F 214 -56.68 49.84 32.91
C TYR F 214 -58.06 49.34 33.29
N ASP F 215 -58.18 48.50 34.32
CA ASP F 215 -59.49 47.93 34.72
C ASP F 215 -59.41 47.61 36.21
N LYS F 216 -60.24 48.27 37.02
CA LYS F 216 -60.34 48.02 38.49
C LYS F 216 -61.68 47.37 38.80
N GLN F 217 -62.42 46.95 37.78
CA GLN F 217 -63.84 46.51 37.93
C GLN F 217 -63.90 44.97 38.00
N HIS F 218 -63.04 44.26 37.27
CA HIS F 218 -63.25 42.79 37.06
C HIS F 218 -62.35 41.96 37.98
N ASP F 219 -62.86 40.79 38.35
CA ASP F 219 -62.14 39.73 39.10
C ASP F 219 -60.84 39.35 38.38
N LEU F 220 -59.76 39.27 39.16
CA LEU F 220 -58.46 38.69 38.76
C LEU F 220 -58.42 37.24 39.23
N HIS F 221 -58.01 36.35 38.32
CA HIS F 221 -58.03 34.87 38.47
C HIS F 221 -56.72 34.30 37.92
N VAL F 222 -56.29 33.16 38.44
CA VAL F 222 -55.14 32.40 37.91
C VAL F 222 -55.36 30.91 38.19
N ASN F 223 -54.88 30.01 37.33
CA ASN F 223 -55.12 28.55 37.44
C ASN F 223 -53.80 27.80 37.67
N PRO F 224 -53.32 27.67 38.93
CA PRO F 224 -52.21 26.76 39.23
C PRO F 224 -52.55 25.35 38.73
N HIS F 225 -51.55 24.59 38.32
CA HIS F 225 -51.73 23.29 37.63
C HIS F 225 -50.76 22.24 38.18
N ASN F 226 -51.07 20.97 37.90
CA ASN F 226 -50.17 19.84 38.21
C ASN F 226 -49.74 19.98 39.68
N VAL F 227 -50.70 20.23 40.58
CA VAL F 227 -50.42 20.73 41.95
C VAL F 227 -49.69 19.66 42.77
N PHE F 228 -49.84 18.37 42.42
CA PHE F 228 -49.18 17.30 43.19
C PHE F 228 -47.67 17.29 42.88
N LYS F 229 -47.24 17.97 41.81
CA LYS F 229 -45.81 18.12 41.46
C LYS F 229 -45.35 19.57 41.66
N LEU F 230 -46.20 20.58 41.39
CA LEU F 230 -45.76 21.99 41.28
C LEU F 230 -46.11 22.81 42.53
N SER F 231 -46.70 22.21 43.57
CA SER F 231 -47.12 22.92 44.81
C SER F 231 -45.89 23.60 45.46
N GLY F 232 -44.68 23.13 45.18
CA GLY F 232 -43.43 23.71 45.73
C GLY F 232 -43.06 25.01 45.05
N LEU F 233 -43.79 25.40 44.00
CA LEU F 233 -43.62 26.68 43.23
C LEU F 233 -44.61 27.74 43.74
N TYR F 234 -45.63 27.32 44.49
CA TYR F 234 -46.88 28.09 44.74
C TYR F 234 -46.94 28.58 46.20
N ASP F 235 -46.94 29.91 46.38
CA ASP F 235 -47.19 30.58 47.67
C ASP F 235 -48.61 31.16 47.64
N PHE F 236 -49.62 30.34 47.92
CA PHE F 236 -51.03 30.72 47.73
C PHE F 236 -51.40 31.86 48.69
N PRO F 237 -50.99 31.83 49.98
CA PRO F 237 -51.20 32.97 50.87
C PRO F 237 -50.79 34.31 50.25
N THR F 238 -49.61 34.42 49.63
CA THR F 238 -49.20 35.69 48.98
C THR F 238 -50.15 35.99 47.82
N TRP F 239 -50.59 34.98 47.06
CA TRP F 239 -51.40 35.20 45.82
C TRP F 239 -52.75 35.84 46.17
N ARG F 240 -53.32 35.45 47.32
CA ARG F 240 -54.58 36.01 47.88
C ARG F 240 -54.54 37.54 47.87
N THR F 241 -53.38 38.13 48.11
CA THR F 241 -53.22 39.61 48.21
C THR F 241 -53.49 40.33 46.89
N PHE F 242 -53.47 39.68 45.73
CA PHE F 242 -53.72 40.37 44.43
C PHE F 242 -54.78 39.64 43.59
N LEU F 243 -55.34 38.53 44.07
CA LEU F 243 -56.41 37.81 43.31
C LEU F 243 -57.77 38.13 43.93
N ASN F 244 -58.83 37.94 43.15
CA ASN F 244 -60.22 37.92 43.67
C ASN F 244 -60.71 36.47 43.76
N SER F 245 -60.16 35.56 42.94
CA SER F 245 -60.47 34.10 43.06
C SER F 245 -59.24 33.26 42.71
N LEU F 246 -59.10 32.10 43.34
CA LEU F 246 -58.06 31.12 42.96
C LEU F 246 -58.69 30.07 42.04
N GLY F 247 -58.02 29.76 40.94
CA GLY F 247 -58.42 28.74 39.97
C GLY F 247 -57.57 27.48 40.13
N GLY F 248 -57.59 26.65 39.10
CA GLY F 248 -56.90 25.35 39.06
C GLY F 248 -57.16 24.67 37.73
N SER F 249 -56.11 24.07 37.16
CA SER F 249 -56.19 23.00 36.16
C SER F 249 -56.07 21.66 36.90
N ALA F 250 -57.02 20.77 36.68
CA ALA F 250 -57.05 19.40 37.24
C ALA F 250 -57.48 18.47 36.11
N HIS F 251 -56.52 18.10 35.26
CA HIS F 251 -56.69 17.24 34.05
C HIS F 251 -56.34 15.80 34.38
N ALA F 252 -57.28 14.90 34.19
CA ALA F 252 -57.11 13.45 34.41
C ALA F 252 -55.91 12.94 33.58
N SER F 253 -55.66 13.51 32.40
CA SER F 253 -54.59 13.03 31.48
C SER F 253 -53.22 13.65 31.80
N TRP F 254 -53.13 14.71 32.62
CA TRP F 254 -51.84 15.40 32.91
C TRP F 254 -51.43 15.28 34.39
N HIS F 255 -52.36 15.30 35.33
CA HIS F 255 -52.09 15.74 36.72
C HIS F 255 -52.26 14.61 37.73
N PHE F 256 -52.83 13.48 37.32
CA PHE F 256 -53.30 12.43 38.25
C PHE F 256 -52.43 11.18 38.13
N GLY F 257 -51.21 11.32 37.60
CA GLY F 257 -50.30 10.19 37.35
C GLY F 257 -49.99 9.41 38.62
N TYR F 258 -50.13 10.02 39.80
CA TYR F 258 -49.92 9.32 41.09
C TYR F 258 -51.06 8.37 41.40
N PHE F 259 -52.11 8.31 40.59
CA PHE F 259 -53.33 7.50 40.89
C PHE F 259 -53.71 6.66 39.70
N PRO F 260 -54.32 5.46 39.92
CA PRO F 260 -55.02 4.75 38.86
C PRO F 260 -56.33 5.52 38.54
N ARG F 261 -56.92 5.24 37.40
CA ARG F 261 -58.15 5.93 36.90
C ARG F 261 -59.30 5.74 37.91
N LYS F 262 -59.41 4.56 38.51
CA LYS F 262 -60.52 4.24 39.44
C LYS F 262 -60.41 5.15 40.68
N ALA F 263 -59.28 5.85 40.89
CA ALA F 263 -59.08 6.74 42.05
C ALA F 263 -58.96 8.20 41.63
N TYR F 264 -59.40 8.54 40.42
CA TYR F 264 -59.39 9.96 39.95
C TYR F 264 -60.39 10.77 40.77
N THR F 265 -61.35 10.10 41.44
CA THR F 265 -62.26 10.69 42.44
C THR F 265 -61.42 11.28 43.58
N VAL F 266 -60.56 10.47 44.18
CA VAL F 266 -59.66 10.86 45.29
C VAL F 266 -58.72 11.97 44.79
N ALA F 267 -58.20 11.81 43.58
CA ALA F 267 -57.26 12.75 42.97
C ALA F 267 -57.97 14.11 42.84
N MET F 268 -59.18 14.11 42.29
CA MET F 268 -59.94 15.39 42.10
C MET F 268 -60.28 15.99 43.47
N SER F 269 -60.65 15.16 44.45
CA SER F 269 -61.02 15.63 45.80
C SER F 269 -59.82 16.28 46.47
N ALA F 270 -58.65 15.66 46.37
CA ALA F 270 -57.40 16.19 46.96
C ALA F 270 -57.00 17.47 46.21
N ASN F 271 -57.15 17.50 44.90
CA ASN F 271 -56.79 18.68 44.08
C ASN F 271 -57.71 19.83 44.49
N ALA F 272 -59.00 19.55 44.67
CA ALA F 272 -60.01 20.53 45.14
C ALA F 272 -59.61 21.04 46.54
N GLU F 273 -59.24 20.14 47.44
CA GLU F 273 -58.92 20.52 48.84
C GLU F 273 -57.66 21.39 48.84
N LEU F 274 -56.70 21.06 47.98
CA LEU F 274 -55.39 21.78 47.94
C LEU F 274 -55.66 23.20 47.47
N ILE F 275 -56.47 23.38 46.41
CA ILE F 275 -56.81 24.73 45.88
C ILE F 275 -57.66 25.47 46.92
N ARG F 276 -58.67 24.80 47.49
CA ARG F 276 -59.52 25.37 48.56
C ARG F 276 -58.63 25.95 49.66
N SER F 277 -57.68 25.17 50.17
CA SER F 277 -56.76 25.60 51.24
C SER F 277 -55.96 26.84 50.77
N GLY F 278 -55.43 26.82 49.54
CA GLY F 278 -54.66 27.96 48.99
C GLY F 278 -55.53 29.20 48.90
N ALA F 279 -56.81 29.03 48.55
CA ALA F 279 -57.76 30.15 48.38
C ALA F 279 -57.93 30.90 49.71
N GLY F 280 -57.97 30.19 50.83
CA GLY F 280 -58.27 30.78 52.15
C GLY F 280 -59.59 31.52 52.14
N GLU F 281 -59.60 32.86 52.29
CA GLU F 281 -60.85 33.67 52.32
C GLU F 281 -61.41 33.89 50.91
N LEU F 282 -60.59 33.77 49.88
CA LEU F 282 -61.01 33.94 48.45
C LEU F 282 -61.89 32.77 48.04
N PRO F 283 -62.89 33.02 47.18
CA PRO F 283 -63.58 31.91 46.52
C PRO F 283 -62.61 31.25 45.53
N TRP F 284 -62.88 30.00 45.20
CA TRP F 284 -62.07 29.26 44.21
C TRP F 284 -63.01 28.54 43.23
N LEU F 285 -62.50 28.20 42.05
CA LEU F 285 -63.25 27.42 41.04
C LEU F 285 -62.22 26.64 40.21
N MET F 286 -62.64 25.55 39.57
CA MET F 286 -61.75 24.76 38.71
C MET F 286 -61.83 25.34 37.30
N THR F 287 -60.82 26.13 36.95
CA THR F 287 -60.70 26.87 35.68
C THR F 287 -60.59 25.90 34.50
N GLU F 288 -60.09 24.69 34.75
CA GLU F 288 -59.67 23.80 33.64
C GLU F 288 -59.80 22.33 34.07
N LEU F 289 -60.82 21.64 33.54
CA LEU F 289 -61.11 20.21 33.75
C LEU F 289 -61.08 19.54 32.36
N GLN F 290 -60.82 18.25 32.29
CA GLN F 290 -60.71 17.57 30.97
C GLN F 290 -62.12 17.30 30.43
N GLY F 291 -62.44 17.89 29.29
CA GLY F 291 -63.77 17.81 28.67
C GLY F 291 -63.88 16.74 27.59
N GLY F 292 -62.78 16.14 27.17
CA GLY F 292 -62.81 15.23 26.02
C GLY F 292 -61.54 14.43 25.83
N ASN F 293 -61.39 13.93 24.62
CA ASN F 293 -60.54 12.78 24.27
C ASN F 293 -59.09 13.21 24.06
N ASN F 294 -58.15 12.39 24.55
CA ASN F 294 -56.73 12.44 24.13
C ASN F 294 -56.56 11.52 22.91
N LEU F 295 -56.13 12.10 21.79
CA LEU F 295 -55.69 11.33 20.60
C LEU F 295 -54.18 11.10 20.74
N TYR F 296 -53.39 12.15 20.52
CA TYR F 296 -51.91 12.14 20.68
C TYR F 296 -51.46 12.84 21.97
N SER F 297 -52.28 13.67 22.60
CA SER F 297 -51.88 14.53 23.75
C SER F 297 -52.00 13.76 25.07
N GLY F 298 -51.49 14.35 26.15
CA GLY F 298 -51.66 13.84 27.52
C GLY F 298 -50.61 12.81 27.91
N ALA F 299 -50.31 12.70 29.20
CA ALA F 299 -49.38 11.70 29.78
C ALA F 299 -50.14 10.40 30.06
N ASN F 300 -51.36 10.48 30.61
CA ASN F 300 -52.22 9.33 30.97
C ASN F 300 -53.51 9.46 30.17
N PRO F 301 -53.49 9.18 28.85
CA PRO F 301 -54.58 9.60 27.99
C PRO F 301 -55.88 8.84 28.32
N LEU F 302 -57.01 9.54 28.18
CA LEU F 302 -58.36 8.98 28.33
C LEU F 302 -59.35 9.83 27.56
N CYS F 303 -60.57 9.30 27.44
CA CYS F 303 -61.80 10.08 27.18
C CYS F 303 -62.65 9.98 28.42
N PRO F 304 -62.85 11.07 29.19
CA PRO F 304 -63.70 10.99 30.38
C PRO F 304 -65.04 10.34 30.03
N THR F 305 -65.54 9.46 30.88
CA THR F 305 -66.93 8.94 30.78
C THR F 305 -67.90 10.03 31.24
N ALA F 306 -69.16 9.95 30.78
CA ALA F 306 -70.27 10.76 31.33
C ALA F 306 -70.22 10.70 32.86
N GLU F 307 -69.99 9.51 33.42
CA GLU F 307 -70.02 9.25 34.88
C GLU F 307 -68.91 10.08 35.54
N GLU F 308 -67.74 10.17 34.90
CA GLU F 308 -66.54 10.86 35.44
C GLU F 308 -66.81 12.37 35.45
N ILE F 309 -67.46 12.90 34.41
CA ILE F 309 -67.84 14.34 34.30
C ILE F 309 -68.71 14.70 35.51
N ILE F 310 -69.70 13.86 35.82
CA ILE F 310 -70.64 14.10 36.94
C ILE F 310 -69.86 14.01 38.26
N GLN F 311 -69.03 12.98 38.40
CA GLN F 311 -68.17 12.76 39.59
C GLN F 311 -67.33 14.02 39.84
N TRP F 312 -66.67 14.56 38.82
CA TRP F 312 -65.71 15.66 39.03
C TRP F 312 -66.45 16.95 39.41
N LEU F 313 -67.56 17.25 38.74
CA LEU F 313 -68.31 18.49 39.03
C LEU F 313 -68.81 18.44 40.48
N TRP F 314 -69.37 17.31 40.92
CA TRP F 314 -69.91 17.18 42.29
C TRP F 314 -68.79 17.25 43.33
N ILE F 315 -67.64 16.64 43.06
CA ILE F 315 -66.51 16.65 44.02
C ILE F 315 -66.08 18.09 44.22
N ASN F 316 -65.99 18.85 43.13
CA ASN F 316 -65.49 20.25 43.20
C ASN F 316 -66.52 21.09 43.96
N PHE F 317 -67.80 20.99 43.61
CA PHE F 317 -68.87 21.82 44.24
C PHE F 317 -68.96 21.46 45.72
N ALA F 318 -68.84 20.16 46.06
CA ALA F 318 -68.82 19.66 47.45
C ALA F 318 -67.65 20.25 48.22
N THR F 319 -66.62 20.70 47.49
CA THR F 319 -65.35 21.23 48.04
C THR F 319 -65.31 22.75 47.82
N GLU F 320 -66.49 23.38 47.66
CA GLU F 320 -66.73 24.86 47.69
C GLU F 320 -66.39 25.53 46.37
N ALA F 321 -66.15 24.76 45.29
CA ALA F 321 -65.83 25.38 43.99
C ALA F 321 -66.99 26.26 43.57
N LYS F 322 -66.72 27.42 42.99
CA LYS F 322 -67.76 28.34 42.46
C LYS F 322 -67.94 28.11 40.95
N GLY F 323 -67.24 27.12 40.40
CA GLY F 323 -67.29 26.87 38.95
C GLY F 323 -66.49 25.63 38.59
N GLY F 324 -66.89 24.99 37.49
CA GLY F 324 -66.11 23.98 36.76
C GLY F 324 -66.11 24.36 35.28
N ILE F 325 -64.96 24.74 34.75
CA ILE F 325 -64.77 25.08 33.31
C ILE F 325 -63.97 23.95 32.66
N PHE F 326 -64.58 23.30 31.67
CA PHE F 326 -63.98 22.20 30.88
C PHE F 326 -63.13 22.78 29.76
N TRP F 327 -61.87 22.31 29.68
CA TRP F 327 -61.07 22.36 28.45
C TRP F 327 -61.40 21.10 27.65
N SER F 328 -62.13 21.20 26.52
CA SER F 328 -62.62 22.43 25.91
C SER F 328 -64.02 22.15 25.33
N PHE F 329 -64.79 23.20 25.02
CA PHE F 329 -66.11 23.04 24.36
C PHE F 329 -65.86 22.49 22.96
N ASN F 330 -65.11 23.24 22.16
CA ASN F 330 -64.72 22.91 20.77
C ASN F 330 -63.20 22.69 20.75
N ALA F 331 -62.69 22.05 19.69
CA ALA F 331 -61.28 21.64 19.57
C ALA F 331 -60.48 22.65 18.77
N ARG F 332 -59.17 22.73 19.04
CA ARG F 332 -58.16 23.28 18.11
C ARG F 332 -58.24 22.49 16.79
N SER F 333 -57.84 23.09 15.68
CA SER F 333 -58.03 22.50 14.32
C SER F 333 -56.70 21.98 13.75
N THR F 334 -55.55 22.51 14.20
CA THR F 334 -54.24 22.25 13.56
C THR F 334 -53.20 21.80 14.59
N ALA F 335 -52.45 20.75 14.25
CA ALA F 335 -51.24 20.28 14.99
C ALA F 335 -51.65 19.90 16.42
N ALA F 336 -50.99 20.46 17.44
CA ALA F 336 -51.09 20.01 18.84
C ALA F 336 -52.55 20.06 19.30
N GLU F 337 -53.12 18.91 19.65
CA GLU F 337 -54.47 18.72 20.25
C GLU F 337 -55.56 19.04 19.23
N ALA F 338 -55.23 18.98 17.93
CA ALA F 338 -56.21 19.10 16.82
C ALA F 338 -57.32 18.05 17.01
N GLY F 339 -58.55 18.52 17.24
CA GLY F 339 -59.73 17.64 17.40
C GLY F 339 -59.68 16.83 18.67
N GLU F 340 -58.92 17.31 19.67
CA GLU F 340 -58.81 16.68 21.00
C GLU F 340 -59.49 17.56 22.05
N TRP F 341 -59.86 16.96 23.19
CA TRP F 341 -60.28 17.64 24.45
C TRP F 341 -61.74 18.12 24.38
N ALA F 342 -62.42 18.07 23.23
CA ALA F 342 -63.68 18.81 22.99
C ALA F 342 -64.87 18.06 23.61
N MET F 343 -65.82 18.81 24.19
CA MET F 343 -67.06 18.23 24.78
C MET F 343 -68.09 17.99 23.67
N ILE F 344 -68.01 18.74 22.58
CA ILE F 344 -68.84 18.53 21.36
C ILE F 344 -68.12 17.54 20.45
N ASN F 345 -68.89 16.78 19.67
CA ASN F 345 -68.39 15.83 18.65
C ASN F 345 -68.04 16.62 17.39
N PHE F 346 -67.56 15.95 16.34
CA PHE F 346 -67.05 16.64 15.11
C PHE F 346 -68.20 17.25 14.29
N LYS F 347 -69.46 16.94 14.62
CA LYS F 347 -70.67 17.57 14.02
C LYS F 347 -71.18 18.69 14.93
N ASN F 348 -70.40 19.09 15.94
CA ASN F 348 -70.68 20.26 16.81
C ASN F 348 -71.97 20.00 17.60
N LYS F 349 -72.30 18.74 17.89
CA LYS F 349 -73.42 18.33 18.76
C LYS F 349 -72.85 17.69 20.04
N SER F 350 -73.72 17.43 21.02
CA SER F 350 -73.37 17.01 22.39
C SER F 350 -72.79 15.59 22.39
N SER F 351 -71.59 15.40 22.94
CA SER F 351 -71.11 14.08 23.42
C SER F 351 -71.90 13.73 24.68
N ASP F 352 -71.77 12.51 25.17
CA ASP F 352 -72.39 12.09 26.45
C ASP F 352 -71.77 12.91 27.59
N ARG F 353 -70.61 13.55 27.36
CA ARG F 353 -69.90 14.33 28.39
C ARG F 353 -70.60 15.69 28.56
N LEU F 354 -70.99 16.32 27.46
CA LEU F 354 -71.74 17.60 27.50
C LEU F 354 -73.15 17.36 28.08
N ILE F 355 -73.83 16.29 27.67
CA ILE F 355 -75.18 15.91 28.19
C ILE F 355 -75.08 15.76 29.71
N ALA F 356 -74.06 15.05 30.21
CA ALA F 356 -73.80 14.85 31.65
C ALA F 356 -73.55 16.19 32.35
N ALA F 357 -72.66 17.03 31.83
CA ALA F 357 -72.37 18.37 32.38
C ALA F 357 -73.66 19.20 32.44
N ALA F 358 -74.52 19.08 31.43
CA ALA F 358 -75.79 19.84 31.30
C ALA F 358 -76.75 19.47 32.44
N THR F 359 -76.74 18.23 32.93
CA THR F 359 -77.61 17.80 34.04
C THR F 359 -77.17 18.49 35.33
N ILE F 360 -75.89 18.87 35.43
CA ILE F 360 -75.36 19.51 36.67
C ILE F 360 -75.71 21.00 36.61
N GLY F 361 -75.59 21.61 35.43
CA GLY F 361 -76.05 22.99 35.18
C GLY F 361 -77.53 23.12 35.51
N LYS F 362 -78.36 22.18 35.04
CA LYS F 362 -79.82 22.15 35.27
C LYS F 362 -80.09 22.02 36.77
N PHE F 363 -79.47 21.04 37.43
CA PHE F 363 -79.57 20.83 38.90
C PHE F 363 -79.30 22.14 39.66
N ILE F 364 -78.28 22.89 39.24
CA ILE F 364 -77.91 24.17 39.92
C ILE F 364 -79.08 25.16 39.77
N THR F 365 -79.63 25.32 38.57
CA THR F 365 -80.71 26.31 38.32
C THR F 365 -81.96 25.92 39.13
N GLU F 366 -82.15 24.62 39.44
CA GLU F 366 -83.31 24.09 40.19
C GLU F 366 -83.04 24.05 41.70
N ASN F 367 -81.83 24.39 42.14
CA ASN F 367 -81.44 24.31 43.58
C ASN F 367 -80.50 25.48 43.90
N VAL F 368 -80.82 26.69 43.42
CA VAL F 368 -79.89 27.86 43.47
C VAL F 368 -79.42 28.11 44.92
N LYS F 369 -80.33 28.15 45.89
CA LYS F 369 -79.98 28.60 47.27
C LYS F 369 -79.04 27.58 47.92
N MET F 370 -79.35 26.29 47.79
CA MET F 370 -78.47 25.18 48.27
C MET F 370 -77.10 25.30 47.61
N MET F 371 -77.05 25.44 46.30
CA MET F 371 -75.79 25.29 45.52
C MET F 371 -74.92 26.53 45.70
N SER F 372 -75.50 27.68 46.05
CA SER F 372 -74.80 28.99 46.14
C SER F 372 -74.08 29.13 47.48
N ASN F 373 -74.36 28.25 48.44
CA ASN F 373 -73.94 28.48 49.86
C ASN F 373 -73.21 27.24 50.39
N ILE F 374 -72.67 26.40 49.51
CA ILE F 374 -71.98 25.16 49.96
C ILE F 374 -70.76 25.55 50.79
N LYS F 375 -70.65 24.93 51.97
CA LYS F 375 -69.49 24.98 52.87
C LYS F 375 -69.14 23.51 53.16
N THR F 376 -67.90 23.14 52.91
CA THR F 376 -67.42 21.76 53.16
C THR F 376 -67.58 21.50 54.66
N LEU F 377 -68.06 20.34 55.05
CA LEU F 377 -68.11 19.92 56.48
C LEU F 377 -66.69 19.48 56.84
N ASN F 378 -65.91 20.37 57.45
CA ASN F 378 -64.54 20.07 57.94
C ASN F 378 -64.67 19.06 59.07
N SER F 379 -64.16 17.84 58.86
CA SER F 379 -64.08 16.77 59.90
C SER F 379 -63.25 17.24 61.11
N GLY F 380 -62.36 18.21 60.90
CA GLY F 380 -61.29 18.57 61.86
C GLY F 380 -59.97 17.88 61.55
N ILE F 381 -59.93 17.00 60.54
CA ILE F 381 -58.69 16.32 60.09
C ILE F 381 -58.06 17.21 59.01
N SER F 382 -56.82 17.66 59.25
CA SER F 382 -55.99 18.36 58.24
C SER F 382 -54.74 17.52 57.91
N ILE F 383 -54.61 17.11 56.65
CA ILE F 383 -53.35 16.53 56.09
C ILE F 383 -52.48 17.69 55.60
N LEU F 384 -51.32 17.88 56.20
CA LEU F 384 -50.42 19.02 55.85
C LEU F 384 -49.23 18.50 55.00
N TYR F 385 -48.88 19.25 53.97
CA TYR F 385 -47.62 19.14 53.19
C TYR F 385 -46.87 20.47 53.35
N ASN F 386 -45.56 20.51 53.08
CA ASN F 386 -44.84 21.80 53.03
C ASN F 386 -43.87 21.81 51.84
N HIS F 387 -43.65 23.01 51.31
CA HIS F 387 -42.65 23.28 50.24
C HIS F 387 -41.36 22.53 50.58
N GLU F 388 -40.90 22.65 51.83
CA GLU F 388 -39.51 22.33 52.22
C GLU F 388 -39.29 20.82 52.19
N SER F 389 -40.29 20.01 52.55
CA SER F 389 -40.19 18.54 52.43
C SER F 389 -39.99 18.16 50.96
N MET F 390 -40.69 18.83 50.06
CA MET F 390 -40.54 18.62 48.59
C MET F 390 -39.12 19.00 48.16
N TRP F 391 -38.62 20.13 48.65
CA TRP F 391 -37.29 20.68 48.24
C TRP F 391 -36.16 19.77 48.75
N VAL F 392 -36.27 19.33 50.00
CA VAL F 392 -35.26 18.42 50.59
C VAL F 392 -35.33 17.07 49.85
N GLU F 393 -36.53 16.56 49.59
CA GLU F 393 -36.69 15.29 48.83
C GLU F 393 -35.94 15.39 47.48
N ALA F 394 -36.10 16.48 46.74
CA ALA F 394 -35.49 16.68 45.40
C ALA F 394 -33.97 16.64 45.53
N ALA F 395 -33.39 17.28 46.56
CA ALA F 395 -31.94 17.29 46.82
C ALA F 395 -31.46 15.88 47.24
N GLN F 396 -32.18 15.18 48.11
CA GLN F 396 -31.75 13.88 48.67
C GLN F 396 -31.91 12.75 47.63
N THR F 397 -32.92 12.81 46.78
CA THR F 397 -33.22 11.73 45.81
C THR F 397 -32.44 12.01 44.52
N ARG F 398 -31.78 13.18 44.44
CA ARG F 398 -30.99 13.65 43.27
C ARG F 398 -31.84 13.56 41.99
N GLY F 399 -33.17 13.75 42.13
CA GLY F 399 -34.11 13.81 40.99
C GLY F 399 -34.51 12.45 40.44
N LYS F 400 -34.22 11.33 41.13
CA LYS F 400 -34.66 9.96 40.73
C LYS F 400 -36.19 9.93 40.57
N LEU F 401 -36.67 9.19 39.57
CA LEU F 401 -38.10 9.05 39.16
C LEU F 401 -38.44 7.56 39.09
N ASN F 402 -38.11 6.79 40.12
CA ASN F 402 -38.40 5.33 40.24
C ASN F 402 -39.74 5.09 40.95
N GLY F 403 -40.59 6.12 41.10
CA GLY F 403 -41.90 6.06 41.80
C GLY F 403 -41.87 5.29 43.12
N ASN F 404 -41.08 5.74 44.11
CA ASN F 404 -40.99 5.12 45.47
C ASN F 404 -40.40 6.13 46.49
N GLY F 405 -40.14 5.71 47.72
CA GLY F 405 -39.65 6.58 48.81
C GLY F 405 -38.34 7.29 48.42
N ARG F 406 -37.53 6.64 47.58
CA ARG F 406 -36.18 7.15 47.14
C ARG F 406 -36.34 7.90 45.82
N SER F 407 -37.53 8.41 45.52
CA SER F 407 -37.82 9.15 44.26
C SER F 407 -38.59 10.42 44.59
N ILE F 408 -38.52 11.38 43.69
CA ILE F 408 -39.38 12.59 43.72
C ILE F 408 -40.84 12.12 43.73
N GLY F 409 -41.62 12.62 44.67
CA GLY F 409 -43.08 12.42 44.69
C GLY F 409 -43.55 11.74 45.96
N ALA F 410 -42.66 11.11 46.73
CA ALA F 410 -43.02 10.37 47.96
C ALA F 410 -43.61 11.33 49.00
N VAL F 411 -43.08 12.54 49.14
CA VAL F 411 -43.58 13.51 50.16
C VAL F 411 -44.99 14.01 49.77
N MET F 412 -45.44 13.80 48.53
CA MET F 412 -46.83 14.11 48.14
C MET F 412 -47.67 12.83 48.09
N CYS F 413 -47.12 11.73 47.59
CA CYS F 413 -47.87 10.44 47.51
C CYS F 413 -48.27 9.97 48.90
N SER F 414 -47.45 10.28 49.91
CA SER F 414 -47.65 9.83 51.31
C SER F 414 -48.92 10.48 51.87
N PRO F 415 -49.01 11.83 51.94
CA PRO F 415 -50.24 12.47 52.41
C PRO F 415 -51.44 12.11 51.53
N LEU F 416 -51.25 11.99 50.22
CA LEU F 416 -52.34 11.60 49.28
C LEU F 416 -52.86 10.20 49.66
N SER F 417 -52.01 9.33 50.20
CA SER F 417 -52.43 7.95 50.58
C SER F 417 -53.28 7.99 51.86
N TYR F 418 -52.89 8.76 52.88
CA TYR F 418 -53.75 9.01 54.06
C TYR F 418 -55.09 9.55 53.57
N PHE F 419 -55.05 10.51 52.66
CA PHE F 419 -56.25 11.18 52.11
C PHE F 419 -57.16 10.11 51.50
N GLU F 420 -56.58 9.21 50.72
CA GLU F 420 -57.35 8.12 50.09
C GLU F 420 -57.96 7.20 51.15
N ALA F 421 -57.21 6.88 52.21
CA ALA F 421 -57.67 5.97 53.29
C ALA F 421 -58.87 6.61 53.99
N LEU F 422 -58.79 7.91 54.25
CA LEU F 422 -59.89 8.69 54.87
C LEU F 422 -61.09 8.77 53.91
N SER F 423 -60.89 8.99 52.61
CA SER F 423 -61.97 8.98 51.59
C SER F 423 -62.70 7.62 51.61
N GLU F 424 -61.95 6.52 51.75
CA GLU F 424 -62.52 5.15 51.72
C GLU F 424 -63.17 4.84 53.08
N THR F 425 -63.02 5.75 54.06
CA THR F 425 -63.73 5.71 55.37
C THR F 425 -64.93 6.68 55.35
N GLY F 426 -65.13 7.42 54.25
CA GLY F 426 -66.19 8.43 54.13
C GLY F 426 -65.93 9.69 54.95
N LEU F 427 -64.68 9.94 55.34
CA LEU F 427 -64.28 11.15 56.12
C LEU F 427 -63.66 12.21 55.20
N GLN F 428 -64.18 13.44 55.25
CA GLN F 428 -63.50 14.63 54.70
C GLN F 428 -62.16 14.79 55.44
N ALA F 429 -61.15 15.26 54.72
CA ALA F 429 -59.87 15.72 55.29
C ALA F 429 -59.44 16.93 54.47
N ASN F 430 -58.94 17.95 55.15
CA ASN F 430 -58.25 19.06 54.45
C ASN F 430 -56.94 18.55 53.88
N PHE F 431 -56.48 19.22 52.81
CA PHE F 431 -55.14 19.01 52.23
C PHE F 431 -54.53 20.39 52.08
N LYS F 432 -53.55 20.73 52.92
CA LYS F 432 -53.11 22.14 53.11
C LYS F 432 -51.59 22.22 53.15
N GLU F 433 -51.03 23.28 52.60
CA GLU F 433 -49.63 23.67 52.87
C GLU F 433 -49.58 24.13 54.33
N ILE F 434 -48.51 23.83 55.04
CA ILE F 434 -48.43 24.06 56.52
C ILE F 434 -48.67 25.55 56.83
N LYS F 435 -48.24 26.48 56.00
CA LYS F 435 -48.44 27.95 56.25
C LYS F 435 -49.92 28.34 56.08
N GLU F 436 -50.75 27.46 55.51
CA GLU F 436 -52.18 27.70 55.29
C GLU F 436 -52.98 27.20 56.50
N PHE F 437 -52.35 26.47 57.42
CA PHE F 437 -53.01 26.00 58.66
C PHE F 437 -52.93 27.11 59.71
N ASP F 438 -54.03 27.35 60.40
CA ASP F 438 -54.14 28.40 61.45
C ASP F 438 -53.65 27.81 62.79
N PHE F 439 -52.44 28.18 63.20
CA PHE F 439 -51.79 27.69 64.45
C PHE F 439 -52.01 28.67 65.61
N SER F 440 -52.88 29.67 65.46
CA SER F 440 -53.00 30.80 66.42
C SER F 440 -54.17 30.61 67.40
N LEU F 441 -54.95 29.53 67.31
CA LEU F 441 -56.13 29.28 68.19
C LEU F 441 -55.66 28.87 69.60
N ASN F 442 -56.61 28.88 70.56
CA ASN F 442 -56.38 28.57 71.99
C ASN F 442 -56.80 27.14 72.31
N ASP F 443 -57.59 26.54 71.43
CA ASP F 443 -58.19 25.20 71.64
C ASP F 443 -58.11 24.43 70.32
N TYR F 444 -57.59 23.21 70.33
CA TYR F 444 -57.57 22.29 69.16
C TYR F 444 -58.11 20.93 69.58
N THR F 445 -58.90 20.91 70.66
CA THR F 445 -59.73 19.74 71.06
C THR F 445 -60.42 19.24 69.82
N ASP F 446 -60.37 17.93 69.58
CA ASP F 446 -61.12 17.27 68.48
C ASP F 446 -60.63 17.74 67.09
N GLN F 447 -59.43 18.32 66.99
CA GLN F 447 -58.76 18.63 65.69
C GLN F 447 -57.58 17.66 65.49
N VAL F 448 -57.37 17.20 64.26
CA VAL F 448 -56.32 16.21 63.92
C VAL F 448 -55.42 16.77 62.82
N ILE F 449 -54.11 16.73 63.03
CA ILE F 449 -53.09 16.98 61.97
C ILE F 449 -52.39 15.66 61.64
N ILE F 450 -52.34 15.34 60.36
CA ILE F 450 -51.57 14.21 59.80
C ILE F 450 -50.38 14.82 59.04
N LEU F 451 -49.17 14.50 59.51
CA LEU F 451 -47.88 14.83 58.85
C LEU F 451 -47.30 13.50 58.38
N SER F 452 -47.58 13.14 57.12
CA SER F 452 -47.19 11.85 56.53
C SER F 452 -45.96 12.07 55.64
N HIS F 453 -44.80 11.59 56.10
CA HIS F 453 -43.52 11.65 55.34
C HIS F 453 -43.22 13.11 54.94
N GLN F 454 -43.50 14.06 55.85
CA GLN F 454 -43.07 15.46 55.66
C GLN F 454 -41.68 15.55 56.26
N ILE F 455 -40.69 15.21 55.43
CA ILE F 455 -39.31 14.87 55.89
C ILE F 455 -38.60 16.13 56.42
N ALA F 456 -39.05 17.34 56.08
CA ALA F 456 -38.44 18.60 56.55
C ALA F 456 -39.43 19.39 57.42
N LEU F 457 -39.04 19.63 58.67
CA LEU F 457 -39.73 20.50 59.65
C LEU F 457 -38.67 21.37 60.34
N ASP F 458 -38.89 22.68 60.46
CA ASP F 458 -37.96 23.57 61.20
C ASP F 458 -38.44 23.76 62.65
N ASN F 459 -37.65 24.48 63.43
CA ASN F 459 -37.92 24.75 64.88
C ASN F 459 -39.25 25.52 65.00
N LYS F 460 -39.45 26.55 64.17
CA LYS F 460 -40.69 27.38 64.18
C LYS F 460 -41.92 26.47 64.07
N VAL F 461 -41.96 25.56 63.11
CA VAL F 461 -43.15 24.70 62.85
C VAL F 461 -43.29 23.69 63.99
N ILE F 462 -42.19 23.16 64.52
CA ILE F 462 -42.24 22.21 65.67
C ILE F 462 -42.90 22.92 66.86
N LYS F 463 -42.54 24.18 67.13
CA LYS F 463 -43.17 25.01 68.21
C LYS F 463 -44.68 25.15 67.95
N GLN F 464 -45.07 25.46 66.71
CA GLN F 464 -46.51 25.51 66.34
C GLN F 464 -47.14 24.15 66.60
N LEU F 465 -46.46 23.05 66.28
CA LEU F 465 -47.05 21.69 66.48
C LEU F 465 -47.18 21.40 67.97
N GLU F 466 -46.23 21.88 68.78
CA GLU F 466 -46.22 21.71 70.25
C GLU F 466 -47.43 22.45 70.84
N SER F 467 -47.60 23.71 70.47
CA SER F 467 -48.78 24.53 70.85
C SER F 467 -50.07 23.78 70.47
N PHE F 468 -50.17 23.32 69.22
CA PHE F 468 -51.36 22.62 68.68
C PHE F 468 -51.71 21.42 69.55
N VAL F 469 -50.73 20.56 69.84
CA VAL F 469 -50.98 19.32 70.61
C VAL F 469 -51.30 19.68 72.07
N GLU F 470 -50.54 20.61 72.66
CA GLU F 470 -50.69 21.05 74.07
C GLU F 470 -52.15 21.43 74.30
N LYS F 471 -52.73 22.19 73.35
CA LYS F 471 -54.10 22.74 73.42
C LYS F 471 -55.12 21.73 72.90
N GLY F 472 -54.82 20.43 72.90
CA GLY F 472 -55.82 19.38 72.66
C GLY F 472 -55.71 18.71 71.30
N GLY F 473 -54.85 19.20 70.41
CA GLY F 473 -54.63 18.64 69.05
C GLY F 473 -54.18 17.18 69.10
N THR F 474 -54.62 16.36 68.14
CA THR F 474 -54.05 15.03 67.85
C THR F 474 -53.10 15.15 66.66
N LEU F 475 -51.84 14.76 66.84
CA LEU F 475 -50.81 14.73 65.75
C LEU F 475 -50.56 13.28 65.37
N ILE F 476 -50.75 12.94 64.10
CA ILE F 476 -50.34 11.63 63.51
C ILE F 476 -49.17 11.88 62.56
N ALA F 477 -48.03 11.24 62.82
CA ALA F 477 -46.77 11.37 62.04
C ALA F 477 -46.33 9.96 61.64
N ASP F 478 -46.24 9.67 60.34
CA ASP F 478 -45.61 8.44 59.82
C ASP F 478 -44.45 8.80 58.87
N GLY F 479 -43.73 7.79 58.40
CA GLY F 479 -42.59 7.95 57.49
C GLY F 479 -41.51 8.78 58.16
N LEU F 480 -40.71 9.45 57.37
CA LEU F 480 -39.50 10.18 57.81
C LEU F 480 -39.87 11.62 58.16
N THR F 481 -41.12 11.87 58.57
CA THR F 481 -41.55 13.19 59.10
C THR F 481 -40.52 13.69 60.13
N GLY F 482 -40.02 14.91 59.94
CA GLY F 482 -39.13 15.55 60.92
C GLY F 482 -37.69 15.06 60.86
N TYR F 483 -37.31 14.24 59.86
CA TYR F 483 -35.93 13.69 59.76
C TYR F 483 -34.93 14.83 59.53
N TYR F 484 -35.30 15.82 58.73
CA TYR F 484 -34.45 16.98 58.37
C TYR F 484 -35.16 18.26 58.81
N ASP F 485 -34.40 19.34 58.87
CA ASP F 485 -34.89 20.73 59.04
C ASP F 485 -34.90 21.37 57.65
N TYR F 486 -35.19 22.68 57.57
CA TYR F 486 -35.39 23.41 56.30
C TYR F 486 -34.06 23.63 55.60
N GLN F 487 -32.96 23.24 56.22
CA GLN F 487 -31.60 23.35 55.63
C GLN F 487 -31.02 21.96 55.35
N ALA F 488 -31.85 20.93 55.36
CA ALA F 488 -31.50 19.52 55.06
C ALA F 488 -30.52 18.99 56.10
N HIS F 489 -30.45 19.65 57.27
CA HIS F 489 -29.67 19.19 58.44
C HIS F 489 -30.55 18.24 59.23
N SER F 490 -30.07 17.05 59.56
CA SER F 490 -30.88 16.04 60.29
C SER F 490 -30.66 16.19 61.80
N THR F 491 -31.68 16.67 62.52
CA THR F 491 -31.63 16.80 64.00
C THR F 491 -31.72 15.39 64.58
N VAL F 492 -32.16 14.41 63.77
CA VAL F 492 -32.11 12.98 64.18
C VAL F 492 -30.66 12.61 64.51
N VAL F 493 -29.69 13.21 63.81
CA VAL F 493 -28.24 12.97 64.00
C VAL F 493 -27.69 13.90 65.08
N SER F 494 -27.98 15.21 65.05
CA SER F 494 -27.36 16.22 65.93
C SER F 494 -28.09 16.42 67.26
N GLY F 495 -29.36 15.98 67.40
CA GLY F 495 -30.19 16.23 68.60
C GLY F 495 -31.64 16.52 68.23
N PHE F 496 -32.50 15.50 68.35
CA PHE F 496 -33.82 15.42 67.67
C PHE F 496 -34.75 16.54 68.16
N ALA F 497 -35.17 17.43 67.24
CA ALA F 497 -35.97 18.63 67.56
C ALA F 497 -37.37 18.23 68.02
N LEU F 498 -37.82 17.02 67.69
CA LEU F 498 -39.20 16.54 67.98
C LEU F 498 -39.18 15.60 69.19
N GLU F 499 -38.07 15.47 69.91
CA GLU F 499 -37.99 14.57 71.09
C GLU F 499 -39.05 14.99 72.12
N ASN F 500 -39.11 16.28 72.43
CA ASN F 500 -40.05 16.83 73.43
C ASN F 500 -41.47 16.45 73.06
N LEU F 501 -41.91 16.75 71.83
CA LEU F 501 -43.30 16.51 71.38
C LEU F 501 -43.60 15.02 71.29
N PHE F 502 -42.65 14.21 70.83
CA PHE F 502 -42.88 12.76 70.55
C PHE F 502 -42.67 11.94 71.83
N GLY F 503 -41.98 12.49 72.83
CA GLY F 503 -41.66 11.79 74.08
C GLY F 503 -40.88 10.52 73.78
N SER F 504 -40.01 10.59 72.79
CA SER F 504 -39.27 9.44 72.22
C SER F 504 -38.18 9.96 71.28
N TYR F 505 -37.34 9.04 70.82
CA TYR F 505 -36.11 9.33 70.04
C TYR F 505 -35.98 8.22 69.00
N PRO F 506 -35.63 8.54 67.74
CA PRO F 506 -35.36 7.52 66.75
C PRO F 506 -34.11 6.73 67.16
N ILE F 507 -34.10 5.43 66.88
CA ILE F 507 -32.91 4.54 67.08
C ILE F 507 -32.28 4.28 65.69
N GLU F 508 -33.00 3.63 64.78
CA GLU F 508 -32.48 3.24 63.43
C GLU F 508 -33.61 3.27 62.40
N TYR F 509 -33.23 3.52 61.15
CA TYR F 509 -33.99 3.13 59.94
C TYR F 509 -33.19 2.01 59.29
N LYS F 510 -33.88 0.97 58.87
CA LYS F 510 -33.29 -0.14 58.12
C LYS F 510 -34.14 -0.33 56.87
N ILE F 511 -33.51 -0.24 55.72
CA ILE F 511 -34.19 -0.45 54.43
C ILE F 511 -34.65 -1.91 54.36
N LYS F 512 -35.85 -2.15 53.85
CA LYS F 512 -36.45 -3.49 53.64
C LYS F 512 -36.90 -3.57 52.16
N GLU F 513 -37.78 -4.49 51.80
CA GLU F 513 -38.36 -4.54 50.43
C GLU F 513 -39.28 -3.32 50.21
N ASN F 514 -39.76 -3.11 48.98
CA ASN F 514 -40.72 -2.01 48.68
C ASN F 514 -41.99 -2.21 49.52
N LEU F 515 -42.33 -3.46 49.84
CA LEU F 515 -43.51 -3.79 50.69
C LEU F 515 -43.09 -4.77 51.77
N PHE F 516 -43.24 -4.39 53.04
CA PHE F 516 -43.11 -5.32 54.20
C PHE F 516 -44.29 -5.07 55.14
N SER F 517 -44.38 -5.87 56.19
CA SER F 517 -45.48 -5.84 57.19
C SER F 517 -44.92 -5.37 58.53
N LEU F 518 -45.53 -4.36 59.16
CA LEU F 518 -45.30 -4.07 60.60
C LEU F 518 -46.39 -4.82 61.37
N ASP F 519 -46.02 -5.88 62.08
CA ASP F 519 -46.95 -6.74 62.85
C ASP F 519 -46.88 -6.32 64.33
N PHE F 520 -47.89 -5.61 64.81
CA PHE F 520 -47.98 -5.14 66.23
C PHE F 520 -48.12 -6.35 67.16
N GLU F 521 -47.47 -6.30 68.33
CA GLU F 521 -47.35 -7.46 69.26
C GLU F 521 -48.74 -7.81 69.81
N LYS F 522 -49.54 -6.79 70.15
CA LYS F 522 -50.82 -6.94 70.91
C LYS F 522 -52.03 -6.76 69.98
N ASP F 523 -52.19 -5.56 69.40
CA ASP F 523 -53.48 -4.96 68.94
C ASP F 523 -53.98 -5.65 67.67
N ASN F 524 -53.16 -6.52 67.06
CA ASN F 524 -53.46 -7.28 65.83
C ASN F 524 -53.74 -6.34 64.63
N TYR F 525 -53.03 -5.21 64.55
CA TYR F 525 -52.71 -4.47 63.30
C TYR F 525 -51.52 -5.16 62.62
N LYS F 526 -51.69 -5.46 61.33
CA LYS F 526 -50.59 -5.81 60.41
C LYS F 526 -50.63 -4.75 59.31
N LEU F 527 -49.81 -3.71 59.48
CA LEU F 527 -49.78 -2.53 58.58
C LEU F 527 -48.79 -2.78 57.47
N PRO F 528 -49.22 -2.64 56.19
CA PRO F 528 -48.28 -2.54 55.09
C PRO F 528 -47.38 -1.32 55.32
N ALA F 529 -46.08 -1.48 55.08
CA ALA F 529 -45.05 -0.43 55.20
C ALA F 529 -44.15 -0.49 53.98
N HIS F 530 -43.63 0.67 53.59
CA HIS F 530 -42.83 0.85 52.36
C HIS F 530 -41.39 1.17 52.75
N LEU F 531 -40.46 0.31 52.32
CA LEU F 531 -39.03 0.64 52.07
C LEU F 531 -38.22 0.63 53.37
N TRP F 532 -38.58 1.44 54.37
CA TRP F 532 -37.76 1.64 55.60
C TRP F 532 -38.56 1.24 56.85
N LYS F 533 -37.95 0.44 57.73
CA LYS F 533 -38.44 0.19 59.10
C LYS F 533 -37.73 1.14 60.07
N GLY F 534 -38.49 1.99 60.73
CA GLY F 534 -38.01 2.88 61.81
C GLY F 534 -38.25 2.22 63.16
N THR F 535 -37.25 2.32 64.03
CA THR F 535 -37.31 1.87 65.44
C THR F 535 -36.95 3.08 66.31
N ILE F 536 -37.50 3.10 67.52
CA ILE F 536 -37.56 4.28 68.43
C ILE F 536 -37.29 3.79 69.85
N GLU F 537 -36.94 4.73 70.71
CA GLU F 537 -36.84 4.54 72.17
C GLU F 537 -37.74 5.58 72.82
N THR F 538 -38.70 5.13 73.64
CA THR F 538 -39.65 5.99 74.37
C THR F 538 -39.01 6.47 75.67
N SER F 539 -39.27 7.73 76.04
CA SER F 539 -39.09 8.25 77.43
C SER F 539 -40.49 8.47 78.02
N LYS F 540 -41.12 9.61 77.70
CA LYS F 540 -42.47 9.97 78.20
C LYS F 540 -43.57 9.17 77.47
N ALA F 541 -43.36 8.77 76.22
CA ALA F 541 -44.41 8.11 75.39
C ALA F 541 -44.60 6.65 75.82
N THR F 542 -45.77 6.09 75.51
CA THR F 542 -46.08 4.65 75.61
C THR F 542 -45.55 3.95 74.37
N PRO F 543 -44.62 2.98 74.51
CA PRO F 543 -44.09 2.28 73.36
C PRO F 543 -45.12 1.28 72.79
N ILE F 544 -45.14 1.13 71.46
CA ILE F 544 -45.88 0.06 70.76
C ILE F 544 -44.83 -0.84 70.11
N MET F 545 -44.85 -2.12 70.49
CA MET F 545 -43.83 -3.13 70.09
C MET F 545 -44.41 -3.97 68.96
N ASP F 546 -43.56 -4.56 68.14
CA ASP F 546 -43.96 -5.47 67.03
C ASP F 546 -43.63 -6.90 67.46
N LYS F 547 -44.02 -7.89 66.66
CA LYS F 547 -43.84 -9.35 66.94
C LYS F 547 -42.34 -9.68 67.09
N GLU F 548 -41.43 -8.86 66.54
CA GLU F 548 -39.97 -9.10 66.62
C GLU F 548 -39.39 -8.43 67.88
N GLY F 549 -40.23 -7.85 68.74
CA GLY F 549 -39.79 -7.24 70.01
C GLY F 549 -39.09 -5.91 69.81
N GLU F 550 -39.34 -5.22 68.69
CA GLU F 550 -38.77 -3.88 68.40
C GLU F 550 -39.86 -2.83 68.59
N CYS F 551 -39.49 -1.66 69.10
CA CYS F 551 -40.41 -0.52 69.30
C CYS F 551 -40.55 0.25 67.98
N ILE F 552 -41.75 0.19 67.37
CA ILE F 552 -41.99 0.68 65.98
C ILE F 552 -42.92 1.90 66.01
N ALA F 553 -43.48 2.25 67.17
CA ALA F 553 -44.45 3.36 67.29
C ALA F 553 -44.57 3.77 68.76
N CYS F 554 -45.25 4.88 69.00
CA CYS F 554 -45.57 5.33 70.36
C CYS F 554 -46.77 6.29 70.34
N ILE F 555 -47.44 6.39 71.49
CA ILE F 555 -48.46 7.43 71.79
C ILE F 555 -47.92 8.29 72.93
N ASN F 556 -47.75 9.58 72.69
CA ASN F 556 -47.29 10.54 73.70
C ASN F 556 -48.48 11.39 74.10
N GLN F 557 -48.79 11.46 75.38
CA GLN F 557 -49.76 12.44 75.93
C GLN F 557 -48.95 13.70 76.15
N TYR F 558 -49.31 14.79 75.46
CA TYR F 558 -48.60 16.08 75.54
C TYR F 558 -49.64 17.17 75.81
N GLY F 559 -49.60 17.78 77.01
CA GLY F 559 -50.69 18.64 77.52
C GLY F 559 -52.03 17.93 77.36
N LYS F 560 -53.01 18.56 76.71
CA LYS F 560 -54.37 18.00 76.52
C LYS F 560 -54.44 17.12 75.26
N GLY F 561 -53.41 17.16 74.40
CA GLY F 561 -53.42 16.44 73.11
C GLY F 561 -52.60 15.16 73.13
N LYS F 562 -52.62 14.44 72.02
CA LYS F 562 -51.85 13.17 71.88
C LYS F 562 -51.07 13.20 70.56
N VAL F 563 -49.96 12.46 70.54
CA VAL F 563 -49.12 12.24 69.33
C VAL F 563 -49.09 10.74 69.11
N PHE F 564 -49.48 10.28 67.92
CA PHE F 564 -49.14 8.94 67.40
C PHE F 564 -47.97 9.09 66.42
N TRP F 565 -46.84 8.45 66.72
CA TRP F 565 -45.63 8.46 65.87
C TRP F 565 -45.30 7.04 65.44
N ILE F 566 -45.24 6.81 64.13
CA ILE F 566 -44.78 5.53 63.53
C ILE F 566 -43.83 5.85 62.38
N PRO F 567 -42.50 5.90 62.63
CA PRO F 567 -41.54 6.39 61.62
C PRO F 567 -41.26 5.44 60.43
N SER F 568 -42.05 4.39 60.24
CA SER F 568 -42.10 3.61 58.98
C SER F 568 -43.17 4.24 58.07
N PRO F 569 -42.96 4.28 56.74
CA PRO F 569 -43.98 4.83 55.85
C PRO F 569 -45.15 3.87 55.66
N ILE F 570 -46.19 4.01 56.49
CA ILE F 570 -47.40 3.12 56.44
C ILE F 570 -48.39 3.68 55.41
N ALA F 571 -48.43 4.99 55.17
CA ALA F 571 -49.24 5.54 54.06
C ALA F 571 -48.66 5.05 52.74
N LEU F 572 -47.36 5.17 52.53
CA LEU F 572 -46.73 4.65 51.27
C LEU F 572 -46.86 3.12 51.23
N GLY F 573 -46.87 2.45 52.38
CA GLY F 573 -47.15 1.01 52.48
C GLY F 573 -48.53 0.68 51.94
N ALA F 574 -49.54 1.41 52.37
CA ALA F 574 -50.94 1.27 51.87
C ALA F 574 -50.96 1.47 50.35
N ARG F 575 -50.28 2.51 49.86
CA ARG F 575 -50.18 2.79 48.40
C ARG F 575 -49.55 1.60 47.68
N GLU F 576 -48.41 1.12 48.17
CA GLU F 576 -47.64 0.04 47.50
C GLU F 576 -48.48 -1.24 47.48
N SER F 577 -49.22 -1.54 48.56
CA SER F 577 -50.01 -2.78 48.68
C SER F 577 -51.36 -2.61 47.98
N LYS F 578 -51.71 -1.39 47.53
CA LYS F 578 -53.03 -1.07 46.93
C LYS F 578 -54.15 -1.46 47.91
N ASP F 579 -53.91 -1.27 49.21
CA ASP F 579 -54.86 -1.64 50.29
C ASP F 579 -54.74 -0.59 51.41
N PHE F 580 -55.78 0.22 51.60
CA PHE F 580 -55.81 1.35 52.58
C PHE F 580 -56.61 0.94 53.82
N SER F 581 -57.05 -0.33 53.91
CA SER F 581 -58.04 -0.79 54.93
C SER F 581 -57.39 -0.72 56.32
N GLU F 582 -56.16 -1.19 56.47
CA GLU F 582 -55.48 -1.16 57.79
C GLU F 582 -55.19 0.30 58.17
N LEU F 583 -54.78 1.15 57.23
CA LEU F 583 -54.47 2.58 57.50
C LEU F 583 -55.75 3.28 57.95
N SER F 584 -56.88 2.97 57.31
CA SER F 584 -58.24 3.43 57.70
C SER F 584 -58.54 3.06 59.17
N LYS F 585 -58.48 1.77 59.50
CA LYS F 585 -58.82 1.25 60.86
C LYS F 585 -57.92 1.89 61.91
N LEU F 586 -56.61 1.96 61.65
CA LEU F 586 -55.62 2.54 62.61
C LEU F 586 -55.96 4.02 62.84
N THR F 587 -56.17 4.78 61.77
CA THR F 587 -56.45 6.23 61.83
C THR F 587 -57.77 6.46 62.59
N VAL F 588 -58.82 5.70 62.28
CA VAL F 588 -60.16 5.81 62.95
C VAL F 588 -59.96 5.65 64.46
N SER F 589 -59.19 4.65 64.90
CA SER F 589 -58.96 4.33 66.33
C SER F 589 -58.20 5.47 67.03
N LEU F 590 -57.57 6.39 66.28
CA LEU F 590 -56.78 7.50 66.86
C LEU F 590 -57.57 8.81 66.85
N LEU F 591 -58.68 8.87 66.12
CA LEU F 591 -59.50 10.10 65.98
C LEU F 591 -60.23 10.37 67.29
N PRO F 592 -60.37 11.64 67.71
CA PRO F 592 -61.26 11.97 68.83
C PRO F 592 -62.70 11.56 68.51
N ASN F 593 -63.42 11.05 69.52
CA ASN F 593 -64.81 10.53 69.41
C ASN F 593 -65.70 11.59 68.76
N LYS F 594 -65.51 12.88 69.09
CA LYS F 594 -66.35 13.99 68.56
C LYS F 594 -66.41 13.94 67.03
N ILE F 595 -65.28 13.64 66.36
CA ILE F 595 -65.21 13.63 64.88
C ILE F 595 -66.10 12.49 64.37
N LEU F 596 -66.01 11.30 64.95
CA LEU F 596 -66.81 10.12 64.53
C LEU F 596 -68.29 10.32 64.87
N ASN F 597 -68.63 11.02 65.95
CA ASN F 597 -70.04 11.22 66.38
C ASN F 597 -70.71 12.30 65.54
N ASP F 598 -70.01 13.39 65.19
CA ASP F 598 -70.58 14.60 64.54
C ASP F 598 -70.51 14.51 63.01
N ASN F 599 -69.70 13.61 62.43
CA ASN F 599 -69.45 13.58 60.97
C ASN F 599 -70.03 12.31 60.37
N PRO F 600 -70.88 12.41 59.33
CA PRO F 600 -71.25 11.24 58.54
C PRO F 600 -69.97 10.64 57.95
N HIS F 601 -69.85 9.32 58.09
CA HIS F 601 -68.73 8.48 57.60
C HIS F 601 -69.26 7.05 57.45
N PHE F 602 -68.43 6.15 56.95
CA PHE F 602 -68.80 4.72 56.73
C PHE F 602 -68.60 3.97 58.06
N ASP F 603 -69.44 2.96 58.31
CA ASP F 603 -69.38 2.13 59.55
C ASP F 603 -68.09 1.33 59.51
N LYS F 604 -67.54 1.11 58.32
CA LYS F 604 -66.26 0.40 58.09
C LYS F 604 -65.59 0.98 56.83
N HIS F 605 -64.37 0.52 56.55
CA HIS F 605 -63.61 0.85 55.31
C HIS F 605 -64.32 0.19 54.10
N TYR F 606 -64.52 0.94 53.03
CA TYR F 606 -65.04 0.46 51.72
C TYR F 606 -64.01 0.78 50.63
N LYS F 607 -63.40 -0.26 50.08
CA LYS F 607 -62.44 -0.15 48.95
C LYS F 607 -63.18 0.50 47.78
N ASP F 608 -62.61 1.56 47.21
CA ASP F 608 -63.04 2.20 45.94
C ASP F 608 -64.42 2.85 46.10
N VAL F 609 -64.73 3.34 47.29
CA VAL F 609 -65.91 4.20 47.54
C VAL F 609 -65.42 5.46 48.24
N MET F 610 -65.96 6.61 47.87
CA MET F 610 -65.65 7.87 48.59
C MET F 610 -66.94 8.49 49.10
N MET F 611 -66.83 9.17 50.23
CA MET F 611 -67.86 10.12 50.68
C MET F 611 -67.16 11.33 51.30
N LYS F 612 -67.72 12.50 51.01
CA LYS F 612 -67.37 13.79 51.62
C LYS F 612 -68.69 14.49 51.95
N SER F 613 -68.76 15.24 53.04
CA SER F 613 -70.01 15.92 53.44
C SER F 613 -69.81 17.44 53.34
N PHE F 614 -70.91 18.14 53.10
CA PHE F 614 -70.96 19.62 53.06
C PHE F 614 -72.27 20.10 53.69
N LYS F 615 -72.31 21.39 54.00
CA LYS F 615 -73.46 22.10 54.59
C LYS F 615 -73.82 23.22 53.62
N SER F 616 -75.09 23.61 53.58
CA SER F 616 -75.61 24.81 52.88
C SER F 616 -76.80 25.35 53.67
N ASN F 617 -76.65 26.54 54.24
CA ASN F 617 -77.63 27.20 55.13
C ASN F 617 -78.26 26.20 56.10
N GLY F 618 -77.47 25.62 57.02
CA GLY F 618 -77.98 24.79 58.13
C GLY F 618 -78.31 23.35 57.78
N THR F 619 -78.44 23.02 56.50
CA THR F 619 -78.71 21.64 56.03
C THR F 619 -77.38 20.95 55.70
N MET F 620 -77.21 19.73 56.16
CA MET F 620 -76.04 18.86 55.87
C MET F 620 -76.35 17.94 54.68
N TYR F 621 -75.37 17.76 53.81
CA TYR F 621 -75.42 16.83 52.65
C TYR F 621 -74.18 15.93 52.66
N SER F 622 -74.26 14.82 51.92
CA SER F 622 -73.14 13.91 51.68
C SER F 622 -73.05 13.58 50.19
N LEU F 623 -71.82 13.53 49.69
CA LEU F 623 -71.48 13.12 48.30
C LEU F 623 -70.89 11.71 48.42
N ILE F 624 -71.47 10.75 47.70
CA ILE F 624 -71.03 9.34 47.72
C ILE F 624 -70.77 8.97 46.27
N ILE F 625 -69.60 8.39 46.01
CA ILE F 625 -69.24 7.87 44.68
C ILE F 625 -68.70 6.46 44.86
N ASN F 626 -69.20 5.55 44.04
CA ASN F 626 -68.79 4.13 44.00
C ASN F 626 -67.91 3.96 42.76
N LYS F 627 -66.63 3.61 42.96
CA LYS F 627 -65.63 3.40 41.88
C LYS F 627 -65.26 1.91 41.83
N SER F 628 -65.92 1.04 42.62
CA SER F 628 -65.74 -0.43 42.56
C SER F 628 -66.47 -0.99 41.34
N ALA F 629 -66.22 -2.25 41.03
CA ALA F 629 -66.83 -2.98 39.89
C ALA F 629 -68.23 -3.48 40.24
N SER F 630 -68.68 -3.33 41.49
CA SER F 630 -69.94 -3.97 41.94
C SER F 630 -70.77 -3.00 42.79
N VAL F 631 -72.08 -3.26 42.85
CA VAL F 631 -73.06 -2.50 43.68
C VAL F 631 -72.59 -2.59 45.12
N GLN F 632 -72.57 -1.48 45.84
CA GLN F 632 -72.16 -1.44 47.26
C GLN F 632 -73.36 -0.96 48.07
N THR F 633 -73.51 -1.53 49.26
CA THR F 633 -74.43 -1.04 50.31
C THR F 633 -73.56 -0.45 51.40
N VAL F 634 -73.56 0.88 51.50
CA VAL F 634 -72.68 1.59 52.48
C VAL F 634 -73.56 2.02 53.64
N ASP F 635 -73.18 1.61 54.85
CA ASP F 635 -73.82 2.02 56.12
C ASP F 635 -73.17 3.33 56.54
N ILE F 636 -73.91 4.43 56.42
CA ILE F 636 -73.48 5.78 56.86
C ILE F 636 -73.90 5.96 58.32
N VAL F 637 -72.96 6.39 59.16
CA VAL F 637 -73.15 6.61 60.63
C VAL F 637 -72.46 7.92 60.99
N GLY F 638 -72.79 8.47 62.15
CA GLY F 638 -72.35 9.80 62.61
C GLY F 638 -73.23 10.91 62.06
N GLY F 639 -73.15 12.08 62.67
CA GLY F 639 -74.11 13.20 62.53
C GLY F 639 -75.51 12.79 62.91
N LYS F 640 -76.49 13.55 62.42
CA LYS F 640 -77.95 13.32 62.68
C LYS F 640 -78.70 13.49 61.37
N GLY F 641 -79.79 12.74 61.21
CA GLY F 641 -80.75 12.93 60.11
C GLY F 641 -81.01 11.64 59.36
N LYS F 642 -82.07 11.63 58.55
CA LYS F 642 -82.45 10.51 57.67
C LYS F 642 -81.99 10.86 56.26
N ALA F 643 -81.44 9.87 55.55
CA ALA F 643 -81.00 10.00 54.13
C ALA F 643 -82.21 10.24 53.25
N PHE F 644 -82.22 11.35 52.52
CA PHE F 644 -83.06 11.57 51.33
C PHE F 644 -82.13 11.76 50.12
N ILE F 645 -82.32 10.96 49.08
CA ILE F 645 -81.51 11.05 47.82
C ILE F 645 -82.00 12.23 46.99
N LEU F 646 -81.18 13.29 46.93
CA LEU F 646 -81.43 14.55 46.17
C LEU F 646 -80.91 14.42 44.73
N PHE F 647 -79.82 13.66 44.53
CA PHE F 647 -79.16 13.43 43.22
C PHE F 647 -78.62 12.01 43.16
N ALA F 648 -78.91 11.32 42.06
CA ALA F 648 -78.43 9.94 41.77
C ALA F 648 -78.60 9.68 40.28
N ASN F 649 -77.53 9.35 39.57
CA ASN F 649 -77.58 9.19 38.09
C ASN F 649 -77.81 7.72 37.74
N LYS F 650 -77.92 6.80 38.71
CA LYS F 650 -78.19 5.34 38.39
C LYS F 650 -79.16 4.73 39.40
N ASN F 651 -80.21 5.47 39.80
CA ASN F 651 -81.33 4.95 40.65
C ASN F 651 -80.80 4.35 41.97
N ALA F 652 -79.80 4.97 42.61
CA ALA F 652 -79.45 4.69 44.02
C ALA F 652 -80.72 4.66 44.86
N HIS F 653 -80.76 3.85 45.92
CA HIS F 653 -81.86 3.83 46.91
C HIS F 653 -81.25 3.67 48.30
N SER F 654 -81.96 4.13 49.33
CA SER F 654 -81.54 4.03 50.74
C SER F 654 -82.64 3.35 51.58
N THR F 655 -82.25 2.53 52.53
CA THR F 655 -83.10 1.98 53.62
C THR F 655 -82.47 2.46 54.91
N ALA F 656 -83.17 3.29 55.68
CA ALA F 656 -82.59 4.02 56.84
C ALA F 656 -81.34 4.73 56.27
N ASN F 657 -80.17 4.48 56.86
CA ASN F 657 -78.92 5.16 56.47
C ASN F 657 -77.97 4.16 55.80
N LYS F 658 -78.52 3.13 55.14
CA LYS F 658 -77.81 2.20 54.24
C LYS F 658 -78.05 2.63 52.79
N LEU F 659 -77.02 3.12 52.10
CA LEU F 659 -77.12 3.56 50.67
C LEU F 659 -76.69 2.42 49.74
N THR F 660 -77.55 2.02 48.83
CA THR F 660 -77.21 1.11 47.70
C THR F 660 -76.87 2.00 46.50
N ILE F 661 -75.63 1.87 46.02
CA ILE F 661 -75.02 2.77 45.00
C ILE F 661 -74.33 1.90 43.96
N SER F 662 -74.61 2.15 42.70
CA SER F 662 -74.11 1.34 41.55
C SER F 662 -72.70 1.79 41.16
N PRO F 663 -71.94 0.93 40.44
CA PRO F 663 -70.63 1.30 39.93
C PRO F 663 -70.68 2.61 39.15
N GLU F 664 -69.82 3.58 39.49
CA GLU F 664 -69.60 4.85 38.75
C GLU F 664 -70.73 5.86 39.05
N GLU F 665 -71.67 5.50 39.93
CA GLU F 665 -72.79 6.38 40.31
C GLU F 665 -72.28 7.45 41.27
N THR F 666 -72.75 8.68 41.08
CA THR F 666 -72.62 9.81 42.03
C THR F 666 -73.96 10.04 42.75
N VAL F 667 -73.95 10.12 44.07
CA VAL F 667 -75.16 10.34 44.90
C VAL F 667 -74.94 11.57 45.79
N ILE F 668 -75.89 12.49 45.81
CA ILE F 668 -76.03 13.51 46.87
C ILE F 668 -77.19 13.11 47.78
N ILE F 669 -76.89 12.85 49.05
CA ILE F 669 -77.87 12.70 50.16
C ILE F 669 -78.06 14.05 50.85
N LYS F 670 -79.31 14.44 51.02
CA LYS F 670 -79.76 15.53 51.94
C LYS F 670 -80.15 14.86 53.26
N TRP F 671 -79.59 15.32 54.37
CA TRP F 671 -79.90 14.79 55.72
C TRP F 671 -81.08 15.58 56.29
N LYS F 672 -82.24 14.94 56.41
CA LYS F 672 -83.52 15.56 56.88
C LYS F 672 -83.55 15.48 58.41
N ASN F 673 -83.77 16.62 59.09
CA ASN F 673 -83.65 16.85 60.56
C ASN F 673 -82.22 17.36 60.83
C1 EDO G . 14.50 -12.01 -40.41
O1 EDO G . 14.16 -12.05 -39.05
C2 EDO G . 15.37 -10.87 -40.78
O2 EDO G . 16.44 -10.64 -39.94
H11 EDO G . 13.67 -11.97 -40.94
H12 EDO G . 14.97 -12.84 -40.63
HO1 EDO G . 13.60 -12.63 -38.92
H21 EDO G . 14.81 -10.06 -40.82
H22 EDO G . 15.71 -11.04 -41.68
HO2 EDO G . 17.11 -11.10 -40.20
C1 EDO H . 30.43 -7.46 -51.70
O1 EDO H . 29.08 -7.31 -51.26
C2 EDO H . 30.76 -8.85 -52.10
O2 EDO H . 29.81 -9.52 -52.97
H11 EDO H . 31.02 -7.18 -50.96
H12 EDO H . 30.59 -6.86 -52.46
HO1 EDO H . 28.97 -6.49 -51.08
H21 EDO H . 30.87 -9.38 -51.29
H22 EDO H . 31.64 -8.83 -52.54
HO2 EDO H . 29.15 -9.01 -53.12
N1 VKH I . 32.24 -10.80 -53.87
C2 VKH I . 32.60 -10.71 -56.80
C4 VKH I . 34.33 -12.17 -55.52
C5 VKH I . 33.12 -12.96 -54.94
C6 VKH I . 33.41 -13.66 -53.61
O2 VKH I . 32.84 -9.52 -56.02
C7 VKH I . 31.94 -11.99 -54.74
O6 VKH I . 33.93 -12.66 -52.68
O4 VKH I . 35.33 -13.12 -55.84
C3 VKH I . 33.99 -11.35 -56.79
O3 VKH I . 34.96 -10.26 -56.96
C1 VKH I . 31.42 -11.42 -56.08
H1 VKH I . 31.41 -10.20 -53.88
H4 VKH I . 32.31 -10.45 -57.83
H5 VKH I . 34.72 -11.49 -54.76
H6 VKH I . 32.82 -13.71 -55.67
H7 VKH I . 34.14 -14.45 -53.77
H8 VKH I . 32.49 -14.10 -53.24
H9 VKH I . 33.44 -8.94 -56.49
H10 VKH I . 31.12 -12.55 -54.27
H11 VKH I . 34.10 -13.12 -51.84
H12 VKH I . 35.55 -13.64 -55.04
H13 VKH I . 34.05 -12.02 -57.65
H14 VKH I . 35.86 -10.60 -56.94
H15 VKH I . 30.69 -10.65 -55.84
H2 VKH I . 32.43 -11.12 -52.91
H3 VKH I . 33.05 -10.27 -54.23
CL CL J . 33.25 -10.62 -62.88
C1 EDO K . -27.64 -0.24 8.38
O1 EDO K . -27.63 -0.65 7.01
C2 EDO K . -27.84 1.21 8.58
O2 EDO K . -29.20 1.58 8.48
H11 EDO K . -26.80 -0.51 8.81
H12 EDO K . -28.38 -0.71 8.84
HO1 EDO K . -27.50 -1.46 7.00
H21 EDO K . -27.33 1.70 7.90
H22 EDO K . -27.49 1.47 9.46
HO2 EDO K . -29.60 1.33 9.18
C1 EDO L . -20.84 5.63 12.95
O1 EDO L . -20.31 4.33 13.22
C2 EDO L . -21.26 5.85 11.52
O2 EDO L . -22.11 4.83 10.98
H11 EDO L . -20.17 6.30 13.19
H12 EDO L . -21.63 5.78 13.52
HO1 EDO L . -20.11 4.33 14.04
H21 EDO L . -20.45 5.90 10.97
H22 EDO L . -21.72 6.71 11.46
HO2 EDO L . -22.63 4.55 11.58
C1 EDO M . -47.34 0.60 16.93
O1 EDO M . -48.39 -0.25 16.48
C2 EDO M . -46.15 0.82 16.04
O2 EDO M . -45.17 1.66 16.64
H11 EDO M . -47.01 0.25 17.78
H12 EDO M . -47.72 1.49 17.10
HO1 EDO M . -49.00 -0.28 17.06
H21 EDO M . -46.46 1.21 15.20
H22 EDO M . -45.75 -0.06 15.85
HO2 EDO M . -45.51 2.43 16.78
N1 VKH N . -24.67 -0.99 7.36
C2 VKH N . -22.92 -1.19 4.77
C4 VKH N . -22.11 -2.00 7.14
C5 VKH N . -23.26 -3.01 6.91
C6 VKH N . -23.62 -3.94 8.06
O2 VKH N . -23.17 0.16 4.45
C7 VKH N . -24.47 -2.19 6.51
O6 VKH N . -23.65 -3.13 9.24
O4 VKH N . -20.92 -2.66 7.62
C3 VKH N . -21.80 -1.21 5.85
O3 VKH N . -21.35 0.14 6.15
C1 VKH N . -24.31 -1.77 5.06
H1 VKH N . -25.58 -0.57 7.11
H4 VKH N . -22.52 -1.70 3.89
H5 VKH N . -22.40 -1.28 7.92
H6 VKH N . -22.98 -3.64 6.06
H7 VKH N . -22.86 -4.72 8.15
H8 VKH N . -24.59 -4.41 7.88
H9 VKH N . -23.40 0.65 5.25
H10 VKH N . -25.37 -2.83 6.59
H11 VKH N . -23.88 -3.68 10.01
H12 VKH N . -21.11 -3.16 8.42
H13 VKH N . -20.96 -1.72 5.40
H14 VKH N . -20.68 0.12 6.82
H15 VKH N . -25.04 -0.99 4.85
H2 VKH N . -24.66 -1.25 8.35
H3 VKH N . -23.94 -0.28 7.19
CL CL O . -19.90 -0.15 0.01
C1 EDO P . 57.48 -6.11 -23.89
O1 EDO P . 58.43 -7.01 -23.30
C2 EDO P . 57.47 -6.14 -25.38
O2 EDO P . 57.40 -7.45 -25.93
H11 EDO P . 57.66 -5.20 -23.60
H12 EDO P . 56.58 -6.36 -23.58
HO1 EDO P . 58.37 -6.97 -22.44
H21 EDO P . 58.29 -5.70 -25.71
H22 EDO P . 56.71 -5.62 -25.70
HO2 EDO P . 58.10 -7.88 -25.70
C1 EDO Q . 44.92 -16.61 -31.78
O1 EDO Q . 43.90 -16.21 -30.87
C2 EDO Q . 44.47 -17.13 -33.13
O2 EDO Q . 44.06 -18.50 -33.16
H11 EDO Q . 45.45 -17.32 -31.35
H12 EDO Q . 45.52 -15.85 -31.93
HO1 EDO Q . 44.27 -15.95 -30.15
H21 EDO Q . 45.21 -17.02 -33.76
H22 EDO Q . 43.74 -16.57 -33.45
HO2 EDO Q . 43.56 -18.66 -32.50
C1 EDO R . 56.27 2.60 -25.51
O1 EDO R . 57.18 3.19 -26.42
C2 EDO R . 55.73 3.59 -24.53
O2 EDO R . 55.22 4.78 -25.12
H11 EDO R . 56.72 1.88 -25.02
H12 EDO R . 55.52 2.22 -26.01
HO1 EDO R . 57.43 2.59 -26.95
H21 EDO R . 56.44 3.83 -23.90
H22 EDO R . 55.01 3.17 -24.02
HO2 EDO R . 55.19 4.69 -25.96
C1 EDO S . 48.71 -23.62 -27.01
O1 EDO S . 47.80 -24.65 -27.21
C2 EDO S . 48.51 -22.57 -27.98
O2 EDO S . 47.82 -21.45 -27.44
H11 EDO S . 49.63 -23.98 -27.11
H12 EDO S . 48.61 -23.27 -26.10
HO1 EDO S . 47.93 -25.26 -26.68
H21 EDO S . 48.00 -22.93 -28.74
H22 EDO S . 49.38 -22.28 -28.32
HO2 EDO S . 48.30 -21.09 -26.85
N1 VKH T . 58.96 -5.07 -21.55
C2 VKH T . 61.89 -4.21 -21.11
C4 VKH T . 60.12 -3.10 -19.51
C5 VKH T . 59.71 -4.50 -19.15
C6 VKH T . 58.33 -4.66 -18.51
O2 VKH T . 61.39 -3.86 -22.43
C7 VKH T . 59.82 -5.44 -20.39
O6 VKH T . 57.18 -4.20 -19.26
O4 VKH T . 60.02 -2.15 -18.41
C3 VKH T . 61.56 -3.11 -20.08
O3 VKH T . 61.65 -1.79 -20.66
C1 VKH T . 61.25 -5.60 -20.86
H1 VKH T . 59.05 -5.83 -22.24
H4 VKH T . 62.98 -4.33 -21.15
H5 VKH T . 59.45 -2.75 -20.31
H6 VKH T . 60.45 -4.87 -18.42
H7 VKH T . 58.36 -4.16 -17.54
H8 VKH T . 58.19 -5.72 -18.29
H9 VKH T . 61.25 -2.90 -22.48
H10 VKH T . 59.48 -6.43 -20.06
H11 VKH T . 56.39 -4.36 -18.75
H12 VKH T . 59.09 -2.18 -18.07
H13 VKH T . 62.26 -3.19 -19.25
H14 VKH T . 61.45 -1.15 -19.97
H15 VKH T . 61.21 -6.11 -21.83
H2 VKH T . 57.97 -4.98 -21.25
H3 VKH T . 59.29 -4.19 -21.98
CL CL U . 67.69 -2.80 -20.41
C1 EDO V . 27.21 16.23 -30.99
O1 EDO V . 26.33 17.07 -31.73
C2 EDO V . 27.04 16.36 -29.51
O2 EDO V . 26.88 17.71 -29.08
H11 EDO V . 28.14 16.46 -31.23
H12 EDO V . 27.06 15.30 -31.26
HO1 EDO V . 26.49 16.96 -32.55
H21 EDO V . 27.81 15.97 -29.06
H22 EDO V . 26.24 15.84 -29.24
HO2 EDO V . 27.41 18.20 -29.52
C1 EDO W . 35.56 -0.60 -11.18
O1 EDO W . 36.02 0.07 -12.40
C2 EDO W . 35.18 -2.07 -11.32
O2 EDO W . 34.35 -2.63 -10.30
H11 EDO W . 34.79 -0.12 -10.82
H12 EDO W . 36.28 -0.54 -10.51
HO1 EDO W . 36.20 0.82 -12.16
H21 EDO W . 36.00 -2.59 -11.36
H22 EDO W . 34.72 -2.18 -12.18
HO2 EDO W . 34.49 -2.21 -9.57
N1 VKH X . 22.19 16.90 -23.22
C2 VKH X . 21.04 20.04 -23.28
C4 VKH X . 20.33 18.26 -25.08
C5 VKH X . 19.85 17.51 -23.87
C6 VKH X . 19.44 16.06 -24.21
O2 VKH X . 22.23 20.81 -23.28
C7 VKH X . 20.91 17.51 -22.79
O6 VKH X . 20.59 15.45 -24.79
O4 VKH X . 19.36 18.20 -26.12
C3 VKH X . 20.61 19.73 -24.75
O3 VKH X . 21.61 20.27 -25.65
C1 VKH X . 21.27 18.91 -22.30
H1 VKH X . 22.73 16.62 -22.39
H4 VKH X . 20.25 20.67 -22.86
H5 VKH X . 21.26 17.81 -25.45
H6 VKH X . 18.98 18.03 -23.48
H7 VKH X . 18.59 16.04 -24.88
H8 VKH X . 19.17 15.55 -23.29
H9 VKH X . 22.93 20.30 -23.74
H10 VKH X . 20.53 16.92 -21.95
H11 VKH X . 20.31 14.48 -24.88
H12 VKH X . 19.17 17.40 -26.35
H13 VKH X . 19.69 20.28 -24.94
H14 VKH X . 21.47 20.16 -26.55
H15 VKH X . 22.30 18.92 -21.94
H2 VKH X . 22.01 16.07 -23.80
H3 VKH X . 22.75 17.58 -23.77
CL CL Y . 20.10 25.73 -23.17
C1 EDO Z . -17.72 4.84 44.85
O1 EDO Z . -17.40 3.51 44.51
C2 EDO Z . -18.16 5.01 46.25
O2 EDO Z . -17.62 4.08 47.20
H11 EDO Z . -18.43 5.16 44.26
H12 EDO Z . -16.93 5.40 44.71
HO1 EDO Z . -17.16 3.51 43.69
H21 EDO Z . -19.13 4.93 46.27
H22 EDO Z . -17.92 5.91 46.55
HO2 EDO Z . -16.86 3.82 46.94
N1 VKH AA . -18.58 6.09 49.11
C2 VKH AA . -16.31 7.34 51.03
C4 VKH AA . -18.83 8.03 51.29
C5 VKH AA . -19.07 6.53 51.55
C6 VKH AA . -20.52 6.06 51.53
O2 VKH AA . -15.65 7.72 49.82
C7 VKH AA . -18.28 5.75 50.54
O6 VKH AA . -21.08 6.05 50.20
O4 VKH AA . -19.61 8.82 52.21
C3 VKH AA . -17.33 8.44 51.34
O3 VKH AA . -17.04 9.53 50.39
C1 VKH AA . -16.78 5.91 50.73
H1 VKH AA . -18.44 5.22 48.56
H4 VKH AA . -15.58 7.30 51.85
H5 VKH AA . -19.19 8.26 50.27
H6 VKH AA . -18.66 6.30 52.54
H7 VKH AA . -21.13 6.68 52.19
H8 VKH AA . -20.55 5.04 51.92
H9 VKH AA . -16.23 8.28 49.28
H10 VKH AA . -18.53 4.69 50.68
H11 VKH AA . -22.00 5.75 50.26
H12 VKH AA . -20.54 8.57 52.09
H13 VKH AA . -17.12 8.81 52.35
H14 VKH AA . -17.65 10.26 50.59
H15 VKH AA . -16.31 5.60 49.79
H2 VKH AA . -19.57 6.38 49.02
H3 VKH AA . -17.97 6.83 48.77
CL CL BA . -11.88 9.62 54.13
C1 EDO CA . -49.51 21.33 32.35
O1 EDO CA . -49.84 21.06 33.70
C2 EDO CA . -50.60 21.01 31.39
O2 EDO CA . -51.88 20.84 32.01
H11 EDO CA . -48.71 20.82 32.11
H12 EDO CA . -49.29 22.29 32.27
HO1 EDO CA . -49.18 21.27 34.18
H21 EDO CA . -50.36 20.18 30.92
H22 EDO CA . -50.65 21.72 30.72
HO2 EDO CA . -51.97 21.41 32.63
C1 EDO DA . -51.87 7.92 45.32
O1 EDO DA . -50.61 8.51 45.58
C2 EDO DA . -52.66 7.75 46.54
O2 EDO DA . -52.07 6.81 47.42
H11 EDO DA . -51.73 7.04 44.91
H12 EDO DA . -52.36 8.47 44.70
HO1 EDO DA . -50.20 8.58 44.83
H21 EDO DA . -53.56 7.44 46.28
H22 EDO DA . -52.75 8.61 46.99
HO2 EDO DA . -51.22 6.94 47.44
N1 VKH EA . -53.06 21.80 29.52
C2 VKH EA . -54.47 24.75 28.90
C4 VKH EA . -54.09 23.11 26.84
C5 VKH EA . -54.86 22.10 27.71
C6 VKH EA . -54.79 20.63 27.24
O2 VKH EA . -53.39 25.45 29.54
C7 VKH EA . -54.46 22.18 29.19
O6 VKH EA . -53.46 20.09 27.27
O4 VKH EA . -54.55 23.12 25.44
C3 VKH EA . -54.20 24.54 27.38
O3 VKH EA . -53.02 25.28 26.99
C1 VKH EA . -54.76 23.55 29.81
H1 VKH EA . -53.01 21.61 30.53
H4 VKH EA . -55.35 25.40 28.96
H5 VKH EA . -53.04 22.81 26.85
H6 VKH EA . -55.92 22.39 27.66
H7 VKH EA . -55.21 20.56 26.24
H8 VKH EA . -55.42 20.03 27.89
H9 VKH EA . -52.57 24.93 29.45
H10 VKH EA . -55.10 21.45 29.72
H11 VKH EA . -53.47 19.18 26.95
H12 VKH EA . -54.49 22.21 25.08
H13 VKH EA . -55.04 25.01 26.86
H14 VKH EA . -52.83 25.14 26.05
H15 VKH EA . -54.14 23.64 30.70
H2 VKH EA . -52.79 20.94 29.00
H3 VKH EA . -52.43 22.57 29.28
CL CL FA . -56.77 30.04 28.29
#